data_4U0Z
#
_entry.id   4U0Z
#
_cell.length_a   77.100
_cell.length_b   83.754
_cell.length_c   130.023
_cell.angle_alpha   89.92
_cell.angle_beta   89.57
_cell.angle_gamma   89.43
#
_symmetry.space_group_name_H-M   'P 1'
#
loop_
_entity.id
_entity.type
_entity.pdbx_description
1 polymer 'Adenosine monophosphate-protein transferase FICD'
2 non-polymer 'DIPHOSPHOMETHYLPHOSPHONIC ACID ADENOSYL ESTER'
3 non-polymer 'MAGNESIUM ION'
4 water water
#
_entity_poly.entity_id   1
_entity_poly.type   'polypeptide(L)'
_entity_poly.pdbx_seq_one_letter_code
;GKLEARAALNQALEMKRQGKREKAQKLFMHALKMDPDFVDALTEFGIFSEEDKDIIQADYLYTRALTISPYHEKALVNRD
RTLPLVEEIDQRYFSIIDSKVKKVMSIPKGNSALRRVMEETYYHHIYHTVAIEGNTLTLSEIRHILETRYAVPGKSLEEQ
NEVIGMHAAMKYINTTLVSRIGSVTISDVLEIHRRVLGYVDPVEAGRFRTTQVLVGHHIPPHPQDVEKQMQEFVQWLNSE
EAMNLHPVEFAALAHYKLVYIHPFIDGNGRTSRLLMNLILMQAGYPPITIRKEQRSDYYHVLEAANEGDVRPFIRFIAKC
TETTLDTLLFATTEYSVALPEAQP
;
_entity_poly.pdbx_strand_id   A,B,C,D,E,F,G,H
#
# COMPACT_ATOMS: atom_id res chain seq x y z
N GLU A 4 -1.91 -0.85 -17.37
CA GLU A 4 -1.43 -2.06 -16.69
C GLU A 4 -1.18 -3.19 -17.70
N ALA A 5 -0.34 -2.88 -18.72
CA ALA A 5 0.05 -3.78 -19.81
C ALA A 5 1.33 -4.55 -19.45
N ARG A 6 2.47 -3.85 -19.26
CA ARG A 6 3.75 -4.45 -18.89
C ARG A 6 3.69 -4.93 -17.44
N ALA A 7 2.83 -4.28 -16.64
CA ALA A 7 2.58 -4.60 -15.23
C ALA A 7 2.04 -6.03 -15.07
N ALA A 8 1.11 -6.42 -15.97
CA ALA A 8 0.49 -7.76 -16.00
C ALA A 8 1.51 -8.85 -16.39
N LEU A 9 2.38 -8.56 -17.39
CA LEU A 9 3.40 -9.50 -17.86
C LEU A 9 4.44 -9.80 -16.79
N ASN A 10 4.87 -8.76 -16.06
CA ASN A 10 5.86 -8.93 -15.00
C ASN A 10 5.27 -9.72 -13.84
N GLN A 11 3.94 -9.57 -13.61
CA GLN A 11 3.14 -10.26 -12.58
C GLN A 11 2.90 -11.73 -12.98
N ALA A 12 2.55 -11.97 -14.26
CA ALA A 12 2.30 -13.30 -14.85
C ALA A 12 3.55 -14.18 -14.76
N LEU A 13 4.72 -13.60 -15.09
CA LEU A 13 6.04 -14.26 -15.05
C LEU A 13 6.43 -14.66 -13.63
N GLU A 14 6.10 -13.80 -12.64
CA GLU A 14 6.37 -14.03 -11.21
C GLU A 14 5.49 -15.15 -10.68
N MET A 15 4.20 -15.18 -11.09
CA MET A 15 3.21 -16.20 -10.73
C MET A 15 3.65 -17.57 -11.27
N LYS A 16 4.21 -17.59 -12.52
CA LYS A 16 4.75 -18.76 -13.23
C LYS A 16 5.88 -19.39 -12.44
N ARG A 17 6.71 -18.54 -11.77
CA ARG A 17 7.82 -18.97 -10.91
C ARG A 17 7.28 -19.66 -9.65
N GLN A 18 7.79 -20.89 -9.37
CA GLN A 18 7.43 -21.76 -8.25
C GLN A 18 6.04 -22.42 -8.29
N GLY A 19 5.02 -21.69 -8.74
CA GLY A 19 3.66 -22.23 -8.81
C GLY A 19 2.66 -21.43 -9.63
N LYS A 20 1.54 -21.05 -8.99
CA LYS A 20 0.39 -20.27 -9.49
C LYS A 20 0.10 -20.30 -11.01
N ARG A 21 -0.16 -21.52 -11.54
CA ARG A 21 -0.43 -21.79 -12.96
C ARG A 21 -1.61 -21.04 -13.56
N GLU A 22 -2.83 -21.24 -13.01
CA GLU A 22 -4.06 -20.60 -13.50
C GLU A 22 -4.12 -19.10 -13.21
N LYS A 23 -3.35 -18.63 -12.20
CA LYS A 23 -3.25 -17.21 -11.83
C LYS A 23 -2.43 -16.46 -12.89
N ALA A 24 -1.41 -17.15 -13.45
CA ALA A 24 -0.52 -16.66 -14.51
C ALA A 24 -1.20 -16.71 -15.88
N GLN A 25 -1.92 -17.83 -16.18
CA GLN A 25 -2.63 -18.01 -17.44
C GLN A 25 -3.65 -16.89 -17.70
N LYS A 26 -4.41 -16.50 -16.67
CA LYS A 26 -5.38 -15.41 -16.75
C LYS A 26 -4.68 -14.03 -16.80
N LEU A 27 -3.47 -13.94 -16.19
CA LEU A 27 -2.64 -12.73 -16.15
C LEU A 27 -2.03 -12.45 -17.50
N PHE A 28 -1.56 -13.51 -18.17
CA PHE A 28 -1.00 -13.49 -19.51
C PHE A 28 -2.08 -13.05 -20.51
N MET A 29 -3.31 -13.61 -20.35
CA MET A 29 -4.48 -13.31 -21.17
C MET A 29 -4.89 -11.85 -20.99
N HIS A 30 -4.74 -11.31 -19.76
CA HIS A 30 -5.03 -9.91 -19.44
C HIS A 30 -4.08 -8.98 -20.21
N ALA A 31 -2.74 -9.22 -20.14
CA ALA A 31 -1.69 -8.46 -20.85
C ALA A 31 -1.92 -8.40 -22.38
N LEU A 32 -2.48 -9.49 -22.98
CA LEU A 32 -2.82 -9.57 -24.40
C LEU A 32 -4.20 -8.96 -24.69
N LYS A 33 -5.10 -8.93 -23.68
CA LYS A 33 -6.41 -8.28 -23.81
C LYS A 33 -6.22 -6.77 -23.78
N MET A 34 -5.17 -6.31 -23.04
CA MET A 34 -4.75 -4.91 -22.89
C MET A 34 -4.09 -4.42 -24.17
N ASP A 35 -3.22 -5.28 -24.77
CA ASP A 35 -2.46 -5.02 -26.00
C ASP A 35 -2.13 -6.36 -26.69
N PRO A 36 -2.84 -6.74 -27.77
CA PRO A 36 -2.50 -8.01 -28.45
C PRO A 36 -1.23 -7.93 -29.33
N ASP A 37 -0.63 -6.73 -29.44
CA ASP A 37 0.60 -6.49 -30.17
C ASP A 37 1.78 -6.26 -29.19
N PHE A 38 1.80 -7.05 -28.09
CA PHE A 38 2.81 -7.02 -27.05
C PHE A 38 3.80 -8.18 -27.26
N VAL A 39 4.77 -7.98 -28.19
CA VAL A 39 5.83 -8.91 -28.61
C VAL A 39 6.45 -9.75 -27.46
N ASP A 40 6.68 -9.11 -26.30
CA ASP A 40 7.23 -9.72 -25.09
C ASP A 40 6.25 -10.64 -24.36
N ALA A 41 4.93 -10.31 -24.37
CA ALA A 41 3.88 -11.13 -23.75
C ALA A 41 3.68 -12.40 -24.59
N LEU A 42 3.56 -12.22 -25.93
CA LEU A 42 3.36 -13.29 -26.92
C LEU A 42 4.42 -14.38 -26.81
N THR A 43 5.74 -14.00 -26.77
CA THR A 43 6.84 -14.96 -26.62
C THR A 43 6.85 -15.59 -25.23
N GLU A 44 6.48 -14.82 -24.19
CA GLU A 44 6.44 -15.32 -22.82
C GLU A 44 5.30 -16.33 -22.66
N PHE A 45 4.13 -15.99 -23.18
CA PHE A 45 2.95 -16.87 -23.14
C PHE A 45 3.19 -18.14 -23.99
N GLY A 46 3.88 -17.96 -25.11
CA GLY A 46 4.29 -19.03 -26.01
C GLY A 46 5.20 -20.01 -25.29
N ILE A 47 6.25 -19.52 -24.57
CA ILE A 47 7.17 -20.37 -23.81
C ILE A 47 6.45 -21.06 -22.64
N PHE A 48 5.45 -20.38 -22.04
CA PHE A 48 4.61 -20.86 -20.95
C PHE A 48 3.70 -22.00 -21.40
N SER A 49 3.05 -21.84 -22.58
CA SER A 49 2.10 -22.82 -23.15
C SER A 49 2.75 -24.11 -23.58
N GLU A 50 4.00 -24.02 -24.05
CA GLU A 50 4.83 -25.14 -24.48
C GLU A 50 5.11 -26.09 -23.30
N GLU A 51 5.07 -25.59 -22.05
CA GLU A 51 5.27 -26.37 -20.84
C GLU A 51 4.07 -27.28 -20.58
N ASP A 52 2.83 -26.81 -20.88
CA ASP A 52 1.59 -27.59 -20.69
C ASP A 52 1.31 -28.58 -21.89
N LYS A 53 2.35 -28.80 -22.72
CA LYS A 53 2.40 -29.65 -23.91
C LYS A 53 1.68 -29.09 -25.17
N ASP A 54 1.26 -27.80 -25.14
CA ASP A 54 0.58 -27.16 -26.29
C ASP A 54 1.56 -26.44 -27.23
N ILE A 55 2.24 -27.19 -28.09
CA ILE A 55 3.20 -26.62 -29.03
C ILE A 55 2.47 -25.78 -30.11
N ILE A 56 1.31 -26.27 -30.61
CA ILE A 56 0.52 -25.58 -31.63
C ILE A 56 0.18 -24.11 -31.25
N GLN A 57 -0.34 -23.88 -30.03
CA GLN A 57 -0.66 -22.53 -29.52
C GLN A 57 0.62 -21.69 -29.40
N ALA A 58 1.72 -22.32 -28.91
CA ALA A 58 3.00 -21.66 -28.73
C ALA A 58 3.49 -21.08 -30.04
N ASP A 59 3.52 -21.92 -31.09
CA ASP A 59 3.96 -21.53 -32.44
C ASP A 59 3.10 -20.36 -32.96
N TYR A 60 1.75 -20.40 -32.74
CA TYR A 60 0.83 -19.32 -33.12
C TYR A 60 1.31 -17.98 -32.56
N LEU A 61 1.64 -17.96 -31.24
CA LEU A 61 2.16 -16.83 -30.47
C LEU A 61 3.50 -16.39 -31.02
N TYR A 62 4.50 -17.33 -31.20
CA TYR A 62 5.81 -16.91 -31.74
C TYR A 62 5.65 -16.27 -33.14
N THR A 63 4.75 -16.83 -33.97
CA THR A 63 4.39 -16.37 -35.32
C THR A 63 3.76 -14.98 -35.23
N ARG A 64 2.76 -14.79 -34.32
CA ARG A 64 2.11 -13.51 -34.11
C ARG A 64 3.15 -12.47 -33.74
N ALA A 65 4.06 -12.83 -32.83
CA ALA A 65 5.14 -11.95 -32.39
C ALA A 65 6.03 -11.51 -33.56
N LEU A 66 6.42 -12.46 -34.44
CA LEU A 66 7.30 -12.17 -35.59
C LEU A 66 6.71 -11.27 -36.67
N THR A 67 5.39 -11.32 -36.90
CA THR A 67 4.71 -10.47 -37.90
C THR A 67 4.77 -9.01 -37.43
N ILE A 68 4.69 -8.80 -36.09
CA ILE A 68 4.78 -7.49 -35.46
C ILE A 68 6.24 -7.03 -35.55
N SER A 69 7.18 -7.82 -34.96
CA SER A 69 8.62 -7.55 -34.90
C SER A 69 9.47 -8.67 -35.54
N PRO A 70 9.85 -8.55 -36.84
CA PRO A 70 10.58 -9.65 -37.52
C PRO A 70 11.96 -10.06 -37.01
N TYR A 71 12.69 -9.14 -36.33
CA TYR A 71 14.03 -9.48 -35.84
C TYR A 71 14.13 -9.72 -34.35
N HIS A 72 12.98 -9.91 -33.65
CA HIS A 72 12.95 -10.24 -32.23
C HIS A 72 13.63 -11.61 -32.08
N GLU A 73 14.82 -11.62 -31.45
CA GLU A 73 15.66 -12.79 -31.29
C GLU A 73 15.00 -13.94 -30.55
N LYS A 74 14.33 -13.67 -29.39
CA LYS A 74 13.67 -14.71 -28.61
C LYS A 74 12.55 -15.42 -29.41
N ALA A 75 11.74 -14.64 -30.18
CA ALA A 75 10.69 -15.17 -31.05
C ALA A 75 11.28 -15.97 -32.21
N LEU A 76 12.43 -15.54 -32.79
CA LEU A 76 13.10 -16.20 -33.91
C LEU A 76 13.64 -17.57 -33.55
N VAL A 77 14.44 -17.69 -32.48
CA VAL A 77 15.07 -18.96 -32.03
C VAL A 77 14.00 -20.01 -31.68
N ASN A 78 12.88 -19.55 -31.16
CA ASN A 78 11.79 -20.40 -30.79
C ASN A 78 11.05 -20.86 -32.07
N ARG A 79 10.64 -19.90 -32.95
CA ARG A 79 9.93 -20.14 -34.20
C ARG A 79 10.73 -21.01 -35.17
N ASP A 80 12.06 -20.81 -35.22
CA ASP A 80 12.94 -21.60 -36.12
C ASP A 80 12.93 -23.10 -35.80
N ARG A 81 12.42 -23.47 -34.61
CA ARG A 81 12.30 -24.82 -34.07
C ARG A 81 10.85 -25.35 -34.21
N THR A 82 9.84 -24.48 -33.95
CA THR A 82 8.41 -24.88 -34.00
C THR A 82 7.86 -24.99 -35.40
N LEU A 83 8.19 -24.05 -36.29
CA LEU A 83 7.75 -24.01 -37.70
C LEU A 83 7.78 -25.41 -38.34
N PRO A 84 8.95 -26.11 -38.45
CA PRO A 84 8.95 -27.45 -39.07
C PRO A 84 8.19 -28.49 -38.24
N LEU A 85 8.33 -28.45 -36.90
CA LEU A 85 7.67 -29.38 -36.00
C LEU A 85 6.13 -29.30 -36.12
N VAL A 86 5.58 -28.07 -36.09
CA VAL A 86 4.13 -27.81 -36.19
C VAL A 86 3.56 -28.24 -37.58
N GLU A 87 4.36 -28.04 -38.67
CA GLU A 87 4.04 -28.48 -40.05
C GLU A 87 3.91 -30.00 -40.12
N GLU A 88 4.77 -30.76 -39.39
CA GLU A 88 4.72 -32.21 -39.34
C GLU A 88 3.52 -32.63 -38.54
N ILE A 89 3.28 -31.98 -37.38
CA ILE A 89 2.11 -32.28 -36.54
C ILE A 89 0.82 -32.16 -37.38
N ASP A 90 0.68 -31.04 -38.11
CA ASP A 90 -0.47 -30.79 -38.98
C ASP A 90 -0.59 -31.86 -40.05
N GLN A 91 0.54 -32.18 -40.76
CA GLN A 91 0.64 -33.21 -41.82
C GLN A 91 0.26 -34.59 -41.32
N ARG A 92 0.56 -34.92 -40.05
CA ARG A 92 0.22 -36.22 -39.45
C ARG A 92 -1.30 -36.33 -39.24
N TYR A 93 -1.96 -35.25 -38.77
CA TYR A 93 -3.40 -35.20 -38.51
C TYR A 93 -4.16 -35.44 -39.79
N PHE A 94 -3.62 -34.90 -40.91
CA PHE A 94 -4.20 -35.05 -42.22
C PHE A 94 -4.12 -36.48 -42.65
N SER A 95 -3.02 -37.20 -42.31
CA SER A 95 -2.89 -38.63 -42.61
C SER A 95 -3.88 -39.47 -41.77
N ILE A 96 -4.17 -39.04 -40.51
CA ILE A 96 -5.12 -39.72 -39.61
C ILE A 96 -6.52 -39.63 -40.21
N ILE A 97 -6.87 -38.43 -40.78
CA ILE A 97 -8.13 -38.14 -41.48
C ILE A 97 -8.25 -39.00 -42.75
N ASP A 98 -7.16 -39.09 -43.55
CA ASP A 98 -7.09 -39.91 -44.76
C ASP A 98 -7.36 -41.39 -44.50
N SER A 99 -6.80 -41.95 -43.41
CA SER A 99 -6.99 -43.34 -42.99
C SER A 99 -8.47 -43.62 -42.65
N LYS A 100 -9.16 -42.64 -42.03
CA LYS A 100 -10.58 -42.72 -41.67
C LYS A 100 -11.47 -42.58 -42.93
N VAL A 101 -11.05 -41.74 -43.93
CA VAL A 101 -11.77 -41.57 -45.20
C VAL A 101 -11.64 -42.84 -46.07
N LYS A 102 -10.53 -43.59 -45.86
CA LYS A 102 -10.25 -44.87 -46.48
C LYS A 102 -11.21 -45.89 -45.86
N LYS A 103 -11.44 -45.80 -44.53
CA LYS A 103 -12.37 -46.66 -43.79
C LYS A 103 -13.84 -46.37 -44.15
N VAL A 104 -14.18 -45.09 -44.40
CA VAL A 104 -15.53 -44.66 -44.79
C VAL A 104 -15.79 -44.95 -46.30
N MET A 105 -14.73 -45.11 -47.11
CA MET A 105 -14.82 -45.44 -48.54
C MET A 105 -15.36 -46.87 -48.71
N SER A 112 -27.80 -50.16 -44.92
CA SER A 112 -29.02 -50.11 -44.12
C SER A 112 -28.83 -49.30 -42.83
N ALA A 113 -27.69 -49.50 -42.15
CA ALA A 113 -27.32 -48.81 -40.91
C ALA A 113 -26.64 -47.47 -41.25
N LEU A 114 -25.83 -47.44 -42.33
CA LEU A 114 -25.12 -46.25 -42.82
C LEU A 114 -26.11 -45.34 -43.55
N ARG A 115 -27.10 -45.94 -44.26
CA ARG A 115 -28.15 -45.24 -45.00
C ARG A 115 -29.06 -44.44 -44.04
N ARG A 116 -29.32 -45.00 -42.84
CA ARG A 116 -30.12 -44.39 -41.77
C ARG A 116 -29.37 -43.21 -41.14
N VAL A 117 -28.03 -43.23 -41.18
CA VAL A 117 -27.16 -42.17 -40.67
C VAL A 117 -27.13 -41.04 -41.70
N MET A 118 -26.93 -41.38 -43.00
CA MET A 118 -26.86 -40.42 -44.11
C MET A 118 -28.11 -39.55 -44.24
N GLU A 119 -29.32 -40.14 -44.13
CA GLU A 119 -30.59 -39.42 -44.24
C GLU A 119 -30.85 -38.48 -43.06
N GLU A 120 -30.52 -38.92 -41.82
CA GLU A 120 -30.70 -38.09 -40.63
C GLU A 120 -29.66 -36.96 -40.56
N THR A 121 -28.41 -37.20 -41.05
CA THR A 121 -27.34 -36.21 -41.07
C THR A 121 -27.59 -35.10 -42.09
N TYR A 122 -28.51 -35.37 -43.05
CA TYR A 122 -28.92 -34.38 -44.06
C TYR A 122 -29.77 -33.32 -43.36
N TYR A 123 -30.81 -33.78 -42.61
CA TYR A 123 -31.70 -32.94 -41.82
C TYR A 123 -30.94 -32.22 -40.70
N HIS A 124 -29.95 -32.92 -40.13
CA HIS A 124 -29.03 -32.45 -39.08
C HIS A 124 -28.17 -31.28 -39.62
N HIS A 125 -27.51 -31.45 -40.81
CA HIS A 125 -26.67 -30.41 -41.43
C HIS A 125 -27.44 -29.08 -41.56
N ILE A 126 -28.74 -29.14 -41.98
CA ILE A 126 -29.61 -27.97 -42.10
C ILE A 126 -29.81 -27.37 -40.72
N TYR A 127 -30.16 -28.19 -39.71
CA TYR A 127 -30.38 -27.72 -38.33
C TYR A 127 -29.24 -26.81 -37.86
N HIS A 128 -28.00 -27.29 -37.95
CA HIS A 128 -26.82 -26.57 -37.50
C HIS A 128 -26.45 -25.36 -38.33
N THR A 129 -26.49 -25.45 -39.69
CA THR A 129 -26.16 -24.34 -40.59
C THR A 129 -27.09 -23.15 -40.44
N VAL A 130 -28.36 -23.40 -40.09
CA VAL A 130 -29.33 -22.33 -39.88
C VAL A 130 -29.26 -21.81 -38.41
N ALA A 131 -29.15 -22.73 -37.42
CA ALA A 131 -29.09 -22.40 -35.99
C ALA A 131 -27.86 -21.54 -35.64
N ILE A 132 -26.70 -21.83 -36.31
CA ILE A 132 -25.46 -21.08 -36.14
C ILE A 132 -25.63 -19.58 -36.51
N GLU A 133 -26.67 -19.27 -37.30
CA GLU A 133 -27.04 -17.93 -37.72
C GLU A 133 -28.14 -17.31 -36.86
N GLY A 134 -28.70 -18.12 -35.95
CA GLY A 134 -29.74 -17.71 -35.00
C GLY A 134 -31.14 -18.29 -35.20
N ASN A 135 -31.29 -19.37 -36.00
CA ASN A 135 -32.60 -19.97 -36.25
C ASN A 135 -33.10 -20.78 -35.03
N THR A 136 -34.23 -20.34 -34.46
CA THR A 136 -34.85 -20.95 -33.26
C THR A 136 -35.54 -22.31 -33.52
N LEU A 137 -35.61 -22.74 -34.78
CA LEU A 137 -36.25 -24.00 -35.15
C LEU A 137 -35.54 -25.25 -34.61
N THR A 138 -36.33 -26.29 -34.27
CA THR A 138 -35.83 -27.56 -33.75
C THR A 138 -35.63 -28.54 -34.90
N LEU A 139 -34.89 -29.64 -34.65
CA LEU A 139 -34.64 -30.68 -35.64
C LEU A 139 -35.94 -31.40 -36.04
N SER A 140 -36.90 -31.56 -35.09
CA SER A 140 -38.20 -32.19 -35.36
C SER A 140 -39.08 -31.29 -36.24
N GLU A 141 -39.02 -29.95 -35.99
CA GLU A 141 -39.73 -28.92 -36.78
C GLU A 141 -39.15 -28.86 -38.19
N ILE A 142 -37.81 -28.94 -38.35
CA ILE A 142 -37.12 -28.94 -39.64
C ILE A 142 -37.52 -30.19 -40.43
N ARG A 143 -37.51 -31.35 -39.75
CA ARG A 143 -37.89 -32.65 -40.31
C ARG A 143 -39.36 -32.63 -40.79
N HIS A 144 -40.24 -31.86 -40.09
CA HIS A 144 -41.64 -31.70 -40.43
C HIS A 144 -41.79 -30.83 -41.67
N ILE A 145 -41.23 -29.58 -41.63
CA ILE A 145 -41.23 -28.57 -42.70
C ILE A 145 -40.79 -29.18 -44.03
N LEU A 146 -39.70 -29.94 -44.04
CA LEU A 146 -39.18 -30.56 -45.26
C LEU A 146 -39.96 -31.77 -45.79
N GLU A 147 -40.78 -32.43 -44.92
CA GLU A 147 -41.56 -33.62 -45.28
C GLU A 147 -43.02 -33.35 -45.66
N THR A 148 -43.69 -32.50 -44.88
CA THR A 148 -45.10 -32.14 -45.07
C THR A 148 -45.26 -30.93 -46.00
N ARG A 149 -44.28 -30.03 -45.95
CA ARG A 149 -44.25 -28.73 -46.65
C ARG A 149 -45.27 -27.78 -46.00
N TYR A 150 -45.80 -28.19 -44.83
CA TYR A 150 -46.75 -27.42 -44.02
C TYR A 150 -45.99 -26.58 -43.04
N ALA A 151 -46.56 -25.43 -42.67
CA ALA A 151 -45.95 -24.51 -41.75
C ALA A 151 -46.00 -24.97 -40.30
N VAL A 152 -44.87 -24.77 -39.59
CA VAL A 152 -44.74 -25.08 -38.18
C VAL A 152 -45.45 -23.97 -37.41
N PRO A 153 -46.47 -24.33 -36.61
CA PRO A 153 -47.23 -23.32 -35.86
C PRO A 153 -46.40 -22.60 -34.81
N GLY A 154 -46.56 -21.29 -34.74
CA GLY A 154 -45.90 -20.45 -33.74
C GLY A 154 -44.55 -19.87 -34.12
N LYS A 155 -43.94 -20.37 -35.21
CA LYS A 155 -42.63 -19.86 -35.68
C LYS A 155 -42.77 -18.93 -36.89
N SER A 156 -41.86 -17.94 -37.03
CA SER A 156 -41.88 -16.98 -38.14
C SER A 156 -41.62 -17.62 -39.52
N LEU A 157 -42.22 -17.03 -40.57
CA LEU A 157 -42.10 -17.51 -41.95
C LEU A 157 -40.68 -17.47 -42.46
N GLU A 158 -39.94 -16.38 -42.15
CA GLU A 158 -38.53 -16.16 -42.51
C GLU A 158 -37.62 -17.34 -42.09
N GLU A 159 -37.77 -17.81 -40.86
CA GLU A 159 -37.03 -18.94 -40.28
C GLU A 159 -37.31 -20.25 -41.01
N GLN A 160 -38.53 -20.45 -41.50
CA GLN A 160 -38.90 -21.70 -42.15
C GLN A 160 -38.49 -21.66 -43.61
N ASN A 161 -38.42 -20.41 -44.16
CA ASN A 161 -38.00 -20.14 -45.52
C ASN A 161 -36.47 -20.26 -45.65
N GLU A 162 -35.74 -20.07 -44.53
CA GLU A 162 -34.29 -20.30 -44.42
C GLU A 162 -34.04 -21.80 -44.65
N VAL A 163 -34.92 -22.66 -44.06
CA VAL A 163 -34.86 -24.12 -44.13
C VAL A 163 -35.12 -24.65 -45.56
N ILE A 164 -36.18 -24.16 -46.22
CA ILE A 164 -36.56 -24.54 -47.60
C ILE A 164 -35.41 -24.16 -48.53
N GLY A 165 -34.83 -22.97 -48.27
CA GLY A 165 -33.74 -22.40 -49.04
C GLY A 165 -32.53 -23.28 -49.03
N MET A 166 -32.14 -23.76 -47.83
CA MET A 166 -31.00 -24.65 -47.67
C MET A 166 -31.18 -25.90 -48.52
N HIS A 167 -32.30 -26.60 -48.31
CA HIS A 167 -32.71 -27.79 -49.00
C HIS A 167 -32.62 -27.68 -50.56
N ALA A 168 -33.10 -26.55 -51.13
CA ALA A 168 -33.08 -26.24 -52.55
C ALA A 168 -31.65 -26.10 -53.01
N ALA A 169 -30.79 -25.51 -52.15
CA ALA A 169 -29.37 -25.27 -52.39
C ALA A 169 -28.60 -26.53 -52.45
N MET A 170 -28.80 -27.42 -51.46
CA MET A 170 -28.09 -28.70 -51.42
C MET A 170 -28.59 -29.76 -52.43
N LYS A 171 -29.89 -29.70 -52.78
CA LYS A 171 -30.44 -30.58 -53.82
C LYS A 171 -29.85 -30.14 -55.16
N TYR A 172 -29.58 -28.82 -55.32
CA TYR A 172 -28.99 -28.27 -56.53
C TYR A 172 -27.54 -28.71 -56.66
N ILE A 173 -26.72 -28.52 -55.62
CA ILE A 173 -25.29 -28.88 -55.61
C ILE A 173 -25.12 -30.37 -55.94
N ASN A 174 -25.91 -31.26 -55.26
CA ASN A 174 -25.86 -32.70 -55.45
C ASN A 174 -26.27 -33.25 -56.82
N THR A 175 -27.20 -32.56 -57.50
CA THR A 175 -27.66 -32.96 -58.83
C THR A 175 -26.82 -32.34 -59.96
N THR A 176 -26.58 -31.01 -59.91
CA THR A 176 -25.88 -30.26 -60.94
C THR A 176 -24.38 -30.21 -60.78
N LEU A 177 -23.91 -29.66 -59.65
CA LEU A 177 -22.53 -29.34 -59.30
C LEU A 177 -21.52 -30.45 -58.90
N VAL A 178 -21.83 -31.29 -57.90
CA VAL A 178 -20.95 -32.35 -57.36
C VAL A 178 -20.11 -33.10 -58.42
N SER A 179 -20.81 -33.88 -59.27
CA SER A 179 -20.32 -34.77 -60.33
C SER A 179 -19.83 -34.05 -61.58
N ARG A 180 -20.23 -32.78 -61.75
CA ARG A 180 -19.89 -31.96 -62.91
C ARG A 180 -18.39 -31.85 -63.12
N ILE A 181 -17.99 -32.06 -64.35
CA ILE A 181 -16.61 -32.00 -64.79
C ILE A 181 -16.36 -30.58 -65.29
N GLY A 182 -15.17 -30.08 -65.01
CA GLY A 182 -14.76 -28.73 -65.39
C GLY A 182 -14.41 -27.81 -64.23
N SER A 183 -14.26 -26.51 -64.56
CA SER A 183 -13.91 -25.46 -63.62
C SER A 183 -15.15 -24.85 -62.94
N VAL A 184 -15.00 -24.52 -61.64
CA VAL A 184 -16.04 -23.88 -60.82
C VAL A 184 -16.07 -22.40 -61.24
N THR A 185 -17.27 -21.86 -61.55
CA THR A 185 -17.43 -20.48 -62.01
C THR A 185 -18.18 -19.60 -61.03
N ILE A 186 -18.17 -18.29 -61.32
CA ILE A 186 -18.84 -17.24 -60.57
C ILE A 186 -20.36 -17.44 -60.63
N SER A 187 -20.87 -18.06 -61.73
CA SER A 187 -22.29 -18.35 -61.97
C SER A 187 -22.80 -19.43 -61.04
N ASP A 188 -21.92 -20.42 -60.72
CA ASP A 188 -22.20 -21.53 -59.81
C ASP A 188 -22.46 -21.03 -58.39
N VAL A 189 -21.60 -20.09 -57.90
CA VAL A 189 -21.71 -19.48 -56.57
C VAL A 189 -22.99 -18.64 -56.45
N LEU A 190 -23.32 -17.85 -57.50
CA LEU A 190 -24.51 -17.01 -57.53
C LEU A 190 -25.76 -17.89 -57.61
N GLU A 191 -25.65 -19.09 -58.21
CA GLU A 191 -26.70 -20.09 -58.34
C GLU A 191 -27.03 -20.79 -57.02
N ILE A 192 -25.97 -21.05 -56.17
CA ILE A 192 -26.11 -21.62 -54.82
C ILE A 192 -26.82 -20.57 -53.95
N HIS A 193 -26.33 -19.30 -54.03
CA HIS A 193 -26.89 -18.18 -53.26
C HIS A 193 -28.32 -17.89 -53.66
N ARG A 194 -28.61 -18.05 -54.96
CA ARG A 194 -29.95 -17.88 -55.50
C ARG A 194 -30.96 -18.76 -54.73
N ARG A 195 -30.57 -19.99 -54.37
CA ARG A 195 -31.43 -20.90 -53.62
C ARG A 195 -31.37 -20.66 -52.13
N VAL A 196 -30.16 -20.49 -51.57
CA VAL A 196 -29.96 -20.23 -50.13
C VAL A 196 -30.88 -19.13 -49.57
N LEU A 197 -30.84 -17.95 -50.19
CA LEU A 197 -31.52 -16.73 -49.77
C LEU A 197 -32.81 -16.36 -50.54
N GLY A 198 -33.14 -17.11 -51.58
CA GLY A 198 -34.28 -16.91 -52.46
C GLY A 198 -35.65 -16.90 -51.82
N TYR A 199 -35.87 -17.70 -50.75
CA TYR A 199 -37.18 -17.74 -50.10
C TYR A 199 -37.32 -16.73 -48.98
N VAL A 200 -36.21 -16.07 -48.63
CA VAL A 200 -36.15 -15.09 -47.53
C VAL A 200 -36.04 -13.66 -48.06
N ASP A 201 -35.23 -13.45 -49.13
CA ASP A 201 -35.04 -12.16 -49.80
C ASP A 201 -34.78 -12.40 -51.27
N PRO A 202 -35.83 -12.56 -52.07
CA PRO A 202 -35.65 -12.83 -53.51
C PRO A 202 -35.05 -11.69 -54.33
N VAL A 203 -35.09 -10.48 -53.80
CA VAL A 203 -34.55 -9.30 -54.43
C VAL A 203 -32.98 -9.33 -54.35
N GLU A 204 -32.41 -9.68 -53.19
CA GLU A 204 -30.95 -9.75 -53.02
C GLU A 204 -30.33 -11.16 -53.26
N ALA A 205 -31.16 -12.22 -53.29
CA ALA A 205 -30.70 -13.59 -53.56
C ALA A 205 -30.13 -13.69 -54.97
N GLY A 206 -28.97 -14.33 -55.09
CA GLY A 206 -28.30 -14.51 -56.36
C GLY A 206 -27.61 -13.27 -56.90
N ARG A 207 -27.43 -12.23 -56.07
CA ARG A 207 -26.75 -11.01 -56.52
C ARG A 207 -25.72 -10.47 -55.53
N PHE A 208 -24.71 -9.77 -56.06
CA PHE A 208 -23.66 -9.17 -55.24
C PHE A 208 -24.11 -7.94 -54.42
N ARG A 209 -23.52 -7.79 -53.24
CA ARG A 209 -23.73 -6.72 -52.28
C ARG A 209 -23.56 -5.37 -52.99
N THR A 210 -24.48 -4.43 -52.70
CA THR A 210 -24.48 -3.08 -53.28
C THR A 210 -24.03 -2.03 -52.26
N THR A 211 -24.18 -2.36 -50.97
CA THR A 211 -23.78 -1.53 -49.84
C THR A 211 -22.48 -2.06 -49.16
N GLN A 212 -21.96 -1.32 -48.15
CA GLN A 212 -20.79 -1.74 -47.37
C GLN A 212 -21.28 -2.19 -46.01
N VAL A 213 -20.76 -3.33 -45.52
CA VAL A 213 -21.16 -3.96 -44.27
C VAL A 213 -20.00 -4.20 -43.28
N LEU A 214 -20.34 -4.55 -42.05
CA LEU A 214 -19.42 -4.91 -40.99
C LEU A 214 -19.79 -6.33 -40.48
N VAL A 215 -18.78 -7.22 -40.35
CA VAL A 215 -18.94 -8.60 -39.86
C VAL A 215 -18.05 -8.63 -38.63
N GLY A 216 -18.62 -8.42 -37.46
CA GLY A 216 -17.83 -8.36 -36.24
C GLY A 216 -16.96 -7.11 -36.25
N HIS A 217 -15.66 -7.28 -36.44
CA HIS A 217 -14.70 -6.17 -36.55
C HIS A 217 -14.11 -6.12 -37.96
N HIS A 218 -14.65 -6.97 -38.86
CA HIS A 218 -14.18 -7.12 -40.22
C HIS A 218 -14.99 -6.26 -41.21
N ILE A 219 -14.26 -5.46 -42.00
CA ILE A 219 -14.85 -4.62 -43.04
C ILE A 219 -14.48 -5.24 -44.40
N PRO A 220 -15.44 -5.96 -45.04
CA PRO A 220 -15.12 -6.64 -46.30
C PRO A 220 -14.81 -5.71 -47.47
N PRO A 221 -14.37 -6.22 -48.65
CA PRO A 221 -14.13 -5.31 -49.80
C PRO A 221 -15.33 -4.45 -50.16
N HIS A 222 -15.09 -3.24 -50.69
CA HIS A 222 -16.19 -2.35 -51.07
C HIS A 222 -17.00 -2.96 -52.23
N PRO A 223 -18.35 -2.82 -52.26
CA PRO A 223 -19.15 -3.41 -53.34
C PRO A 223 -18.63 -3.20 -54.77
N GLN A 224 -17.86 -2.11 -54.98
CA GLN A 224 -17.26 -1.78 -56.27
C GLN A 224 -16.14 -2.73 -56.67
N ASP A 225 -15.51 -3.35 -55.67
CA ASP A 225 -14.38 -4.26 -55.86
C ASP A 225 -14.75 -5.73 -55.71
N VAL A 226 -15.99 -6.03 -55.25
CA VAL A 226 -16.49 -7.41 -55.00
C VAL A 226 -16.33 -8.28 -56.24
N GLU A 227 -16.79 -7.78 -57.41
CA GLU A 227 -16.72 -8.49 -58.67
C GLU A 227 -15.28 -8.87 -59.04
N LYS A 228 -14.31 -7.94 -58.86
CA LYS A 228 -12.90 -8.23 -59.16
C LYS A 228 -12.30 -9.29 -58.23
N GLN A 229 -12.61 -9.20 -56.92
CA GLN A 229 -12.14 -10.12 -55.88
C GLN A 229 -12.77 -11.49 -56.05
N MET A 230 -14.00 -11.54 -56.59
CA MET A 230 -14.68 -12.80 -56.84
C MET A 230 -14.10 -13.47 -58.06
N GLN A 231 -13.64 -12.67 -59.04
CA GLN A 231 -12.98 -13.13 -60.28
C GLN A 231 -11.65 -13.80 -59.95
N GLU A 232 -10.86 -13.20 -59.03
CA GLU A 232 -9.57 -13.71 -58.53
C GLU A 232 -9.77 -14.99 -57.74
N PHE A 233 -10.81 -15.04 -56.88
CA PHE A 233 -11.19 -16.20 -56.06
C PHE A 233 -11.55 -17.39 -56.92
N VAL A 234 -12.45 -17.20 -57.91
CA VAL A 234 -12.83 -18.30 -58.83
C VAL A 234 -11.61 -18.83 -59.57
N GLN A 235 -10.71 -17.92 -59.99
CA GLN A 235 -9.48 -18.22 -60.68
C GLN A 235 -8.56 -19.06 -59.78
N TRP A 236 -8.54 -18.75 -58.47
CA TRP A 236 -7.74 -19.49 -57.49
C TRP A 236 -8.31 -20.91 -57.27
N LEU A 237 -9.65 -21.07 -57.36
CA LEU A 237 -10.32 -22.36 -57.20
C LEU A 237 -9.97 -23.28 -58.34
N ASN A 238 -9.82 -22.70 -59.56
CA ASN A 238 -9.47 -23.43 -60.79
C ASN A 238 -7.98 -23.31 -61.13
N SER A 239 -7.16 -22.98 -60.13
CA SER A 239 -5.70 -22.89 -60.26
C SER A 239 -5.13 -24.21 -59.73
N GLU A 240 -3.83 -24.46 -60.01
CA GLU A 240 -3.13 -25.68 -59.64
C GLU A 240 -2.39 -25.64 -58.31
N GLU A 241 -2.23 -24.43 -57.72
CA GLU A 241 -1.61 -24.24 -56.40
C GLU A 241 -2.61 -24.72 -55.34
N ALA A 242 -3.89 -24.37 -55.54
CA ALA A 242 -5.00 -24.75 -54.68
C ALA A 242 -5.34 -26.23 -54.86
N MET A 243 -5.17 -26.71 -56.10
CA MET A 243 -5.41 -28.08 -56.54
C MET A 243 -4.34 -29.03 -55.94
N ASN A 244 -3.15 -28.49 -55.59
CA ASN A 244 -2.06 -29.23 -54.96
C ASN A 244 -2.18 -29.37 -53.43
N LEU A 245 -3.03 -28.54 -52.79
CA LEU A 245 -3.29 -28.58 -51.34
C LEU A 245 -4.08 -29.85 -51.00
N HIS A 246 -4.00 -30.28 -49.73
CA HIS A 246 -4.77 -31.40 -49.21
C HIS A 246 -6.25 -30.98 -49.26
N PRO A 247 -7.19 -31.89 -49.62
CA PRO A 247 -8.62 -31.50 -49.69
C PRO A 247 -9.21 -30.68 -48.52
N VAL A 248 -8.89 -31.03 -47.26
CA VAL A 248 -9.35 -30.31 -46.07
C VAL A 248 -8.81 -28.87 -46.03
N GLU A 249 -7.51 -28.67 -46.38
CA GLU A 249 -6.88 -27.34 -46.41
C GLU A 249 -7.46 -26.47 -47.52
N PHE A 250 -7.76 -27.06 -48.70
CA PHE A 250 -8.37 -26.30 -49.82
C PHE A 250 -9.80 -25.87 -49.46
N ALA A 251 -10.62 -26.83 -48.96
CA ALA A 251 -12.00 -26.59 -48.52
C ALA A 251 -12.07 -25.50 -47.44
N ALA A 252 -11.15 -25.51 -46.41
CA ALA A 252 -11.12 -24.49 -45.36
C ALA A 252 -10.74 -23.10 -45.93
N LEU A 253 -9.67 -23.04 -46.80
CA LEU A 253 -9.24 -21.81 -47.46
C LEU A 253 -10.32 -21.23 -48.38
N ALA A 254 -10.99 -22.07 -49.18
CA ALA A 254 -12.10 -21.62 -50.04
C ALA A 254 -13.19 -20.96 -49.19
N HIS A 255 -13.57 -21.61 -48.06
CA HIS A 255 -14.58 -21.11 -47.12
C HIS A 255 -14.12 -19.78 -46.53
N TYR A 256 -12.87 -19.68 -46.03
CA TYR A 256 -12.39 -18.44 -45.44
C TYR A 256 -12.40 -17.33 -46.46
N LYS A 257 -11.72 -17.52 -47.60
CA LYS A 257 -11.68 -16.52 -48.68
C LYS A 257 -13.07 -15.96 -49.07
N LEU A 258 -14.11 -16.82 -49.30
CA LEU A 258 -15.47 -16.35 -49.66
C LEU A 258 -16.00 -15.47 -48.53
N VAL A 259 -16.06 -16.01 -47.30
CA VAL A 259 -16.52 -15.35 -46.08
C VAL A 259 -15.82 -14.01 -45.88
N TYR A 260 -14.52 -13.93 -46.24
CA TYR A 260 -13.72 -12.72 -46.14
C TYR A 260 -14.24 -11.64 -47.10
N ILE A 261 -14.44 -12.00 -48.38
CA ILE A 261 -14.98 -11.12 -49.45
C ILE A 261 -16.41 -10.67 -49.08
N HIS A 262 -17.21 -11.54 -48.43
CA HIS A 262 -18.59 -11.24 -48.01
C HIS A 262 -19.34 -10.59 -49.18
N PRO A 263 -19.49 -11.30 -50.33
CA PRO A 263 -20.10 -10.68 -51.50
C PRO A 263 -21.61 -10.53 -51.46
N PHE A 264 -22.28 -10.99 -50.39
CA PHE A 264 -23.74 -10.94 -50.29
C PHE A 264 -24.20 -10.21 -49.05
N ILE A 265 -25.39 -9.59 -49.09
CA ILE A 265 -25.96 -8.93 -47.90
C ILE A 265 -26.18 -9.98 -46.79
N ASP A 266 -26.67 -11.17 -47.17
CA ASP A 266 -26.94 -12.29 -46.28
C ASP A 266 -26.61 -13.66 -46.92
N GLY A 267 -26.48 -14.68 -46.08
CA GLY A 267 -26.19 -16.02 -46.51
C GLY A 267 -24.78 -16.30 -46.96
N ASN A 268 -23.78 -15.54 -46.45
CA ASN A 268 -22.37 -15.72 -46.81
C ASN A 268 -21.84 -16.98 -46.15
N GLY A 269 -22.08 -17.10 -44.84
CA GLY A 269 -21.66 -18.25 -44.05
C GLY A 269 -22.23 -19.55 -44.56
N ARG A 270 -23.56 -19.55 -44.91
CA ARG A 270 -24.29 -20.69 -45.46
C ARG A 270 -23.78 -21.10 -46.81
N THR A 271 -23.53 -20.14 -47.74
CA THR A 271 -22.99 -20.42 -49.09
C THR A 271 -21.58 -20.97 -48.99
N SER A 272 -20.76 -20.39 -48.07
CA SER A 272 -19.36 -20.83 -47.87
C SER A 272 -19.33 -22.26 -47.38
N ARG A 273 -20.09 -22.56 -46.28
CA ARG A 273 -20.24 -23.89 -45.69
C ARG A 273 -20.66 -24.93 -46.74
N LEU A 274 -21.51 -24.54 -47.73
CA LEU A 274 -21.94 -25.41 -48.83
C LEU A 274 -20.87 -25.54 -49.88
N LEU A 275 -20.12 -24.46 -50.16
CA LEU A 275 -19.02 -24.50 -51.12
C LEU A 275 -17.90 -25.36 -50.53
N MET A 276 -17.73 -25.32 -49.20
CA MET A 276 -16.75 -26.11 -48.50
C MET A 276 -17.07 -27.59 -48.75
N ASN A 277 -18.33 -28.00 -48.53
CA ASN A 277 -18.80 -29.38 -48.74
C ASN A 277 -18.70 -29.82 -50.17
N LEU A 278 -18.81 -28.87 -51.15
CA LEU A 278 -18.64 -29.12 -52.60
C LEU A 278 -17.22 -29.59 -52.84
N ILE A 279 -16.22 -28.84 -52.31
CA ILE A 279 -14.78 -29.12 -52.41
C ILE A 279 -14.47 -30.49 -51.82
N LEU A 280 -14.98 -30.77 -50.60
CA LEU A 280 -14.76 -32.03 -49.87
C LEU A 280 -15.29 -33.22 -50.65
N MET A 281 -16.61 -33.18 -50.95
CA MET A 281 -17.29 -34.23 -51.70
C MET A 281 -16.70 -34.51 -53.06
N GLN A 282 -16.19 -33.48 -53.77
CA GLN A 282 -15.52 -33.64 -55.06
C GLN A 282 -14.23 -34.44 -54.94
N ALA A 283 -13.57 -34.40 -53.76
CA ALA A 283 -12.34 -35.16 -53.50
C ALA A 283 -12.60 -36.46 -52.73
N GLY A 284 -13.87 -36.85 -52.66
CA GLY A 284 -14.28 -38.07 -51.97
C GLY A 284 -14.23 -38.02 -50.45
N TYR A 285 -14.80 -36.97 -49.87
CA TYR A 285 -14.90 -36.83 -48.43
C TYR A 285 -16.38 -36.66 -48.10
N PRO A 286 -16.88 -37.12 -46.92
CA PRO A 286 -18.30 -36.89 -46.59
C PRO A 286 -18.62 -35.40 -46.39
N PRO A 287 -19.86 -34.92 -46.56
CA PRO A 287 -20.12 -33.51 -46.25
C PRO A 287 -19.93 -33.27 -44.75
N ILE A 288 -19.47 -32.06 -44.39
CA ILE A 288 -19.14 -31.69 -43.02
C ILE A 288 -20.10 -30.71 -42.36
N THR A 289 -20.30 -30.85 -41.03
CA THR A 289 -21.22 -30.02 -40.26
C THR A 289 -20.56 -29.29 -39.06
N ILE A 290 -20.56 -27.96 -39.09
CA ILE A 290 -20.09 -27.11 -37.99
C ILE A 290 -21.32 -26.96 -37.10
N ARG A 291 -21.25 -27.42 -35.84
CA ARG A 291 -22.39 -27.41 -34.92
C ARG A 291 -22.72 -26.05 -34.34
N LYS A 292 -24.00 -25.89 -33.91
CA LYS A 292 -24.60 -24.72 -33.25
C LYS A 292 -23.74 -24.31 -32.02
N GLU A 293 -23.33 -25.32 -31.22
CA GLU A 293 -22.52 -25.19 -30.01
C GLU A 293 -21.10 -24.69 -30.32
N GLN A 294 -20.56 -25.06 -31.52
CA GLN A 294 -19.23 -24.68 -31.98
C GLN A 294 -19.13 -23.19 -32.46
N ARG A 295 -20.28 -22.46 -32.51
CA ARG A 295 -20.34 -21.05 -32.99
C ARG A 295 -19.24 -20.18 -32.44
N SER A 296 -19.15 -20.05 -31.13
CA SER A 296 -18.14 -19.22 -30.46
C SER A 296 -16.67 -19.51 -30.91
N ASP A 297 -16.28 -20.81 -31.06
CA ASP A 297 -14.92 -21.19 -31.51
C ASP A 297 -14.74 -20.84 -32.99
N TYR A 298 -15.80 -21.09 -33.82
CA TYR A 298 -15.89 -20.84 -35.28
C TYR A 298 -15.64 -19.36 -35.60
N TYR A 299 -16.22 -18.45 -34.80
CA TYR A 299 -16.05 -17.00 -34.97
C TYR A 299 -14.68 -16.56 -34.43
N HIS A 300 -14.15 -17.31 -33.46
CA HIS A 300 -12.83 -17.01 -32.92
C HIS A 300 -11.74 -17.30 -33.92
N VAL A 301 -11.79 -18.48 -34.58
CA VAL A 301 -10.80 -18.90 -35.57
C VAL A 301 -10.87 -18.08 -36.86
N LEU A 302 -12.08 -17.53 -37.17
CA LEU A 302 -12.31 -16.67 -38.35
C LEU A 302 -11.69 -15.31 -38.11
N GLU A 303 -11.73 -14.84 -36.84
CA GLU A 303 -11.10 -13.59 -36.40
C GLU A 303 -9.57 -13.73 -36.49
N ALA A 304 -9.02 -14.88 -36.01
CA ALA A 304 -7.60 -15.23 -36.04
C ALA A 304 -7.00 -15.22 -37.46
N ALA A 305 -7.83 -15.49 -38.48
CA ALA A 305 -7.40 -15.51 -39.87
C ALA A 305 -7.33 -14.10 -40.42
N ASN A 306 -8.27 -13.23 -39.99
CA ASN A 306 -8.32 -11.83 -40.39
C ASN A 306 -7.09 -11.14 -39.86
N GLU A 307 -6.68 -11.55 -38.64
CA GLU A 307 -5.49 -11.07 -37.95
C GLU A 307 -4.16 -11.49 -38.65
N GLY A 308 -4.20 -12.51 -39.52
CA GLY A 308 -3.01 -12.95 -40.26
C GLY A 308 -2.69 -14.43 -40.33
N ASP A 309 -3.27 -15.27 -39.42
CA ASP A 309 -3.01 -16.72 -39.36
C ASP A 309 -4.24 -17.60 -39.65
N VAL A 310 -4.27 -18.22 -40.85
CA VAL A 310 -5.40 -19.07 -41.27
C VAL A 310 -5.31 -20.50 -40.72
N ARG A 311 -4.15 -20.86 -40.15
CA ARG A 311 -3.94 -22.20 -39.62
C ARG A 311 -4.96 -22.63 -38.58
N PRO A 312 -5.28 -21.87 -37.47
CA PRO A 312 -6.30 -22.35 -36.50
C PRO A 312 -7.63 -22.72 -37.16
N PHE A 313 -8.06 -21.93 -38.18
CA PHE A 313 -9.31 -22.24 -38.90
C PHE A 313 -9.20 -23.56 -39.67
N ILE A 314 -8.01 -23.84 -40.28
CA ILE A 314 -7.74 -25.08 -41.02
C ILE A 314 -7.82 -26.25 -40.08
N ARG A 315 -7.29 -26.11 -38.85
CA ARG A 315 -7.31 -27.17 -37.85
C ARG A 315 -8.74 -27.36 -37.36
N PHE A 316 -9.53 -26.25 -37.20
CA PHE A 316 -10.93 -26.31 -36.78
C PHE A 316 -11.75 -27.16 -37.76
N ILE A 317 -11.67 -26.81 -39.08
CA ILE A 317 -12.32 -27.52 -40.17
C ILE A 317 -11.84 -28.98 -40.22
N ALA A 318 -10.55 -29.23 -39.95
CA ALA A 318 -10.01 -30.59 -39.88
C ALA A 318 -10.59 -31.37 -38.65
N LYS A 319 -10.77 -30.72 -37.47
CA LYS A 319 -11.36 -31.35 -36.26
C LYS A 319 -12.80 -31.74 -36.57
N CYS A 320 -13.53 -30.87 -37.35
CA CYS A 320 -14.90 -31.09 -37.83
C CYS A 320 -14.88 -32.30 -38.79
N THR A 321 -13.95 -32.34 -39.77
CA THR A 321 -13.92 -33.48 -40.69
C THR A 321 -13.69 -34.80 -39.94
N GLU A 322 -12.81 -34.81 -38.89
CA GLU A 322 -12.58 -36.01 -38.08
C GLU A 322 -13.82 -36.40 -37.30
N THR A 323 -14.46 -35.44 -36.59
CA THR A 323 -15.69 -35.72 -35.85
C THR A 323 -16.86 -36.23 -36.74
N THR A 324 -16.87 -35.86 -38.03
CA THR A 324 -17.85 -36.33 -39.00
C THR A 324 -17.47 -37.77 -39.45
N LEU A 325 -16.17 -38.04 -39.63
CA LEU A 325 -15.68 -39.36 -40.02
C LEU A 325 -15.83 -40.38 -38.86
N ASP A 326 -15.73 -39.92 -37.60
CA ASP A 326 -15.86 -40.75 -36.39
C ASP A 326 -17.30 -41.20 -36.18
N THR A 327 -18.27 -40.28 -36.41
CA THR A 327 -19.71 -40.50 -36.27
C THR A 327 -20.21 -41.54 -37.28
N LEU A 328 -19.62 -41.56 -38.49
CA LEU A 328 -19.95 -42.52 -39.53
C LEU A 328 -19.41 -43.92 -39.19
N LEU A 329 -18.21 -43.99 -38.59
CA LEU A 329 -17.57 -45.25 -38.23
C LEU A 329 -18.09 -45.92 -36.93
N PHE A 330 -19.22 -45.40 -36.39
CA PHE A 330 -19.88 -45.97 -35.21
C PHE A 330 -20.63 -47.25 -35.63
N ALA A 331 -21.03 -47.34 -36.91
CA ALA A 331 -21.73 -48.47 -37.53
C ALA A 331 -20.77 -49.26 -38.44
N GLU B 4 -1.29 -3.92 35.67
CA GLU B 4 -0.76 -5.11 36.32
C GLU B 4 -0.51 -6.22 35.30
N ALA B 5 0.33 -5.92 34.28
CA ALA B 5 0.71 -6.84 33.20
C ALA B 5 1.99 -7.60 33.53
N ARG B 6 3.14 -6.89 33.70
CA ARG B 6 4.43 -7.49 34.07
C ARG B 6 4.39 -7.98 35.52
N ALA B 7 3.54 -7.33 36.34
CA ALA B 7 3.30 -7.64 37.76
C ALA B 7 2.77 -9.09 37.91
N ALA B 8 1.83 -9.49 37.03
CA ALA B 8 1.21 -10.82 36.99
C ALA B 8 2.22 -11.91 36.60
N LEU B 9 3.07 -11.64 35.59
CA LEU B 9 4.09 -12.57 35.10
C LEU B 9 5.16 -12.85 36.16
N ASN B 10 5.59 -11.81 36.89
CA ASN B 10 6.59 -11.98 37.95
C ASN B 10 6.02 -12.76 39.13
N GLN B 11 4.69 -12.61 39.36
CA GLN B 11 3.91 -13.30 40.41
C GLN B 11 3.64 -14.77 40.02
N ALA B 12 3.28 -15.02 38.73
CA ALA B 12 3.03 -16.35 38.15
C ALA B 12 4.29 -17.22 38.22
N LEU B 13 5.47 -16.63 37.88
CA LEU B 13 6.78 -17.27 37.91
C LEU B 13 7.20 -17.68 39.33
N GLU B 14 6.87 -16.82 40.32
CA GLU B 14 7.16 -17.06 41.74
C GLU B 14 6.28 -18.18 42.29
N MET B 15 4.98 -18.21 41.89
CA MET B 15 4.00 -19.24 42.26
C MET B 15 4.43 -20.60 41.71
N LYS B 16 4.97 -20.62 40.46
CA LYS B 16 5.50 -21.80 39.75
C LYS B 16 6.68 -22.42 40.53
N ARG B 17 7.50 -21.57 41.21
CA ARG B 17 8.62 -21.99 42.05
C ARG B 17 8.09 -22.68 43.31
N GLN B 18 8.60 -23.90 43.57
CA GLN B 18 8.27 -24.80 44.70
C GLN B 18 6.89 -25.45 44.68
N GLY B 19 5.84 -24.72 44.26
CA GLY B 19 4.50 -25.25 44.21
C GLY B 19 3.49 -24.48 43.38
N LYS B 20 2.36 -24.10 44.04
CA LYS B 20 1.20 -23.33 43.55
C LYS B 20 0.91 -23.37 42.03
N ARG B 21 0.64 -24.57 41.49
CA ARG B 21 0.36 -24.85 40.07
C ARG B 21 -0.83 -24.10 39.47
N GLU B 22 -2.05 -24.31 40.03
CA GLU B 22 -3.29 -23.67 39.55
C GLU B 22 -3.35 -22.17 39.85
N LYS B 23 -2.58 -21.70 40.86
CA LYS B 23 -2.47 -20.28 41.22
C LYS B 23 -1.67 -19.53 40.15
N ALA B 24 -0.64 -20.20 39.58
CA ALA B 24 0.23 -19.70 38.51
C ALA B 24 -0.46 -19.76 37.15
N GLN B 25 -1.17 -20.88 36.85
CA GLN B 25 -1.89 -21.08 35.60
C GLN B 25 -2.91 -19.96 35.35
N LYS B 26 -3.69 -19.57 36.38
CA LYS B 26 -4.67 -18.48 36.31
C LYS B 26 -3.97 -17.11 36.27
N LEU B 27 -2.77 -16.99 36.88
CA LEU B 27 -1.93 -15.78 36.90
C LEU B 27 -1.33 -15.51 35.54
N PHE B 28 -0.86 -16.58 34.85
CA PHE B 28 -0.29 -16.55 33.51
C PHE B 28 -1.39 -16.11 32.53
N MET B 29 -2.62 -16.69 32.70
CA MET B 29 -3.81 -16.39 31.90
C MET B 29 -4.22 -14.95 32.08
N HIS B 30 -4.04 -14.40 33.31
CA HIS B 30 -4.34 -13.00 33.62
C HIS B 30 -3.39 -12.07 32.83
N ALA B 31 -2.05 -12.32 32.89
CA ALA B 31 -1.02 -11.55 32.17
C ALA B 31 -1.27 -11.48 30.65
N LEU B 32 -1.82 -12.56 30.06
CA LEU B 32 -2.18 -12.65 28.64
C LEU B 32 -3.57 -12.04 28.36
N LYS B 33 -4.46 -12.01 29.37
CA LYS B 33 -5.78 -11.38 29.26
C LYS B 33 -5.59 -9.86 29.29
N MET B 34 -4.53 -9.40 30.00
CA MET B 34 -4.12 -8.01 30.15
C MET B 34 -3.47 -7.51 28.86
N ASP B 35 -2.59 -8.35 28.27
CA ASP B 35 -1.86 -8.10 27.03
C ASP B 35 -1.52 -9.43 26.34
N PRO B 36 -2.25 -9.83 25.26
CA PRO B 36 -1.92 -11.10 24.58
C PRO B 36 -0.66 -11.01 23.69
N ASP B 37 -0.06 -9.81 23.58
CA ASP B 37 1.17 -9.57 22.83
C ASP B 37 2.35 -9.36 23.79
N PHE B 38 2.38 -10.14 24.89
CA PHE B 38 3.40 -10.10 25.92
C PHE B 38 4.41 -11.25 25.69
N VAL B 39 5.37 -11.03 24.77
CA VAL B 39 6.42 -11.97 24.35
C VAL B 39 7.05 -12.80 25.48
N ASP B 40 7.29 -12.16 26.66
CA ASP B 40 7.86 -12.78 27.85
C ASP B 40 6.89 -13.69 28.60
N ALA B 41 5.58 -13.35 28.59
CA ALA B 41 4.53 -14.19 29.21
C ALA B 41 4.32 -15.46 28.39
N LEU B 42 4.19 -15.29 27.06
CA LEU B 42 3.99 -16.36 26.08
C LEU B 42 5.05 -17.44 26.19
N THR B 43 6.35 -17.05 26.21
CA THR B 43 7.46 -18.01 26.35
C THR B 43 7.50 -18.64 27.73
N GLU B 44 7.12 -17.87 28.78
CA GLU B 44 7.10 -18.37 30.16
C GLU B 44 5.98 -19.38 30.33
N PHE B 45 4.78 -19.06 29.80
CA PHE B 45 3.62 -19.94 29.87
C PHE B 45 3.85 -21.19 29.00
N GLY B 46 4.56 -21.02 27.89
CA GLY B 46 4.96 -22.08 26.98
C GLY B 46 5.87 -23.07 27.69
N ILE B 47 6.92 -22.57 28.39
CA ILE B 47 7.85 -23.42 29.15
C ILE B 47 7.14 -24.11 30.34
N PHE B 48 6.15 -23.42 30.94
CA PHE B 48 5.30 -23.91 32.04
C PHE B 48 4.39 -25.06 31.61
N SER B 49 3.72 -24.91 30.45
CA SER B 49 2.77 -25.87 29.87
C SER B 49 3.43 -27.18 29.43
N GLU B 50 4.69 -27.09 28.95
CA GLU B 50 5.52 -28.21 28.53
C GLU B 50 5.83 -29.16 29.69
N GLU B 51 5.79 -28.65 30.93
CA GLU B 51 6.01 -29.42 32.16
C GLU B 51 4.80 -30.34 32.44
N ASP B 52 3.56 -29.87 32.16
CA ASP B 52 2.31 -30.64 32.34
C ASP B 52 2.02 -31.62 31.15
N LYS B 53 3.06 -31.86 30.30
CA LYS B 53 3.10 -32.72 29.11
C LYS B 53 2.37 -32.17 27.86
N ASP B 54 1.97 -30.86 27.89
CA ASP B 54 1.26 -30.23 26.75
C ASP B 54 2.23 -29.50 25.81
N ILE B 55 2.90 -30.25 24.94
CA ILE B 55 3.84 -29.68 23.98
C ILE B 55 3.10 -28.84 22.91
N ILE B 56 1.95 -29.34 22.42
CA ILE B 56 1.14 -28.66 21.41
C ILE B 56 0.82 -27.20 21.79
N GLN B 57 0.30 -26.96 23.01
CA GLN B 57 -0.03 -25.61 23.51
C GLN B 57 1.24 -24.77 23.62
N ALA B 58 2.35 -25.38 24.12
CA ALA B 58 3.64 -24.73 24.29
C ALA B 58 4.13 -24.14 22.97
N ASP B 59 4.11 -24.97 21.91
CA ASP B 59 4.52 -24.60 20.55
C ASP B 59 3.69 -23.44 20.04
N TYR B 60 2.35 -23.46 20.27
CA TYR B 60 1.41 -22.40 19.90
C TYR B 60 1.88 -21.06 20.47
N LEU B 61 2.24 -21.06 21.78
CA LEU B 61 2.77 -19.92 22.54
C LEU B 61 4.11 -19.46 21.97
N TYR B 62 5.11 -20.36 21.79
CA TYR B 62 6.41 -19.97 21.22
C TYR B 62 6.23 -19.33 19.84
N THR B 63 5.33 -19.90 19.01
CA THR B 63 4.95 -19.44 17.68
C THR B 63 4.32 -18.05 17.77
N ARG B 64 3.30 -17.87 18.68
CA ARG B 64 2.64 -16.58 18.87
C ARG B 64 3.68 -15.53 19.24
N ALA B 65 4.62 -15.89 20.15
CA ALA B 65 5.70 -15.02 20.59
C ALA B 65 6.58 -14.58 19.41
N LEU B 66 6.97 -15.53 18.52
CA LEU B 66 7.83 -15.24 17.36
C LEU B 66 7.23 -14.35 16.27
N THR B 67 5.90 -14.40 16.05
CA THR B 67 5.22 -13.56 15.07
C THR B 67 5.29 -12.10 15.52
N ILE B 68 5.22 -11.88 16.85
CA ILE B 68 5.31 -10.56 17.49
C ILE B 68 6.77 -10.10 17.41
N SER B 69 7.69 -10.89 17.99
CA SER B 69 9.14 -10.61 18.03
C SER B 69 9.98 -11.75 17.38
N PRO B 70 10.35 -11.62 16.07
CA PRO B 70 11.09 -12.71 15.40
C PRO B 70 12.47 -13.10 15.90
N TYR B 71 13.19 -12.19 16.58
CA TYR B 71 14.53 -12.53 17.03
C TYR B 71 14.67 -12.76 18.54
N HIS B 72 13.51 -12.96 19.24
CA HIS B 72 13.49 -13.29 20.66
C HIS B 72 14.18 -14.67 20.82
N GLU B 73 15.39 -14.66 21.43
CA GLU B 73 16.25 -15.84 21.58
C GLU B 73 15.61 -16.99 22.32
N LYS B 74 14.94 -16.72 23.48
CA LYS B 74 14.28 -17.76 24.28
C LYS B 74 13.16 -18.47 23.48
N ALA B 75 12.35 -17.68 22.72
CA ALA B 75 11.29 -18.22 21.87
C ALA B 75 11.87 -19.02 20.71
N LEU B 76 13.00 -18.56 20.12
CA LEU B 76 13.65 -19.24 19.00
C LEU B 76 14.22 -20.63 19.34
N VAL B 77 15.06 -20.74 20.39
CA VAL B 77 15.68 -22.01 20.83
C VAL B 77 14.62 -23.06 21.21
N ASN B 78 13.49 -22.58 21.73
CA ASN B 78 12.37 -23.44 22.11
C ASN B 78 11.63 -23.92 20.86
N ARG B 79 11.21 -22.98 19.99
CA ARG B 79 10.48 -23.22 18.73
C ARG B 79 11.29 -24.08 17.75
N ASP B 80 12.62 -23.88 17.69
CA ASP B 80 13.50 -24.66 16.80
C ASP B 80 13.48 -26.17 17.11
N ARG B 81 13.01 -26.51 18.32
CA ARG B 81 12.88 -27.87 18.84
C ARG B 81 11.44 -28.41 18.72
N THR B 82 10.43 -27.56 19.00
CA THR B 82 9.01 -27.95 18.97
C THR B 82 8.43 -28.05 17.57
N LEU B 83 8.76 -27.10 16.66
CA LEU B 83 8.28 -27.08 15.26
C LEU B 83 8.32 -28.48 14.61
N PRO B 84 9.49 -29.19 14.52
CA PRO B 84 9.49 -30.52 13.90
C PRO B 84 8.75 -31.58 14.71
N LEU B 85 8.90 -31.56 16.04
CA LEU B 85 8.25 -32.48 16.96
C LEU B 85 6.70 -32.40 16.88
N VAL B 86 6.13 -31.17 16.92
CA VAL B 86 4.70 -30.91 16.82
C VAL B 86 4.13 -31.34 15.45
N GLU B 87 4.92 -31.14 14.34
CA GLU B 87 4.58 -31.55 12.97
C GLU B 87 4.46 -33.08 12.89
N GLU B 88 5.33 -33.82 13.63
CA GLU B 88 5.30 -35.29 13.67
C GLU B 88 4.09 -35.73 14.47
N ILE B 89 3.83 -35.09 15.65
CA ILE B 89 2.67 -35.39 16.50
C ILE B 89 1.40 -35.27 15.68
N ASP B 90 1.24 -34.14 14.95
CA ASP B 90 0.09 -33.88 14.08
C ASP B 90 -0.04 -34.98 13.01
N GLN B 91 1.09 -35.28 12.29
CA GLN B 91 1.17 -36.30 11.23
C GLN B 91 0.80 -37.70 11.73
N ARG B 92 1.10 -38.01 13.01
CA ARG B 92 0.78 -39.30 13.62
C ARG B 92 -0.72 -39.44 13.83
N TYR B 93 -1.39 -38.35 14.30
CA TYR B 93 -2.83 -38.31 14.58
C TYR B 93 -3.60 -38.55 13.30
N PHE B 94 -3.08 -38.04 12.19
CA PHE B 94 -3.67 -38.18 10.87
C PHE B 94 -3.60 -39.62 10.45
N SER B 95 -2.50 -40.33 10.77
CA SER B 95 -2.36 -41.76 10.46
C SER B 95 -3.33 -42.61 11.31
N ILE B 96 -3.60 -42.20 12.58
CA ILE B 96 -4.54 -42.86 13.50
C ILE B 96 -5.95 -42.76 12.90
N ILE B 97 -6.31 -41.57 12.34
CA ILE B 97 -7.59 -41.29 11.66
C ILE B 97 -7.71 -42.15 10.40
N ASP B 98 -6.62 -42.24 9.60
CA ASP B 98 -6.56 -43.05 8.37
C ASP B 98 -6.83 -44.52 8.63
N SER B 99 -6.26 -45.09 9.72
CA SER B 99 -6.43 -46.48 10.13
C SER B 99 -7.92 -46.75 10.49
N LYS B 100 -8.59 -45.76 11.12
CA LYS B 100 -10.01 -45.86 11.50
C LYS B 100 -10.92 -45.72 10.26
N VAL B 101 -10.52 -44.89 9.25
CA VAL B 101 -11.25 -44.73 7.99
C VAL B 101 -11.11 -45.99 7.12
N LYS B 102 -10.01 -46.74 7.32
CA LYS B 102 -9.72 -48.02 6.69
C LYS B 102 -10.68 -49.05 7.32
N LYS B 103 -10.89 -48.94 8.65
CA LYS B 103 -11.80 -49.80 9.41
C LYS B 103 -13.28 -49.53 9.06
N VAL B 104 -13.63 -48.25 8.83
CA VAL B 104 -14.99 -47.82 8.44
C VAL B 104 -15.27 -48.11 6.93
N MET B 105 -14.21 -48.27 6.11
CA MET B 105 -14.32 -48.62 4.69
C MET B 105 -14.90 -50.06 4.52
N SER B 106 -14.88 -50.89 5.59
CA SER B 106 -15.43 -52.25 5.58
C SER B 106 -16.87 -52.23 6.10
N GLY B 110 -22.45 -55.09 9.29
CA GLY B 110 -23.21 -55.14 8.04
C GLY B 110 -24.08 -53.92 7.81
N ASN B 111 -24.97 -54.00 6.80
CA ASN B 111 -25.89 -52.93 6.41
C ASN B 111 -27.26 -52.96 7.15
N SER B 112 -27.25 -53.33 8.45
CA SER B 112 -28.46 -53.32 9.27
C SER B 112 -28.26 -52.51 10.55
N ALA B 113 -27.11 -52.70 11.21
CA ALA B 113 -26.72 -52.00 12.44
C ALA B 113 -26.06 -50.66 12.10
N LEU B 114 -25.25 -50.63 11.00
CA LEU B 114 -24.55 -49.43 10.50
C LEU B 114 -25.55 -48.53 9.78
N ARG B 115 -26.55 -49.12 9.09
CA ARG B 115 -27.61 -48.43 8.37
C ARG B 115 -28.51 -47.63 9.31
N ARG B 116 -28.75 -48.19 10.52
CA ARG B 116 -29.55 -47.59 11.60
C ARG B 116 -28.80 -46.40 12.23
N VAL B 117 -27.46 -46.42 12.17
CA VAL B 117 -26.57 -45.36 12.67
C VAL B 117 -26.57 -44.23 11.64
N MET B 118 -26.38 -44.56 10.35
CA MET B 118 -26.33 -43.61 9.23
C MET B 118 -27.59 -42.73 9.10
N GLU B 119 -28.79 -43.34 9.21
CA GLU B 119 -30.06 -42.62 9.12
C GLU B 119 -30.32 -41.69 10.30
N GLU B 120 -29.98 -42.13 11.53
CA GLU B 120 -30.14 -41.30 12.74
C GLU B 120 -29.10 -40.16 12.80
N THR B 121 -27.85 -40.41 12.31
CA THR B 121 -26.78 -39.40 12.27
C THR B 121 -27.05 -38.30 11.24
N TYR B 122 -27.96 -38.57 10.28
CA TYR B 122 -28.40 -37.59 9.28
C TYR B 122 -29.25 -36.53 10.00
N TYR B 123 -30.27 -36.98 10.76
CA TYR B 123 -31.17 -36.14 11.56
C TYR B 123 -30.39 -35.44 12.67
N HIS B 124 -29.39 -36.12 13.24
CA HIS B 124 -28.47 -35.64 14.27
C HIS B 124 -27.61 -34.48 13.72
N HIS B 125 -26.97 -34.65 12.51
CA HIS B 125 -26.14 -33.59 11.88
C HIS B 125 -26.91 -32.28 11.75
N ILE B 126 -28.21 -32.35 11.34
CA ILE B 126 -29.08 -31.18 11.22
C ILE B 126 -29.27 -30.56 12.62
N TYR B 127 -29.62 -31.40 13.64
CA TYR B 127 -29.81 -30.93 15.01
C TYR B 127 -28.68 -30.01 15.49
N HIS B 128 -27.43 -30.49 15.37
CA HIS B 128 -26.25 -29.76 15.81
C HIS B 128 -25.89 -28.54 14.98
N THR B 129 -25.95 -28.64 13.64
CA THR B 129 -25.62 -27.52 12.73
C THR B 129 -26.57 -26.33 12.89
N VAL B 130 -27.84 -26.60 13.25
CA VAL B 130 -28.81 -25.53 13.46
C VAL B 130 -28.72 -25.00 14.90
N ALA B 131 -28.62 -25.92 15.90
CA ALA B 131 -28.52 -25.60 17.35
C ALA B 131 -27.30 -24.75 17.68
N ILE B 132 -26.16 -25.00 16.99
CA ILE B 132 -24.90 -24.25 17.13
C ILE B 132 -25.08 -22.76 16.76
N GLU B 133 -26.13 -22.45 15.99
CA GLU B 133 -26.51 -21.10 15.58
C GLU B 133 -27.61 -20.49 16.44
N GLY B 134 -28.15 -21.30 17.38
CA GLY B 134 -29.18 -20.92 18.34
C GLY B 134 -30.56 -21.50 18.15
N ASN B 135 -30.72 -22.59 17.37
CA ASN B 135 -32.04 -23.18 17.13
C ASN B 135 -32.52 -23.97 18.34
N THR B 136 -33.65 -23.53 18.94
CA THR B 136 -34.26 -24.14 20.14
C THR B 136 -34.95 -25.50 19.89
N LEU B 137 -35.04 -25.94 18.61
CA LEU B 137 -35.68 -27.21 18.26
C LEU B 137 -34.95 -28.45 18.80
N THR B 138 -35.73 -29.49 19.13
CA THR B 138 -35.23 -30.76 19.65
C THR B 138 -35.04 -31.75 18.49
N LEU B 139 -34.29 -32.84 18.73
CA LEU B 139 -34.04 -33.89 17.75
C LEU B 139 -35.34 -34.60 17.37
N SER B 140 -36.30 -34.76 18.33
CA SER B 140 -37.61 -35.40 18.09
C SER B 140 -38.50 -34.50 17.22
N GLU B 141 -38.43 -33.17 17.46
CA GLU B 141 -39.16 -32.15 16.68
C GLU B 141 -38.61 -32.09 15.24
N ILE B 142 -37.25 -32.17 15.08
CA ILE B 142 -36.59 -32.16 13.78
C ILE B 142 -36.97 -33.41 12.99
N ARG B 143 -36.99 -34.58 13.68
CA ARG B 143 -37.34 -35.88 13.12
C ARG B 143 -38.81 -35.86 12.66
N HIS B 144 -39.68 -35.10 13.37
CA HIS B 144 -41.09 -34.94 13.05
C HIS B 144 -41.24 -34.07 11.79
N ILE B 145 -40.71 -32.82 11.83
CA ILE B 145 -40.71 -31.81 10.76
C ILE B 145 -40.28 -32.42 9.42
N LEU B 146 -39.19 -33.20 9.41
CA LEU B 146 -38.68 -33.81 8.18
C LEU B 146 -39.47 -35.03 7.67
N GLU B 147 -40.27 -35.67 8.55
CA GLU B 147 -41.06 -36.86 8.21
C GLU B 147 -42.53 -36.59 7.85
N THR B 148 -43.19 -35.75 8.63
CA THR B 148 -44.60 -35.41 8.43
C THR B 148 -44.78 -34.20 7.51
N ARG B 149 -43.79 -33.28 7.54
CA ARG B 149 -43.76 -31.98 6.84
C ARG B 149 -44.78 -31.03 7.50
N TYR B 150 -45.30 -31.44 8.68
CA TYR B 150 -46.24 -30.68 9.50
C TYR B 150 -45.47 -29.83 10.49
N ALA B 151 -46.06 -28.69 10.85
CA ALA B 151 -45.45 -27.75 11.76
C ALA B 151 -45.47 -28.22 13.20
N VAL B 152 -44.33 -28.01 13.90
CA VAL B 152 -44.19 -28.33 15.31
C VAL B 152 -44.89 -27.22 16.09
N PRO B 153 -45.91 -27.59 16.91
CA PRO B 153 -46.65 -26.57 17.66
C PRO B 153 -45.82 -25.85 18.71
N GLY B 154 -45.99 -24.54 18.79
CA GLY B 154 -45.31 -23.71 19.77
C GLY B 154 -43.96 -23.12 19.38
N LYS B 155 -43.35 -23.60 18.27
CA LYS B 155 -42.05 -23.09 17.80
C LYS B 155 -42.21 -22.17 16.58
N SER B 156 -41.30 -21.18 16.42
CA SER B 156 -41.36 -20.21 15.31
C SER B 156 -41.12 -20.86 13.94
N LEU B 157 -41.73 -20.27 12.88
CA LEU B 157 -41.62 -20.75 11.51
C LEU B 157 -40.19 -20.72 11.00
N GLU B 158 -39.46 -19.61 11.28
CA GLU B 158 -38.06 -19.39 10.91
C GLU B 158 -37.16 -20.57 11.31
N GLU B 159 -37.30 -21.07 12.54
CA GLU B 159 -36.55 -22.18 13.12
C GLU B 159 -36.80 -23.50 12.42
N GLN B 160 -38.03 -23.71 11.96
CA GLN B 160 -38.39 -24.95 11.29
C GLN B 160 -37.99 -24.90 9.82
N ASN B 161 -37.96 -23.67 9.26
CA ASN B 161 -37.54 -23.39 7.88
C ASN B 161 -36.02 -23.51 7.73
N GLU B 162 -35.26 -23.30 8.85
CA GLU B 162 -33.81 -23.51 8.95
C GLU B 162 -33.56 -25.01 8.71
N VAL B 163 -34.43 -25.87 9.32
CA VAL B 163 -34.37 -27.35 9.26
C VAL B 163 -34.63 -27.88 7.85
N ILE B 164 -35.72 -27.40 7.18
CA ILE B 164 -36.11 -27.77 5.80
C ILE B 164 -34.97 -27.39 4.86
N GLY B 165 -34.42 -26.20 5.09
CA GLY B 165 -33.32 -25.62 4.33
C GLY B 165 -32.10 -26.48 4.33
N MET B 166 -31.71 -26.98 5.52
CA MET B 166 -30.56 -27.86 5.69
C MET B 166 -30.74 -29.13 4.85
N HIS B 167 -31.86 -29.81 5.05
CA HIS B 167 -32.28 -31.02 4.37
C HIS B 167 -32.19 -30.91 2.83
N ALA B 168 -32.71 -29.78 2.27
CA ALA B 168 -32.70 -29.46 0.83
C ALA B 168 -31.26 -29.31 0.34
N ALA B 169 -30.39 -28.71 1.18
CA ALA B 169 -28.97 -28.46 0.92
C ALA B 169 -28.20 -29.75 0.87
N MET B 170 -28.39 -30.65 1.86
CA MET B 170 -27.67 -31.92 1.89
C MET B 170 -28.17 -32.95 0.90
N LYS B 171 -29.48 -32.89 0.57
CA LYS B 171 -30.03 -33.78 -0.47
C LYS B 171 -29.47 -33.34 -1.82
N TYR B 172 -29.21 -32.03 -1.98
CA TYR B 172 -28.63 -31.47 -3.18
C TYR B 172 -27.17 -31.90 -3.35
N ILE B 173 -26.33 -31.73 -2.30
CA ILE B 173 -24.91 -32.09 -2.31
C ILE B 173 -24.73 -33.58 -2.64
N ASN B 174 -25.50 -34.47 -1.94
CA ASN B 174 -25.46 -35.91 -2.13
C ASN B 174 -25.87 -36.44 -3.50
N THR B 175 -26.83 -35.77 -4.17
CA THR B 175 -27.31 -36.18 -5.49
C THR B 175 -26.47 -35.57 -6.64
N THR B 176 -26.23 -34.24 -6.60
CA THR B 176 -25.54 -33.48 -7.64
C THR B 176 -24.03 -33.41 -7.50
N LEU B 177 -23.56 -32.89 -6.35
CA LEU B 177 -22.18 -32.54 -6.02
C LEU B 177 -21.16 -33.64 -5.64
N VAL B 178 -21.46 -34.49 -4.63
CA VAL B 178 -20.57 -35.54 -4.10
C VAL B 178 -19.77 -36.31 -5.16
N SER B 179 -20.49 -37.08 -5.99
CA SER B 179 -19.98 -37.97 -7.04
C SER B 179 -19.51 -37.26 -8.33
N ARG B 180 -19.91 -35.97 -8.50
CA ARG B 180 -19.57 -35.15 -9.66
C ARG B 180 -18.07 -35.05 -9.89
N ILE B 181 -17.68 -35.26 -11.14
CA ILE B 181 -16.30 -35.20 -11.58
C ILE B 181 -16.06 -33.77 -12.07
N GLY B 182 -14.87 -33.26 -11.80
CA GLY B 182 -14.48 -31.91 -12.20
C GLY B 182 -14.12 -30.99 -11.05
N SER B 183 -13.99 -29.69 -11.38
CA SER B 183 -13.63 -28.65 -10.44
C SER B 183 -14.87 -28.03 -9.74
N VAL B 184 -14.71 -27.71 -8.45
CA VAL B 184 -15.73 -27.07 -7.63
C VAL B 184 -15.76 -25.58 -8.05
N THR B 185 -16.95 -25.04 -8.35
CA THR B 185 -17.14 -23.67 -8.82
C THR B 185 -17.87 -22.78 -7.83
N ILE B 186 -17.86 -21.47 -8.12
CA ILE B 186 -18.54 -20.42 -7.36
C ILE B 186 -20.07 -20.63 -7.39
N SER B 187 -20.58 -21.26 -8.48
CA SER B 187 -22.00 -21.54 -8.70
C SER B 187 -22.49 -22.64 -7.77
N ASP B 188 -21.60 -23.61 -7.46
CA ASP B 188 -21.88 -24.72 -6.55
C ASP B 188 -22.13 -24.21 -5.13
N VAL B 189 -21.27 -23.28 -4.65
CA VAL B 189 -21.36 -22.66 -3.33
C VAL B 189 -22.64 -21.84 -3.20
N LEU B 190 -22.97 -21.06 -4.24
CA LEU B 190 -24.18 -20.23 -4.29
C LEU B 190 -25.44 -21.10 -4.30
N GLU B 191 -25.33 -22.29 -4.92
CA GLU B 191 -26.38 -23.30 -5.03
C GLU B 191 -26.67 -23.99 -3.69
N ILE B 192 -25.61 -24.24 -2.86
CA ILE B 192 -25.74 -24.82 -1.51
C ILE B 192 -26.43 -23.78 -0.62
N HIS B 193 -25.95 -22.52 -0.69
CA HIS B 193 -26.51 -21.40 0.08
C HIS B 193 -27.94 -21.11 -0.33
N ARG B 194 -28.26 -21.28 -1.62
CA ARG B 194 -29.60 -21.09 -2.16
C ARG B 194 -30.60 -21.98 -1.39
N ARG B 195 -30.20 -23.21 -1.04
CA ARG B 195 -31.07 -24.12 -0.28
C ARG B 195 -30.99 -23.91 1.22
N VAL B 196 -29.77 -23.69 1.78
CA VAL B 196 -29.54 -23.45 3.22
C VAL B 196 -30.44 -22.36 3.78
N LEU B 197 -30.42 -21.17 3.15
CA LEU B 197 -31.11 -19.96 3.55
C LEU B 197 -32.42 -19.59 2.82
N GLY B 198 -32.74 -20.34 1.77
CA GLY B 198 -33.90 -20.15 0.92
C GLY B 198 -35.27 -20.12 1.57
N TYR B 199 -35.49 -20.93 2.62
CA TYR B 199 -36.80 -20.98 3.28
C TYR B 199 -36.91 -19.96 4.42
N VAL B 200 -35.78 -19.30 4.78
CA VAL B 200 -35.73 -18.33 5.86
C VAL B 200 -35.64 -16.89 5.32
N ASP B 201 -34.82 -16.69 4.25
CA ASP B 201 -34.62 -15.40 3.59
C ASP B 201 -34.39 -15.65 2.10
N PRO B 202 -35.47 -15.81 1.31
CA PRO B 202 -35.30 -16.08 -0.15
C PRO B 202 -34.73 -14.92 -0.97
N VAL B 203 -34.73 -13.72 -0.41
CA VAL B 203 -34.20 -12.53 -1.04
C VAL B 203 -32.65 -12.57 -1.00
N GLU B 204 -32.06 -12.92 0.16
CA GLU B 204 -30.60 -12.99 0.31
C GLU B 204 -29.97 -14.38 0.06
N ALA B 205 -30.81 -15.45 0.03
CA ALA B 205 -30.34 -16.82 -0.24
C ALA B 205 -29.78 -16.92 -1.65
N GLY B 206 -28.63 -17.56 -1.78
CA GLY B 206 -27.96 -17.73 -3.06
C GLY B 206 -27.29 -16.49 -3.62
N ARG B 207 -27.09 -15.44 -2.79
CA ARG B 207 -26.43 -14.22 -3.24
C ARG B 207 -25.39 -13.68 -2.24
N PHE B 208 -24.39 -12.97 -2.78
CA PHE B 208 -23.33 -12.37 -1.99
C PHE B 208 -23.78 -11.15 -1.17
N ARG B 209 -23.16 -11.00 0.00
CA ARG B 209 -23.36 -9.93 0.97
C ARG B 209 -23.20 -8.57 0.26
N THR B 210 -24.12 -7.62 0.55
CA THR B 210 -24.16 -6.27 -0.03
C THR B 210 -23.70 -5.22 0.98
N THR B 211 -23.80 -5.57 2.27
CA THR B 211 -23.41 -4.72 3.40
C THR B 211 -22.14 -5.23 4.06
N GLN B 212 -21.60 -4.50 5.06
CA GLN B 212 -20.42 -4.91 5.83
C GLN B 212 -20.90 -5.37 7.20
N VAL B 213 -20.36 -6.51 7.67
CA VAL B 213 -20.75 -7.14 8.94
C VAL B 213 -19.57 -7.35 9.90
N LEU B 214 -19.90 -7.74 11.15
CA LEU B 214 -18.95 -8.09 12.20
C LEU B 214 -19.32 -9.50 12.72
N VAL B 215 -18.31 -10.38 12.81
CA VAL B 215 -18.45 -11.76 13.32
C VAL B 215 -17.55 -11.79 14.56
N GLY B 216 -18.12 -11.57 15.74
CA GLY B 216 -17.34 -11.48 16.97
C GLY B 216 -16.47 -10.24 16.94
N HIS B 217 -15.15 -10.41 16.73
CA HIS B 217 -14.18 -9.31 16.61
C HIS B 217 -13.60 -9.26 15.19
N HIS B 218 -14.14 -10.11 14.29
CA HIS B 218 -13.71 -10.26 12.92
C HIS B 218 -14.54 -9.42 11.94
N ILE B 219 -13.83 -8.61 11.15
CA ILE B 219 -14.43 -7.78 10.11
C ILE B 219 -14.06 -8.41 8.75
N PRO B 220 -15.02 -9.12 8.11
CA PRO B 220 -14.72 -9.82 6.86
C PRO B 220 -14.45 -8.88 5.68
N PRO B 221 -13.98 -9.38 4.50
CA PRO B 221 -13.75 -8.47 3.36
C PRO B 221 -14.97 -7.62 3.00
N HIS B 222 -14.75 -6.41 2.46
CA HIS B 222 -15.84 -5.52 2.09
C HIS B 222 -16.65 -6.15 0.95
N PRO B 223 -18.01 -6.00 0.93
CA PRO B 223 -18.82 -6.59 -0.15
C PRO B 223 -18.34 -6.37 -1.59
N GLN B 224 -17.57 -5.30 -1.83
CA GLN B 224 -16.97 -4.95 -3.11
C GLN B 224 -15.85 -5.94 -3.49
N ASP B 225 -15.19 -6.51 -2.51
CA ASP B 225 -14.06 -7.43 -2.69
C ASP B 225 -14.43 -8.90 -2.54
N VAL B 226 -15.66 -9.21 -2.05
CA VAL B 226 -16.17 -10.58 -1.82
C VAL B 226 -16.02 -11.46 -3.06
N GLU B 227 -16.49 -10.95 -4.22
CA GLU B 227 -16.43 -11.66 -5.49
C GLU B 227 -14.99 -12.04 -5.84
N LYS B 228 -14.02 -11.09 -5.68
CA LYS B 228 -12.62 -11.37 -6.00
C LYS B 228 -12.00 -12.44 -5.08
N GLN B 229 -12.29 -12.36 -3.77
CA GLN B 229 -11.82 -13.27 -2.73
C GLN B 229 -12.44 -14.65 -2.89
N MET B 230 -13.67 -14.71 -3.41
CA MET B 230 -14.37 -15.97 -3.66
C MET B 230 -13.80 -16.65 -4.91
N GLN B 231 -13.32 -15.84 -5.88
CA GLN B 231 -12.69 -16.31 -7.12
C GLN B 231 -11.36 -16.97 -6.80
N GLU B 232 -10.57 -16.38 -5.87
CA GLU B 232 -9.27 -16.87 -5.40
C GLU B 232 -9.44 -18.16 -4.60
N PHE B 233 -10.47 -18.21 -3.73
CA PHE B 233 -10.84 -19.36 -2.90
C PHE B 233 -11.20 -20.57 -3.77
N VAL B 234 -12.12 -20.39 -4.75
CA VAL B 234 -12.51 -21.48 -5.66
C VAL B 234 -11.30 -22.01 -6.43
N GLN B 235 -10.42 -21.09 -6.86
CA GLN B 235 -9.18 -21.38 -7.56
C GLN B 235 -8.26 -22.21 -6.67
N TRP B 236 -8.21 -21.90 -5.35
CA TRP B 236 -7.41 -22.64 -4.39
C TRP B 236 -7.98 -24.06 -4.16
N LEU B 237 -9.31 -24.22 -4.22
CA LEU B 237 -9.97 -25.51 -4.05
C LEU B 237 -9.62 -26.45 -5.21
N ASN B 238 -9.50 -25.87 -6.43
CA ASN B 238 -9.15 -26.59 -7.67
C ASN B 238 -7.66 -26.47 -8.02
N SER B 239 -6.84 -26.13 -7.01
CA SER B 239 -5.38 -26.05 -7.15
C SER B 239 -4.79 -27.36 -6.63
N GLU B 240 -3.52 -27.62 -6.94
CA GLU B 240 -2.81 -28.84 -6.57
C GLU B 240 -2.05 -28.78 -5.24
N GLU B 241 -1.88 -27.58 -4.65
CA GLU B 241 -1.25 -27.37 -3.34
C GLU B 241 -2.23 -27.84 -2.28
N ALA B 242 -3.52 -27.51 -2.47
CA ALA B 242 -4.62 -27.89 -1.59
C ALA B 242 -4.96 -29.37 -1.77
N MET B 243 -4.81 -29.85 -3.01
CA MET B 243 -5.04 -31.23 -3.45
C MET B 243 -3.97 -32.17 -2.84
N ASN B 244 -2.77 -31.63 -2.50
CA ASN B 244 -1.66 -32.37 -1.90
C ASN B 244 -1.76 -32.51 -0.36
N LEU B 245 -2.62 -31.69 0.28
CA LEU B 245 -2.87 -31.71 1.73
C LEU B 245 -3.63 -32.98 2.09
N HIS B 246 -3.55 -33.40 3.37
CA HIS B 246 -4.32 -34.53 3.90
C HIS B 246 -5.80 -34.12 3.89
N PRO B 247 -6.73 -35.03 3.52
CA PRO B 247 -8.16 -34.64 3.46
C PRO B 247 -8.74 -33.84 4.62
N VAL B 248 -8.39 -34.17 5.88
CA VAL B 248 -8.87 -33.45 7.08
C VAL B 248 -8.35 -32.01 7.09
N GLU B 249 -7.04 -31.80 6.75
CA GLU B 249 -6.42 -30.47 6.71
C GLU B 249 -7.03 -29.60 5.60
N PHE B 250 -7.34 -30.18 4.43
CA PHE B 250 -7.94 -29.43 3.33
C PHE B 250 -9.36 -29.01 3.70
N ALA B 251 -10.17 -29.96 4.21
CA ALA B 251 -11.53 -29.72 4.65
C ALA B 251 -11.61 -28.62 5.73
N ALA B 252 -10.71 -28.64 6.73
CA ALA B 252 -10.66 -27.61 7.78
C ALA B 252 -10.30 -26.23 7.21
N LEU B 253 -9.25 -26.16 6.32
CA LEU B 253 -8.80 -24.93 5.64
C LEU B 253 -9.89 -24.37 4.74
N ALA B 254 -10.55 -25.21 3.93
CA ALA B 254 -11.68 -24.77 3.10
C ALA B 254 -12.75 -24.11 3.98
N HIS B 255 -13.13 -24.77 5.10
CA HIS B 255 -14.12 -24.27 6.07
C HIS B 255 -13.67 -22.92 6.67
N TYR B 256 -12.41 -22.84 7.16
CA TYR B 256 -11.92 -21.59 7.74
C TYR B 256 -11.97 -20.48 6.69
N LYS B 257 -11.32 -20.69 5.53
CA LYS B 257 -11.29 -19.70 4.45
C LYS B 257 -12.67 -19.14 4.07
N LEU B 258 -13.71 -20.00 3.84
CA LEU B 258 -15.07 -19.54 3.51
C LEU B 258 -15.59 -18.64 4.63
N VAL B 259 -15.62 -19.17 5.87
CA VAL B 259 -16.07 -18.51 7.11
C VAL B 259 -15.38 -17.14 7.33
N TYR B 260 -14.10 -17.07 6.95
CA TYR B 260 -13.30 -15.85 7.03
C TYR B 260 -13.82 -14.80 6.06
N ILE B 261 -14.05 -15.19 4.78
CA ILE B 261 -14.59 -14.32 3.72
C ILE B 261 -16.01 -13.83 4.10
N HIS B 262 -16.82 -14.70 4.76
CA HIS B 262 -18.19 -14.40 5.19
C HIS B 262 -18.95 -13.77 4.03
N PRO B 263 -19.10 -14.49 2.88
CA PRO B 263 -19.75 -13.87 1.70
C PRO B 263 -21.26 -13.70 1.78
N PHE B 264 -21.90 -14.19 2.85
CA PHE B 264 -23.36 -14.14 2.97
C PHE B 264 -23.80 -13.43 4.21
N ILE B 265 -25.00 -12.80 4.18
CA ILE B 265 -25.57 -12.12 5.36
C ILE B 265 -25.76 -13.16 6.48
N ASP B 266 -26.27 -14.36 6.11
CA ASP B 266 -26.53 -15.48 7.02
C ASP B 266 -26.18 -16.83 6.38
N GLY B 267 -26.03 -17.85 7.22
CA GLY B 267 -25.75 -19.21 6.77
C GLY B 267 -24.34 -19.50 6.30
N ASN B 268 -23.35 -18.71 6.76
CA ASN B 268 -21.93 -18.89 6.44
C ASN B 268 -21.39 -20.15 7.08
N GLY B 269 -21.56 -20.27 8.40
CA GLY B 269 -21.15 -21.43 9.17
C GLY B 269 -21.77 -22.73 8.69
N ARG B 270 -23.08 -22.73 8.36
CA ARG B 270 -23.82 -23.87 7.84
C ARG B 270 -23.31 -24.29 6.46
N THR B 271 -23.08 -23.31 5.54
CA THR B 271 -22.55 -23.59 4.19
C THR B 271 -21.16 -24.14 4.27
N SER B 272 -20.34 -23.59 5.19
CA SER B 272 -18.95 -24.02 5.35
C SER B 272 -18.91 -25.44 5.84
N ARG B 273 -19.68 -25.76 6.91
CA ARG B 273 -19.78 -27.08 7.52
C ARG B 273 -20.18 -28.12 6.49
N LEU B 274 -21.05 -27.71 5.52
CA LEU B 274 -21.50 -28.59 4.43
C LEU B 274 -20.41 -28.73 3.38
N LEU B 275 -19.68 -27.64 3.08
CA LEU B 275 -18.58 -27.67 2.11
C LEU B 275 -17.46 -28.52 2.69
N MET B 276 -17.27 -28.47 4.02
CA MET B 276 -16.27 -29.28 4.71
C MET B 276 -16.59 -30.76 4.47
N ASN B 277 -17.87 -31.18 4.73
CA ASN B 277 -18.36 -32.55 4.52
C ASN B 277 -18.23 -32.98 3.06
N LEU B 278 -18.39 -32.05 2.09
CA LEU B 278 -18.23 -32.30 0.64
C LEU B 278 -16.80 -32.76 0.39
N ILE B 279 -15.80 -32.00 0.91
CA ILE B 279 -14.36 -32.29 0.79
C ILE B 279 -14.05 -33.66 1.38
N LEU B 280 -14.52 -33.93 2.61
CA LEU B 280 -14.30 -35.19 3.33
C LEU B 280 -14.84 -36.39 2.56
N MET B 281 -16.14 -36.36 2.24
CA MET B 281 -16.85 -37.41 1.52
C MET B 281 -16.26 -37.69 0.14
N GLN B 282 -15.76 -36.66 -0.55
CA GLN B 282 -15.11 -36.82 -1.85
C GLN B 282 -13.82 -37.63 -1.75
N ALA B 283 -13.14 -37.59 -0.59
CA ALA B 283 -11.90 -38.34 -0.35
C ALA B 283 -12.18 -39.62 0.45
N GLY B 284 -13.44 -40.02 0.52
CA GLY B 284 -13.87 -41.23 1.22
C GLY B 284 -13.79 -41.18 2.74
N TYR B 285 -14.35 -40.12 3.33
CA TYR B 285 -14.43 -39.97 4.77
C TYR B 285 -15.91 -39.81 5.13
N PRO B 286 -16.39 -40.31 6.30
CA PRO B 286 -17.81 -40.08 6.65
C PRO B 286 -18.11 -38.58 6.87
N PRO B 287 -19.37 -38.09 6.68
CA PRO B 287 -19.63 -36.67 7.00
C PRO B 287 -19.43 -36.43 8.50
N ILE B 288 -18.96 -35.23 8.85
CA ILE B 288 -18.63 -34.86 10.22
C ILE B 288 -19.60 -33.88 10.89
N THR B 289 -19.76 -34.02 12.22
CA THR B 289 -20.67 -33.19 13.01
C THR B 289 -19.99 -32.47 14.17
N ILE B 290 -19.99 -31.12 14.15
CA ILE B 290 -19.52 -30.28 15.26
C ILE B 290 -20.75 -30.13 16.15
N ARG B 291 -20.67 -30.59 17.41
CA ARG B 291 -21.80 -30.57 18.34
C ARG B 291 -22.12 -29.20 18.92
N LYS B 292 -23.40 -29.04 19.37
CA LYS B 292 -24.00 -27.88 20.05
C LYS B 292 -23.13 -27.47 21.25
N GLU B 293 -22.73 -28.49 22.05
CA GLU B 293 -21.89 -28.38 23.25
C GLU B 293 -20.47 -27.86 22.94
N GLN B 294 -19.93 -28.22 21.74
CA GLN B 294 -18.59 -27.83 21.26
C GLN B 294 -18.53 -26.35 20.78
N ARG B 295 -19.71 -25.63 20.72
CA ARG B 295 -19.76 -24.23 20.24
C ARG B 295 -18.64 -23.35 20.78
N SER B 296 -18.54 -23.22 22.09
CA SER B 296 -17.51 -22.39 22.75
C SER B 296 -16.07 -22.68 22.29
N ASP B 297 -15.67 -23.96 22.13
CA ASP B 297 -14.33 -24.35 21.66
C ASP B 297 -14.16 -24.00 20.18
N TYR B 298 -15.22 -24.25 19.36
CA TYR B 298 -15.31 -24.00 17.92
C TYR B 298 -15.07 -22.52 17.58
N TYR B 299 -15.64 -21.60 18.36
CA TYR B 299 -15.49 -20.16 18.19
C TYR B 299 -14.11 -19.72 18.73
N HIS B 300 -13.57 -20.45 19.69
CA HIS B 300 -12.26 -20.14 20.24
C HIS B 300 -11.16 -20.42 19.24
N VAL B 301 -11.22 -21.61 18.58
CA VAL B 301 -10.25 -22.05 17.59
C VAL B 301 -10.33 -21.24 16.28
N LEU B 302 -11.55 -20.70 15.95
CA LEU B 302 -11.78 -19.83 14.78
C LEU B 302 -11.16 -18.48 15.03
N GLU B 303 -11.19 -18.00 16.30
CA GLU B 303 -10.56 -16.75 16.74
C GLU B 303 -9.03 -16.86 16.63
N ALA B 304 -8.47 -18.01 17.10
CA ALA B 304 -7.04 -18.36 17.07
C ALA B 304 -6.46 -18.36 15.65
N ALA B 305 -7.30 -18.64 14.63
CA ALA B 305 -6.91 -18.65 13.22
C ALA B 305 -6.85 -17.22 12.66
N ASN B 306 -7.78 -16.36 13.12
CA ASN B 306 -7.84 -14.95 12.71
C ASN B 306 -6.59 -14.26 13.23
N GLU B 307 -6.16 -14.67 14.44
CA GLU B 307 -4.96 -14.18 15.13
C GLU B 307 -3.65 -14.61 14.41
N GLY B 308 -3.70 -15.62 13.54
CA GLY B 308 -2.53 -16.06 12.77
C GLY B 308 -2.20 -17.54 12.71
N ASP B 309 -2.77 -18.37 13.63
CA ASP B 309 -2.51 -19.83 13.70
C ASP B 309 -3.74 -20.70 13.41
N VAL B 310 -3.80 -21.32 12.21
CA VAL B 310 -4.91 -22.18 11.78
C VAL B 310 -4.82 -23.61 12.33
N ARG B 311 -3.64 -23.99 12.89
CA ARG B 311 -3.41 -25.31 13.45
C ARG B 311 -4.41 -25.76 14.52
N PRO B 312 -4.72 -25.00 15.62
CA PRO B 312 -5.74 -25.49 16.59
C PRO B 312 -7.08 -25.86 15.96
N PHE B 313 -7.54 -25.08 14.94
CA PHE B 313 -8.78 -25.37 14.24
C PHE B 313 -8.66 -26.70 13.46
N ILE B 314 -7.48 -26.96 12.84
CA ILE B 314 -7.22 -28.21 12.08
C ILE B 314 -7.28 -29.39 13.02
N ARG B 315 -6.74 -29.24 14.25
CA ARG B 315 -6.75 -30.28 15.28
C ARG B 315 -8.19 -30.47 15.79
N PHE B 316 -8.95 -29.37 15.94
CA PHE B 316 -10.36 -29.43 16.36
C PHE B 316 -11.19 -30.29 15.39
N ILE B 317 -11.12 -29.96 14.08
CA ILE B 317 -11.78 -30.66 12.98
C ILE B 317 -11.31 -32.12 12.92
N ALA B 318 -10.01 -32.37 13.18
CA ALA B 318 -9.45 -33.72 13.28
C ALA B 318 -10.02 -34.51 14.50
N LYS B 319 -10.20 -33.84 15.69
CA LYS B 319 -10.79 -34.46 16.90
C LYS B 319 -12.23 -34.88 16.61
N CYS B 320 -12.98 -34.02 15.83
CA CYS B 320 -14.33 -34.24 15.35
C CYS B 320 -14.35 -35.44 14.41
N THR B 321 -13.41 -35.50 13.43
CA THR B 321 -13.36 -36.63 12.51
C THR B 321 -13.13 -37.96 13.27
N GLU B 322 -12.24 -37.96 14.30
CA GLU B 322 -11.99 -39.15 15.10
C GLU B 322 -13.24 -39.55 15.88
N THR B 323 -13.86 -38.59 16.61
CA THR B 323 -15.08 -38.87 17.36
C THR B 323 -16.26 -39.38 16.48
N THR B 324 -16.28 -39.00 15.20
CA THR B 324 -17.28 -39.49 14.24
C THR B 324 -16.91 -40.92 13.78
N LEU B 325 -15.60 -41.19 13.58
CA LEU B 325 -15.11 -42.51 13.19
C LEU B 325 -15.25 -43.53 14.34
N ASP B 326 -15.12 -43.07 15.61
CA ASP B 326 -15.24 -43.89 16.83
C ASP B 326 -16.68 -44.36 17.06
N THR B 327 -17.65 -43.44 16.85
CA THR B 327 -19.09 -43.66 17.01
C THR B 327 -19.60 -44.71 15.99
N LEU B 328 -19.01 -44.72 14.78
CA LEU B 328 -19.36 -45.69 13.74
C LEU B 328 -18.82 -47.08 14.06
N LEU B 329 -17.62 -47.16 14.66
CA LEU B 329 -16.96 -48.42 15.00
C LEU B 329 -17.47 -49.09 16.31
N PHE B 330 -18.58 -48.58 16.87
CA PHE B 330 -19.25 -49.13 18.05
C PHE B 330 -20.00 -50.41 17.66
N ALA B 331 -20.40 -50.50 16.36
CA ALA B 331 -21.10 -51.63 15.75
C ALA B 331 -20.18 -52.42 14.82
N THR B 332 -20.30 -53.76 14.83
CA THR B 332 -19.50 -54.65 13.99
C THR B 332 -20.36 -55.72 13.33
N GLU C 4 -38.79 26.06 -53.88
CA GLU C 4 -38.11 25.04 -54.69
C GLU C 4 -37.29 24.08 -53.84
N ALA C 5 -37.95 23.47 -52.83
CA ALA C 5 -37.35 22.51 -51.88
C ALA C 5 -37.48 21.07 -52.39
N ARG C 6 -38.73 20.56 -52.55
CA ARG C 6 -38.99 19.20 -53.06
C ARG C 6 -38.65 19.14 -54.56
N ALA C 7 -38.75 20.29 -55.24
CA ALA C 7 -38.43 20.47 -56.66
C ALA C 7 -36.95 20.12 -56.93
N ALA C 8 -36.05 20.57 -56.06
CA ALA C 8 -34.59 20.32 -56.13
C ALA C 8 -34.26 18.84 -55.93
N LEU C 9 -34.91 18.17 -54.95
CA LEU C 9 -34.69 16.76 -54.64
C LEU C 9 -35.13 15.86 -55.80
N ASN C 10 -36.27 16.17 -56.43
CA ASN C 10 -36.75 15.37 -57.55
C ASN C 10 -35.86 15.54 -58.76
N GLN C 11 -35.23 16.74 -58.90
CA GLN C 11 -34.27 17.11 -59.96
C GLN C 11 -32.89 16.46 -59.74
N ALA C 12 -32.42 16.47 -58.46
CA ALA C 12 -31.16 15.86 -58.01
C ALA C 12 -31.16 14.35 -58.25
N LEU C 13 -32.29 13.68 -57.92
CA LEU C 13 -32.51 12.24 -58.10
C LEU C 13 -32.49 11.83 -59.58
N GLU C 14 -33.07 12.71 -60.45
CA GLU C 14 -33.12 12.50 -61.91
C GLU C 14 -31.72 12.65 -62.53
N MET C 15 -30.95 13.65 -62.04
CA MET C 15 -29.58 13.92 -62.47
C MET C 15 -28.65 12.74 -62.10
N LYS C 16 -28.87 12.15 -60.90
CA LYS C 16 -28.17 10.97 -60.36
C LYS C 16 -28.37 9.76 -61.28
N ARG C 17 -29.57 9.64 -61.90
CA ARG C 17 -29.91 8.57 -62.85
C ARG C 17 -29.13 8.76 -64.16
N GLN C 18 -28.43 7.69 -64.59
CA GLN C 18 -27.56 7.59 -65.78
C GLN C 18 -26.24 8.36 -65.74
N GLY C 19 -26.22 9.57 -65.17
CA GLY C 19 -25.00 10.37 -65.10
C GLY C 19 -25.02 11.53 -64.14
N LYS C 20 -24.73 12.74 -64.67
CA LYS C 20 -24.68 14.07 -64.03
C LYS C 20 -24.41 14.14 -62.50
N ARG C 21 -23.24 13.60 -62.08
CA ARG C 21 -22.77 13.51 -60.68
C ARG C 21 -22.68 14.85 -59.94
N GLU C 22 -21.84 15.79 -60.45
CA GLU C 22 -21.65 17.10 -59.83
C GLU C 22 -22.86 18.02 -59.94
N LYS C 23 -23.74 17.77 -60.94
CA LYS C 23 -24.98 18.51 -61.15
C LYS C 23 -25.99 18.16 -60.05
N ALA C 24 -25.98 16.89 -59.62
CA ALA C 24 -26.83 16.33 -58.57
C ALA C 24 -26.31 16.71 -57.18
N GLN C 25 -24.97 16.62 -56.98
CA GLN C 25 -24.33 16.96 -55.71
C GLN C 25 -24.64 18.40 -55.27
N LYS C 26 -24.59 19.36 -56.21
CA LYS C 26 -24.92 20.77 -55.93
C LYS C 26 -26.44 20.96 -55.78
N LEU C 27 -27.26 20.10 -56.45
CA LEU C 27 -28.73 20.10 -56.39
C LEU C 27 -29.22 19.59 -55.05
N PHE C 28 -28.56 18.54 -54.53
CA PHE C 28 -28.83 17.94 -53.21
C PHE C 28 -28.52 18.98 -52.13
N MET C 29 -27.36 19.68 -52.28
CA MET C 29 -26.89 20.74 -51.38
C MET C 29 -27.86 21.91 -51.38
N HIS C 30 -28.47 22.21 -52.54
CA HIS C 30 -29.47 23.27 -52.68
C HIS C 30 -30.72 22.92 -51.86
N ALA C 31 -31.27 21.68 -52.01
CA ALA C 31 -32.46 21.19 -51.29
C ALA C 31 -32.28 21.25 -49.76
N LEU C 32 -31.05 21.03 -49.27
CA LEU C 32 -30.70 21.12 -47.84
C LEU C 32 -30.39 22.57 -47.40
N LYS C 33 -29.97 23.43 -48.36
CA LYS C 33 -29.74 24.85 -48.08
C LYS C 33 -31.10 25.55 -47.95
N MET C 34 -32.11 25.03 -48.68
CA MET C 34 -33.51 25.48 -48.70
C MET C 34 -34.20 25.08 -47.40
N ASP C 35 -33.97 23.83 -46.95
CA ASP C 35 -34.53 23.22 -45.75
C ASP C 35 -33.58 22.11 -45.24
N PRO C 36 -32.78 22.37 -44.18
CA PRO C 36 -31.89 21.30 -43.66
C PRO C 36 -32.62 20.21 -42.85
N ASP C 37 -33.95 20.38 -42.65
CA ASP C 37 -34.80 19.42 -41.95
C ASP C 37 -35.69 18.67 -42.95
N PHE C 38 -35.13 18.36 -44.13
CA PHE C 38 -35.80 17.65 -45.21
C PHE C 38 -35.41 16.16 -45.18
N VAL C 39 -36.08 15.38 -44.30
CA VAL C 39 -35.90 13.94 -44.04
C VAL C 39 -35.64 13.09 -45.31
N ASP C 40 -36.36 13.40 -46.41
CA ASP C 40 -36.24 12.72 -47.71
C ASP C 40 -35.00 13.10 -48.49
N ALA C 41 -34.51 14.36 -48.36
CA ALA C 41 -33.28 14.82 -49.01
C ALA C 41 -32.06 14.18 -48.32
N LEU C 42 -32.04 14.24 -46.96
CA LEU C 42 -30.99 13.69 -46.10
C LEU C 42 -30.73 12.23 -46.39
N THR C 43 -31.79 11.38 -46.46
CA THR C 43 -31.64 9.95 -46.79
C THR C 43 -31.23 9.72 -48.22
N GLU C 44 -31.71 10.57 -49.15
CA GLU C 44 -31.37 10.46 -50.56
C GLU C 44 -29.90 10.85 -50.78
N PHE C 45 -29.46 11.95 -50.15
CA PHE C 45 -28.08 12.42 -50.23
C PHE C 45 -27.12 11.42 -49.53
N GLY C 46 -27.60 10.82 -48.43
CA GLY C 46 -26.89 9.79 -47.70
C GLY C 46 -26.64 8.58 -48.58
N ILE C 47 -27.69 8.07 -49.28
CA ILE C 47 -27.57 6.91 -50.19
C ILE C 47 -26.69 7.24 -51.38
N PHE C 48 -26.72 8.51 -51.84
CA PHE C 48 -25.90 9.06 -52.95
C PHE C 48 -24.41 9.10 -52.58
N SER C 49 -24.08 9.62 -51.37
CA SER C 49 -22.70 9.79 -50.85
C SER C 49 -22.00 8.47 -50.61
N GLU C 50 -22.77 7.44 -50.20
CA GLU C 50 -22.29 6.07 -49.95
C GLU C 50 -21.75 5.43 -51.23
N GLU C 51 -22.21 5.88 -52.41
CA GLU C 51 -21.77 5.41 -53.71
C GLU C 51 -20.34 5.91 -54.02
N ASP C 52 -20.00 7.16 -53.62
CA ASP C 52 -18.66 7.78 -53.81
C ASP C 52 -17.63 7.33 -52.73
N LYS C 53 -17.99 6.23 -51.98
CA LYS C 53 -17.25 5.59 -50.89
C LYS C 53 -17.21 6.36 -49.55
N ASP C 54 -18.05 7.44 -49.39
CA ASP C 54 -18.11 8.24 -48.15
C ASP C 54 -19.20 7.74 -47.19
N ILE C 55 -18.91 6.66 -46.45
CA ILE C 55 -19.87 6.10 -45.51
C ILE C 55 -20.09 7.07 -44.29
N ILE C 56 -18.99 7.66 -43.78
CA ILE C 56 -19.03 8.60 -42.66
C ILE C 56 -20.06 9.73 -42.84
N GLN C 57 -20.04 10.44 -44.01
CA GLN C 57 -20.99 11.50 -44.35
C GLN C 57 -22.40 10.95 -44.43
N ALA C 58 -22.56 9.74 -45.05
CA ALA C 58 -23.84 9.08 -45.24
C ALA C 58 -24.51 8.86 -43.88
N ASP C 59 -23.77 8.27 -42.94
CA ASP C 59 -24.23 8.00 -41.59
C ASP C 59 -24.68 9.28 -40.89
N TYR C 60 -23.92 10.39 -41.06
CA TYR C 60 -24.24 11.72 -40.50
C TYR C 60 -25.63 12.13 -40.93
N LEU C 61 -25.91 11.97 -42.25
CA LEU C 61 -27.19 12.27 -42.91
C LEU C 61 -28.30 11.38 -42.38
N TYR C 62 -28.12 10.03 -42.38
CA TYR C 62 -29.15 9.11 -41.85
C TYR C 62 -29.49 9.46 -40.39
N THR C 63 -28.45 9.78 -39.58
CA THR C 63 -28.54 10.20 -38.17
C THR C 63 -29.32 11.51 -38.07
N ARG C 64 -28.94 12.55 -38.88
CA ARG C 64 -29.64 13.83 -38.89
C ARG C 64 -31.13 13.61 -39.22
N ALA C 65 -31.40 12.74 -40.21
CA ALA C 65 -32.75 12.39 -40.60
C ALA C 65 -33.55 11.77 -39.45
N LEU C 66 -32.95 10.82 -38.69
CA LEU C 66 -33.61 10.15 -37.56
C LEU C 66 -33.95 11.03 -36.37
N THR C 67 -33.14 12.05 -36.06
CA THR C 67 -33.39 12.97 -34.95
C THR C 67 -34.65 13.79 -35.24
N ILE C 68 -34.86 14.13 -36.53
CA ILE C 68 -36.03 14.87 -37.03
C ILE C 68 -37.23 13.91 -36.97
N SER C 69 -37.16 12.78 -37.71
CA SER C 69 -38.21 11.75 -37.80
C SER C 69 -37.71 10.34 -37.34
N PRO C 70 -37.96 9.96 -36.05
CA PRO C 70 -37.44 8.67 -35.54
C PRO C 70 -37.93 7.38 -36.18
N TYR C 71 -39.13 7.36 -36.78
CA TYR C 71 -39.64 6.12 -37.37
C TYR C 71 -39.60 6.06 -38.88
N HIS C 72 -38.83 6.97 -39.53
CA HIS C 72 -38.64 6.97 -40.98
C HIS C 72 -37.89 5.66 -41.34
N GLU C 73 -38.62 4.74 -42.02
CA GLU C 73 -38.15 3.40 -42.36
C GLU C 73 -36.87 3.37 -43.19
N LYS C 74 -36.78 4.20 -44.28
CA LYS C 74 -35.59 4.24 -45.13
C LYS C 74 -34.34 4.68 -44.36
N ALA C 75 -34.46 5.71 -43.47
CA ALA C 75 -33.38 6.18 -42.61
C ALA C 75 -33.00 5.11 -41.59
N LEU C 76 -33.98 4.36 -41.02
CA LEU C 76 -33.73 3.33 -40.03
C LEU C 76 -32.93 2.13 -40.55
N VAL C 77 -33.36 1.51 -41.66
CA VAL C 77 -32.70 0.34 -42.28
C VAL C 77 -31.28 0.65 -42.70
N ASN C 78 -31.05 1.90 -43.10
CA ASN C 78 -29.73 2.36 -43.51
C ASN C 78 -28.83 2.58 -42.25
N ARG C 79 -29.33 3.36 -41.25
CA ARG C 79 -28.65 3.68 -39.99
C ARG C 79 -28.36 2.42 -39.16
N ASP C 80 -29.28 1.44 -39.16
CA ASP C 80 -29.08 0.18 -38.44
C ASP C 80 -27.85 -0.62 -38.93
N ARG C 81 -27.35 -0.27 -40.12
CA ARG C 81 -26.20 -0.88 -40.77
C ARG C 81 -24.93 -0.02 -40.64
N THR C 82 -25.07 1.32 -40.75
CA THR C 82 -23.95 2.25 -40.66
C THR C 82 -23.45 2.49 -39.25
N LEU C 83 -24.36 2.67 -38.27
CA LEU C 83 -24.03 2.91 -36.85
C LEU C 83 -22.87 2.02 -36.36
N PRO C 84 -22.96 0.65 -36.41
CA PRO C 84 -21.82 -0.17 -35.95
C PRO C 84 -20.58 -0.04 -36.83
N LEU C 85 -20.76 -0.01 -38.16
CA LEU C 85 -19.68 0.11 -39.12
C LEU C 85 -18.88 1.42 -38.94
N VAL C 86 -19.57 2.57 -38.79
CA VAL C 86 -18.95 3.89 -38.60
C VAL C 86 -18.18 3.97 -37.26
N GLU C 87 -18.73 3.30 -36.17
CA GLU C 87 -18.13 3.20 -34.83
C GLU C 87 -16.80 2.43 -34.92
N GLU C 88 -16.71 1.40 -35.80
CA GLU C 88 -15.50 0.61 -36.01
C GLU C 88 -14.51 1.43 -36.78
N ILE C 89 -14.95 2.14 -37.82
CA ILE C 89 -14.09 3.02 -38.64
C ILE C 89 -13.41 4.04 -37.73
N ASP C 90 -14.20 4.71 -36.88
CA ASP C 90 -13.72 5.71 -35.92
C ASP C 90 -12.71 5.07 -35.00
N GLN C 91 -13.07 3.89 -34.38
CA GLN C 91 -12.21 3.11 -33.44
C GLN C 91 -10.89 2.68 -34.06
N ARG C 92 -10.86 2.44 -35.38
CA ARG C 92 -9.64 2.05 -36.11
C ARG C 92 -8.70 3.22 -36.24
N TYR C 93 -9.24 4.43 -36.54
CA TYR C 93 -8.46 5.67 -36.72
C TYR C 93 -7.75 6.01 -35.43
N PHE C 94 -8.43 5.74 -34.29
CA PHE C 94 -7.89 5.98 -32.98
C PHE C 94 -6.73 5.10 -32.74
N SER C 95 -6.79 3.85 -33.20
CA SER C 95 -5.68 2.89 -33.07
C SER C 95 -4.46 3.31 -33.94
N ILE C 96 -4.73 3.92 -35.13
CA ILE C 96 -3.69 4.42 -36.05
C ILE C 96 -2.94 5.56 -35.37
N ILE C 97 -3.68 6.45 -34.66
CA ILE C 97 -3.16 7.58 -33.87
C ILE C 97 -2.30 7.03 -32.70
N ASP C 98 -2.81 6.02 -31.98
CA ASP C 98 -2.10 5.38 -30.87
C ASP C 98 -0.75 4.80 -31.27
N SER C 99 -0.68 4.13 -32.44
CA SER C 99 0.55 3.55 -33.01
C SER C 99 1.58 4.64 -33.31
N LYS C 100 1.13 5.82 -33.77
CA LYS C 100 1.99 6.98 -34.06
C LYS C 100 2.47 7.65 -32.74
N VAL C 101 1.61 7.68 -31.68
CA VAL C 101 1.97 8.24 -30.38
C VAL C 101 2.97 7.32 -29.67
N LYS C 102 2.94 6.01 -30.02
CA LYS C 102 3.87 4.99 -29.55
C LYS C 102 5.20 5.27 -30.23
N LYS C 103 5.18 5.68 -31.52
CA LYS C 103 6.37 6.02 -32.31
C LYS C 103 6.99 7.34 -31.84
N VAL C 104 6.16 8.31 -31.44
CA VAL C 104 6.60 9.62 -30.92
C VAL C 104 7.09 9.52 -29.43
N MET C 105 6.65 8.48 -28.70
CA MET C 105 7.06 8.20 -27.32
C MET C 105 8.53 7.78 -27.29
N SER C 106 8.92 7.04 -28.34
CA SER C 106 10.27 6.55 -28.52
C SER C 106 11.05 7.65 -29.24
N ILE C 107 11.35 7.46 -30.55
CA ILE C 107 12.19 8.33 -31.38
C ILE C 107 13.49 8.49 -30.54
N PRO C 108 13.85 9.63 -29.90
CA PRO C 108 15.03 9.60 -29.04
C PRO C 108 14.65 9.50 -27.54
N LYS C 109 14.56 10.69 -26.89
CA LYS C 109 14.30 11.16 -25.52
C LYS C 109 15.27 12.36 -25.32
N GLY C 110 15.56 13.02 -26.45
CA GLY C 110 16.50 14.12 -26.63
C GLY C 110 17.22 13.81 -27.94
N ASN C 111 16.86 14.51 -29.05
CA ASN C 111 17.40 14.23 -30.40
C ASN C 111 18.30 15.25 -31.05
N SER C 112 18.07 16.56 -30.83
CA SER C 112 18.72 17.71 -31.50
C SER C 112 17.87 18.14 -32.70
N ALA C 113 17.33 17.16 -33.46
CA ALA C 113 16.46 17.38 -34.62
C ALA C 113 15.00 17.55 -34.17
N LEU C 114 14.58 16.77 -33.14
CA LEU C 114 13.24 16.81 -32.55
C LEU C 114 13.11 18.06 -31.68
N ARG C 115 14.20 18.45 -30.99
CA ARG C 115 14.28 19.63 -30.13
C ARG C 115 14.07 20.93 -30.93
N ARG C 116 14.61 20.95 -32.18
CA ARG C 116 14.50 22.08 -33.12
C ARG C 116 13.06 22.19 -33.66
N VAL C 117 12.32 21.06 -33.68
CA VAL C 117 10.92 20.99 -34.12
C VAL C 117 10.04 21.51 -32.97
N MET C 118 10.29 21.02 -31.74
CA MET C 118 9.54 21.39 -30.53
C MET C 118 9.54 22.90 -30.22
N GLU C 119 10.71 23.55 -30.34
CA GLU C 119 10.85 24.99 -30.09
C GLU C 119 10.16 25.84 -31.14
N GLU C 120 10.25 25.47 -32.43
CA GLU C 120 9.60 26.21 -33.52
C GLU C 120 8.08 26.00 -33.52
N THR C 121 7.59 24.78 -33.15
CA THR C 121 6.16 24.46 -33.05
C THR C 121 5.47 25.18 -31.89
N TYR C 122 6.26 25.67 -30.90
CA TYR C 122 5.76 26.45 -29.78
C TYR C 122 5.34 27.81 -30.33
N TYR C 123 6.25 28.50 -31.06
CA TYR C 123 6.02 29.79 -31.70
C TYR C 123 4.93 29.68 -32.78
N HIS C 124 4.90 28.55 -33.48
CA HIS C 124 3.92 28.18 -34.50
C HIS C 124 2.50 28.06 -33.88
N HIS C 125 2.33 27.29 -32.75
CA HIS C 125 1.06 27.12 -32.06
C HIS C 125 0.42 28.49 -31.73
N ILE C 126 1.25 29.46 -31.24
CA ILE C 126 0.78 30.83 -30.96
C ILE C 126 0.30 31.48 -32.25
N TYR C 127 1.11 31.41 -33.33
CA TYR C 127 0.75 32.00 -34.63
C TYR C 127 -0.65 31.64 -35.07
N HIS C 128 -0.97 30.34 -35.06
CA HIS C 128 -2.25 29.82 -35.50
C HIS C 128 -3.40 30.11 -34.59
N THR C 129 -3.21 29.96 -33.25
CA THR C 129 -4.27 30.22 -32.25
C THR C 129 -4.71 31.66 -32.23
N VAL C 130 -3.80 32.59 -32.54
CA VAL C 130 -4.13 34.00 -32.56
C VAL C 130 -4.70 34.38 -33.91
N ALA C 131 -4.07 33.92 -35.02
CA ALA C 131 -4.47 34.18 -36.42
C ALA C 131 -5.89 33.69 -36.74
N ILE C 132 -6.28 32.52 -36.18
CA ILE C 132 -7.61 31.95 -36.29
C ILE C 132 -8.73 32.91 -35.75
N GLU C 133 -8.34 33.83 -34.88
CA GLU C 133 -9.20 34.85 -34.30
C GLU C 133 -9.13 36.18 -35.03
N GLY C 134 -8.22 36.28 -36.01
CA GLY C 134 -8.00 37.47 -36.85
C GLY C 134 -6.72 38.26 -36.63
N ASN C 135 -5.68 37.69 -35.99
CA ASN C 135 -4.45 38.40 -35.73
C ASN C 135 -3.59 38.50 -36.98
N THR C 136 -3.34 39.74 -37.44
CA THR C 136 -2.56 40.04 -38.67
C THR C 136 -1.04 39.80 -38.53
N LEU C 137 -0.57 39.49 -37.31
CA LEU C 137 0.87 39.26 -37.07
C LEU C 137 1.44 38.04 -37.80
N THR C 138 2.71 38.14 -38.18
CA THR C 138 3.44 37.06 -38.87
C THR C 138 4.22 36.24 -37.85
N LEU C 139 4.69 35.05 -38.26
CA LEU C 139 5.46 34.14 -37.41
C LEU C 139 6.81 34.75 -37.03
N SER C 140 7.41 35.56 -37.94
CA SER C 140 8.69 36.25 -37.68
C SER C 140 8.50 37.39 -36.65
N GLU C 141 7.36 38.11 -36.76
CA GLU C 141 6.99 39.18 -35.84
C GLU C 141 6.71 38.57 -34.44
N ILE C 142 6.03 37.41 -34.36
CA ILE C 142 5.71 36.71 -33.13
C ILE C 142 6.99 36.24 -32.46
N ARG C 143 7.91 35.69 -33.27
CA ARG C 143 9.22 35.20 -32.83
C ARG C 143 10.07 36.36 -32.27
N HIS C 144 9.88 37.58 -32.84
CA HIS C 144 10.57 38.80 -32.40
C HIS C 144 10.03 39.26 -31.06
N ILE C 145 8.69 39.52 -31.00
CA ILE C 145 7.92 39.95 -29.83
C ILE C 145 8.27 39.12 -28.59
N LEU C 146 8.28 37.80 -28.73
CA LEU C 146 8.56 36.89 -27.61
C LEU C 146 10.02 36.82 -27.19
N GLU C 147 10.96 37.21 -28.09
CA GLU C 147 12.42 37.14 -27.83
C GLU C 147 13.05 38.45 -27.36
N THR C 148 12.69 39.55 -28.00
CA THR C 148 13.20 40.88 -27.68
C THR C 148 12.37 41.59 -26.61
N ARG C 149 11.05 41.31 -26.60
CA ARG C 149 10.01 41.92 -25.76
C ARG C 149 9.78 43.36 -26.24
N TYR C 150 10.34 43.70 -27.43
CA TYR C 150 10.20 44.98 -28.09
C TYR C 150 9.01 44.94 -29.02
N ALA C 151 8.40 46.10 -29.23
CA ALA C 151 7.23 46.23 -30.06
C ALA C 151 7.55 46.15 -31.56
N VAL C 152 6.70 45.42 -32.29
CA VAL C 152 6.80 45.29 -33.73
C VAL C 152 6.23 46.57 -34.34
N PRO C 153 7.06 47.30 -35.12
CA PRO C 153 6.60 48.57 -35.72
C PRO C 153 5.48 48.40 -36.72
N GLY C 154 4.49 49.29 -36.64
CA GLY C 154 3.36 49.30 -37.55
C GLY C 154 2.14 48.49 -37.19
N LYS C 155 2.27 47.59 -36.18
CA LYS C 155 1.14 46.76 -35.73
C LYS C 155 0.54 47.26 -34.41
N SER C 156 -0.79 47.06 -34.21
CA SER C 156 -1.49 47.50 -33.00
C SER C 156 -1.02 46.80 -31.73
N LEU C 157 -1.12 47.51 -30.57
CA LEU C 157 -0.70 47.00 -29.26
C LEU C 157 -1.50 45.78 -28.84
N GLU C 158 -2.84 45.83 -29.04
CA GLU C 158 -3.80 44.76 -28.74
C GLU C 158 -3.36 43.41 -29.33
N GLU C 159 -2.94 43.40 -30.59
CA GLU C 159 -2.49 42.21 -31.34
C GLU C 159 -1.22 41.60 -30.76
N GLN C 160 -0.33 42.45 -30.25
CA GLN C 160 0.93 41.98 -29.72
C GLN C 160 0.76 41.52 -28.30
N ASN C 161 -0.24 42.09 -27.61
CA ASN C 161 -0.63 41.75 -26.24
C ASN C 161 -1.40 40.41 -26.21
N GLU C 162 -2.06 40.04 -27.34
CA GLU C 162 -2.71 38.73 -27.53
C GLU C 162 -1.60 37.67 -27.51
N VAL C 163 -0.45 37.96 -28.14
CA VAL C 163 0.73 37.08 -28.24
C VAL C 163 1.40 36.83 -26.86
N ILE C 164 1.66 37.91 -26.09
CA ILE C 164 2.28 37.87 -24.75
C ILE C 164 1.38 37.02 -23.84
N GLY C 165 0.06 37.26 -23.98
CA GLY C 165 -0.99 36.61 -23.23
C GLY C 165 -0.97 35.13 -23.43
N MET C 166 -0.88 34.68 -24.68
CA MET C 166 -0.80 33.26 -24.99
C MET C 166 0.39 32.60 -24.28
N HIS C 167 1.58 33.13 -24.52
CA HIS C 167 2.84 32.73 -23.94
C HIS C 167 2.80 32.56 -22.39
N ALA C 168 2.16 33.53 -21.68
CA ALA C 168 1.99 33.56 -20.23
C ALA C 168 1.08 32.43 -19.81
N ALA C 169 0.08 32.11 -20.67
CA ALA C 169 -0.92 31.07 -20.46
C ALA C 169 -0.29 29.70 -20.59
N MET C 170 0.50 29.49 -21.64
CA MET C 170 1.11 28.18 -21.86
C MET C 170 2.29 27.90 -20.97
N LYS C 171 3.01 28.97 -20.55
CA LYS C 171 4.12 28.81 -19.59
C LYS C 171 3.52 28.44 -18.22
N TYR C 172 2.28 28.93 -17.94
CA TYR C 172 1.56 28.63 -16.71
C TYR C 172 1.12 27.19 -16.71
N ILE C 173 0.42 26.73 -17.78
CA ILE C 173 -0.08 25.35 -17.91
C ILE C 173 1.06 24.32 -17.76
N ASN C 174 2.18 24.55 -18.48
CA ASN C 174 3.35 23.66 -18.45
C ASN C 174 4.10 23.54 -17.12
N THR C 175 4.13 24.62 -16.32
CA THR C 175 4.82 24.66 -15.02
C THR C 175 3.90 24.22 -13.86
N THR C 176 2.68 24.75 -13.79
CA THR C 176 1.72 24.48 -12.73
C THR C 176 0.80 23.28 -12.95
N LEU C 177 0.04 23.32 -14.05
CA LEU C 177 -1.05 22.41 -14.43
C LEU C 177 -0.75 21.01 -14.99
N VAL C 178 0.07 20.89 -16.07
CA VAL C 178 0.39 19.64 -16.78
C VAL C 178 0.61 18.41 -15.86
N SER C 179 1.70 18.46 -15.08
CA SER C 179 2.21 17.43 -14.17
C SER C 179 1.44 17.31 -12.85
N ARG C 180 0.61 18.34 -12.51
CA ARG C 180 -0.19 18.39 -11.28
C ARG C 180 -1.11 17.20 -11.13
N ILE C 181 -1.09 16.63 -9.94
CA ILE C 181 -1.90 15.47 -9.59
C ILE C 181 -3.17 16.02 -8.95
N GLY C 182 -4.28 15.35 -9.23
CA GLY C 182 -5.59 15.72 -8.72
C GLY C 182 -6.62 16.09 -9.77
N SER C 183 -7.73 16.67 -9.30
CA SER C 183 -8.85 17.08 -10.13
C SER C 183 -8.70 18.51 -10.69
N VAL C 184 -9.12 18.72 -11.95
CA VAL C 184 -9.12 20.02 -12.63
C VAL C 184 -10.29 20.80 -12.04
N THR C 185 -10.03 22.05 -11.61
CA THR C 185 -11.04 22.92 -10.98
C THR C 185 -11.40 24.14 -11.81
N ILE C 186 -12.46 24.84 -11.38
CA ILE C 186 -12.99 26.06 -11.98
C ILE C 186 -11.94 27.19 -11.87
N SER C 187 -11.07 27.14 -10.83
CA SER C 187 -10.03 28.12 -10.55
C SER C 187 -8.91 28.02 -11.58
N ASP C 188 -8.62 26.79 -12.04
CA ASP C 188 -7.60 26.49 -13.04
C ASP C 188 -7.97 27.14 -14.39
N VAL C 189 -9.24 27.03 -14.80
CA VAL C 189 -9.78 27.60 -16.05
C VAL C 189 -9.75 29.13 -16.01
N LEU C 190 -10.11 29.72 -14.86
CA LEU C 190 -10.12 31.17 -14.65
C LEU C 190 -8.69 31.70 -14.63
N GLU C 191 -7.74 30.87 -14.18
CA GLU C 191 -6.32 31.17 -14.10
C GLU C 191 -5.66 31.17 -15.50
N ILE C 192 -6.09 30.24 -16.43
CA ILE C 192 -5.62 30.16 -17.82
C ILE C 192 -6.15 31.42 -18.53
N HIS C 193 -7.46 31.72 -18.36
CA HIS C 193 -8.09 32.91 -18.95
C HIS C 193 -7.50 34.19 -18.42
N ARG C 194 -7.10 34.22 -17.15
CA ARG C 194 -6.46 35.37 -16.52
C ARG C 194 -5.22 35.76 -17.32
N ARG C 195 -4.44 34.80 -17.84
CA ARG C 195 -3.24 35.10 -18.62
C ARG C 195 -3.56 35.33 -20.09
N VAL C 196 -4.45 34.48 -20.69
CA VAL C 196 -4.88 34.61 -22.10
C VAL C 196 -5.28 36.03 -22.48
N LEU C 197 -6.23 36.61 -21.74
CA LEU C 197 -6.86 37.90 -21.95
C LEU C 197 -6.39 39.08 -21.08
N GLY C 198 -5.53 38.80 -20.10
CA GLY C 198 -4.97 39.77 -19.18
C GLY C 198 -4.24 40.97 -19.76
N TYR C 199 -3.54 40.81 -20.88
CA TYR C 199 -2.78 41.95 -21.45
C TYR C 199 -3.61 42.76 -22.43
N VAL C 200 -4.81 42.24 -22.78
CA VAL C 200 -5.69 42.88 -23.77
C VAL C 200 -6.89 43.54 -23.06
N ASP C 201 -7.45 42.88 -22.02
CA ASP C 201 -8.60 43.35 -21.24
C ASP C 201 -8.47 42.84 -19.80
N PRO C 202 -7.68 43.55 -18.97
CA PRO C 202 -7.48 43.09 -17.58
C PRO C 202 -8.70 43.16 -16.67
N VAL C 203 -9.71 43.89 -17.11
CA VAL C 203 -10.96 44.04 -16.37
C VAL C 203 -11.81 42.77 -16.51
N GLU C 204 -11.93 42.22 -17.72
CA GLU C 204 -12.70 40.99 -17.97
C GLU C 204 -11.88 39.70 -17.93
N ALA C 205 -10.54 39.79 -17.96
CA ALA C 205 -9.65 38.60 -17.87
C ALA C 205 -9.81 37.90 -16.53
N GLY C 206 -9.92 36.59 -16.56
CA GLY C 206 -10.09 35.81 -15.33
C GLY C 206 -11.47 35.90 -14.68
N ARG C 207 -12.48 36.42 -15.41
CA ARG C 207 -13.84 36.50 -14.89
C ARG C 207 -14.94 36.05 -15.87
N PHE C 208 -16.06 35.56 -15.30
CA PHE C 208 -17.19 35.12 -16.08
C PHE C 208 -17.99 36.28 -16.73
N ARG C 209 -18.53 36.01 -17.92
CA ARG C 209 -19.36 36.88 -18.74
C ARG C 209 -20.51 37.41 -17.90
N THR C 210 -20.78 38.70 -18.03
CA THR C 210 -21.84 39.42 -17.30
C THR C 210 -23.02 39.74 -18.23
N THR C 211 -22.76 39.81 -19.54
CA THR C 211 -23.73 40.09 -20.58
C THR C 211 -24.09 38.82 -21.35
N GLN C 212 -25.05 38.89 -22.32
CA GLN C 212 -25.40 37.78 -23.19
C GLN C 212 -24.83 38.08 -24.57
N VAL C 213 -24.22 37.07 -25.21
CA VAL C 213 -23.58 37.19 -26.51
C VAL C 213 -24.12 36.21 -27.56
N LEU C 214 -23.70 36.40 -28.81
CA LEU C 214 -23.99 35.55 -29.96
C LEU C 214 -22.64 35.11 -30.57
N VAL C 215 -22.51 33.80 -30.85
CA VAL C 215 -21.32 33.21 -31.52
C VAL C 215 -21.87 32.61 -32.81
N GLY C 216 -21.78 33.34 -33.91
CA GLY C 216 -22.39 32.87 -35.16
C GLY C 216 -23.91 32.84 -35.03
N HIS C 217 -24.50 31.65 -34.93
CA HIS C 217 -25.94 31.46 -34.76
C HIS C 217 -26.22 30.83 -33.39
N HIS C 218 -25.17 30.72 -32.56
CA HIS C 218 -25.23 30.12 -31.25
C HIS C 218 -25.38 31.14 -30.13
N ILE C 219 -26.42 30.94 -29.31
CA ILE C 219 -26.71 31.77 -28.16
C ILE C 219 -26.32 30.96 -26.89
N PRO C 220 -25.15 31.28 -26.26
CA PRO C 220 -24.69 30.51 -25.11
C PRO C 220 -25.53 30.66 -23.88
N PRO C 221 -25.33 29.87 -22.79
CA PRO C 221 -26.12 30.04 -21.56
C PRO C 221 -26.12 31.48 -21.04
N HIS C 222 -27.22 31.89 -20.37
CA HIS C 222 -27.30 33.25 -19.84
C HIS C 222 -26.27 33.46 -18.72
N PRO C 223 -25.63 34.66 -18.60
CA PRO C 223 -24.62 34.86 -17.56
C PRO C 223 -24.99 34.41 -16.14
N GLN C 224 -26.29 34.36 -15.84
CA GLN C 224 -26.84 33.90 -14.56
C GLN C 224 -26.65 32.41 -14.35
N ASP C 225 -26.59 31.65 -15.44
CA ASP C 225 -26.47 30.20 -15.42
C ASP C 225 -25.05 29.69 -15.70
N VAL C 226 -24.12 30.59 -16.14
CA VAL C 226 -22.74 30.27 -16.50
C VAL C 226 -22.03 29.51 -15.38
N GLU C 227 -22.11 30.04 -14.15
CA GLU C 227 -21.49 29.44 -12.98
C GLU C 227 -21.98 28.00 -12.77
N LYS C 228 -23.30 27.76 -12.89
CA LYS C 228 -23.85 26.41 -12.68
C LYS C 228 -23.38 25.43 -13.74
N GLN C 229 -23.37 25.87 -15.03
CA GLN C 229 -22.95 25.06 -16.18
C GLN C 229 -21.46 24.78 -16.15
N MET C 230 -20.66 25.72 -15.54
CA MET C 230 -19.23 25.55 -15.39
C MET C 230 -18.94 24.55 -14.28
N GLN C 231 -19.81 24.52 -13.25
CA GLN C 231 -19.72 23.59 -12.13
C GLN C 231 -19.95 22.15 -12.59
N GLU C 232 -20.93 21.94 -13.47
CA GLU C 232 -21.29 20.66 -14.08
C GLU C 232 -20.16 20.17 -15.02
N PHE C 233 -19.59 21.11 -15.82
CA PHE C 233 -18.48 20.84 -16.75
C PHE C 233 -17.25 20.38 -16.00
N VAL C 234 -16.83 21.11 -14.94
CA VAL C 234 -15.66 20.71 -14.15
C VAL C 234 -15.86 19.34 -13.54
N GLN C 235 -17.08 19.07 -13.06
CA GLN C 235 -17.50 17.81 -12.47
C GLN C 235 -17.41 16.69 -13.51
N TRP C 236 -17.77 16.99 -14.78
CA TRP C 236 -17.67 16.03 -15.87
C TRP C 236 -16.19 15.72 -16.22
N LEU C 237 -15.29 16.72 -16.09
CA LEU C 237 -13.87 16.55 -16.35
C LEU C 237 -13.24 15.61 -15.34
N ASN C 238 -13.71 15.70 -14.06
CA ASN C 238 -13.23 14.87 -12.95
C ASN C 238 -14.17 13.67 -12.69
N SER C 239 -14.97 13.30 -13.70
CA SER C 239 -15.87 12.15 -13.64
C SER C 239 -15.16 10.99 -14.35
N GLU C 240 -15.66 9.75 -14.14
CA GLU C 240 -15.07 8.53 -14.70
C GLU C 240 -15.61 8.10 -16.07
N GLU C 241 -16.73 8.70 -16.51
CA GLU C 241 -17.33 8.46 -17.83
C GLU C 241 -16.44 9.12 -18.87
N ALA C 242 -15.98 10.33 -18.56
CA ALA C 242 -15.09 11.11 -19.40
C ALA C 242 -13.67 10.55 -19.36
N MET C 243 -13.28 10.02 -18.21
CA MET C 243 -12.01 9.39 -17.92
C MET C 243 -11.88 8.06 -18.68
N ASN C 244 -13.03 7.42 -19.04
CA ASN C 244 -13.10 6.15 -19.79
C ASN C 244 -13.00 6.34 -21.32
N LEU C 245 -13.22 7.57 -21.82
CA LEU C 245 -13.14 7.93 -23.25
C LEU C 245 -11.69 7.90 -23.70
N HIS C 246 -11.46 7.74 -25.01
CA HIS C 246 -10.12 7.79 -25.61
C HIS C 246 -9.62 9.22 -25.45
N PRO C 247 -8.32 9.45 -25.14
CA PRO C 247 -7.81 10.83 -24.94
C PRO C 247 -8.20 11.90 -25.97
N VAL C 248 -8.19 11.58 -27.28
CA VAL C 248 -8.59 12.51 -28.35
C VAL C 248 -10.09 12.85 -28.23
N GLU C 249 -10.96 11.87 -27.94
CA GLU C 249 -12.41 12.09 -27.80
C GLU C 249 -12.72 12.96 -26.58
N PHE C 250 -12.01 12.74 -25.47
CA PHE C 250 -12.22 13.53 -24.24
C PHE C 250 -11.78 14.97 -24.49
N ALA C 251 -10.57 15.18 -25.05
CA ALA C 251 -10.01 16.48 -25.37
C ALA C 251 -10.91 17.28 -26.32
N ALA C 252 -11.47 16.64 -27.39
CA ALA C 252 -12.40 17.31 -28.31
C ALA C 252 -13.72 17.72 -27.60
N LEU C 253 -14.32 16.79 -26.77
CA LEU C 253 -15.54 17.02 -25.98
C LEU C 253 -15.36 18.16 -24.95
N ALA C 254 -14.26 18.15 -24.19
CA ALA C 254 -13.91 19.22 -23.28
C ALA C 254 -13.91 20.55 -24.01
N HIS C 255 -13.22 20.62 -25.16
CA HIS C 255 -13.11 21.83 -26.00
C HIS C 255 -14.50 22.27 -26.49
N TYR C 256 -15.31 21.34 -27.03
CA TYR C 256 -16.64 21.73 -27.50
C TYR C 256 -17.47 22.26 -26.33
N LYS C 257 -17.63 21.46 -25.26
CA LYS C 257 -18.40 21.87 -24.08
C LYS C 257 -18.04 23.26 -23.57
N LEU C 258 -16.72 23.60 -23.37
CA LEU C 258 -16.31 24.96 -22.88
C LEU C 258 -16.80 26.01 -23.87
N VAL C 259 -16.43 25.88 -25.15
CA VAL C 259 -16.78 26.76 -26.27
C VAL C 259 -18.29 26.97 -26.36
N TYR C 260 -19.06 25.93 -26.07
CA TYR C 260 -20.53 25.96 -26.06
C TYR C 260 -21.05 26.88 -24.94
N ILE C 261 -20.53 26.71 -23.71
CA ILE C 261 -20.87 27.52 -22.53
C ILE C 261 -20.48 28.99 -22.77
N HIS C 262 -19.36 29.23 -23.46
CA HIS C 262 -18.85 30.58 -23.78
C HIS C 262 -18.87 31.43 -22.50
N PRO C 263 -18.12 31.03 -21.45
CA PRO C 263 -18.20 31.76 -20.16
C PRO C 263 -17.49 33.10 -20.13
N PHE C 264 -16.81 33.49 -21.20
CA PHE C 264 -16.01 34.72 -21.20
C PHE C 264 -16.42 35.64 -22.33
N ILE C 265 -16.23 36.96 -22.17
CA ILE C 265 -16.52 37.95 -23.21
C ILE C 265 -15.64 37.66 -24.42
N ASP C 266 -14.35 37.33 -24.16
CA ASP C 266 -13.33 37.03 -25.17
C ASP C 266 -12.37 35.92 -24.72
N GLY C 267 -11.67 35.31 -25.67
CA GLY C 267 -10.69 34.28 -25.37
C GLY C 267 -11.24 32.92 -25.04
N ASN C 268 -12.47 32.60 -25.47
CA ASN C 268 -13.12 31.28 -25.26
C ASN C 268 -12.43 30.19 -26.08
N GLY C 269 -12.27 30.44 -27.38
CA GLY C 269 -11.60 29.54 -28.31
C GLY C 269 -10.16 29.25 -27.94
N ARG C 270 -9.40 30.30 -27.52
CA ARG C 270 -8.00 30.21 -27.09
C ARG C 270 -7.89 29.40 -25.82
N THR C 271 -8.77 29.63 -24.79
CA THR C 271 -8.76 28.88 -23.52
C THR C 271 -9.12 27.47 -23.74
N SER C 272 -10.09 27.18 -24.65
CA SER C 272 -10.55 25.83 -24.95
C SER C 272 -9.44 25.07 -25.61
N ARG C 273 -8.83 25.64 -26.70
CA ARG C 273 -7.69 25.05 -27.42
C ARG C 273 -6.55 24.70 -26.47
N LEU C 274 -6.30 25.53 -25.41
CA LEU C 274 -5.28 25.28 -24.40
C LEU C 274 -5.72 24.20 -23.44
N LEU C 275 -7.01 24.17 -23.05
CA LEU C 275 -7.55 23.13 -22.18
C LEU C 275 -7.54 21.79 -22.94
N MET C 276 -7.76 21.83 -24.25
CA MET C 276 -7.70 20.63 -25.07
C MET C 276 -6.27 20.04 -24.98
N ASN C 277 -5.22 20.90 -25.18
CA ASN C 277 -3.82 20.49 -25.12
C ASN C 277 -3.44 19.97 -23.73
N LEU C 278 -4.08 20.52 -22.64
CA LEU C 278 -3.87 20.08 -21.26
C LEU C 278 -4.27 18.60 -21.15
N ILE C 279 -5.51 18.26 -21.65
CA ILE C 279 -6.09 16.93 -21.66
C ILE C 279 -5.18 15.97 -22.42
N LEU C 280 -4.76 16.35 -23.64
CA LEU C 280 -3.89 15.55 -24.50
C LEU C 280 -2.54 15.23 -23.83
N MET C 281 -1.78 16.27 -23.45
CA MET C 281 -0.48 16.18 -22.79
C MET C 281 -0.53 15.41 -21.49
N GLN C 282 -1.63 15.49 -20.72
CA GLN C 282 -1.79 14.70 -19.49
C GLN C 282 -1.86 13.20 -19.77
N ALA C 283 -2.35 12.81 -20.96
CA ALA C 283 -2.45 11.42 -21.37
C ALA C 283 -1.29 11.00 -22.29
N GLY C 284 -0.26 11.83 -22.32
CA GLY C 284 0.94 11.58 -23.11
C GLY C 284 0.77 11.71 -24.61
N TYR C 285 0.20 12.83 -25.05
CA TYR C 285 0.04 13.13 -26.46
C TYR C 285 0.72 14.47 -26.70
N PRO C 286 1.32 14.73 -27.89
CA PRO C 286 1.93 16.06 -28.10
C PRO C 286 0.87 17.19 -28.13
N PRO C 287 1.19 18.46 -27.83
CA PRO C 287 0.16 19.50 -27.97
C PRO C 287 -0.24 19.65 -29.44
N ILE C 288 -1.51 19.98 -29.70
CA ILE C 288 -2.09 20.06 -31.03
C ILE C 288 -2.38 21.47 -31.53
N THR C 289 -2.25 21.68 -32.86
CA THR C 289 -2.44 23.00 -33.47
C THR C 289 -3.50 22.98 -34.60
N ILE C 290 -4.61 23.73 -34.45
CA ILE C 290 -5.63 23.93 -35.48
C ILE C 290 -5.12 25.12 -36.26
N ARG C 291 -4.87 24.96 -37.56
CA ARG C 291 -4.27 26.01 -38.39
C ARG C 291 -5.22 27.10 -38.80
N LYS C 292 -4.65 28.29 -39.14
CA LYS C 292 -5.31 29.51 -39.63
C LYS C 292 -6.21 29.15 -40.84
N GLU C 293 -5.65 28.35 -41.78
CA GLU C 293 -6.29 27.87 -43.02
C GLU C 293 -7.51 26.95 -42.74
N GLN C 294 -7.44 26.16 -41.63
CA GLN C 294 -8.49 25.22 -41.20
C GLN C 294 -9.73 25.96 -40.54
N ARG C 295 -9.67 27.31 -40.33
CA ARG C 295 -10.74 28.10 -39.70
C ARG C 295 -12.13 27.73 -40.20
N SER C 296 -12.38 27.87 -41.50
CA SER C 296 -13.67 27.57 -42.13
C SER C 296 -14.22 26.19 -41.79
N ASP C 297 -13.38 25.12 -41.80
CA ASP C 297 -13.80 23.74 -41.45
C ASP C 297 -14.11 23.62 -39.97
N TYR C 298 -13.27 24.26 -39.11
CA TYR C 298 -13.33 24.29 -37.65
C TYR C 298 -14.64 24.89 -37.17
N TYR C 299 -15.13 25.96 -37.82
CA TYR C 299 -16.39 26.62 -37.49
C TYR C 299 -17.54 25.78 -38.03
N HIS C 300 -17.31 25.07 -39.13
CA HIS C 300 -18.35 24.23 -39.71
C HIS C 300 -18.67 23.02 -38.81
N VAL C 301 -17.64 22.36 -38.30
CA VAL C 301 -17.78 21.21 -37.40
C VAL C 301 -18.33 21.58 -36.01
N LEU C 302 -18.06 22.84 -35.56
CA LEU C 302 -18.58 23.39 -34.30
C LEU C 302 -20.05 23.66 -34.43
N GLU C 303 -20.49 24.11 -35.65
CA GLU C 303 -21.89 24.35 -35.97
C GLU C 303 -22.66 23.00 -35.96
N ALA C 304 -22.08 21.96 -36.60
CA ALA C 304 -22.60 20.60 -36.68
C ALA C 304 -22.87 19.95 -35.29
N ALA C 305 -22.10 20.38 -34.27
CA ALA C 305 -22.23 19.87 -32.92
C ALA C 305 -23.39 20.55 -32.22
N ASN C 306 -23.60 21.85 -32.50
CA ASN C 306 -24.70 22.65 -31.94
C ASN C 306 -26.01 22.07 -32.45
N GLU C 307 -25.99 21.64 -33.73
CA GLU C 307 -27.09 20.99 -34.44
C GLU C 307 -27.45 19.60 -33.85
N GLY C 308 -26.55 18.96 -33.10
CA GLY C 308 -26.81 17.67 -32.47
C GLY C 308 -25.78 16.57 -32.60
N ASP C 309 -24.82 16.67 -33.56
CA ASP C 309 -23.77 15.64 -33.80
C ASP C 309 -22.31 16.12 -33.54
N VAL C 310 -21.73 15.69 -32.42
CA VAL C 310 -20.37 16.08 -32.03
C VAL C 310 -19.28 15.26 -32.74
N ARG C 311 -19.70 14.16 -33.42
CA ARG C 311 -18.78 13.29 -34.13
C ARG C 311 -17.89 13.96 -35.18
N PRO C 312 -18.37 14.77 -36.17
CA PRO C 312 -17.45 15.44 -37.11
C PRO C 312 -16.36 16.25 -36.42
N PHE C 313 -16.69 16.94 -35.29
CA PHE C 313 -15.71 17.74 -34.54
C PHE C 313 -14.62 16.82 -33.95
N ILE C 314 -15.04 15.66 -33.40
CA ILE C 314 -14.10 14.65 -32.82
C ILE C 314 -13.16 14.15 -33.92
N ARG C 315 -13.67 13.93 -35.14
CA ARG C 315 -12.86 13.49 -36.27
C ARG C 315 -11.92 14.61 -36.70
N PHE C 316 -12.38 15.87 -36.67
CA PHE C 316 -11.56 17.03 -37.03
C PHE C 316 -10.34 17.13 -36.10
N ILE C 317 -10.60 17.10 -34.77
CA ILE C 317 -9.58 17.11 -33.71
C ILE C 317 -8.64 15.88 -33.87
N ALA C 318 -9.19 14.71 -34.24
CA ALA C 318 -8.39 13.52 -34.51
C ALA C 318 -7.50 13.67 -35.81
N LYS C 319 -8.01 14.34 -36.87
CA LYS C 319 -7.24 14.61 -38.10
C LYS C 319 -6.07 15.54 -37.75
N CYS C 320 -6.31 16.55 -36.84
CA CYS C 320 -5.31 17.47 -36.34
C CYS C 320 -4.27 16.69 -35.52
N THR C 321 -4.71 15.77 -34.61
CA THR C 321 -3.74 15.02 -33.82
C THR C 321 -2.83 14.18 -34.73
N GLU C 322 -3.40 13.55 -35.82
CA GLU C 322 -2.59 12.77 -36.75
C GLU C 322 -1.60 13.67 -37.51
N THR C 323 -2.07 14.79 -38.09
CA THR C 323 -1.19 15.73 -38.78
C THR C 323 -0.06 16.29 -37.89
N THR C 324 -0.28 16.39 -36.57
CA THR C 324 0.73 16.84 -35.60
C THR C 324 1.74 15.69 -35.34
N LEU C 325 1.23 14.43 -35.26
CA LEU C 325 2.04 13.23 -35.06
C LEU C 325 2.88 12.90 -36.31
N ASP C 326 2.37 13.21 -37.52
CA ASP C 326 3.06 12.98 -38.80
C ASP C 326 4.24 13.93 -38.99
N THR C 327 4.03 15.22 -38.62
CA THR C 327 5.03 16.30 -38.71
C THR C 327 6.23 16.01 -37.78
N LEU C 328 5.99 15.38 -36.62
CA LEU C 328 7.03 15.01 -35.67
C LEU C 328 7.85 13.83 -36.19
N LEU C 329 7.19 12.87 -36.86
CA LEU C 329 7.85 11.67 -37.39
C LEU C 329 8.60 11.86 -38.73
N PHE C 330 8.78 13.13 -39.16
CA PHE C 330 9.55 13.48 -40.35
C PHE C 330 11.05 13.35 -40.05
N ALA C 331 11.42 13.49 -38.75
CA ALA C 331 12.78 13.36 -38.23
C ALA C 331 12.94 12.01 -37.50
N THR C 332 13.98 11.26 -37.88
CA THR C 332 14.29 9.95 -37.32
C THR C 332 14.94 10.09 -35.94
N GLU D 4 -38.22 22.89 -0.82
CA GLU D 4 -37.57 21.87 -1.64
C GLU D 4 -36.73 20.91 -0.78
N ALA D 5 -37.40 20.28 0.22
CA ALA D 5 -36.80 19.35 1.17
C ALA D 5 -36.91 17.90 0.67
N ARG D 6 -38.16 17.39 0.50
CA ARG D 6 -38.41 16.03 -0.01
C ARG D 6 -38.06 15.97 -1.51
N ALA D 7 -38.16 17.13 -2.20
CA ALA D 7 -37.84 17.31 -3.61
C ALA D 7 -36.37 16.98 -3.90
N ALA D 8 -35.46 17.42 -3.00
CA ALA D 8 -34.01 17.18 -3.09
C ALA D 8 -33.68 15.69 -2.87
N LEU D 9 -34.34 15.02 -1.90
CA LEU D 9 -34.11 13.61 -1.59
C LEU D 9 -34.53 12.70 -2.74
N ASN D 10 -35.68 13.00 -3.37
CA ASN D 10 -36.15 12.20 -4.50
C ASN D 10 -35.24 12.39 -5.72
N GLN D 11 -34.62 13.60 -5.86
CA GLN D 11 -33.67 13.96 -6.91
C GLN D 11 -32.31 13.31 -6.66
N ALA D 12 -31.83 13.32 -5.39
CA ALA D 12 -30.57 12.71 -4.96
C ALA D 12 -30.55 11.21 -5.21
N LEU D 13 -31.67 10.53 -4.88
CA LEU D 13 -31.88 9.09 -5.06
C LEU D 13 -31.86 8.69 -6.55
N GLU D 14 -32.44 9.55 -7.42
CA GLU D 14 -32.50 9.36 -8.87
C GLU D 14 -31.11 9.51 -9.48
N MET D 15 -30.33 10.51 -8.99
CA MET D 15 -28.95 10.78 -9.41
C MET D 15 -28.04 9.61 -9.05
N LYS D 16 -28.26 9.01 -7.85
CA LYS D 16 -27.56 7.83 -7.31
C LYS D 16 -27.75 6.62 -8.24
N ARG D 17 -28.94 6.51 -8.86
CA ARG D 17 -29.28 5.45 -9.81
C ARG D 17 -28.49 5.65 -11.12
N GLN D 18 -27.79 4.57 -11.55
CA GLN D 18 -26.93 4.48 -12.74
C GLN D 18 -25.60 5.26 -12.69
N GLY D 19 -25.58 6.46 -12.12
CA GLY D 19 -24.37 7.26 -12.04
C GLY D 19 -24.41 8.44 -11.07
N LYS D 20 -24.12 9.65 -11.60
CA LYS D 20 -24.07 10.97 -10.95
C LYS D 20 -23.78 11.02 -9.42
N ARG D 21 -22.61 10.50 -9.01
CA ARG D 21 -22.14 10.40 -7.61
C ARG D 21 -22.06 11.74 -6.86
N GLU D 22 -21.23 12.68 -7.37
CA GLU D 22 -21.04 13.99 -6.75
C GLU D 22 -22.25 14.92 -6.86
N LYS D 23 -23.13 14.67 -7.85
CA LYS D 23 -24.39 15.41 -8.06
C LYS D 23 -25.39 15.05 -6.98
N ALA D 24 -25.39 13.76 -6.54
CA ALA D 24 -26.24 13.19 -5.50
C ALA D 24 -25.72 13.57 -4.10
N GLN D 25 -24.38 13.48 -3.89
CA GLN D 25 -23.75 13.83 -2.62
C GLN D 25 -24.07 15.26 -2.18
N LYS D 26 -24.01 16.23 -3.12
CA LYS D 26 -24.34 17.63 -2.84
C LYS D 26 -25.87 17.81 -2.69
N LEU D 27 -26.67 16.95 -3.36
CA LEU D 27 -28.14 16.96 -3.32
C LEU D 27 -28.63 16.45 -1.97
N PHE D 28 -27.98 15.39 -1.46
CA PHE D 28 -28.25 14.80 -0.15
C PHE D 28 -27.94 15.81 0.94
N MET D 29 -26.79 16.53 0.81
CA MET D 29 -26.31 17.58 1.70
C MET D 29 -27.29 18.75 1.71
N HIS D 30 -27.89 19.07 0.54
CA HIS D 30 -28.90 20.12 0.40
C HIS D 30 -30.16 19.78 1.22
N ALA D 31 -30.71 18.54 1.06
CA ALA D 31 -31.90 18.03 1.78
C ALA D 31 -31.73 18.09 3.32
N LEU D 32 -30.48 17.87 3.82
CA LEU D 32 -30.14 17.95 5.24
C LEU D 32 -29.86 19.40 5.68
N LYS D 33 -29.42 20.26 4.73
CA LYS D 33 -29.19 21.69 5.01
C LYS D 33 -30.54 22.39 5.13
N MET D 34 -31.56 21.86 4.40
CA MET D 34 -32.95 22.31 4.38
C MET D 34 -33.66 21.90 5.67
N ASP D 35 -33.42 20.63 6.10
CA ASP D 35 -33.99 20.01 7.30
C ASP D 35 -33.03 18.92 7.83
N PRO D 36 -32.25 19.17 8.90
CA PRO D 36 -31.36 18.11 9.41
C PRO D 36 -32.09 17.02 10.21
N ASP D 37 -33.41 17.18 10.40
CA ASP D 37 -34.26 16.21 11.10
C ASP D 37 -35.16 15.48 10.11
N PHE D 38 -34.59 15.16 8.93
CA PHE D 38 -35.26 14.46 7.84
C PHE D 38 -34.86 12.97 7.87
N VAL D 39 -35.54 12.18 8.74
CA VAL D 39 -35.34 10.74 9.00
C VAL D 39 -35.07 9.90 7.73
N ASP D 40 -35.80 10.20 6.63
CA ASP D 40 -35.68 9.53 5.33
C ASP D 40 -34.41 9.90 4.56
N ALA D 41 -33.93 11.18 4.68
CA ALA D 41 -32.69 11.64 4.05
C ALA D 41 -31.50 11.02 4.72
N LEU D 42 -31.48 11.06 6.08
CA LEU D 42 -30.43 10.51 6.95
C LEU D 42 -30.15 9.03 6.66
N THR D 43 -31.21 8.18 6.59
CA THR D 43 -31.06 6.75 6.26
C THR D 43 -30.64 6.54 4.82
N GLU D 44 -31.13 7.39 3.90
CA GLU D 44 -30.78 7.28 2.48
C GLU D 44 -29.32 7.67 2.28
N PHE D 45 -28.88 8.77 2.90
CA PHE D 45 -27.49 9.26 2.83
C PHE D 45 -26.55 8.27 3.52
N GLY D 46 -27.05 7.66 4.60
CA GLY D 46 -26.37 6.62 5.36
C GLY D 46 -26.10 5.40 4.50
N ILE D 47 -27.13 4.91 3.77
CA ILE D 47 -26.99 3.76 2.86
C ILE D 47 -26.09 4.09 1.65
N PHE D 48 -26.13 5.36 1.18
CA PHE D 48 -25.31 5.90 0.09
C PHE D 48 -23.81 5.96 0.48
N SER D 49 -23.50 6.46 1.71
CA SER D 49 -22.14 6.64 2.23
C SER D 49 -21.42 5.32 2.47
N GLU D 50 -22.19 4.28 2.86
CA GLU D 50 -21.70 2.92 3.10
C GLU D 50 -21.14 2.28 1.83
N GLU D 51 -21.62 2.75 0.66
CA GLU D 51 -21.16 2.29 -0.66
C GLU D 51 -19.74 2.79 -0.96
N ASP D 52 -19.41 4.04 -0.54
CA ASP D 52 -18.08 4.65 -0.74
C ASP D 52 -17.04 4.18 0.34
N LYS D 53 -17.40 3.11 1.11
CA LYS D 53 -16.65 2.46 2.21
C LYS D 53 -16.63 3.23 3.55
N ASP D 54 -17.46 4.28 3.70
CA ASP D 54 -17.52 5.07 4.94
C ASP D 54 -18.62 4.58 5.88
N ILE D 55 -18.35 3.51 6.61
CA ILE D 55 -19.31 2.94 7.57
C ILE D 55 -19.51 3.88 8.77
N ILE D 56 -18.42 4.50 9.28
CA ILE D 56 -18.47 5.44 10.41
C ILE D 56 -19.50 6.56 10.21
N GLN D 57 -19.48 7.27 9.06
CA GLN D 57 -20.43 8.33 8.73
C GLN D 57 -21.85 7.77 8.64
N ALA D 58 -21.99 6.57 8.02
CA ALA D 58 -23.27 5.89 7.84
C ALA D 58 -23.96 5.67 9.18
N ASP D 59 -23.22 5.08 10.13
CA ASP D 59 -23.69 4.81 11.48
C ASP D 59 -24.13 6.08 12.18
N TYR D 60 -23.36 7.20 12.03
CA TYR D 60 -23.68 8.52 12.58
C TYR D 60 -25.09 8.94 12.14
N LEU D 61 -25.37 8.81 10.81
CA LEU D 61 -26.64 9.10 10.15
C LEU D 61 -27.74 8.20 10.67
N TYR D 62 -27.54 6.84 10.69
CA TYR D 62 -28.58 5.93 11.20
C TYR D 62 -28.94 6.28 12.67
N THR D 63 -27.91 6.59 13.49
CA THR D 63 -28.00 7.00 14.90
C THR D 63 -28.78 8.31 15.01
N ARG D 64 -28.40 9.36 14.20
CA ARG D 64 -29.12 10.63 14.18
C ARG D 64 -30.59 10.41 13.84
N ALA D 65 -30.87 9.56 12.84
CA ALA D 65 -32.22 9.20 12.44
C ALA D 65 -33.02 8.59 13.60
N LEU D 66 -32.43 7.63 14.34
CA LEU D 66 -33.09 6.95 15.46
C LEU D 66 -33.43 7.81 16.68
N THR D 67 -32.61 8.84 16.97
CA THR D 67 -32.87 9.76 18.09
C THR D 67 -34.12 10.57 17.79
N ILE D 68 -34.34 10.92 16.50
CA ILE D 68 -35.50 11.65 16.01
C ILE D 68 -36.70 10.69 16.05
N SER D 69 -36.62 9.56 15.32
CA SER D 69 -37.67 8.53 15.22
C SER D 69 -37.17 7.14 15.68
N PRO D 70 -37.41 6.74 16.96
CA PRO D 70 -36.90 5.45 17.46
C PRO D 70 -37.38 4.15 16.82
N TYR D 71 -38.59 4.16 16.21
CA TYR D 71 -39.11 2.91 15.62
C TYR D 71 -39.08 2.84 14.10
N HIS D 72 -38.28 3.74 13.45
CA HIS D 72 -38.08 3.76 12.01
C HIS D 72 -37.34 2.45 11.67
N GLU D 73 -38.05 1.54 10.98
CA GLU D 73 -37.58 0.20 10.63
C GLU D 73 -36.30 0.18 9.81
N LYS D 74 -36.22 1.00 8.73
CA LYS D 74 -35.03 1.06 7.88
C LYS D 74 -33.77 1.49 8.66
N ALA D 75 -33.91 2.51 9.57
CA ALA D 75 -32.83 2.98 10.43
C ALA D 75 -32.43 1.93 11.45
N LEU D 76 -33.41 1.18 12.02
CA LEU D 76 -33.17 0.13 13.01
C LEU D 76 -32.36 -1.06 12.47
N VAL D 77 -32.78 -1.69 11.36
CA VAL D 77 -32.13 -2.85 10.73
C VAL D 77 -30.69 -2.53 10.33
N ASN D 78 -30.46 -1.29 9.93
CA ASN D 78 -29.16 -0.81 9.53
C ASN D 78 -28.27 -0.61 10.77
N ARG D 79 -28.79 0.15 11.78
CA ARG D 79 -28.11 0.46 13.05
C ARG D 79 -27.81 -0.78 13.85
N ASP D 80 -28.72 -1.77 13.86
CA ASP D 80 -28.52 -3.02 14.59
C ASP D 80 -27.29 -3.83 14.11
N ARG D 81 -26.78 -3.47 12.92
CA ARG D 81 -25.63 -4.08 12.26
C ARG D 81 -24.37 -3.21 12.40
N THR D 82 -24.52 -1.86 12.29
CA THR D 82 -23.39 -0.93 12.38
C THR D 82 -22.90 -0.70 13.79
N LEU D 83 -23.82 -0.51 14.78
CA LEU D 83 -23.49 -0.28 16.19
C LEU D 83 -22.31 -1.16 16.68
N PRO D 84 -22.42 -2.53 16.63
CA PRO D 84 -21.28 -3.34 17.10
C PRO D 84 -20.04 -3.23 16.23
N LEU D 85 -20.21 -3.18 14.89
CA LEU D 85 -19.13 -3.06 13.92
C LEU D 85 -18.32 -1.77 14.12
N VAL D 86 -19.03 -0.61 14.28
CA VAL D 86 -18.41 0.71 14.48
C VAL D 86 -17.65 0.77 15.82
N GLU D 87 -18.20 0.11 16.89
CA GLU D 87 -17.59 -0.01 18.23
C GLU D 87 -16.26 -0.76 18.15
N GLU D 88 -16.18 -1.81 17.27
CA GLU D 88 -14.97 -2.59 17.06
C GLU D 88 -13.97 -1.75 16.29
N ILE D 89 -14.43 -1.05 15.24
CA ILE D 89 -13.57 -0.17 14.44
C ILE D 89 -12.89 0.86 15.35
N ASP D 90 -13.69 1.53 16.21
CA ASP D 90 -13.19 2.52 17.16
C ASP D 90 -12.16 1.88 18.13
N GLN D 91 -12.52 0.70 18.72
CA GLN D 91 -11.66 -0.06 19.65
C GLN D 91 -10.34 -0.48 19.03
N ARG D 92 -10.31 -0.75 17.70
CA ARG D 92 -9.10 -1.13 16.98
C ARG D 92 -8.16 0.05 16.84
N TYR D 93 -8.70 1.27 16.55
CA TYR D 93 -7.92 2.50 16.38
C TYR D 93 -7.22 2.84 17.67
N PHE D 94 -7.91 2.57 18.79
CA PHE D 94 -7.37 2.82 20.12
C PHE D 94 -6.20 1.90 20.38
N SER D 95 -6.26 0.64 19.90
CA SER D 95 -5.15 -0.30 20.03
C SER D 95 -3.94 0.11 19.16
N ILE D 96 -4.19 0.74 17.98
CA ILE D 96 -3.16 1.24 17.07
C ILE D 96 -2.41 2.38 17.76
N ILE D 97 -3.16 3.28 18.46
CA ILE D 97 -2.63 4.42 19.26
C ILE D 97 -1.78 3.88 20.43
N ASP D 98 -2.29 2.84 21.14
CA ASP D 98 -1.59 2.19 22.26
C ASP D 98 -0.23 1.62 21.86
N SER D 99 -0.15 0.97 20.68
CA SER D 99 1.07 0.39 20.12
C SER D 99 2.11 1.48 19.84
N LYS D 100 1.65 2.67 19.37
CA LYS D 100 2.52 3.83 19.09
C LYS D 100 3.00 4.50 20.40
N VAL D 101 2.13 4.52 21.46
CA VAL D 101 2.47 5.06 22.78
C VAL D 101 3.48 4.13 23.49
N LYS D 102 3.45 2.83 23.13
CA LYS D 102 4.38 1.80 23.59
C LYS D 102 5.73 2.09 22.92
N LYS D 103 5.70 2.50 21.63
CA LYS D 103 6.90 2.86 20.85
C LYS D 103 7.52 4.18 21.32
N VAL D 104 6.68 5.16 21.74
CA VAL D 104 7.12 6.46 22.25
C VAL D 104 7.61 6.35 23.73
N MET D 105 7.18 5.29 24.45
CA MET D 105 7.59 5.01 25.83
C MET D 105 9.09 4.62 25.88
N SER D 106 9.64 4.05 24.79
CA SER D 106 11.06 3.64 24.73
C SER D 106 11.95 4.61 23.93
N GLY D 110 16.11 7.87 24.45
CA GLY D 110 16.54 9.06 23.72
C GLY D 110 16.98 10.20 24.62
N ASN D 111 17.75 11.16 24.04
CA ASN D 111 18.27 12.34 24.76
C ASN D 111 18.79 13.50 23.88
N SER D 112 18.64 13.45 22.52
CA SER D 112 19.20 14.55 21.72
C SER D 112 18.36 14.98 20.53
N ALA D 113 17.82 14.00 19.77
CA ALA D 113 16.97 14.23 18.61
C ALA D 113 15.51 14.40 19.05
N LEU D 114 15.09 13.62 20.07
CA LEU D 114 13.76 13.66 20.66
C LEU D 114 13.61 14.90 21.54
N ARG D 115 14.69 15.30 22.23
CA ARG D 115 14.76 16.48 23.10
C ARG D 115 14.57 17.78 22.31
N ARG D 116 15.11 17.81 21.07
CA ARG D 116 15.00 18.93 20.13
C ARG D 116 13.56 19.05 19.58
N VAL D 117 12.83 17.92 19.54
CA VAL D 117 11.43 17.86 19.10
C VAL D 117 10.54 18.34 20.24
N MET D 118 10.78 17.85 21.48
CA MET D 118 10.03 18.21 22.70
C MET D 118 10.02 19.72 23.01
N GLU D 119 11.21 20.39 22.90
CA GLU D 119 11.34 21.83 23.17
C GLU D 119 10.65 22.69 22.12
N GLU D 120 10.74 22.32 20.82
CA GLU D 120 10.09 23.06 19.73
C GLU D 120 8.57 22.84 19.73
N THR D 121 8.09 21.62 20.10
CA THR D 121 6.65 21.29 20.17
C THR D 121 5.96 22.01 21.33
N TYR D 122 6.75 22.50 22.32
CA TYR D 122 6.24 23.27 23.45
C TYR D 122 5.81 24.65 22.91
N TYR D 123 6.73 25.34 22.18
CA TYR D 123 6.49 26.63 21.54
C TYR D 123 5.41 26.52 20.47
N HIS D 124 5.38 25.38 19.76
CA HIS D 124 4.41 25.01 18.73
C HIS D 124 2.99 24.89 19.34
N HIS D 125 2.82 24.14 20.48
CA HIS D 125 1.52 23.96 21.17
C HIS D 125 0.90 25.30 21.50
N ILE D 126 1.71 26.29 21.98
CA ILE D 126 1.26 27.65 22.27
C ILE D 126 0.77 28.31 20.98
N TYR D 127 1.60 28.26 19.90
CA TYR D 127 1.25 28.85 18.60
C TYR D 127 -0.15 28.48 18.16
N HIS D 128 -0.46 27.18 18.13
CA HIS D 128 -1.76 26.66 17.70
C HIS D 128 -2.91 26.94 18.64
N THR D 129 -2.72 26.76 19.97
CA THR D 129 -3.77 27.01 20.97
C THR D 129 -4.25 28.47 21.00
N VAL D 130 -3.33 29.41 20.70
CA VAL D 130 -3.67 30.84 20.66
C VAL D 130 -4.22 31.23 19.28
N ALA D 131 -3.60 30.73 18.19
CA ALA D 131 -3.99 31.02 16.80
C ALA D 131 -5.39 30.53 16.48
N ILE D 132 -5.78 29.37 17.04
CA ILE D 132 -7.12 28.78 16.90
C ILE D 132 -8.23 29.73 17.43
N GLU D 133 -7.86 30.64 18.35
CA GLU D 133 -8.73 31.67 18.91
C GLU D 133 -8.65 33.00 18.19
N GLY D 134 -7.73 33.11 17.23
CA GLY D 134 -7.52 34.29 16.39
C GLY D 134 -6.24 35.10 16.61
N ASN D 135 -5.22 34.52 17.27
CA ASN D 135 -3.96 35.24 17.52
C ASN D 135 -3.09 35.34 16.27
N THR D 136 -2.84 36.57 15.81
CA THR D 136 -2.08 36.88 14.60
C THR D 136 -0.55 36.65 14.74
N LEU D 137 -0.08 36.32 15.95
CA LEU D 137 1.35 36.11 16.20
C LEU D 137 1.94 34.89 15.48
N THR D 138 3.22 34.99 15.07
CA THR D 138 3.95 33.92 14.39
C THR D 138 4.72 33.08 15.41
N LEU D 139 5.18 31.90 14.98
CA LEU D 139 5.95 30.99 15.85
C LEU D 139 7.31 31.60 16.23
N SER D 140 7.93 32.40 15.33
CA SER D 140 9.20 33.09 15.60
C SER D 140 9.00 34.22 16.62
N GLU D 141 7.86 34.96 16.52
CA GLU D 141 7.47 36.03 17.45
C GLU D 141 7.18 35.43 18.83
N ILE D 142 6.50 34.26 18.90
CA ILE D 142 6.18 33.55 20.15
C ILE D 142 7.46 33.08 20.82
N ARG D 143 8.38 32.52 20.02
CA ARG D 143 9.69 32.04 20.45
C ARG D 143 10.54 33.21 21.01
N HIS D 144 10.35 34.43 20.44
CA HIS D 144 11.04 35.64 20.89
C HIS D 144 10.49 36.11 22.23
N ILE D 145 9.15 36.35 22.30
CA ILE D 145 8.38 36.79 23.47
C ILE D 145 8.71 35.96 24.70
N LEU D 146 8.72 34.62 24.56
CA LEU D 146 9.00 33.72 25.68
C LEU D 146 10.48 33.63 26.09
N GLU D 147 11.42 34.01 25.20
CA GLU D 147 12.88 33.95 25.46
C GLU D 147 13.51 35.26 25.95
N THR D 148 13.14 36.39 25.32
CA THR D 148 13.67 37.71 25.65
C THR D 148 12.83 38.42 26.69
N ARG D 149 11.50 38.12 26.70
CA ARG D 149 10.47 38.74 27.53
C ARG D 149 10.22 40.18 27.05
N TYR D 150 10.79 40.53 25.88
CA TYR D 150 10.66 41.82 25.22
C TYR D 150 9.46 41.79 24.29
N ALA D 151 8.85 42.94 24.09
CA ALA D 151 7.67 43.07 23.24
C ALA D 151 7.98 42.99 21.76
N VAL D 152 7.13 42.26 21.02
CA VAL D 152 7.25 42.13 19.58
C VAL D 152 6.68 43.43 18.97
N PRO D 153 7.53 44.17 18.20
CA PRO D 153 7.07 45.43 17.62
C PRO D 153 5.94 45.26 16.61
N GLY D 154 4.95 46.13 16.69
CA GLY D 154 3.83 46.16 15.75
C GLY D 154 2.62 45.32 16.11
N LYS D 155 2.74 44.44 17.12
CA LYS D 155 1.62 43.60 17.56
C LYS D 155 1.00 44.10 18.87
N SER D 156 -0.31 43.89 19.07
CA SER D 156 -1.03 44.32 20.27
C SER D 156 -0.56 43.61 21.56
N LEU D 157 -0.67 44.31 22.71
CA LEU D 157 -0.25 43.80 24.01
C LEU D 157 -1.06 42.58 24.44
N GLU D 158 -2.40 42.63 24.23
CA GLU D 158 -3.35 41.57 24.53
C GLU D 158 -2.91 40.22 23.93
N GLU D 159 -2.50 40.22 22.64
CA GLU D 159 -2.04 39.04 21.90
C GLU D 159 -0.77 38.43 22.49
N GLN D 160 0.13 39.26 23.02
CA GLN D 160 1.39 38.80 23.56
C GLN D 160 1.21 38.32 24.99
N ASN D 161 0.20 38.89 25.67
CA ASN D 161 -0.21 38.55 27.03
C ASN D 161 -0.97 37.22 27.05
N GLU D 162 -1.63 36.84 25.91
CA GLU D 162 -2.27 35.54 25.70
C GLU D 162 -1.16 34.46 25.74
N VAL D 163 0.01 34.76 25.12
CA VAL D 163 1.20 33.90 25.02
C VAL D 163 1.87 33.66 26.37
N ILE D 164 2.11 34.74 27.15
CA ILE D 164 2.72 34.68 28.49
C ILE D 164 1.80 33.85 29.40
N GLY D 165 0.49 34.09 29.27
CA GLY D 165 -0.57 33.42 30.02
C GLY D 165 -0.55 31.93 29.84
N MET D 166 -0.43 31.46 28.58
CA MET D 166 -0.35 30.05 28.24
C MET D 166 0.83 29.40 28.94
N HIS D 167 2.03 29.95 28.73
CA HIS D 167 3.30 29.54 29.31
C HIS D 167 3.25 29.36 30.86
N ALA D 168 2.62 30.33 31.57
CA ALA D 168 2.42 30.34 33.02
C ALA D 168 1.53 29.19 33.43
N ALA D 169 0.49 28.90 32.60
CA ALA D 169 -0.49 27.85 32.80
C ALA D 169 0.14 26.50 32.65
N MET D 170 0.92 26.27 31.57
CA MET D 170 1.55 24.97 31.35
C MET D 170 2.75 24.69 32.25
N LYS D 171 3.46 25.75 32.67
CA LYS D 171 4.54 25.61 33.64
C LYS D 171 3.95 25.23 35.00
N TYR D 172 2.72 25.71 35.28
CA TYR D 172 2.01 25.39 36.51
C TYR D 172 1.56 23.96 36.52
N ILE D 173 0.88 23.49 35.44
CA ILE D 173 0.38 22.11 35.30
C ILE D 173 1.51 21.12 35.45
N ASN D 174 2.62 21.34 34.73
CA ASN D 174 3.80 20.46 34.77
C ASN D 174 4.56 20.33 36.10
N THR D 175 4.57 21.41 36.90
CA THR D 175 5.26 21.42 38.20
C THR D 175 4.35 20.95 39.34
N THR D 176 3.11 21.51 39.42
CA THR D 176 2.15 21.23 40.49
C THR D 176 1.22 20.05 40.25
N LEU D 177 0.46 20.09 39.16
CA LEU D 177 -0.62 19.18 38.76
C LEU D 177 -0.30 17.77 38.20
N VAL D 178 0.52 17.66 37.11
CA VAL D 178 0.85 16.41 36.41
C VAL D 178 1.07 15.18 37.33
N SER D 179 2.14 15.24 38.12
CA SER D 179 2.64 14.20 39.03
C SER D 179 1.87 14.08 40.34
N ARG D 180 1.05 15.09 40.67
CA ARG D 180 0.25 15.13 41.90
C ARG D 180 -0.68 13.95 42.03
N ILE D 181 -0.66 13.37 43.22
CA ILE D 181 -1.46 12.21 43.57
C ILE D 181 -2.75 12.74 44.20
N GLY D 182 -3.86 12.07 43.90
CA GLY D 182 -5.17 12.45 44.42
C GLY D 182 -6.19 12.81 43.36
N SER D 183 -7.31 13.39 43.82
CA SER D 183 -8.43 13.80 42.99
C SER D 183 -8.27 15.24 42.46
N VAL D 184 -8.69 15.44 41.20
CA VAL D 184 -8.69 16.74 40.52
C VAL D 184 -9.87 17.55 41.10
N THR D 185 -9.61 18.79 41.55
CA THR D 185 -10.62 19.65 42.17
C THR D 185 -10.98 20.88 41.35
N ILE D 186 -12.04 21.57 41.79
CA ILE D 186 -12.57 22.79 41.19
C ILE D 186 -11.54 23.92 41.30
N SER D 187 -10.67 23.87 42.35
CA SER D 187 -9.62 24.85 42.63
C SER D 187 -8.48 24.75 41.61
N ASP D 188 -8.20 23.53 41.13
CA ASP D 188 -7.18 23.24 40.13
C ASP D 188 -7.53 23.87 38.79
N VAL D 189 -8.82 23.75 38.37
CA VAL D 189 -9.33 24.33 37.12
C VAL D 189 -9.30 25.86 37.17
N LEU D 190 -9.69 26.46 38.32
CA LEU D 190 -9.70 27.91 38.54
C LEU D 190 -8.29 28.45 38.57
N GLU D 191 -7.33 27.62 39.02
CA GLU D 191 -5.90 27.90 39.09
C GLU D 191 -5.24 27.92 37.71
N ILE D 192 -5.67 27.01 36.79
CA ILE D 192 -5.20 26.94 35.39
C ILE D 192 -5.72 28.21 34.69
N HIS D 193 -7.02 28.51 34.86
CA HIS D 193 -7.67 29.68 34.27
C HIS D 193 -7.08 30.97 34.79
N ARG D 194 -6.69 30.99 36.07
CA ARG D 194 -6.04 32.12 36.73
C ARG D 194 -4.79 32.54 35.93
N ARG D 195 -4.00 31.57 35.42
CA ARG D 195 -2.83 31.87 34.62
C ARG D 195 -3.14 32.11 33.15
N VAL D 196 -4.04 31.28 32.54
CA VAL D 196 -4.44 31.40 31.12
C VAL D 196 -4.84 32.84 30.74
N LEU D 197 -5.78 33.39 31.50
CA LEU D 197 -6.44 34.67 31.26
C LEU D 197 -5.96 35.85 32.13
N GLY D 198 -5.09 35.58 33.09
CA GLY D 198 -4.55 36.55 34.04
C GLY D 198 -3.83 37.76 33.50
N TYR D 199 -3.09 37.62 32.38
CA TYR D 199 -2.35 38.75 31.82
C TYR D 199 -3.18 39.56 30.82
N VAL D 200 -4.37 39.03 30.45
CA VAL D 200 -5.27 39.64 29.48
C VAL D 200 -6.48 40.32 30.18
N ASP D 201 -7.05 39.65 31.20
CA ASP D 201 -8.18 40.13 31.98
C ASP D 201 -8.05 39.62 33.41
N PRO D 202 -7.28 40.33 34.26
CA PRO D 202 -7.07 39.85 35.64
C PRO D 202 -8.29 39.91 36.55
N VAL D 203 -9.29 40.65 36.13
CA VAL D 203 -10.53 40.81 36.87
C VAL D 203 -11.39 39.53 36.73
N GLU D 204 -11.51 38.97 35.51
CA GLU D 204 -12.29 37.76 35.25
C GLU D 204 -11.48 36.45 35.29
N ALA D 205 -10.12 36.53 35.27
CA ALA D 205 -9.24 35.36 35.34
C ALA D 205 -9.40 34.67 36.70
N GLY D 206 -9.51 33.35 36.66
CA GLY D 206 -9.68 32.55 37.87
C GLY D 206 -11.05 32.62 38.51
N ARG D 207 -12.07 33.15 37.79
CA ARG D 207 -13.43 33.23 38.33
C ARG D 207 -14.53 32.79 37.34
N PHE D 208 -15.65 32.30 37.89
CA PHE D 208 -16.78 31.86 37.09
C PHE D 208 -17.58 32.99 36.45
N ARG D 209 -18.10 32.73 35.25
CA ARG D 209 -18.92 33.60 34.44
C ARG D 209 -20.07 34.15 35.30
N THR D 210 -20.36 35.45 35.15
CA THR D 210 -21.42 36.16 35.87
C THR D 210 -22.59 36.50 34.95
N THR D 211 -22.33 36.55 33.64
CA THR D 211 -23.32 36.84 32.60
C THR D 211 -23.64 35.57 31.80
N GLN D 212 -24.59 35.63 30.85
CA GLN D 212 -24.95 34.52 29.96
C GLN D 212 -24.37 34.83 28.58
N VAL D 213 -23.77 33.83 27.95
CA VAL D 213 -23.12 33.96 26.65
C VAL D 213 -23.65 32.99 25.58
N LEU D 214 -23.23 33.21 24.33
CA LEU D 214 -23.53 32.35 23.19
C LEU D 214 -22.18 31.89 22.55
N VAL D 215 -22.04 30.58 22.28
CA VAL D 215 -20.86 29.99 21.63
C VAL D 215 -21.40 29.37 20.34
N GLY D 216 -21.32 30.12 19.23
CA GLY D 216 -21.89 29.67 17.97
C GLY D 216 -23.40 29.64 18.09
N HIS D 217 -23.99 28.43 18.20
CA HIS D 217 -25.44 28.24 18.37
C HIS D 217 -25.74 27.64 19.74
N HIS D 218 -24.68 27.51 20.56
CA HIS D 218 -24.75 26.90 21.88
C HIS D 218 -24.91 27.91 23.01
N ILE D 219 -25.94 27.70 23.83
CA ILE D 219 -26.23 28.53 24.99
C ILE D 219 -25.86 27.71 26.24
N PRO D 220 -24.70 28.04 26.87
CA PRO D 220 -24.23 27.26 28.02
C PRO D 220 -25.09 27.41 29.26
N PRO D 221 -24.87 26.60 30.34
CA PRO D 221 -25.69 26.78 31.56
C PRO D 221 -25.68 28.22 32.09
N HIS D 222 -26.78 28.65 32.74
CA HIS D 222 -26.87 29.99 33.29
C HIS D 222 -25.84 30.19 34.42
N PRO D 223 -25.19 31.39 34.53
CA PRO D 223 -24.18 31.60 35.59
C PRO D 223 -24.56 31.14 37.01
N GLN D 224 -25.87 31.09 37.31
CA GLN D 224 -26.40 30.63 38.59
C GLN D 224 -26.22 29.12 38.79
N ASP D 225 -26.16 28.37 37.69
CA ASP D 225 -26.04 26.91 37.69
C ASP D 225 -24.62 26.41 37.40
N VAL D 226 -23.70 27.31 36.97
CA VAL D 226 -22.31 26.98 36.62
C VAL D 226 -21.60 26.24 37.75
N GLU D 227 -21.67 26.76 38.98
CA GLU D 227 -21.06 26.16 40.16
C GLU D 227 -21.55 24.72 40.40
N LYS D 228 -22.88 24.47 40.26
CA LYS D 228 -23.43 23.12 40.46
C LYS D 228 -22.95 22.15 39.37
N GLN D 229 -22.95 22.60 38.10
CA GLN D 229 -22.51 21.81 36.94
C GLN D 229 -21.00 21.53 36.98
N MET D 230 -20.22 22.46 37.59
CA MET D 230 -18.78 22.29 37.75
C MET D 230 -18.49 21.29 38.85
N GLN D 231 -19.37 21.24 39.87
CA GLN D 231 -19.28 20.31 41.00
C GLN D 231 -19.50 18.87 40.52
N GLU D 232 -20.50 18.67 39.63
CA GLU D 232 -20.85 17.38 39.02
C GLU D 232 -19.73 16.90 38.11
N PHE D 233 -19.15 17.83 37.30
CA PHE D 233 -18.05 17.59 36.38
C PHE D 233 -16.80 17.12 37.12
N VAL D 234 -16.38 17.85 38.18
CA VAL D 234 -15.22 17.45 38.98
C VAL D 234 -15.42 16.06 39.60
N GLN D 235 -16.66 15.80 40.06
CA GLN D 235 -17.08 14.53 40.64
C GLN D 235 -16.96 13.42 39.59
N TRP D 236 -17.31 13.72 38.33
CA TRP D 236 -17.20 12.75 37.24
C TRP D 236 -15.73 12.45 36.89
N LEU D 237 -14.84 13.46 37.02
CA LEU D 237 -13.41 13.29 36.76
C LEU D 237 -12.80 12.36 37.77
N ASN D 238 -13.27 12.43 39.04
CA ASN D 238 -12.80 11.61 40.16
C ASN D 238 -13.72 10.40 40.41
N SER D 239 -14.53 10.03 39.40
CA SER D 239 -15.41 8.87 39.46
C SER D 239 -14.71 7.71 38.76
N GLU D 240 -15.21 6.49 38.96
CA GLU D 240 -14.63 5.26 38.41
C GLU D 240 -15.16 4.84 37.03
N GLU D 241 -16.26 5.44 36.58
CA GLU D 241 -16.86 5.18 35.26
C GLU D 241 -15.97 5.85 34.22
N ALA D 242 -15.51 7.07 34.53
CA ALA D 242 -14.62 7.87 33.69
C ALA D 242 -13.21 7.31 33.73
N MET D 243 -12.83 6.76 34.89
CA MET D 243 -11.54 6.14 35.19
C MET D 243 -11.41 4.80 34.41
N ASN D 244 -12.56 4.17 34.05
CA ASN D 244 -12.61 2.91 33.29
C ASN D 244 -12.51 3.11 31.77
N LEU D 245 -12.75 4.34 31.28
CA LEU D 245 -12.66 4.71 29.87
C LEU D 245 -11.19 4.67 29.42
N HIS D 246 -10.97 4.51 28.09
CA HIS D 246 -9.63 4.57 27.48
C HIS D 246 -9.13 6.03 27.66
N PRO D 247 -7.82 6.23 27.97
CA PRO D 247 -7.32 7.61 28.18
C PRO D 247 -7.72 8.69 27.15
N VAL D 248 -7.72 8.36 25.85
CA VAL D 248 -8.10 9.28 24.77
C VAL D 248 -9.59 9.64 24.87
N GLU D 249 -10.47 8.65 25.15
CA GLU D 249 -11.92 8.88 25.31
C GLU D 249 -12.26 9.74 26.54
N PHE D 250 -11.54 9.52 27.66
CA PHE D 250 -11.75 10.31 28.88
C PHE D 250 -11.29 11.75 28.64
N ALA D 251 -10.08 11.93 28.08
CA ALA D 251 -9.51 13.25 27.75
C ALA D 251 -10.43 14.05 26.83
N ALA D 252 -11.01 13.41 25.76
CA ALA D 252 -11.93 14.09 24.83
C ALA D 252 -13.24 14.48 25.53
N LEU D 253 -13.84 13.56 26.35
CA LEU D 253 -15.06 13.80 27.12
C LEU D 253 -14.86 14.91 28.15
N ALA D 254 -13.75 14.89 28.89
CA ALA D 254 -13.44 15.95 29.85
C ALA D 254 -13.42 17.33 29.14
N HIS D 255 -12.72 17.41 27.99
CA HIS D 255 -12.61 18.61 27.16
C HIS D 255 -14.01 19.06 26.68
N TYR D 256 -14.83 18.12 26.11
CA TYR D 256 -16.16 18.49 25.64
C TYR D 256 -17.02 19.04 26.79
N LYS D 257 -17.15 18.25 27.88
CA LYS D 257 -17.93 18.64 29.06
C LYS D 257 -17.57 20.03 29.59
N LEU D 258 -16.26 20.37 29.78
CA LEU D 258 -15.85 21.71 30.27
C LEU D 258 -16.34 22.78 29.28
N VAL D 259 -15.97 22.64 28.00
CA VAL D 259 -16.31 23.52 26.88
C VAL D 259 -17.83 23.76 26.78
N TYR D 260 -18.61 22.69 27.08
CA TYR D 260 -20.07 22.72 27.07
C TYR D 260 -20.57 23.64 28.18
N ILE D 261 -20.06 23.46 29.42
CA ILE D 261 -20.41 24.26 30.61
C ILE D 261 -20.02 25.74 30.39
N HIS D 262 -18.90 25.99 29.68
CA HIS D 262 -18.40 27.33 29.38
C HIS D 262 -18.43 28.18 30.66
N PRO D 263 -17.68 27.77 31.74
CA PRO D 263 -17.77 28.50 33.01
C PRO D 263 -17.04 29.84 33.06
N PHE D 264 -16.34 30.24 31.99
CA PHE D 264 -15.56 31.48 31.99
C PHE D 264 -15.98 32.39 30.86
N ILE D 265 -15.81 33.72 31.04
CA ILE D 265 -16.11 34.70 29.98
C ILE D 265 -15.19 34.43 28.76
N ASP D 266 -13.90 34.12 29.03
CA ASP D 266 -12.88 33.81 28.04
C ASP D 266 -11.92 32.69 28.50
N GLY D 267 -11.19 32.12 27.56
CA GLY D 267 -10.23 31.07 27.85
C GLY D 267 -10.77 29.69 28.15
N ASN D 268 -12.01 29.37 27.71
CA ASN D 268 -12.64 28.06 27.90
C ASN D 268 -11.94 27.00 27.08
N GLY D 269 -11.80 27.27 25.77
CA GLY D 269 -11.13 26.38 24.83
C GLY D 269 -9.69 26.06 25.22
N ARG D 270 -8.93 27.12 25.65
CA ARG D 270 -7.54 27.03 26.11
C ARG D 270 -7.42 26.21 27.39
N THR D 271 -8.30 26.43 28.40
CA THR D 271 -8.28 25.69 29.67
C THR D 271 -8.64 24.25 29.43
N SER D 272 -9.61 23.98 28.51
CA SER D 272 -10.07 22.62 28.19
C SER D 272 -8.96 21.87 27.55
N ARG D 273 -8.35 22.46 26.50
CA ARG D 273 -7.21 21.88 25.76
C ARG D 273 -6.05 21.52 26.69
N LEU D 274 -5.84 22.30 27.77
CA LEU D 274 -4.81 22.07 28.79
C LEU D 274 -5.24 20.97 29.74
N LEU D 275 -6.55 20.92 30.10
CA LEU D 275 -7.11 19.90 30.98
C LEU D 275 -7.07 18.58 30.25
N MET D 276 -7.28 18.62 28.92
CA MET D 276 -7.21 17.43 28.07
C MET D 276 -5.79 16.83 28.17
N ASN D 277 -4.74 17.68 27.98
CA ASN D 277 -3.34 17.27 28.06
C ASN D 277 -2.97 16.75 29.43
N LEU D 278 -3.61 17.28 30.51
CA LEU D 278 -3.41 16.85 31.91
C LEU D 278 -3.81 15.39 32.02
N ILE D 279 -5.04 15.05 31.52
CA ILE D 279 -5.62 13.69 31.51
C ILE D 279 -4.70 12.73 30.74
N LEU D 280 -4.27 13.13 29.53
CA LEU D 280 -3.39 12.34 28.66
C LEU D 280 -2.07 12.02 29.33
N MET D 281 -1.32 13.08 29.72
CA MET D 281 -0.03 12.97 30.37
C MET D 281 -0.05 12.18 31.67
N GLN D 282 -1.16 12.25 32.44
CA GLN D 282 -1.33 11.48 33.67
C GLN D 282 -1.40 9.97 33.39
N ALA D 283 -1.89 9.58 32.19
CA ALA D 283 -1.98 8.18 31.79
C ALA D 283 -0.83 7.77 30.87
N GLY D 284 0.22 8.60 30.83
CA GLY D 284 1.43 8.36 30.04
C GLY D 284 1.26 8.49 28.55
N TYR D 285 0.70 9.60 28.10
CA TYR D 285 0.54 9.93 26.70
C TYR D 285 1.22 11.27 26.46
N PRO D 286 1.82 11.54 25.28
CA PRO D 286 2.42 12.87 25.06
C PRO D 286 1.36 14.00 25.02
N PRO D 287 1.68 15.27 25.34
CA PRO D 287 0.65 16.32 25.21
C PRO D 287 0.26 16.47 23.73
N ILE D 288 -1.01 16.79 23.48
CA ILE D 288 -1.58 16.89 22.14
C ILE D 288 -1.88 18.30 21.66
N THR D 289 -1.73 18.52 20.34
CA THR D 289 -1.94 19.82 19.72
C THR D 289 -2.98 19.80 18.60
N ILE D 290 -4.08 20.56 18.76
CA ILE D 290 -5.11 20.79 17.73
C ILE D 290 -4.58 21.99 16.95
N ARG D 291 -4.32 21.81 15.66
CA ARG D 291 -3.74 22.85 14.80
C ARG D 291 -4.71 23.96 14.40
N LYS D 292 -4.14 25.13 14.05
CA LYS D 292 -4.80 26.35 13.56
C LYS D 292 -5.70 26.01 12.34
N GLU D 293 -5.15 25.19 11.42
CA GLU D 293 -5.78 24.72 10.18
C GLU D 293 -6.98 23.81 10.45
N GLN D 294 -6.92 23.03 11.56
CA GLN D 294 -7.97 22.10 12.01
C GLN D 294 -9.20 22.81 12.63
N ARG D 295 -9.14 24.15 12.85
CA ARG D 295 -10.23 24.94 13.48
C ARG D 295 -11.63 24.57 12.98
N SER D 296 -11.87 24.72 11.67
CA SER D 296 -13.14 24.42 11.04
C SER D 296 -13.71 23.03 11.36
N ASP D 297 -12.86 21.96 11.35
CA ASP D 297 -13.29 20.57 11.68
C ASP D 297 -13.60 20.45 13.18
N TYR D 298 -12.74 21.09 14.04
CA TYR D 298 -12.81 21.16 15.51
C TYR D 298 -14.14 21.74 15.98
N TYR D 299 -14.60 22.82 15.34
CA TYR D 299 -15.88 23.46 15.68
C TYR D 299 -17.04 22.65 15.12
N HIS D 300 -16.80 21.89 14.03
CA HIS D 300 -17.82 21.05 13.42
C HIS D 300 -18.15 19.86 14.33
N VAL D 301 -17.13 19.17 14.84
CA VAL D 301 -17.27 18.02 15.71
C VAL D 301 -17.81 18.40 17.11
N LEU D 302 -17.56 19.65 17.56
CA LEU D 302 -18.08 20.17 18.83
C LEU D 302 -19.56 20.45 18.69
N GLU D 303 -20.00 20.89 17.50
CA GLU D 303 -21.40 21.15 17.16
C GLU D 303 -22.15 19.80 17.15
N ALA D 304 -21.56 18.77 16.52
CA ALA D 304 -22.09 17.40 16.43
C ALA D 304 -22.35 16.75 17.80
N ALA D 305 -21.60 17.17 18.82
CA ALA D 305 -21.73 16.65 20.19
C ALA D 305 -22.88 17.33 20.88
N ASN D 306 -23.09 18.63 20.60
CA ASN D 306 -24.19 19.43 21.17
C ASN D 306 -25.50 18.85 20.65
N GLU D 307 -25.48 18.43 19.36
CA GLU D 307 -26.58 17.78 18.66
C GLU D 307 -26.96 16.39 19.23
N GLY D 308 -26.05 15.75 20.00
CA GLY D 308 -26.31 14.45 20.62
C GLY D 308 -25.27 13.35 20.51
N ASP D 309 -24.29 13.46 19.55
CA ASP D 309 -23.25 12.45 19.29
C ASP D 309 -21.82 12.93 19.55
N VAL D 310 -21.23 12.48 20.66
CA VAL D 310 -19.87 12.86 21.07
C VAL D 310 -18.77 12.04 20.36
N ARG D 311 -19.17 10.97 19.67
CA ARG D 311 -18.24 10.10 18.97
C ARG D 311 -17.35 10.78 17.92
N PRO D 312 -17.86 11.62 16.96
CA PRO D 312 -16.94 12.29 16.01
C PRO D 312 -15.84 13.10 16.69
N PHE D 313 -16.17 13.77 17.83
CA PHE D 313 -15.18 14.55 18.57
C PHE D 313 -14.13 13.65 19.19
N ILE D 314 -14.55 12.46 19.71
CA ILE D 314 -13.62 11.46 20.28
C ILE D 314 -12.67 10.96 19.20
N ARG D 315 -13.17 10.76 17.97
CA ARG D 315 -12.36 10.31 16.84
C ARG D 315 -11.40 11.43 16.41
N PHE D 316 -11.86 12.68 16.45
CA PHE D 316 -11.04 13.85 16.11
C PHE D 316 -9.83 13.94 17.04
N ILE D 317 -10.09 13.91 18.36
CA ILE D 317 -9.08 13.92 19.42
C ILE D 317 -8.12 12.72 19.27
N ALA D 318 -8.66 11.55 18.88
CA ALA D 318 -7.87 10.34 18.62
C ALA D 318 -6.99 10.51 17.35
N LYS D 319 -7.49 11.19 16.27
CA LYS D 319 -6.70 11.45 15.05
C LYS D 319 -5.53 12.37 15.39
N CYS D 320 -5.79 13.37 16.31
CA CYS D 320 -4.79 14.31 16.84
C CYS D 320 -3.76 13.54 17.65
N THR D 321 -4.19 12.61 18.54
CA THR D 321 -3.24 11.83 19.33
C THR D 321 -2.32 11.01 18.44
N GLU D 322 -2.86 10.40 17.34
CA GLU D 322 -2.07 9.63 16.40
C GLU D 322 -1.10 10.52 15.65
N THR D 323 -1.56 11.65 15.08
CA THR D 323 -0.67 12.59 14.38
C THR D 323 0.45 13.16 15.29
N THR D 324 0.23 13.24 16.61
CA THR D 324 1.25 13.67 17.57
C THR D 324 2.24 12.52 17.83
N LEU D 325 1.73 11.27 17.93
CA LEU D 325 2.57 10.07 18.13
C LEU D 325 3.41 9.74 16.87
N ASP D 326 2.90 10.07 15.66
CA ASP D 326 3.59 9.85 14.38
C ASP D 326 4.77 10.80 14.20
N THR D 327 4.57 12.08 14.57
CA THR D 327 5.56 13.16 14.48
C THR D 327 6.76 12.88 15.41
N LEU D 328 6.50 12.25 16.56
CA LEU D 328 7.55 11.86 17.52
C LEU D 328 8.37 10.69 17.00
N LEU D 329 7.71 9.73 16.32
CA LEU D 329 8.37 8.53 15.79
C LEU D 329 9.13 8.73 14.46
N PHE D 330 9.30 10.00 14.04
CA PHE D 330 10.08 10.35 12.85
C PHE D 330 11.58 10.22 13.15
N ALA D 331 11.95 10.34 14.45
CA ALA D 331 13.32 10.21 14.97
C ALA D 331 13.48 8.88 15.73
N ALA E 5 68.04 -4.73 8.91
CA ALA E 5 66.66 -4.28 9.10
C ALA E 5 66.59 -2.96 9.85
N ARG E 6 67.05 -2.92 11.13
CA ARG E 6 67.08 -1.71 11.96
C ARG E 6 68.16 -0.76 11.44
N ALA E 7 69.20 -1.33 10.79
CA ALA E 7 70.30 -0.62 10.18
C ALA E 7 69.81 0.34 9.09
N ALA E 8 68.86 -0.12 8.25
CA ALA E 8 68.25 0.65 7.17
C ALA E 8 67.38 1.80 7.71
N LEU E 9 66.59 1.54 8.78
CA LEU E 9 65.73 2.55 9.39
C LEU E 9 66.52 3.69 10.00
N ASN E 10 67.63 3.37 10.68
CA ASN E 10 68.48 4.38 11.28
C ASN E 10 69.18 5.22 10.21
N GLN E 11 69.48 4.59 9.05
CA GLN E 11 70.11 5.21 7.88
C GLN E 11 69.09 6.11 7.14
N ALA E 12 67.85 5.60 6.94
CA ALA E 12 66.74 6.30 6.29
C ALA E 12 66.39 7.59 7.03
N LEU E 13 66.31 7.53 8.38
CA LEU E 13 66.02 8.65 9.26
C LEU E 13 67.11 9.75 9.19
N GLU E 14 68.40 9.31 9.07
CA GLU E 14 69.55 10.21 8.94
C GLU E 14 69.53 10.94 7.60
N MET E 15 69.17 10.20 6.53
CA MET E 15 69.04 10.71 5.17
C MET E 15 67.94 11.76 5.08
N LYS E 16 66.82 11.51 5.81
CA LYS E 16 65.65 12.40 5.93
C LYS E 16 66.04 13.74 6.55
N ARG E 17 67.02 13.71 7.50
CA ARG E 17 67.56 14.90 8.16
C ARG E 17 68.39 15.73 7.17
N GLN E 18 68.07 17.04 7.06
CA GLN E 18 68.67 18.04 6.18
C GLN E 18 68.37 17.92 4.67
N GLY E 19 68.32 16.70 4.14
CA GLY E 19 68.04 16.49 2.71
C GLY E 19 67.70 15.07 2.31
N LYS E 20 68.47 14.52 1.33
CA LYS E 20 68.40 13.19 0.72
C LYS E 20 67.04 12.45 0.74
N ARG E 21 66.01 13.07 0.11
CA ARG E 21 64.62 12.59 0.02
C ARG E 21 64.46 11.20 -0.61
N GLU E 22 64.88 11.05 -1.89
CA GLU E 22 64.77 9.80 -2.63
C GLU E 22 65.70 8.70 -2.12
N LYS E 23 66.80 9.09 -1.43
CA LYS E 23 67.76 8.17 -0.82
C LYS E 23 67.14 7.49 0.40
N ALA E 24 66.30 8.26 1.14
CA ALA E 24 65.56 7.83 2.34
C ALA E 24 64.33 7.00 1.95
N GLN E 25 63.58 7.45 0.92
CA GLN E 25 62.39 6.76 0.45
C GLN E 25 62.69 5.30 0.05
N LYS E 26 63.80 5.08 -0.67
CA LYS E 26 64.22 3.74 -1.09
C LYS E 26 64.80 2.94 0.12
N LEU E 27 65.37 3.67 1.12
CA LEU E 27 65.93 3.10 2.36
C LEU E 27 64.83 2.60 3.29
N PHE E 28 63.74 3.39 3.39
CA PHE E 28 62.55 3.06 4.15
C PHE E 28 61.89 1.82 3.55
N MET E 29 61.79 1.78 2.18
CA MET E 29 61.24 0.67 1.40
C MET E 29 62.05 -0.60 1.59
N HIS E 30 63.39 -0.46 1.72
CA HIS E 30 64.32 -1.55 1.99
C HIS E 30 64.03 -2.19 3.36
N ALA E 31 63.94 -1.37 4.45
CA ALA E 31 63.63 -1.79 5.83
C ALA E 31 62.31 -2.57 5.94
N LEU E 32 61.30 -2.21 5.11
CA LEU E 32 60.00 -2.88 5.04
C LEU E 32 60.06 -4.13 4.11
N LYS E 33 60.98 -4.14 3.13
CA LYS E 33 61.17 -5.29 2.23
C LYS E 33 61.89 -6.38 3.02
N MET E 34 62.72 -5.97 4.01
CA MET E 34 63.48 -6.82 4.93
C MET E 34 62.54 -7.44 5.96
N ASP E 35 61.62 -6.61 6.50
CA ASP E 35 60.62 -6.98 7.52
C ASP E 35 59.39 -6.06 7.39
N PRO E 36 58.28 -6.52 6.80
CA PRO E 36 57.09 -5.64 6.70
C PRO E 36 56.32 -5.49 8.04
N ASP E 37 56.75 -6.22 9.08
CA ASP E 37 56.17 -6.16 10.42
C ASP E 37 57.10 -5.39 11.38
N PHE E 38 57.73 -4.31 10.86
CA PHE E 38 58.66 -3.45 11.58
C PHE E 38 57.92 -2.18 12.05
N VAL E 39 57.18 -2.29 13.17
CA VAL E 39 56.36 -1.24 13.81
C VAL E 39 56.99 0.16 13.80
N ASP E 40 58.31 0.25 14.05
CA ASP E 40 59.10 1.48 14.07
C ASP E 40 59.36 2.06 12.67
N ALA E 41 59.52 1.20 11.64
CA ALA E 41 59.72 1.64 10.26
C ALA E 41 58.43 2.20 9.72
N LEU E 42 57.30 1.47 9.92
CA LEU E 42 55.95 1.81 9.48
C LEU E 42 55.54 3.21 9.97
N THR E 43 55.72 3.51 11.30
CA THR E 43 55.40 4.83 11.86
C THR E 43 56.35 5.90 11.36
N GLU E 44 57.64 5.55 11.16
CA GLU E 44 58.63 6.50 10.66
C GLU E 44 58.34 6.86 9.20
N PHE E 45 58.04 5.85 8.36
CA PHE E 45 57.71 6.03 6.95
C PHE E 45 56.37 6.78 6.81
N GLY E 46 55.46 6.49 7.73
CA GLY E 46 54.16 7.14 7.82
C GLY E 46 54.31 8.63 8.10
N ILE E 47 55.18 9.01 9.08
CA ILE E 47 55.46 10.42 9.42
C ILE E 47 56.21 11.12 8.28
N PHE E 48 57.09 10.39 7.59
CA PHE E 48 57.84 10.86 6.41
C PHE E 48 56.93 11.15 5.21
N SER E 49 55.96 10.24 4.90
CA SER E 49 55.04 10.34 3.76
C SER E 49 54.06 11.50 3.90
N GLU E 50 53.65 11.78 5.15
CA GLU E 50 52.75 12.88 5.51
C GLU E 50 53.35 14.25 5.17
N GLU E 51 54.68 14.34 5.09
CA GLU E 51 55.41 15.55 4.72
C GLU E 51 55.27 15.84 3.21
N ASP E 52 55.25 14.78 2.35
CA ASP E 52 55.09 14.91 0.89
C ASP E 52 53.59 15.09 0.47
N LYS E 53 52.72 15.38 1.46
CA LYS E 53 51.25 15.59 1.38
C LYS E 53 50.39 14.31 1.21
N ASP E 54 51.01 13.10 1.38
CA ASP E 54 50.31 11.82 1.25
C ASP E 54 49.79 11.31 2.58
N ILE E 55 48.67 11.85 3.04
CA ILE E 55 48.06 11.43 4.31
C ILE E 55 47.48 9.98 4.20
N ILE E 56 46.84 9.65 3.07
CA ILE E 56 46.27 8.33 2.80
C ILE E 56 47.27 7.18 3.06
N GLN E 57 48.47 7.24 2.45
CA GLN E 57 49.54 6.25 2.63
C GLN E 57 49.99 6.22 4.08
N ALA E 58 50.14 7.40 4.71
CA ALA E 58 50.57 7.54 6.11
C ALA E 58 49.64 6.75 7.05
N ASP E 59 48.32 7.00 6.92
CA ASP E 59 47.28 6.33 7.69
C ASP E 59 47.37 4.82 7.51
N TYR E 60 47.58 4.32 6.25
CA TYR E 60 47.74 2.89 5.93
C TYR E 60 48.85 2.26 6.79
N LEU E 61 50.02 2.96 6.86
CA LEU E 61 51.20 2.62 7.64
C LEU E 61 50.88 2.66 9.14
N TYR E 62 50.27 3.76 9.67
CA TYR E 62 49.96 3.79 11.10
C TYR E 62 49.02 2.64 11.47
N THR E 63 48.02 2.35 10.61
CA THR E 63 47.03 1.26 10.74
C THR E 63 47.76 -0.10 10.72
N ARG E 64 48.66 -0.33 9.71
CA ARG E 64 49.44 -1.56 9.62
C ARG E 64 50.24 -1.76 10.91
N ALA E 65 50.86 -0.67 11.41
CA ALA E 65 51.62 -0.69 12.65
C ALA E 65 50.77 -1.13 13.85
N LEU E 66 49.53 -0.59 13.96
CA LEU E 66 48.63 -0.89 15.08
C LEU E 66 48.08 -2.32 15.14
N THR E 67 47.88 -2.97 13.99
CA THR E 67 47.38 -4.35 13.92
C THR E 67 48.46 -5.28 14.49
N ILE E 68 49.75 -4.94 14.25
CA ILE E 68 50.91 -5.68 14.74
C ILE E 68 51.01 -5.40 16.25
N SER E 69 51.16 -4.12 16.65
CA SER E 69 51.32 -3.67 18.03
C SER E 69 50.23 -2.64 18.46
N PRO E 70 49.10 -3.10 19.08
CA PRO E 70 47.99 -2.18 19.41
C PRO E 70 48.23 -1.04 20.38
N TYR E 71 49.24 -1.17 21.27
CA TYR E 71 49.48 -0.08 22.24
C TYR E 71 50.71 0.79 21.97
N HIS E 72 51.26 0.71 20.73
CA HIS E 72 52.38 1.52 20.30
C HIS E 72 51.88 2.98 20.30
N GLU E 73 52.40 3.78 21.26
CA GLU E 73 52.01 5.16 21.50
C GLU E 73 52.17 6.07 20.29
N LYS E 74 53.34 6.04 19.61
CA LYS E 74 53.58 6.89 18.43
C LYS E 74 52.57 6.62 17.30
N ALA E 75 52.23 5.31 17.04
CA ALA E 75 51.24 4.90 16.05
C ALA E 75 49.85 5.30 16.47
N LEU E 76 49.52 5.23 17.78
CA LEU E 76 48.22 5.62 18.31
C LEU E 76 47.88 7.09 18.17
N VAL E 77 48.76 8.00 18.64
CA VAL E 77 48.57 9.47 18.59
C VAL E 77 48.44 9.97 17.16
N ASN E 78 49.13 9.29 16.24
CA ASN E 78 49.10 9.63 14.84
C ASN E 78 47.78 9.15 14.23
N ARG E 79 47.44 7.84 14.42
CA ARG E 79 46.23 7.19 13.92
C ARG E 79 44.96 7.84 14.48
N ASP E 80 44.98 8.26 15.75
CA ASP E 80 43.81 8.91 16.37
C ASP E 80 43.40 10.23 15.68
N ARG E 81 44.31 10.78 14.85
CA ARG E 81 44.15 12.02 14.10
C ARG E 81 43.83 11.72 12.62
N THR E 82 44.49 10.72 12.01
CA THR E 82 44.29 10.37 10.60
C THR E 82 43.00 9.64 10.34
N LEU E 83 42.63 8.65 11.19
CA LEU E 83 41.41 7.85 11.06
C LEU E 83 40.20 8.71 10.60
N PRO E 84 39.77 9.74 11.39
CA PRO E 84 38.61 10.54 10.96
C PRO E 84 38.87 11.37 9.70
N LEU E 85 40.08 11.93 9.59
CA LEU E 85 40.48 12.76 8.45
C LEU E 85 40.47 11.97 7.14
N VAL E 86 41.05 10.74 7.13
CA VAL E 86 41.11 9.84 5.98
C VAL E 86 39.69 9.36 5.55
N GLU E 87 38.80 9.11 6.55
CA GLU E 87 37.38 8.74 6.35
C GLU E 87 36.62 9.87 5.62
N GLU E 88 36.94 11.16 5.94
CA GLU E 88 36.32 12.32 5.32
C GLU E 88 36.87 12.46 3.90
N ILE E 89 38.18 12.30 3.72
CA ILE E 89 38.81 12.34 2.39
C ILE E 89 38.15 11.32 1.47
N ASP E 90 37.99 10.08 1.95
CA ASP E 90 37.35 8.99 1.19
C ASP E 90 35.91 9.35 0.84
N GLN E 91 35.14 9.84 1.84
CA GLN E 91 33.72 10.26 1.69
C GLN E 91 33.55 11.38 0.72
N ARG E 92 34.53 12.27 0.59
CA ARG E 92 34.50 13.40 -0.35
C ARG E 92 34.67 12.92 -1.79
N TYR E 93 35.57 11.93 -2.03
CA TYR E 93 35.85 11.37 -3.34
C TYR E 93 34.61 10.68 -3.87
N PHE E 94 33.84 10.07 -2.97
CA PHE E 94 32.62 9.38 -3.31
C PHE E 94 31.61 10.38 -3.75
N SER E 95 31.56 11.56 -3.12
CA SER E 95 30.64 12.63 -3.53
C SER E 95 31.01 13.20 -4.92
N ILE E 96 32.34 13.25 -5.25
CA ILE E 96 32.86 13.74 -6.53
C ILE E 96 32.38 12.77 -7.62
N ILE E 97 32.43 11.43 -7.34
CA ILE E 97 31.97 10.34 -8.23
C ILE E 97 30.45 10.45 -8.43
N ASP E 98 29.68 10.70 -7.35
CA ASP E 98 28.24 10.87 -7.39
C ASP E 98 27.81 12.02 -8.29
N SER E 99 28.52 13.16 -8.23
CA SER E 99 28.26 14.35 -9.05
C SER E 99 28.47 14.05 -10.54
N LYS E 100 29.48 13.21 -10.86
CA LYS E 100 29.78 12.78 -12.24
C LYS E 100 28.74 11.76 -12.75
N VAL E 101 28.22 10.87 -11.85
CA VAL E 101 27.17 9.89 -12.19
C VAL E 101 25.83 10.60 -12.40
N LYS E 102 25.66 11.78 -11.78
CA LYS E 102 24.52 12.69 -11.92
C LYS E 102 24.64 13.31 -13.32
N LYS E 103 25.88 13.65 -13.74
CA LYS E 103 26.17 14.24 -15.06
C LYS E 103 26.00 13.22 -16.18
N VAL E 104 26.35 11.93 -15.92
CA VAL E 104 26.22 10.82 -16.87
C VAL E 104 24.74 10.30 -16.96
N MET E 105 23.93 10.57 -15.93
CA MET E 105 22.51 10.23 -15.88
C MET E 105 21.68 11.13 -16.78
N SER E 106 21.89 12.46 -16.54
CA SER E 106 21.25 13.67 -17.07
C SER E 106 21.81 14.15 -18.40
N ILE E 107 22.62 13.31 -19.03
CA ILE E 107 23.14 13.52 -20.36
C ILE E 107 21.97 13.00 -21.26
N PRO E 108 21.98 13.15 -22.62
CA PRO E 108 20.84 12.65 -23.42
C PRO E 108 20.61 11.12 -23.37
N LYS E 109 19.51 10.67 -23.99
CA LYS E 109 19.15 9.27 -24.06
C LYS E 109 19.15 8.84 -25.52
N GLY E 110 19.86 7.76 -25.82
CA GLY E 110 20.01 7.27 -27.17
C GLY E 110 21.12 7.98 -27.94
N ASN E 111 21.16 9.34 -27.83
CA ASN E 111 22.13 10.25 -28.46
C ASN E 111 22.58 9.81 -29.87
N SER E 112 23.91 9.66 -30.06
CA SER E 112 24.62 9.34 -31.30
C SER E 112 26.14 9.32 -31.04
N ALA E 113 26.63 10.28 -30.21
CA ALA E 113 28.05 10.41 -29.82
C ALA E 113 28.34 9.52 -28.62
N LEU E 114 27.37 9.41 -27.67
CA LEU E 114 27.46 8.58 -26.47
C LEU E 114 27.24 7.11 -26.84
N ARG E 115 26.36 6.85 -27.83
CA ARG E 115 26.04 5.51 -28.34
C ARG E 115 27.27 4.87 -29.00
N ARG E 116 28.09 5.70 -29.69
CA ARG E 116 29.33 5.28 -30.36
C ARG E 116 30.41 4.94 -29.33
N VAL E 117 30.35 5.56 -28.13
CA VAL E 117 31.27 5.32 -27.01
C VAL E 117 30.85 4.01 -26.33
N MET E 118 29.54 3.83 -26.04
CA MET E 118 28.98 2.64 -25.39
C MET E 118 29.29 1.33 -26.13
N GLU E 119 29.14 1.31 -27.47
CA GLU E 119 29.39 0.13 -28.28
C GLU E 119 30.86 -0.25 -28.36
N GLU E 120 31.76 0.75 -28.47
CA GLU E 120 33.20 0.51 -28.50
C GLU E 120 33.76 0.11 -27.13
N THR E 121 33.20 0.67 -26.03
CA THR E 121 33.60 0.35 -24.66
C THR E 121 33.19 -1.06 -24.24
N TYR E 122 32.24 -1.67 -24.98
CA TYR E 122 31.78 -3.04 -24.76
C TYR E 122 32.92 -3.97 -25.22
N TYR E 123 33.40 -3.77 -26.47
CA TYR E 123 34.50 -4.52 -27.07
C TYR E 123 35.81 -4.27 -26.31
N HIS E 124 35.98 -3.03 -25.81
CA HIS E 124 37.10 -2.59 -25.00
C HIS E 124 37.14 -3.34 -23.65
N HIS E 125 35.99 -3.40 -22.91
CA HIS E 125 35.87 -4.10 -21.61
C HIS E 125 36.38 -5.55 -21.73
N ILE E 126 35.99 -6.25 -22.84
CA ILE E 126 36.44 -7.63 -23.12
C ILE E 126 37.96 -7.63 -23.30
N TYR E 127 38.49 -6.74 -24.16
CA TYR E 127 39.94 -6.64 -24.41
C TYR E 127 40.76 -6.65 -23.11
N HIS E 128 40.42 -5.74 -22.17
CA HIS E 128 41.12 -5.59 -20.91
C HIS E 128 40.91 -6.72 -19.93
N THR E 129 39.67 -7.22 -19.77
CA THR E 129 39.36 -8.32 -18.85
C THR E 129 40.05 -9.61 -19.20
N VAL E 130 40.29 -9.85 -20.51
CA VAL E 130 40.97 -11.06 -20.98
C VAL E 130 42.50 -10.86 -20.98
N ALA E 131 42.99 -9.66 -21.44
CA ALA E 131 44.40 -9.30 -21.52
C ALA E 131 45.06 -9.27 -20.14
N ILE E 132 44.32 -8.81 -19.11
CA ILE E 132 44.77 -8.78 -17.71
C ILE E 132 45.12 -10.20 -17.18
N GLU E 133 44.58 -11.23 -17.83
CA GLU E 133 44.82 -12.64 -17.55
C GLU E 133 45.88 -13.28 -18.44
N GLY E 134 46.35 -12.51 -19.43
CA GLY E 134 47.40 -12.92 -20.36
C GLY E 134 46.99 -13.16 -21.81
N ASN E 135 45.80 -12.69 -22.23
CA ASN E 135 45.34 -12.90 -23.61
C ASN E 135 46.06 -12.01 -24.62
N THR E 136 46.79 -12.62 -25.57
CA THR E 136 47.60 -11.94 -26.58
C THR E 136 46.77 -11.27 -27.71
N LEU E 137 45.46 -11.50 -27.72
CA LEU E 137 44.58 -10.91 -28.74
C LEU E 137 44.49 -9.38 -28.71
N THR E 138 44.34 -8.78 -29.90
CA THR E 138 44.20 -7.32 -30.08
C THR E 138 42.72 -6.92 -30.09
N LEU E 139 42.44 -5.63 -29.93
CA LEU E 139 41.09 -5.09 -29.93
C LEU E 139 40.43 -5.28 -31.31
N SER E 140 41.22 -5.18 -32.41
CA SER E 140 40.73 -5.37 -33.78
C SER E 140 40.37 -6.86 -34.02
N GLU E 141 41.19 -7.79 -33.47
CA GLU E 141 40.98 -9.24 -33.55
C GLU E 141 39.71 -9.61 -32.75
N ILE E 142 39.51 -9.00 -31.55
CA ILE E 142 38.35 -9.24 -30.69
C ILE E 142 37.09 -8.75 -31.39
N ARG E 143 37.16 -7.55 -32.01
CA ARG E 143 36.08 -6.92 -32.76
C ARG E 143 35.69 -7.80 -33.97
N HIS E 144 36.69 -8.50 -34.56
CA HIS E 144 36.50 -9.41 -35.70
C HIS E 144 35.77 -10.68 -35.24
N ILE E 145 36.37 -11.41 -34.27
CA ILE E 145 35.87 -12.65 -33.64
C ILE E 145 34.40 -12.51 -33.24
N LEU E 146 34.03 -11.42 -32.56
CA LEU E 146 32.65 -11.20 -32.13
C LEU E 146 31.65 -10.82 -33.24
N GLU E 147 32.14 -10.29 -34.39
CA GLU E 147 31.30 -9.84 -35.52
C GLU E 147 31.12 -10.87 -36.64
N THR E 148 32.21 -11.52 -37.05
CA THR E 148 32.21 -12.52 -38.12
C THR E 148 31.94 -13.93 -37.59
N ARG E 149 32.37 -14.18 -36.35
CA ARG E 149 32.34 -15.48 -35.65
C ARG E 149 33.37 -16.43 -36.29
N TYR E 150 34.25 -15.86 -37.17
CA TYR E 150 35.33 -16.57 -37.85
C TYR E 150 36.58 -16.49 -36.99
N ALA E 151 37.44 -17.50 -37.12
CA ALA E 151 38.67 -17.58 -36.37
C ALA E 151 39.74 -16.63 -36.87
N VAL E 152 40.45 -15.99 -35.92
CA VAL E 152 41.55 -15.10 -36.20
C VAL E 152 42.75 -16.00 -36.51
N PRO E 153 43.33 -15.86 -37.73
CA PRO E 153 44.47 -16.69 -38.12
C PRO E 153 45.72 -16.44 -37.28
N GLY E 154 46.37 -17.54 -36.89
CA GLY E 154 47.62 -17.48 -36.15
C GLY E 154 47.53 -17.48 -34.63
N LYS E 155 46.30 -17.28 -34.08
CA LYS E 155 46.09 -17.28 -32.63
C LYS E 155 45.43 -18.57 -32.14
N SER E 156 45.75 -19.00 -30.91
CA SER E 156 45.19 -20.24 -30.32
C SER E 156 43.67 -20.18 -30.10
N LEU E 157 43.02 -21.35 -30.17
CA LEU E 157 41.56 -21.48 -30.02
C LEU E 157 41.10 -21.09 -28.64
N GLU E 158 41.85 -21.50 -27.59
CA GLU E 158 41.61 -21.18 -26.18
C GLU E 158 41.43 -19.69 -25.95
N GLU E 159 42.32 -18.86 -26.52
CA GLU E 159 42.30 -17.39 -26.42
C GLU E 159 41.06 -16.76 -27.06
N GLN E 160 40.55 -17.36 -28.13
CA GLN E 160 39.42 -16.81 -28.84
C GLN E 160 38.13 -17.27 -28.21
N ASN E 161 38.22 -18.44 -27.52
CA ASN E 161 37.11 -19.02 -26.78
C ASN E 161 36.91 -18.28 -25.44
N GLU E 162 38.00 -17.65 -24.92
CA GLU E 162 37.96 -16.77 -23.73
C GLU E 162 37.06 -15.56 -24.08
N VAL E 163 37.22 -15.05 -25.32
CA VAL E 163 36.49 -13.89 -25.87
C VAL E 163 34.97 -14.17 -26.04
N ILE E 164 34.62 -15.31 -26.66
CA ILE E 164 33.22 -15.73 -26.90
C ILE E 164 32.56 -15.91 -25.55
N GLY E 165 33.28 -16.52 -24.62
CA GLY E 165 32.85 -16.77 -23.26
C GLY E 165 32.45 -15.52 -22.51
N MET E 166 33.30 -14.48 -22.58
CA MET E 166 33.00 -13.19 -21.96
C MET E 166 31.68 -12.65 -22.49
N HIS E 167 31.59 -12.51 -23.81
CA HIS E 167 30.42 -12.03 -24.54
C HIS E 167 29.07 -12.71 -24.13
N ALA E 168 29.12 -14.04 -23.98
CA ALA E 168 27.98 -14.89 -23.56
C ALA E 168 27.58 -14.54 -22.13
N ALA E 169 28.60 -14.26 -21.27
CA ALA E 169 28.47 -13.91 -19.87
C ALA E 169 27.84 -12.59 -19.72
N MET E 170 28.34 -11.56 -20.45
CA MET E 170 27.77 -10.21 -20.33
C MET E 170 26.41 -9.99 -21.00
N LYS E 171 26.14 -10.78 -22.07
CA LYS E 171 24.83 -10.79 -22.73
C LYS E 171 23.83 -11.44 -21.80
N TYR E 172 24.28 -12.40 -20.97
CA TYR E 172 23.45 -13.07 -19.99
C TYR E 172 23.10 -12.14 -18.86
N ILE E 173 24.10 -11.49 -18.24
CA ILE E 173 23.92 -10.52 -17.13
C ILE E 173 22.94 -9.42 -17.53
N ASN E 174 23.16 -8.80 -18.72
CA ASN E 174 22.33 -7.70 -19.23
C ASN E 174 20.86 -8.01 -19.54
N THR E 175 20.58 -9.25 -19.98
CA THR E 175 19.24 -9.72 -20.30
C THR E 175 18.48 -10.28 -19.09
N THR E 176 19.13 -11.21 -18.35
CA THR E 176 18.55 -11.90 -17.21
C THR E 176 18.67 -11.21 -15.86
N LEU E 177 19.89 -10.95 -15.43
CA LEU E 177 20.33 -10.45 -14.13
C LEU E 177 20.18 -8.95 -13.75
N VAL E 178 20.70 -8.00 -14.56
CA VAL E 178 20.69 -6.55 -14.31
C VAL E 178 19.38 -6.02 -13.70
N SER E 179 18.29 -6.09 -14.49
CA SER E 179 16.94 -5.59 -14.21
C SER E 179 16.13 -6.46 -13.25
N ARG E 180 16.55 -7.71 -13.07
CA ARG E 180 15.88 -8.67 -12.20
C ARG E 180 15.73 -8.16 -10.77
N ILE E 181 14.52 -8.33 -10.26
CA ILE E 181 14.13 -7.93 -8.92
C ILE E 181 14.33 -9.15 -8.01
N GLY E 182 14.77 -8.89 -6.79
CA GLY E 182 15.02 -9.93 -5.80
C GLY E 182 16.46 -10.03 -5.34
N SER E 183 16.75 -11.13 -4.62
CA SER E 183 18.07 -11.42 -4.06
C SER E 183 18.97 -12.19 -5.05
N VAL E 184 20.28 -11.85 -5.04
CA VAL E 184 21.32 -12.49 -5.84
C VAL E 184 21.62 -13.84 -5.18
N THR E 185 21.61 -14.94 -5.97
CA THR E 185 21.81 -16.30 -5.47
C THR E 185 23.09 -16.94 -5.96
N ILE E 186 23.42 -18.09 -5.36
CA ILE E 186 24.59 -18.90 -5.66
C ILE E 186 24.49 -19.44 -7.09
N SER E 187 23.24 -19.63 -7.59
CA SER E 187 22.93 -20.14 -8.93
C SER E 187 23.28 -19.13 -10.01
N ASP E 188 23.10 -17.83 -9.69
CA ASP E 188 23.41 -16.69 -10.55
C ASP E 188 24.91 -16.61 -10.85
N VAL E 189 25.75 -16.75 -9.79
CA VAL E 189 27.22 -16.75 -9.89
C VAL E 189 27.74 -17.96 -10.72
N LEU E 190 27.16 -19.17 -10.49
CA LEU E 190 27.52 -20.40 -11.21
C LEU E 190 27.09 -20.30 -12.66
N GLU E 191 25.99 -19.55 -12.94
CA GLU E 191 25.45 -19.27 -14.28
C GLU E 191 26.33 -18.31 -15.10
N ILE E 192 26.96 -17.28 -14.42
CA ILE E 192 27.91 -16.33 -15.02
C ILE E 192 29.16 -17.12 -15.36
N HIS E 193 29.66 -17.93 -14.39
CA HIS E 193 30.86 -18.75 -14.60
C HIS E 193 30.64 -19.77 -15.68
N ARG E 194 29.43 -20.32 -15.77
CA ARG E 194 29.06 -21.29 -16.79
C ARG E 194 29.37 -20.74 -18.19
N ARG E 195 29.13 -19.45 -18.43
CA ARG E 195 29.40 -18.82 -19.72
C ARG E 195 30.82 -18.35 -19.84
N VAL E 196 31.40 -17.73 -18.78
CA VAL E 196 32.79 -17.22 -18.76
C VAL E 196 33.81 -18.29 -19.25
N LEU E 197 33.79 -19.46 -18.60
CA LEU E 197 34.71 -20.57 -18.77
C LEU E 197 34.23 -21.75 -19.64
N GLY E 198 32.96 -21.74 -20.04
CA GLY E 198 32.30 -22.77 -20.83
C GLY E 198 32.91 -23.14 -22.17
N TYR E 199 33.49 -22.18 -22.90
CA TYR E 199 34.06 -22.48 -24.21
C TYR E 199 35.52 -22.88 -24.13
N VAL E 200 36.12 -22.74 -22.93
CA VAL E 200 37.54 -23.04 -22.68
C VAL E 200 37.70 -24.34 -21.93
N ASP E 201 36.85 -24.59 -20.91
CA ASP E 201 36.84 -25.79 -20.06
C ASP E 201 35.41 -26.09 -19.64
N PRO E 202 34.65 -26.77 -20.51
CA PRO E 202 33.23 -27.06 -20.19
C PRO E 202 32.99 -28.05 -19.04
N VAL E 203 34.02 -28.79 -18.67
CA VAL E 203 33.98 -29.74 -17.57
C VAL E 203 34.00 -28.99 -16.22
N GLU E 204 34.87 -27.96 -16.06
CA GLU E 204 34.96 -27.18 -14.83
C GLU E 204 34.08 -25.90 -14.81
N ALA E 205 33.58 -25.46 -15.98
CA ALA E 205 32.71 -24.27 -16.09
C ALA E 205 31.41 -24.49 -15.35
N GLY E 206 31.01 -23.53 -14.54
CA GLY E 206 29.77 -23.61 -13.76
C GLY E 206 29.84 -24.52 -12.55
N ARG E 207 31.03 -24.92 -12.12
CA ARG E 207 31.18 -25.74 -10.92
C ARG E 207 32.28 -25.28 -9.95
N PHE E 208 32.10 -25.60 -8.67
CA PHE E 208 33.10 -25.26 -7.64
C PHE E 208 34.38 -26.11 -7.70
N ARG E 209 35.49 -25.47 -7.35
CA ARG E 209 36.83 -26.02 -7.26
C ARG E 209 36.81 -27.31 -6.44
N THR E 210 37.52 -28.34 -6.90
CA THR E 210 37.60 -29.66 -6.25
C THR E 210 38.98 -29.87 -5.63
N THR E 211 39.99 -29.11 -6.12
CA THR E 211 41.36 -29.15 -5.64
C THR E 211 41.69 -27.88 -4.85
N GLN E 212 42.91 -27.78 -4.26
CA GLN E 212 43.38 -26.61 -3.54
C GLN E 212 44.39 -25.92 -4.43
N VAL E 213 44.32 -24.59 -4.50
CA VAL E 213 45.19 -23.78 -5.35
C VAL E 213 45.94 -22.68 -4.59
N LEU E 214 46.90 -22.05 -5.27
CA LEU E 214 47.64 -20.89 -4.79
C LEU E 214 47.45 -19.72 -5.81
N VAL E 215 47.14 -18.51 -5.28
CA VAL E 215 46.96 -17.28 -6.08
C VAL E 215 48.04 -16.33 -5.52
N GLY E 216 49.18 -16.29 -6.18
CA GLY E 216 50.30 -15.49 -5.67
C GLY E 216 50.83 -16.08 -4.38
N HIS E 217 50.54 -15.42 -3.25
CA HIS E 217 50.92 -15.91 -1.92
C HIS E 217 49.67 -16.26 -1.12
N HIS E 218 48.50 -16.21 -1.76
CA HIS E 218 47.21 -16.46 -1.14
C HIS E 218 46.71 -17.88 -1.34
N ILE E 219 46.36 -18.52 -0.21
CA ILE E 219 45.84 -19.88 -0.20
C ILE E 219 44.34 -19.78 0.13
N PRO E 220 43.47 -19.92 -0.90
CA PRO E 220 42.01 -19.75 -0.68
C PRO E 220 41.38 -20.84 0.19
N PRO E 221 40.10 -20.72 0.60
CA PRO E 221 39.49 -21.79 1.41
C PRO E 221 39.59 -23.16 0.77
N HIS E 222 39.66 -24.24 1.57
CA HIS E 222 39.75 -25.60 1.02
C HIS E 222 38.45 -25.95 0.28
N PRO E 223 38.51 -26.68 -0.88
CA PRO E 223 37.29 -27.03 -1.62
C PRO E 223 36.10 -27.56 -0.81
N GLN E 224 36.37 -28.17 0.36
CA GLN E 224 35.36 -28.70 1.27
C GLN E 224 34.56 -27.56 1.94
N ASP E 225 35.18 -26.39 2.09
CA ASP E 225 34.60 -25.24 2.75
C ASP E 225 34.07 -24.17 1.80
N VAL E 226 34.38 -24.30 0.48
CA VAL E 226 33.97 -23.35 -0.59
C VAL E 226 32.46 -23.10 -0.57
N GLU E 227 31.65 -24.18 -0.53
CA GLU E 227 30.21 -24.10 -0.52
C GLU E 227 29.69 -23.30 0.67
N LYS E 228 30.26 -23.51 1.87
CA LYS E 228 29.82 -22.80 3.07
C LYS E 228 30.14 -21.30 2.98
N GLN E 229 31.37 -20.98 2.52
CA GLN E 229 31.87 -19.61 2.37
C GLN E 229 31.11 -18.87 1.27
N MET E 230 30.63 -19.61 0.25
CA MET E 230 29.85 -19.01 -0.83
C MET E 230 28.44 -18.72 -0.34
N GLN E 231 27.93 -19.55 0.60
CA GLN E 231 26.62 -19.38 1.22
C GLN E 231 26.56 -18.12 2.06
N GLU E 232 27.64 -17.86 2.83
CA GLU E 232 27.83 -16.68 3.69
C GLU E 232 27.95 -15.41 2.86
N PHE E 233 28.75 -15.48 1.73
CA PHE E 233 28.96 -14.40 0.76
C PHE E 233 27.63 -13.99 0.10
N VAL E 234 26.85 -14.96 -0.44
CA VAL E 234 25.56 -14.63 -1.05
C VAL E 234 24.63 -13.96 -0.02
N GLN E 235 24.66 -14.46 1.21
CA GLN E 235 23.87 -13.95 2.33
C GLN E 235 24.28 -12.50 2.62
N TRP E 236 25.59 -12.21 2.53
CA TRP E 236 26.09 -10.85 2.76
C TRP E 236 25.66 -9.89 1.62
N LEU E 237 25.56 -10.40 0.37
CA LEU E 237 25.13 -9.61 -0.77
C LEU E 237 23.69 -9.20 -0.61
N ASN E 238 22.86 -10.10 -0.02
CA ASN E 238 21.43 -9.88 0.22
C ASN E 238 21.15 -9.44 1.67
N SER E 239 22.19 -8.93 2.35
CA SER E 239 22.07 -8.39 3.71
C SER E 239 21.93 -6.86 3.59
N GLU E 240 21.53 -6.21 4.70
CA GLU E 240 21.29 -4.76 4.76
C GLU E 240 22.49 -3.92 5.18
N GLU E 241 23.55 -4.56 5.70
CA GLU E 241 24.80 -3.89 6.09
C GLU E 241 25.55 -3.52 4.80
N ALA E 242 25.56 -4.46 3.83
CA ALA E 242 26.19 -4.30 2.52
C ALA E 242 25.37 -3.36 1.66
N MET E 243 24.04 -3.40 1.84
CA MET E 243 23.03 -2.61 1.15
C MET E 243 23.13 -1.13 1.59
N ASN E 244 23.66 -0.88 2.81
CA ASN E 244 23.85 0.47 3.37
C ASN E 244 25.15 1.15 2.92
N LEU E 245 26.12 0.37 2.38
CA LEU E 245 27.40 0.89 1.88
C LEU E 245 27.15 1.69 0.58
N HIS E 246 28.08 2.58 0.23
CA HIS E 246 28.07 3.33 -1.02
C HIS E 246 28.24 2.32 -2.17
N PRO E 247 27.52 2.48 -3.30
CA PRO E 247 27.66 1.48 -4.40
C PRO E 247 29.09 1.04 -4.81
N VAL E 248 30.06 1.99 -4.88
CA VAL E 248 31.45 1.73 -5.22
C VAL E 248 32.13 0.84 -4.18
N GLU E 249 31.87 1.10 -2.88
CA GLU E 249 32.43 0.32 -1.77
C GLU E 249 31.85 -1.09 -1.73
N PHE E 250 30.54 -1.26 -2.03
CA PHE E 250 29.89 -2.57 -2.04
C PHE E 250 30.44 -3.42 -3.20
N ALA E 251 30.46 -2.82 -4.43
CA ALA E 251 30.99 -3.44 -5.62
C ALA E 251 32.44 -3.89 -5.46
N ALA E 252 33.34 -3.05 -4.84
CA ALA E 252 34.75 -3.44 -4.59
C ALA E 252 34.86 -4.58 -3.57
N LEU E 253 34.09 -4.53 -2.42
CA LEU E 253 34.04 -5.57 -1.40
C LEU E 253 33.49 -6.88 -1.97
N ALA E 254 32.42 -6.84 -2.76
CA ALA E 254 31.87 -8.05 -3.40
C ALA E 254 32.96 -8.71 -4.26
N HIS E 255 33.68 -7.91 -5.06
CA HIS E 255 34.77 -8.35 -5.94
C HIS E 255 35.92 -8.99 -5.10
N TYR E 256 36.36 -8.32 -4.03
CA TYR E 256 37.44 -8.83 -3.21
C TYR E 256 37.01 -10.14 -2.57
N LYS E 257 35.88 -10.14 -1.87
CA LYS E 257 35.37 -11.34 -1.22
C LYS E 257 35.31 -12.57 -2.15
N LEU E 258 34.75 -12.45 -3.38
CA LEU E 258 34.66 -13.57 -4.34
C LEU E 258 36.07 -14.07 -4.66
N VAL E 259 36.93 -13.15 -5.14
CA VAL E 259 38.32 -13.37 -5.51
C VAL E 259 39.12 -14.05 -4.39
N TYR E 260 38.81 -13.67 -3.12
CA TYR E 260 39.43 -14.24 -1.93
C TYR E 260 39.05 -15.71 -1.80
N ILE E 261 37.73 -16.04 -1.91
CA ILE E 261 37.18 -17.41 -1.82
C ILE E 261 37.74 -18.27 -2.96
N HIS E 262 37.96 -17.68 -4.16
CA HIS E 262 38.50 -18.37 -5.34
C HIS E 262 37.76 -19.70 -5.51
N PRO E 263 36.43 -19.68 -5.73
CA PRO E 263 35.69 -20.95 -5.79
C PRO E 263 35.84 -21.73 -7.09
N PHE E 264 36.59 -21.21 -8.07
CA PHE E 264 36.71 -21.86 -9.37
C PHE E 264 38.16 -22.12 -9.72
N ILE E 265 38.43 -23.18 -10.51
CA ILE E 265 39.79 -23.50 -10.98
C ILE E 265 40.32 -22.30 -11.83
N ASP E 266 39.45 -21.73 -12.69
CA ASP E 266 39.74 -20.59 -13.54
C ASP E 266 38.54 -19.64 -13.69
N GLY E 267 38.80 -18.44 -14.17
CA GLY E 267 37.78 -17.43 -14.37
C GLY E 267 37.25 -16.74 -13.13
N ASN E 268 38.04 -16.70 -12.01
CA ASN E 268 37.64 -16.04 -10.75
C ASN E 268 37.62 -14.53 -10.95
N GLY E 269 38.74 -14.01 -11.43
CA GLY E 269 38.95 -12.58 -11.69
C GLY E 269 37.91 -12.02 -12.64
N ARG E 270 37.62 -12.79 -13.72
CA ARG E 270 36.63 -12.42 -14.76
C ARG E 270 35.21 -12.41 -14.21
N THR E 271 34.83 -13.44 -13.42
CA THR E 271 33.48 -13.51 -12.81
C THR E 271 33.29 -12.41 -11.80
N SER E 272 34.35 -12.08 -11.01
CA SER E 272 34.31 -11.04 -9.98
C SER E 272 34.11 -9.71 -10.62
N ARG E 273 34.95 -9.38 -11.64
CA ARG E 273 34.89 -8.15 -12.42
C ARG E 273 33.50 -7.93 -13.02
N LEU E 274 32.80 -9.00 -13.42
CA LEU E 274 31.43 -8.97 -13.96
C LEU E 274 30.43 -8.81 -12.85
N LEU E 275 30.65 -9.44 -11.70
CA LEU E 275 29.76 -9.32 -10.55
C LEU E 275 29.88 -7.91 -10.02
N MET E 276 31.09 -7.33 -10.08
CA MET E 276 31.31 -5.95 -9.66
C MET E 276 30.42 -5.03 -10.50
N ASN E 277 30.47 -5.17 -11.86
CA ASN E 277 29.67 -4.38 -12.81
C ASN E 277 28.18 -4.57 -12.60
N LEU E 278 27.74 -5.78 -12.17
CA LEU E 278 26.32 -6.11 -11.86
C LEU E 278 25.88 -5.19 -10.73
N ILE E 279 26.70 -5.12 -9.61
CA ILE E 279 26.45 -4.30 -8.41
C ILE E 279 26.34 -2.81 -8.80
N LEU E 280 27.31 -2.32 -9.59
CA LEU E 280 27.38 -0.93 -10.05
C LEU E 280 26.17 -0.56 -10.87
N MET E 281 25.93 -1.30 -11.97
CA MET E 281 24.80 -1.09 -12.89
C MET E 281 23.44 -1.16 -12.22
N GLN E 282 23.29 -2.03 -11.20
CA GLN E 282 22.04 -2.14 -10.43
C GLN E 282 21.76 -0.85 -9.66
N ALA E 283 22.81 -0.11 -9.26
CA ALA E 283 22.68 1.15 -8.50
C ALA E 283 22.81 2.37 -9.41
N GLY E 284 22.72 2.15 -10.73
CA GLY E 284 22.78 3.19 -11.74
C GLY E 284 24.15 3.80 -11.93
N TYR E 285 25.16 2.95 -12.12
CA TYR E 285 26.52 3.40 -12.43
C TYR E 285 26.93 2.74 -13.73
N PRO E 286 27.76 3.37 -14.59
CA PRO E 286 28.18 2.68 -15.82
C PRO E 286 29.05 1.46 -15.54
N PRO E 287 29.13 0.43 -16.42
CA PRO E 287 30.05 -0.69 -16.14
C PRO E 287 31.50 -0.18 -16.17
N ILE E 288 32.34 -0.76 -15.31
CA ILE E 288 33.74 -0.35 -15.13
C ILE E 288 34.78 -1.27 -15.72
N THR E 289 35.90 -0.70 -16.19
CA THR E 289 36.98 -1.46 -16.81
C THR E 289 38.35 -1.25 -16.14
N ILE E 290 38.94 -2.34 -15.60
CA ILE E 290 40.31 -2.35 -15.03
C ILE E 290 41.21 -2.66 -16.24
N ARG E 291 42.10 -1.74 -16.61
CA ARG E 291 42.94 -1.89 -17.79
C ARG E 291 44.09 -2.88 -17.62
N LYS E 292 44.58 -3.41 -18.77
CA LYS E 292 45.70 -4.33 -18.94
C LYS E 292 46.96 -3.74 -18.25
N GLU E 293 47.20 -2.42 -18.46
CA GLU E 293 48.33 -1.65 -17.91
C GLU E 293 48.27 -1.54 -16.38
N GLN E 294 47.02 -1.50 -15.81
CA GLN E 294 46.76 -1.40 -14.37
C GLN E 294 46.98 -2.74 -13.60
N ARG E 295 47.30 -3.86 -14.31
CA ARG E 295 47.49 -5.19 -13.70
C ARG E 295 48.35 -5.16 -12.47
N SER E 296 49.60 -4.70 -12.59
CA SER E 296 50.54 -4.62 -11.47
C SER E 296 49.97 -3.93 -10.22
N ASP E 297 49.24 -2.77 -10.36
CA ASP E 297 48.64 -2.05 -9.21
C ASP E 297 47.48 -2.85 -8.63
N TYR E 298 46.64 -3.47 -9.53
CA TYR E 298 45.49 -4.32 -9.23
C TYR E 298 45.86 -5.51 -8.35
N TYR E 299 46.97 -6.15 -8.65
CA TYR E 299 47.48 -7.28 -7.86
C TYR E 299 48.12 -6.79 -6.57
N HIS E 300 48.63 -5.55 -6.56
CA HIS E 300 49.24 -4.97 -5.37
C HIS E 300 48.19 -4.68 -4.31
N VAL E 301 47.08 -4.05 -4.74
CA VAL E 301 46.00 -3.67 -3.83
C VAL E 301 45.20 -4.88 -3.31
N LEU E 302 45.19 -6.00 -4.11
CA LEU E 302 44.53 -7.25 -3.74
C LEU E 302 45.36 -7.93 -2.67
N GLU E 303 46.71 -7.81 -2.76
CA GLU E 303 47.65 -8.35 -1.78
C GLU E 303 47.48 -7.59 -0.45
N ALA E 304 47.37 -6.23 -0.50
CA ALA E 304 47.15 -5.33 0.63
C ALA E 304 45.87 -5.65 1.42
N ALA E 305 44.86 -6.24 0.77
CA ALA E 305 43.61 -6.62 1.39
C ALA E 305 43.76 -7.92 2.14
N ASN E 306 44.55 -8.85 1.57
CA ASN E 306 44.84 -10.15 2.17
C ASN E 306 45.60 -9.93 3.46
N GLU E 307 46.50 -8.93 3.44
CA GLU E 307 47.31 -8.47 4.57
C GLU E 307 46.45 -7.84 5.72
N GLY E 308 45.21 -7.41 5.43
CA GLY E 308 44.32 -6.83 6.45
C GLY E 308 43.59 -5.53 6.13
N ASP E 309 44.02 -4.75 5.10
CA ASP E 309 43.42 -3.45 4.72
C ASP E 309 42.79 -3.43 3.33
N VAL E 310 41.45 -3.44 3.27
CA VAL E 310 40.70 -3.45 2.00
C VAL E 310 40.53 -2.06 1.38
N ARG E 311 40.87 -1.01 2.15
CA ARG E 311 40.75 0.36 1.70
C ARG E 311 41.51 0.68 0.43
N PRO E 312 42.84 0.39 0.24
CA PRO E 312 43.50 0.71 -1.04
C PRO E 312 42.77 0.13 -2.26
N PHE E 313 42.20 -1.09 -2.13
CA PHE E 313 41.47 -1.72 -3.24
C PHE E 313 40.18 -0.95 -3.54
N ILE E 314 39.48 -0.47 -2.47
CA ILE E 314 38.26 0.34 -2.60
C ILE E 314 38.57 1.65 -3.33
N ARG E 315 39.73 2.27 -3.04
CA ARG E 315 40.17 3.50 -3.68
C ARG E 315 40.54 3.22 -5.13
N PHE E 316 41.16 2.06 -5.40
CA PHE E 316 41.56 1.65 -6.77
C PHE E 316 40.33 1.55 -7.65
N ILE E 317 39.31 0.76 -7.18
CA ILE E 317 38.01 0.57 -7.86
C ILE E 317 37.29 1.96 -8.03
N ALA E 318 37.40 2.84 -7.02
CA ALA E 318 36.86 4.19 -7.11
C ALA E 318 37.63 5.07 -8.16
N LYS E 319 38.96 4.91 -8.30
CA LYS E 319 39.75 5.65 -9.31
C LYS E 319 39.34 5.19 -10.72
N CYS E 320 39.03 3.85 -10.86
CA CYS E 320 38.54 3.23 -12.08
C CYS E 320 37.15 3.78 -12.37
N THR E 321 36.26 3.88 -11.34
CA THR E 321 34.91 4.39 -11.60
C THR E 321 34.97 5.84 -12.10
N GLU E 322 35.88 6.67 -11.53
CA GLU E 322 36.06 8.05 -11.96
C GLU E 322 36.60 8.12 -13.39
N THR E 323 37.69 7.37 -13.68
CA THR E 323 38.24 7.35 -15.03
C THR E 323 37.24 6.85 -16.10
N THR E 324 36.26 6.03 -15.72
CA THR E 324 35.19 5.56 -16.62
C THR E 324 34.13 6.68 -16.80
N LEU E 325 33.81 7.40 -15.71
CA LEU E 325 32.86 8.52 -15.73
C LEU E 325 33.46 9.74 -16.50
N ASP E 326 34.79 9.93 -16.46
CA ASP E 326 35.48 11.03 -17.14
C ASP E 326 35.51 10.83 -18.66
N THR E 327 35.73 9.57 -19.09
CA THR E 327 35.79 9.16 -20.49
C THR E 327 34.43 9.34 -21.18
N LEU E 328 33.34 9.13 -20.43
CA LEU E 328 31.97 9.31 -20.92
C LEU E 328 31.64 10.79 -21.09
N LEU E 329 32.11 11.65 -20.16
CA LEU E 329 31.84 13.08 -20.17
C LEU E 329 32.70 13.90 -21.15
N PHE E 330 33.46 13.22 -22.04
CA PHE E 330 34.26 13.85 -23.09
C PHE E 330 33.34 14.36 -24.21
N ALA E 331 32.15 13.71 -24.36
CA ALA E 331 31.11 14.05 -25.33
C ALA E 331 29.92 14.73 -24.63
N ALA F 5 68.15 -8.12 62.60
CA ALA F 5 66.75 -7.68 62.78
C ALA F 5 66.69 -6.36 63.54
N ARG F 6 67.15 -6.33 64.83
CA ARG F 6 67.17 -5.13 65.67
C ARG F 6 68.24 -4.16 65.18
N ALA F 7 69.28 -4.72 64.51
CA ALA F 7 70.40 -3.99 63.91
C ALA F 7 69.90 -3.03 62.81
N ALA F 8 68.95 -3.50 61.97
CA ALA F 8 68.33 -2.73 60.89
C ALA F 8 67.46 -1.58 61.42
N LEU F 9 66.66 -1.83 62.49
CA LEU F 9 65.79 -0.83 63.11
C LEU F 9 66.59 0.31 63.76
N ASN F 10 67.71 -0.02 64.44
CA ASN F 10 68.54 0.99 65.06
C ASN F 10 69.24 1.84 63.99
N GLN F 11 69.56 1.23 62.82
CA GLN F 11 70.18 1.86 61.65
C GLN F 11 69.18 2.75 60.89
N ALA F 12 67.93 2.26 60.71
CA ALA F 12 66.81 2.95 60.06
C ALA F 12 66.46 4.23 60.82
N LEU F 13 66.40 4.16 62.16
CA LEU F 13 66.10 5.26 63.07
C LEU F 13 67.17 6.35 63.00
N GLU F 14 68.46 5.94 62.87
CA GLU F 14 69.61 6.83 62.77
C GLU F 14 69.61 7.57 61.42
N MET F 15 69.26 6.85 60.33
CA MET F 15 69.14 7.37 58.97
C MET F 15 68.03 8.41 58.90
N LYS F 16 66.89 8.16 59.61
CA LYS F 16 65.72 9.04 59.74
C LYS F 16 66.11 10.38 60.39
N ARG F 17 67.07 10.35 61.34
CA ARG F 17 67.62 11.53 62.02
C ARG F 17 68.45 12.37 61.02
N GLN F 18 68.12 13.68 60.92
CA GLN F 18 68.72 14.69 60.06
C GLN F 18 68.42 14.59 58.55
N GLY F 19 68.41 13.37 58.01
CA GLY F 19 68.14 13.17 56.58
C GLY F 19 67.79 11.76 56.16
N LYS F 20 68.56 11.23 55.19
CA LYS F 20 68.49 9.90 54.55
C LYS F 20 67.14 9.14 54.57
N ARG F 21 66.09 9.77 53.96
CA ARG F 21 64.71 9.27 53.85
C ARG F 21 64.54 7.90 53.19
N GLU F 22 64.96 7.76 51.91
CA GLU F 22 64.87 6.50 51.15
C GLU F 22 65.81 5.40 51.66
N LYS F 23 66.90 5.80 52.35
CA LYS F 23 67.88 4.88 52.96
C LYS F 23 67.25 4.20 54.18
N ALA F 24 66.41 4.94 54.93
CA ALA F 24 65.67 4.49 56.11
C ALA F 24 64.44 3.68 55.72
N GLN F 25 63.69 4.12 54.69
CA GLN F 25 62.48 3.44 54.21
C GLN F 25 62.78 1.99 53.79
N LYS F 26 63.90 1.76 53.06
CA LYS F 26 64.35 0.42 52.64
C LYS F 26 64.92 -0.37 53.84
N LEU F 27 65.50 0.33 54.84
CA LEU F 27 66.06 -0.24 56.08
C LEU F 27 64.94 -0.75 56.99
N PHE F 28 63.84 0.02 57.09
CA PHE F 28 62.64 -0.30 57.86
C PHE F 28 61.99 -1.54 57.24
N MET F 29 61.90 -1.57 55.89
CA MET F 29 61.36 -2.66 55.09
C MET F 29 62.18 -3.92 55.28
N HIS F 30 63.52 -3.77 55.43
CA HIS F 30 64.45 -4.88 55.68
C HIS F 30 64.15 -5.52 57.05
N ALA F 31 64.05 -4.70 58.14
CA ALA F 31 63.75 -5.15 59.51
C ALA F 31 62.42 -5.94 59.60
N LEU F 32 61.41 -5.58 58.78
CA LEU F 32 60.11 -6.25 58.70
C LEU F 32 60.17 -7.47 57.75
N LYS F 33 61.11 -7.48 56.78
CA LYS F 33 61.31 -8.62 55.88
C LYS F 33 62.04 -9.73 56.66
N MET F 34 62.86 -9.33 57.64
CA MET F 34 63.61 -10.18 58.56
C MET F 34 62.68 -10.82 59.58
N ASP F 35 61.75 -10.00 60.14
CA ASP F 35 60.75 -10.38 61.14
C ASP F 35 59.51 -9.45 61.02
N PRO F 36 58.40 -9.91 60.41
CA PRO F 36 57.21 -9.04 60.33
C PRO F 36 56.43 -8.91 61.65
N ASP F 37 56.87 -9.64 62.70
CA ASP F 37 56.28 -9.58 64.03
C ASP F 37 57.21 -8.82 65.01
N PHE F 38 57.83 -7.74 64.50
CA PHE F 38 58.75 -6.89 65.24
C PHE F 38 58.01 -5.63 65.70
N VAL F 39 57.27 -5.75 66.83
CA VAL F 39 56.45 -4.72 67.47
C VAL F 39 57.07 -3.31 67.48
N ASP F 40 58.40 -3.23 67.72
CA ASP F 40 59.16 -1.98 67.75
C ASP F 40 59.45 -1.38 66.37
N ALA F 41 59.61 -2.24 65.33
CA ALA F 41 59.81 -1.79 63.94
C ALA F 41 58.51 -1.22 63.40
N LEU F 42 57.39 -1.97 63.59
CA LEU F 42 56.04 -1.62 63.17
C LEU F 42 55.63 -0.22 63.66
N THR F 43 55.79 0.07 64.98
CA THR F 43 55.47 1.38 65.56
C THR F 43 56.41 2.47 65.06
N GLU F 44 57.69 2.12 64.85
CA GLU F 44 58.70 3.07 64.38
C GLU F 44 58.41 3.45 62.91
N PHE F 45 58.13 2.43 62.08
CA PHE F 45 57.79 2.63 60.67
C PHE F 45 56.46 3.37 60.53
N GLY F 46 55.52 3.09 61.45
CA GLY F 46 54.22 3.74 61.55
C GLY F 46 54.38 5.22 61.83
N ILE F 47 55.24 5.59 62.82
CA ILE F 47 55.51 7.00 63.16
C ILE F 47 56.26 7.70 62.03
N PHE F 48 57.13 6.97 61.32
CA PHE F 48 57.90 7.44 60.15
C PHE F 48 57.00 7.77 58.95
N SER F 49 56.05 6.86 58.62
CA SER F 49 55.12 6.96 57.49
C SER F 49 54.12 8.11 57.64
N GLU F 50 53.73 8.40 58.90
CA GLU F 50 52.82 9.48 59.26
C GLU F 50 53.41 10.84 58.93
N GLU F 51 54.75 10.94 58.86
CA GLU F 51 55.48 12.16 58.50
C GLU F 51 55.34 12.47 57.01
N ASP F 52 55.32 11.42 56.14
CA ASP F 52 55.16 11.55 54.68
C ASP F 52 53.67 11.72 54.25
N LYS F 53 52.78 12.01 55.24
CA LYS F 53 51.32 12.22 55.16
C LYS F 53 50.49 10.94 54.96
N ASP F 54 51.10 9.73 55.12
CA ASP F 54 50.40 8.45 54.96
C ASP F 54 49.87 7.90 56.29
N ILE F 55 48.74 8.44 56.77
CA ILE F 55 48.12 8.02 58.02
C ILE F 55 47.57 6.57 57.89
N ILE F 56 46.91 6.25 56.75
CA ILE F 56 46.34 4.93 56.50
C ILE F 56 47.36 3.79 56.74
N GLN F 57 48.56 3.88 56.13
CA GLN F 57 49.64 2.88 56.30
C GLN F 57 50.09 2.82 57.76
N ALA F 58 50.23 4.00 58.41
CA ALA F 58 50.66 4.13 59.80
C ALA F 58 49.73 3.34 60.72
N ASP F 59 48.41 3.57 60.57
CA ASP F 59 47.37 2.90 61.33
C ASP F 59 47.45 1.38 61.15
N TYR F 60 47.68 0.90 59.90
CA TYR F 60 47.84 -0.53 59.56
C TYR F 60 48.95 -1.14 60.42
N LEU F 61 50.10 -0.45 60.50
CA LEU F 61 51.28 -0.79 61.30
C LEU F 61 50.95 -0.79 62.78
N TYR F 62 50.37 0.30 63.34
CA TYR F 62 50.02 0.33 64.78
C TYR F 62 49.09 -0.83 65.14
N THR F 63 48.11 -1.11 64.26
CA THR F 63 47.13 -2.19 64.36
C THR F 63 47.86 -3.54 64.34
N ARG F 64 48.76 -3.77 63.33
CA ARG F 64 49.54 -5.01 63.24
C ARG F 64 50.32 -5.22 64.52
N ALA F 65 50.94 -4.14 65.04
CA ALA F 65 51.71 -4.16 66.28
C ALA F 65 50.85 -4.61 67.46
N LEU F 66 49.61 -4.04 67.60
CA LEU F 66 48.70 -4.37 68.70
C LEU F 66 48.15 -5.80 68.73
N THR F 67 47.96 -6.44 67.56
CA THR F 67 47.47 -7.81 67.50
C THR F 67 48.53 -8.75 68.07
N ILE F 68 49.81 -8.41 67.84
CA ILE F 68 50.98 -9.15 68.33
C ILE F 68 51.08 -8.90 69.84
N SER F 69 51.24 -7.62 70.25
CA SER F 69 51.37 -7.18 71.64
C SER F 69 50.27 -6.16 72.05
N PRO F 70 49.15 -6.64 72.68
CA PRO F 70 48.03 -5.72 73.01
C PRO F 70 48.27 -4.58 74.00
N TYR F 71 49.28 -4.70 74.89
CA TYR F 71 49.52 -3.64 75.87
C TYR F 71 50.75 -2.77 75.60
N HIS F 72 51.30 -2.83 74.37
CA HIS F 72 52.42 -2.01 73.94
C HIS F 72 51.91 -0.55 73.96
N GLU F 73 52.43 0.24 74.92
CA GLU F 73 52.03 1.63 75.18
C GLU F 73 52.17 2.55 73.99
N LYS F 74 53.36 2.52 73.30
CA LYS F 74 53.61 3.38 72.13
C LYS F 74 52.60 3.11 71.00
N ALA F 75 52.28 1.81 70.73
CA ALA F 75 51.31 1.40 69.73
C ALA F 75 49.90 1.83 70.14
N LEU F 76 49.56 1.73 71.45
CA LEU F 76 48.24 2.10 71.97
C LEU F 76 47.90 3.58 71.86
N VAL F 77 48.77 4.48 72.34
CA VAL F 77 48.58 5.94 72.30
C VAL F 77 48.46 6.46 70.86
N ASN F 78 49.18 5.80 69.95
CA ASN F 78 49.14 6.14 68.53
C ASN F 78 47.80 5.66 67.90
N ARG F 79 47.47 4.35 68.09
CA ARG F 79 46.25 3.71 67.58
C ARG F 79 44.99 4.36 68.12
N ASP F 80 44.99 4.77 69.40
CA ASP F 80 43.83 5.40 70.03
C ASP F 80 43.42 6.71 69.33
N ARG F 81 44.34 7.29 68.56
CA ARG F 81 44.18 8.52 67.80
C ARG F 81 43.87 8.26 66.31
N THR F 82 44.54 7.25 65.70
CA THR F 82 44.34 6.91 64.28
C THR F 82 43.06 6.17 63.99
N LEU F 83 42.67 5.17 64.83
CA LEU F 83 41.44 4.35 64.69
C LEU F 83 40.23 5.21 64.28
N PRO F 84 39.81 6.26 65.05
CA PRO F 84 38.65 7.05 64.63
C PRO F 84 38.92 7.89 63.38
N LEU F 85 40.12 8.49 63.28
CA LEU F 85 40.52 9.31 62.15
C LEU F 85 40.50 8.51 60.80
N VAL F 86 41.11 7.30 60.78
CA VAL F 86 41.18 6.43 59.62
C VAL F 86 39.78 5.93 59.20
N GLU F 87 38.87 5.66 60.19
CA GLU F 87 37.46 5.28 59.99
C GLU F 87 36.69 6.41 59.26
N GLU F 88 37.00 7.70 59.59
CA GLU F 88 36.39 8.87 58.96
C GLU F 88 36.93 9.02 57.56
N ILE F 89 38.25 8.85 57.37
CA ILE F 89 38.89 8.93 56.06
C ILE F 89 38.24 7.92 55.12
N ASP F 90 38.10 6.65 55.57
CA ASP F 90 37.46 5.57 54.81
C ASP F 90 36.02 5.93 54.46
N GLN F 91 35.22 6.39 55.47
CA GLN F 91 33.82 6.80 55.33
C GLN F 91 33.63 7.96 54.35
N ARG F 92 34.62 8.86 54.24
CA ARG F 92 34.59 9.99 53.31
C ARG F 92 34.76 9.52 51.88
N TYR F 93 35.67 8.56 51.63
CA TYR F 93 35.96 7.99 50.31
C TYR F 93 34.73 7.29 49.76
N PHE F 94 33.96 6.66 50.65
CA PHE F 94 32.73 5.98 50.31
C PHE F 94 31.70 6.98 49.87
N SER F 95 31.65 8.16 50.50
CA SER F 95 30.73 9.23 50.10
C SER F 95 31.11 9.83 48.72
N ILE F 96 32.43 9.89 48.41
CA ILE F 96 32.96 10.36 47.12
C ILE F 96 32.49 9.40 46.01
N ILE F 97 32.55 8.07 46.29
CA ILE F 97 32.10 6.99 45.40
C ILE F 97 30.59 7.10 45.17
N ASP F 98 29.81 7.34 46.25
CA ASP F 98 28.35 7.50 46.21
C ASP F 98 27.92 8.67 45.31
N SER F 99 28.61 9.81 45.40
CA SER F 99 28.36 11.00 44.59
C SER F 99 28.58 10.70 43.10
N LYS F 100 29.59 9.87 42.76
CA LYS F 100 29.93 9.46 41.39
C LYS F 100 28.90 8.44 40.86
N VAL F 101 28.37 7.55 41.75
CA VAL F 101 27.34 6.56 41.40
C VAL F 101 25.99 7.27 41.18
N LYS F 102 25.82 8.44 41.83
CA LYS F 102 24.66 9.33 41.69
C LYS F 102 24.79 9.98 40.29
N LYS F 103 26.02 10.34 39.87
CA LYS F 103 26.31 10.93 38.57
C LYS F 103 26.15 9.90 37.44
N VAL F 104 26.52 8.63 37.69
CA VAL F 104 26.40 7.52 36.73
C VAL F 104 24.92 7.00 36.63
N MET F 105 24.09 7.27 37.67
CA MET F 105 22.67 6.91 37.71
C MET F 105 21.92 7.69 36.63
N SER F 112 24.13 6.42 23.51
CA SER F 112 24.90 6.17 22.29
C SER F 112 26.40 6.16 22.56
N ALA F 113 26.88 7.11 23.39
CA ALA F 113 28.29 7.22 23.78
C ALA F 113 28.58 6.32 24.99
N LEU F 114 27.61 6.21 25.92
CA LEU F 114 27.70 5.37 27.12
C LEU F 114 27.48 3.91 26.74
N ARG F 115 26.62 3.66 25.74
CA ARG F 115 26.30 2.33 25.21
C ARG F 115 27.53 1.69 24.55
N ARG F 116 28.36 2.51 23.87
CA ARG F 116 29.61 2.12 23.21
C ARG F 116 30.69 1.77 24.25
N VAL F 117 30.61 2.37 25.45
CA VAL F 117 31.52 2.12 26.56
C VAL F 117 31.12 0.82 27.25
N MET F 118 29.81 0.62 27.50
CA MET F 118 29.24 -0.58 28.15
C MET F 118 29.55 -1.89 27.42
N GLU F 119 29.40 -1.90 26.07
CA GLU F 119 29.67 -3.08 25.24
C GLU F 119 31.15 -3.44 25.17
N GLU F 120 32.05 -2.44 25.07
CA GLU F 120 33.49 -2.66 25.03
C GLU F 120 34.04 -3.07 26.41
N THR F 121 33.48 -2.52 27.51
CA THR F 121 33.88 -2.84 28.89
C THR F 121 33.46 -4.27 29.29
N TYR F 122 32.50 -4.87 28.55
CA TYR F 122 32.05 -6.25 28.74
C TYR F 122 33.19 -7.17 28.29
N TYR F 123 33.68 -6.96 27.04
CA TYR F 123 34.78 -7.70 26.44
C TYR F 123 36.08 -7.46 27.21
N HIS F 124 36.26 -6.22 27.71
CA HIS F 124 37.39 -5.76 28.54
C HIS F 124 37.41 -6.52 29.88
N HIS F 125 36.25 -6.61 30.61
CA HIS F 125 36.14 -7.33 31.89
C HIS F 125 36.64 -8.77 31.78
N ILE F 126 36.27 -9.47 30.66
CA ILE F 126 36.72 -10.83 30.36
C ILE F 126 38.24 -10.83 30.20
N TYR F 127 38.78 -9.92 29.36
CA TYR F 127 40.22 -9.81 29.12
C TYR F 127 41.02 -9.82 30.42
N HIS F 128 40.67 -8.92 31.35
CA HIS F 128 41.37 -8.79 32.62
C HIS F 128 41.18 -9.94 33.59
N THR F 129 39.93 -10.43 33.76
CA THR F 129 39.63 -11.55 34.67
C THR F 129 40.35 -12.85 34.28
N VAL F 130 40.58 -13.06 32.98
CA VAL F 130 41.27 -14.26 32.51
C VAL F 130 42.79 -14.05 32.52
N ALA F 131 43.26 -12.86 32.05
CA ALA F 131 44.68 -12.47 32.00
C ALA F 131 45.33 -12.47 33.38
N ILE F 132 44.58 -12.03 34.42
CA ILE F 132 45.03 -12.00 35.81
C ILE F 132 45.39 -13.43 36.34
N GLU F 133 44.86 -14.46 35.67
CA GLU F 133 45.10 -15.87 35.96
C GLU F 133 46.17 -16.48 35.07
N GLY F 134 46.63 -15.70 34.08
CA GLY F 134 47.70 -16.07 33.14
C GLY F 134 47.28 -16.32 31.70
N ASN F 135 46.11 -15.85 31.26
CA ASN F 135 45.65 -16.06 29.89
C ASN F 135 46.38 -15.15 28.91
N THR F 136 47.14 -15.75 27.96
CA THR F 136 47.94 -15.05 26.94
C THR F 136 47.11 -14.38 25.81
N LEU F 137 45.78 -14.60 25.79
CA LEU F 137 44.89 -14.03 24.77
C LEU F 137 44.81 -12.50 24.82
N THR F 138 44.64 -11.89 23.63
CA THR F 138 44.51 -10.44 23.47
C THR F 138 43.03 -10.05 23.45
N LEU F 139 42.75 -8.75 23.64
CA LEU F 139 41.38 -8.21 23.62
C LEU F 139 40.73 -8.37 22.23
N SER F 140 41.54 -8.27 21.14
CA SER F 140 41.06 -8.46 19.75
C SER F 140 40.71 -9.95 19.49
N GLU F 141 41.54 -10.87 20.05
CA GLU F 141 41.32 -12.33 19.96
C GLU F 141 40.05 -12.71 20.75
N ILE F 142 39.85 -12.12 21.95
CA ILE F 142 38.68 -12.37 22.80
C ILE F 142 37.43 -11.87 22.09
N ARG F 143 37.52 -10.67 21.48
CA ARG F 143 36.43 -10.03 20.72
C ARG F 143 36.04 -10.89 19.51
N HIS F 144 37.05 -11.61 18.92
CA HIS F 144 36.86 -12.50 17.77
C HIS F 144 36.16 -13.76 18.22
N ILE F 145 36.75 -14.50 19.20
CA ILE F 145 36.24 -15.74 19.81
C ILE F 145 34.74 -15.63 20.20
N LEU F 146 34.36 -14.54 20.87
CA LEU F 146 32.99 -14.33 21.30
C LEU F 146 32.00 -13.93 20.21
N GLU F 147 32.51 -13.42 19.06
CA GLU F 147 31.67 -12.96 17.93
C GLU F 147 31.50 -13.98 16.79
N THR F 148 32.59 -14.62 16.40
CA THR F 148 32.59 -15.60 15.32
C THR F 148 32.33 -17.01 15.82
N ARG F 149 32.76 -17.29 17.08
CA ARG F 149 32.72 -18.60 17.76
C ARG F 149 33.75 -19.54 17.11
N TYR F 150 34.63 -18.96 16.26
CA TYR F 150 35.72 -19.65 15.58
C TYR F 150 36.96 -19.57 16.43
N ALA F 151 37.82 -20.57 16.29
CA ALA F 151 39.05 -20.68 17.04
C ALA F 151 40.13 -19.71 16.57
N VAL F 152 40.82 -19.08 17.53
CA VAL F 152 41.93 -18.18 17.27
C VAL F 152 43.14 -19.06 16.95
N PRO F 153 43.72 -18.90 15.74
CA PRO F 153 44.88 -19.72 15.34
C PRO F 153 46.12 -19.47 16.18
N GLY F 154 46.78 -20.55 16.57
CA GLY F 154 48.03 -20.50 17.33
C GLY F 154 47.92 -20.53 18.83
N LYS F 155 46.69 -20.32 19.38
CA LYS F 155 46.48 -20.35 20.83
C LYS F 155 45.81 -21.65 21.31
N SER F 156 46.12 -22.11 22.53
CA SER F 156 45.57 -23.35 23.10
C SER F 156 44.04 -23.31 23.30
N LEU F 157 43.39 -24.48 23.22
CA LEU F 157 41.94 -24.61 23.38
C LEU F 157 41.48 -24.21 24.75
N GLU F 158 42.22 -24.64 25.81
CA GLU F 158 41.95 -24.34 27.23
C GLU F 158 41.75 -22.84 27.47
N GLU F 159 42.64 -22.00 26.92
CA GLU F 159 42.62 -20.53 27.02
C GLU F 159 41.40 -19.90 26.38
N GLN F 160 40.93 -20.48 25.29
CA GLN F 160 39.77 -19.94 24.58
C GLN F 160 38.48 -20.40 25.23
N ASN F 161 38.54 -21.59 25.89
CA ASN F 161 37.44 -22.18 26.62
C ASN F 161 37.22 -21.46 27.96
N GLU F 162 38.30 -20.82 28.51
CA GLU F 162 38.26 -19.98 29.70
C GLU F 162 37.36 -18.76 29.37
N VAL F 163 37.53 -18.22 28.14
CA VAL F 163 36.81 -17.06 27.59
C VAL F 163 35.30 -17.34 27.41
N ILE F 164 34.95 -18.49 26.76
CA ILE F 164 33.56 -18.95 26.52
C ILE F 164 32.86 -19.12 27.86
N GLY F 165 33.60 -19.73 28.80
CA GLY F 165 33.17 -19.99 30.16
C GLY F 165 32.76 -18.76 30.91
N MET F 166 33.58 -17.70 30.84
CA MET F 166 33.30 -16.40 31.45
C MET F 166 31.98 -15.84 30.93
N HIS F 167 31.88 -15.73 29.62
CA HIS F 167 30.73 -15.24 28.89
C HIS F 167 29.41 -15.92 29.30
N ALA F 168 29.43 -17.26 29.41
CA ALA F 168 28.31 -18.11 29.82
C ALA F 168 27.89 -17.80 31.25
N ALA F 169 28.90 -17.54 32.12
CA ALA F 169 28.76 -17.20 33.54
C ALA F 169 28.12 -15.85 33.70
N MET F 170 28.61 -14.81 32.98
CA MET F 170 28.04 -13.47 33.11
C MET F 170 26.70 -13.27 32.42
N LYS F 171 26.45 -14.03 31.34
CA LYS F 171 25.14 -14.02 30.68
C LYS F 171 24.12 -14.67 31.62
N TYR F 172 24.57 -15.68 32.41
CA TYR F 172 23.74 -16.36 33.40
C TYR F 172 23.37 -15.43 34.55
N ILE F 173 24.38 -14.76 35.16
CA ILE F 173 24.17 -13.82 36.29
C ILE F 173 23.20 -12.70 35.89
N ASN F 174 23.43 -12.06 34.72
CA ASN F 174 22.60 -10.97 34.21
C ASN F 174 21.13 -11.31 33.87
N THR F 175 20.86 -12.55 33.43
CA THR F 175 19.52 -12.99 33.08
C THR F 175 18.76 -13.57 34.29
N THR F 176 19.40 -14.49 35.03
CA THR F 176 18.81 -15.21 36.16
C THR F 176 18.92 -14.54 37.52
N LEU F 177 20.17 -14.26 37.93
CA LEU F 177 20.60 -13.78 39.24
C LEU F 177 20.43 -12.31 39.65
N VAL F 178 20.96 -11.34 38.84
CA VAL F 178 20.94 -9.87 39.12
C VAL F 178 19.61 -9.36 39.71
N SER F 179 18.53 -9.41 38.91
CA SER F 179 17.17 -8.92 39.20
C SER F 179 16.35 -9.80 40.14
N ARG F 180 16.78 -11.07 40.34
CA ARG F 180 16.12 -12.05 41.19
C ARG F 180 15.94 -11.55 42.62
N ILE F 181 14.72 -11.74 43.11
CA ILE F 181 14.33 -11.35 44.46
C ILE F 181 14.54 -12.57 45.34
N GLY F 182 14.98 -12.32 46.56
CA GLY F 182 15.24 -13.37 47.54
C GLY F 182 16.67 -13.47 48.03
N SER F 183 16.95 -14.58 48.74
CA SER F 183 18.26 -14.87 49.31
C SER F 183 19.19 -15.63 48.32
N VAL F 184 20.48 -15.28 48.35
CA VAL F 184 21.52 -15.90 47.54
C VAL F 184 21.81 -17.25 48.21
N THR F 185 21.80 -18.34 47.40
CA THR F 185 22.03 -19.71 47.89
C THR F 185 23.33 -20.34 47.40
N ILE F 186 23.66 -21.49 48.00
CA ILE F 186 24.83 -22.31 47.68
C ILE F 186 24.74 -22.83 46.24
N SER F 187 23.50 -23.02 45.72
CA SER F 187 23.19 -23.53 44.39
C SER F 187 23.54 -22.50 43.33
N ASP F 188 23.36 -21.20 43.67
CA ASP F 188 23.67 -20.06 42.80
C ASP F 188 25.17 -19.99 42.53
N VAL F 189 26.00 -20.15 43.56
CA VAL F 189 27.46 -20.14 43.49
C VAL F 189 27.98 -21.31 42.66
N LEU F 190 27.42 -22.50 42.87
CA LEU F 190 27.78 -23.72 42.14
C LEU F 190 27.38 -23.61 40.67
N GLU F 191 26.28 -22.87 40.39
CA GLU F 191 25.75 -22.58 39.05
C GLU F 191 26.63 -21.61 38.26
N ILE F 192 27.24 -20.59 38.94
CA ILE F 192 28.19 -19.63 38.34
C ILE F 192 29.45 -20.41 38.00
N HIS F 193 29.96 -21.23 38.96
CA HIS F 193 31.16 -22.06 38.76
C HIS F 193 30.96 -23.09 37.69
N ARG F 194 29.75 -23.64 37.59
CA ARG F 194 29.37 -24.60 36.55
C ARG F 194 29.69 -24.04 35.15
N ARG F 195 29.44 -22.72 34.94
CA ARG F 195 29.71 -22.08 33.65
C ARG F 195 31.14 -21.61 33.52
N VAL F 196 31.71 -21.01 34.60
CA VAL F 196 33.09 -20.48 34.63
C VAL F 196 34.11 -21.52 34.15
N LEU F 197 34.09 -22.71 34.78
CA LEU F 197 35.02 -23.81 34.58
C LEU F 197 34.56 -24.99 33.70
N GLY F 198 33.30 -24.98 33.31
CA GLY F 198 32.64 -26.02 32.51
C GLY F 198 33.26 -26.38 31.18
N TYR F 199 33.81 -25.40 30.45
CA TYR F 199 34.42 -25.67 29.13
C TYR F 199 35.89 -26.08 29.24
N VAL F 200 36.48 -25.92 30.43
CA VAL F 200 37.88 -26.22 30.68
C VAL F 200 38.05 -27.54 31.45
N ASP F 201 37.18 -27.78 32.47
CA ASP F 201 37.17 -28.99 33.29
C ASP F 201 35.74 -29.31 33.69
N PRO F 202 34.99 -30.00 32.81
CA PRO F 202 33.57 -30.32 33.12
C PRO F 202 33.32 -31.31 34.26
N VAL F 203 34.36 -32.03 34.65
CA VAL F 203 34.33 -32.99 35.72
C VAL F 203 34.33 -32.27 37.08
N GLU F 204 35.19 -31.23 37.24
CA GLU F 204 35.27 -30.47 38.50
C GLU F 204 34.39 -29.20 38.53
N ALA F 205 33.90 -28.73 37.35
CA ALA F 205 33.03 -27.53 37.26
C ALA F 205 31.72 -27.78 38.00
N GLY F 206 31.30 -26.80 38.79
CA GLY F 206 30.07 -26.88 39.56
C GLY F 206 30.13 -27.81 40.77
N ARG F 207 31.34 -28.20 41.21
CA ARG F 207 31.48 -29.06 42.38
C ARG F 207 32.58 -28.62 43.34
N PHE F 208 32.40 -28.97 44.63
CA PHE F 208 33.35 -28.64 45.68
C PHE F 208 34.63 -29.47 45.61
N ARG F 209 35.75 -28.83 46.00
CA ARG F 209 37.10 -29.36 46.08
C ARG F 209 37.08 -30.64 46.91
N THR F 210 37.79 -31.68 46.42
CA THR F 210 37.89 -33.00 47.05
C THR F 210 39.26 -33.20 47.69
N THR F 211 40.26 -32.45 47.22
CA THR F 211 41.63 -32.51 47.70
C THR F 211 41.95 -31.25 48.51
N GLN F 212 43.17 -31.15 49.10
CA GLN F 212 43.64 -29.98 49.84
C GLN F 212 44.66 -29.26 48.96
N VAL F 213 44.57 -27.93 48.91
CA VAL F 213 45.42 -27.10 48.06
C VAL F 213 46.15 -26.00 48.84
N LEU F 214 47.10 -25.33 48.15
CA LEU F 214 47.86 -24.19 48.64
C LEU F 214 47.68 -23.02 47.64
N VAL F 215 47.36 -21.82 48.16
CA VAL F 215 47.19 -20.58 47.38
C VAL F 215 48.26 -19.64 47.93
N GLY F 216 49.42 -19.60 47.31
CA GLY F 216 50.54 -18.81 47.81
C GLY F 216 51.06 -19.41 49.11
N HIS F 217 50.76 -18.77 50.25
CA HIS F 217 51.14 -19.26 51.57
C HIS F 217 49.88 -19.63 52.37
N HIS F 218 48.72 -19.56 51.72
CA HIS F 218 47.42 -19.82 52.31
C HIS F 218 46.94 -21.25 52.11
N ILE F 219 46.59 -21.91 53.23
CA ILE F 219 46.06 -23.26 53.23
C ILE F 219 44.55 -23.16 53.56
N PRO F 220 43.67 -23.29 52.52
CA PRO F 220 42.24 -23.12 52.75
C PRO F 220 41.60 -24.22 53.59
N PRO F 221 40.32 -24.11 54.03
CA PRO F 221 39.71 -25.20 54.82
C PRO F 221 39.81 -26.56 54.13
N HIS F 222 39.86 -27.65 54.93
CA HIS F 222 39.96 -29.00 54.39
C HIS F 222 38.67 -29.34 53.62
N PRO F 223 38.75 -30.06 52.46
CA PRO F 223 37.54 -30.41 51.71
C PRO F 223 36.35 -30.96 52.51
N GLN F 224 36.61 -31.57 53.68
CA GLN F 224 35.60 -32.11 54.59
C GLN F 224 34.79 -30.99 55.28
N ASP F 225 35.40 -29.81 55.43
CA ASP F 225 34.80 -28.66 56.10
C ASP F 225 34.27 -27.59 55.14
N VAL F 226 34.60 -27.70 53.82
CA VAL F 226 34.20 -26.75 52.78
C VAL F 226 32.68 -26.51 52.80
N GLU F 227 31.88 -27.60 52.80
CA GLU F 227 30.43 -27.53 52.80
C GLU F 227 29.91 -26.75 53.99
N LYS F 228 30.46 -26.98 55.20
CA LYS F 228 30.02 -26.26 56.40
C LYS F 228 30.35 -24.76 56.33
N GLN F 229 31.58 -24.42 55.87
CA GLN F 229 32.06 -23.05 55.74
C GLN F 229 31.32 -22.30 54.64
N MET F 230 30.85 -23.03 53.61
CA MET F 230 30.07 -22.44 52.53
C MET F 230 28.64 -22.15 53.01
N GLN F 231 28.13 -23.00 53.93
CA GLN F 231 26.81 -22.84 54.54
C GLN F 231 26.76 -21.59 55.41
N GLU F 232 27.84 -21.32 56.18
CA GLU F 232 28.02 -20.15 57.05
C GLU F 232 28.15 -18.87 56.22
N PHE F 233 28.91 -18.95 55.11
CA PHE F 233 29.13 -17.85 54.17
C PHE F 233 27.82 -17.41 53.51
N VAL F 234 27.05 -18.37 52.95
CA VAL F 234 25.75 -18.05 52.32
C VAL F 234 24.82 -17.40 53.33
N GLN F 235 24.83 -17.91 54.58
CA GLN F 235 24.04 -17.42 55.71
C GLN F 235 24.44 -15.98 56.02
N TRP F 236 25.76 -15.67 55.94
CA TRP F 236 26.26 -14.33 56.18
C TRP F 236 25.82 -13.37 55.05
N LEU F 237 25.73 -13.87 53.80
CA LEU F 237 25.31 -13.06 52.65
C LEU F 237 23.85 -12.64 52.81
N ASN F 238 23.02 -13.55 53.37
CA ASN F 238 21.58 -13.33 53.61
C ASN F 238 21.29 -12.90 55.07
N SER F 239 22.32 -12.39 55.76
CA SER F 239 22.21 -11.86 57.11
C SER F 239 22.08 -10.35 57.00
N GLU F 240 21.65 -9.70 58.10
CA GLU F 240 21.42 -8.26 58.18
C GLU F 240 22.62 -7.42 58.62
N GLU F 241 23.68 -8.06 59.14
CA GLU F 241 24.94 -7.39 59.55
C GLU F 241 25.69 -7.02 58.28
N ALA F 242 25.70 -7.95 57.31
CA ALA F 242 26.32 -7.77 56.00
C ALA F 242 25.50 -6.81 55.12
N MET F 243 24.17 -6.88 55.27
CA MET F 243 23.16 -6.08 54.60
C MET F 243 23.24 -4.60 55.06
N ASN F 244 23.78 -4.35 56.29
CA ASN F 244 23.95 -3.01 56.87
C ASN F 244 25.26 -2.32 56.44
N LEU F 245 26.23 -3.09 55.88
CA LEU F 245 27.51 -2.58 55.38
C LEU F 245 27.28 -1.77 54.10
N HIS F 246 28.22 -0.86 53.77
CA HIS F 246 28.19 -0.09 52.53
C HIS F 246 28.39 -1.10 51.37
N PRO F 247 27.67 -0.94 50.23
CA PRO F 247 27.81 -1.92 49.13
C PRO F 247 29.23 -2.34 48.71
N VAL F 248 30.19 -1.39 48.65
CA VAL F 248 31.60 -1.66 48.30
C VAL F 248 32.26 -2.56 49.36
N GLU F 249 32.02 -2.29 50.67
CA GLU F 249 32.57 -3.08 51.78
C GLU F 249 32.00 -4.51 51.80
N PHE F 250 30.70 -4.67 51.51
CA PHE F 250 30.05 -5.98 51.48
C PHE F 250 30.61 -6.81 50.31
N ALA F 251 30.65 -6.21 49.11
CA ALA F 251 31.18 -6.81 47.89
C ALA F 251 32.64 -7.27 48.07
N ALA F 252 33.51 -6.44 48.70
CA ALA F 252 34.91 -6.82 48.94
C ALA F 252 35.02 -7.99 49.94
N LEU F 253 34.23 -7.94 51.07
CA LEU F 253 34.18 -8.98 52.09
C LEU F 253 33.65 -10.30 51.52
N ALA F 254 32.58 -10.26 50.74
CA ALA F 254 32.05 -11.45 50.08
C ALA F 254 33.14 -12.10 49.23
N HIS F 255 33.87 -11.27 48.42
CA HIS F 255 34.97 -11.70 47.55
C HIS F 255 36.12 -12.34 48.37
N TYR F 256 36.56 -11.65 49.44
CA TYR F 256 37.63 -12.18 50.27
C TYR F 256 37.21 -13.52 50.89
N LYS F 257 36.05 -13.55 51.60
CA LYS F 257 35.54 -14.75 52.24
C LYS F 257 35.49 -15.96 51.31
N LEU F 258 34.91 -15.84 50.07
CA LEU F 258 34.85 -16.95 49.11
C LEU F 258 36.27 -17.43 48.79
N VAL F 259 37.14 -16.50 48.32
CA VAL F 259 38.54 -16.71 47.97
C VAL F 259 39.33 -17.40 49.09
N TYR F 260 39.01 -17.06 50.33
CA TYR F 260 39.62 -17.62 51.52
C TYR F 260 39.25 -19.10 51.65
N ILE F 261 37.93 -19.43 51.53
CA ILE F 261 37.39 -20.81 51.61
C ILE F 261 37.99 -21.66 50.47
N HIS F 262 38.20 -21.06 49.28
CA HIS F 262 38.75 -21.72 48.09
C HIS F 262 37.99 -23.06 47.88
N PRO F 263 36.66 -23.03 47.65
CA PRO F 263 35.91 -24.29 47.57
C PRO F 263 36.08 -25.07 46.27
N PHE F 264 36.82 -24.53 45.29
CA PHE F 264 36.98 -25.18 43.99
C PHE F 264 38.43 -25.44 43.65
N ILE F 265 38.70 -26.49 42.85
CA ILE F 265 40.05 -26.80 42.39
C ILE F 265 40.59 -25.58 41.58
N ASP F 266 39.72 -25.01 40.72
CA ASP F 266 40.02 -23.87 39.86
C ASP F 266 38.84 -22.90 39.74
N GLY F 267 39.11 -21.68 39.29
CA GLY F 267 38.10 -20.67 39.06
C GLY F 267 37.53 -20.00 40.29
N ASN F 268 38.29 -20.00 41.43
CA ASN F 268 37.87 -19.34 42.69
C ASN F 268 37.87 -17.83 42.53
N GLY F 269 39.00 -17.29 42.07
CA GLY F 269 39.16 -15.86 41.82
C GLY F 269 38.14 -15.30 40.85
N ARG F 270 37.87 -16.04 39.72
CA ARG F 270 36.90 -15.69 38.69
C ARG F 270 35.48 -15.68 39.23
N THR F 271 35.09 -16.72 40.01
CA THR F 271 33.76 -16.82 40.63
C THR F 271 33.55 -15.75 41.65
N SER F 272 34.60 -15.42 42.43
CA SER F 272 34.54 -14.39 43.46
C SER F 272 34.34 -13.04 42.83
N ARG F 273 35.17 -12.69 41.83
CA ARG F 273 35.11 -11.44 41.07
C ARG F 273 33.71 -11.22 40.48
N LEU F 274 33.04 -12.33 40.05
CA LEU F 274 31.69 -12.31 39.49
C LEU F 274 30.66 -12.14 40.58
N LEU F 275 30.87 -12.78 41.76
CA LEU F 275 29.99 -12.67 42.92
C LEU F 275 30.10 -11.25 43.47
N MET F 276 31.29 -10.67 43.40
CA MET F 276 31.52 -9.29 43.82
C MET F 276 30.64 -8.36 42.97
N ASN F 277 30.70 -8.50 41.62
CA ASN F 277 29.90 -7.71 40.67
C ASN F 277 28.39 -7.90 40.87
N LEU F 278 27.96 -9.13 41.29
CA LEU F 278 26.56 -9.44 41.60
C LEU F 278 26.10 -8.54 42.74
N ILE F 279 26.90 -8.47 43.84
CA ILE F 279 26.65 -7.66 45.04
C ILE F 279 26.55 -6.19 44.66
N LEU F 280 27.52 -5.68 43.90
CA LEU F 280 27.58 -4.29 43.45
C LEU F 280 26.35 -3.89 42.63
N MET F 281 26.10 -4.62 41.52
CA MET F 281 24.98 -4.41 40.59
C MET F 281 23.64 -4.50 41.26
N GLN F 282 23.49 -5.39 42.27
CA GLN F 282 22.24 -5.50 43.04
C GLN F 282 21.93 -4.23 43.84
N ALA F 283 22.98 -3.49 44.25
CA ALA F 283 22.84 -2.24 45.00
C ALA F 283 22.97 -1.00 44.08
N GLY F 284 22.89 -1.24 42.78
CA GLY F 284 22.96 -0.18 41.78
C GLY F 284 24.33 0.44 41.58
N TYR F 285 25.34 -0.40 41.39
CA TYR F 285 26.70 0.05 41.11
C TYR F 285 27.12 -0.59 39.79
N PRO F 286 27.94 0.05 38.94
CA PRO F 286 28.37 -0.62 37.70
C PRO F 286 29.25 -1.85 37.99
N PRO F 287 29.34 -2.87 37.10
CA PRO F 287 30.27 -3.98 37.38
C PRO F 287 31.72 -3.46 37.38
N ILE F 288 32.57 -4.05 38.23
CA ILE F 288 33.95 -3.65 38.42
C ILE F 288 35.02 -4.57 37.85
N THR F 289 36.13 -3.98 37.36
CA THR F 289 37.22 -4.73 36.74
C THR F 289 38.58 -4.51 37.42
N ILE F 290 39.18 -5.59 37.95
CA ILE F 290 40.53 -5.58 38.53
C ILE F 290 41.42 -5.90 37.32
N ARG F 291 42.33 -4.97 36.97
CA ARG F 291 43.19 -5.10 35.79
C ARG F 291 44.33 -6.11 35.94
N LYS F 292 44.84 -6.60 34.80
CA LYS F 292 45.97 -7.52 34.61
C LYS F 292 47.20 -6.95 35.32
N GLU F 293 47.45 -5.64 35.12
CA GLU F 293 48.56 -4.86 35.69
C GLU F 293 48.50 -4.76 37.23
N GLN F 294 47.25 -4.72 37.79
CA GLN F 294 46.97 -4.63 39.23
C GLN F 294 47.20 -5.98 39.98
N ARG F 295 47.51 -7.10 39.26
CA ARG F 295 47.71 -8.43 39.86
C ARG F 295 48.57 -8.41 41.11
N SER F 296 49.80 -7.93 41.01
CA SER F 296 50.75 -7.85 42.13
C SER F 296 50.19 -7.16 43.39
N ASP F 297 49.44 -6.02 43.25
CA ASP F 297 48.83 -5.30 44.38
C ASP F 297 47.65 -6.11 44.97
N TYR F 298 46.82 -6.73 44.07
CA TYR F 298 45.65 -7.57 44.35
C TYR F 298 46.02 -8.77 45.24
N TYR F 299 47.16 -9.45 44.94
CA TYR F 299 47.67 -10.58 45.70
C TYR F 299 48.30 -10.11 47.01
N HIS F 300 48.84 -8.87 47.02
CA HIS F 300 49.44 -8.30 48.20
C HIS F 300 48.38 -8.01 49.26
N VAL F 301 47.26 -7.36 48.85
CA VAL F 301 46.15 -7.00 49.73
C VAL F 301 45.36 -8.21 50.24
N LEU F 302 45.33 -9.32 49.44
CA LEU F 302 44.69 -10.59 49.81
C LEU F 302 45.51 -11.28 50.88
N GLU F 303 46.87 -11.16 50.79
CA GLU F 303 47.82 -11.69 51.77
C GLU F 303 47.63 -10.95 53.11
N ALA F 304 47.54 -9.60 53.06
CA ALA F 304 47.32 -8.69 54.19
C ALA F 304 46.03 -9.00 54.98
N ALA F 305 45.01 -9.59 54.31
CA ALA F 305 43.74 -9.99 54.94
C ALA F 305 43.90 -11.32 55.66
N ASN F 306 44.72 -12.24 55.10
CA ASN F 306 45.00 -13.53 55.70
C ASN F 306 45.74 -13.31 56.98
N GLU F 307 46.63 -12.30 56.98
CA GLU F 307 47.43 -11.87 58.12
C GLU F 307 46.59 -11.24 59.26
N GLY F 308 45.35 -10.82 58.97
CA GLY F 308 44.45 -10.27 59.98
C GLY F 308 43.72 -8.97 59.68
N ASP F 309 44.16 -8.19 58.65
CA ASP F 309 43.55 -6.88 58.29
C ASP F 309 42.92 -6.87 56.87
N VAL F 310 41.58 -6.89 56.81
CA VAL F 310 40.83 -6.89 55.55
C VAL F 310 40.67 -5.49 54.94
N ARG F 311 40.98 -4.42 55.74
CA ARG F 311 40.88 -3.04 55.31
C ARG F 311 41.65 -2.67 54.02
N PRO F 312 42.97 -2.98 53.84
CA PRO F 312 43.63 -2.64 52.55
C PRO F 312 42.92 -3.22 51.31
N PHE F 313 42.36 -4.46 51.42
CA PHE F 313 41.64 -5.08 50.32
C PHE F 313 40.35 -4.31 50.03
N ILE F 314 39.64 -3.84 51.09
CA ILE F 314 38.40 -3.05 50.95
C ILE F 314 38.71 -1.73 50.24
N ARG F 315 39.86 -1.10 50.56
CA ARG F 315 40.31 0.14 49.93
C ARG F 315 40.69 -0.14 48.48
N PHE F 316 41.34 -1.29 48.20
CA PHE F 316 41.73 -1.69 46.84
C PHE F 316 40.50 -1.79 45.94
N ILE F 317 39.47 -2.56 46.39
CA ILE F 317 38.18 -2.76 45.72
C ILE F 317 37.45 -1.41 45.56
N ALA F 318 37.56 -0.51 46.57
CA ALA F 318 37.01 0.83 46.48
C ALA F 318 37.77 1.72 45.44
N LYS F 319 39.12 1.60 45.33
CA LYS F 319 39.91 2.33 44.32
C LYS F 319 39.48 1.89 42.91
N CYS F 320 39.21 0.56 42.74
CA CYS F 320 38.71 -0.06 41.52
C CYS F 320 37.33 0.48 41.21
N THR F 321 36.43 0.55 42.22
CA THR F 321 35.09 1.08 41.96
C THR F 321 35.15 2.53 41.49
N GLU F 322 36.04 3.36 42.09
CA GLU F 322 36.21 4.75 41.68
C GLU F 322 36.77 4.83 40.25
N THR F 323 37.86 4.09 39.94
CA THR F 323 38.43 4.07 38.59
C THR F 323 37.44 3.58 37.50
N THR F 324 36.45 2.75 37.88
CA THR F 324 35.40 2.28 36.98
C THR F 324 34.34 3.40 36.80
N LEU F 325 34.00 4.11 37.90
CA LEU F 325 33.05 5.24 37.89
C LEU F 325 33.63 6.45 37.13
N ASP F 326 34.97 6.67 37.18
CA ASP F 326 35.66 7.77 36.51
C ASP F 326 35.69 7.59 34.99
N THR F 327 35.94 6.33 34.54
CA THR F 327 36.01 5.93 33.13
C THR F 327 34.64 6.11 32.45
N LEU F 328 33.54 5.89 33.19
CA LEU F 328 32.17 6.07 32.69
C LEU F 328 31.82 7.54 32.55
N LEU F 329 32.31 8.39 33.47
CA LEU F 329 32.03 9.83 33.47
C LEU F 329 32.90 10.67 32.50
N PHE F 330 33.65 10.00 31.60
CA PHE F 330 34.46 10.64 30.58
C PHE F 330 33.54 11.15 29.44
N ALA F 331 32.35 10.52 29.30
CA ALA F 331 31.31 10.85 28.32
C ALA F 331 30.12 11.52 29.06
N THR F 332 29.67 12.71 28.62
CA THR F 332 28.57 13.38 29.32
C THR F 332 27.45 13.77 28.38
N ALA G 5 14.19 11.50 -2.10
CA ALA G 5 14.60 12.90 -2.16
C ALA G 5 13.51 13.78 -2.77
N ARG G 6 13.16 13.56 -4.07
CA ARG G 6 12.10 14.30 -4.76
C ARG G 6 10.73 13.91 -4.22
N ALA G 7 10.63 12.68 -3.68
CA ALA G 7 9.43 12.10 -3.06
C ALA G 7 9.00 12.94 -1.84
N ALA G 8 9.98 13.36 -1.01
CA ALA G 8 9.77 14.19 0.19
C ALA G 8 9.29 15.60 -0.16
N LEU G 9 9.89 16.23 -1.22
CA LEU G 9 9.52 17.57 -1.68
C LEU G 9 8.09 17.62 -2.24
N ASN G 10 7.68 16.60 -3.00
CA ASN G 10 6.34 16.56 -3.54
C ASN G 10 5.31 16.35 -2.44
N GLN G 11 5.70 15.62 -1.35
CA GLN G 11 4.90 15.34 -0.15
C GLN G 11 4.79 16.57 0.75
N ALA G 12 5.93 17.30 0.95
CA ALA G 12 6.04 18.54 1.74
C ALA G 12 5.14 19.64 1.14
N LEU G 13 5.15 19.78 -0.21
CA LEU G 13 4.36 20.75 -0.97
C LEU G 13 2.85 20.47 -0.84
N GLU G 14 2.48 19.17 -0.83
CA GLU G 14 1.09 18.72 -0.68
C GLU G 14 0.57 18.99 0.74
N MET G 15 1.42 18.75 1.76
CA MET G 15 1.15 18.99 3.17
C MET G 15 0.94 20.49 3.42
N LYS G 16 1.75 21.36 2.74
CA LYS G 16 1.69 22.83 2.77
C LYS G 16 0.33 23.33 2.26
N ARG G 17 -0.25 22.62 1.26
CA ARG G 17 -1.57 22.92 0.69
C ARG G 17 -2.68 22.61 1.73
N GLN G 18 -3.55 23.61 1.97
CA GLN G 18 -4.68 23.60 2.92
C GLN G 18 -4.33 23.61 4.43
N GLY G 19 -3.27 22.90 4.83
CA GLY G 19 -2.87 22.84 6.23
C GLY G 19 -1.49 22.30 6.51
N LYS G 20 -1.44 21.26 7.38
CA LYS G 20 -0.27 20.49 7.86
C LYS G 20 1.12 21.18 7.84
N ARG G 21 1.23 22.33 8.58
CA ARG G 21 2.43 23.17 8.70
C ARG G 21 3.69 22.46 9.21
N GLU G 22 3.65 21.90 10.44
CA GLU G 22 4.79 21.20 11.05
C GLU G 22 5.11 19.86 10.37
N LYS G 23 4.12 19.26 9.67
CA LYS G 23 4.28 18.00 8.92
C LYS G 23 5.13 18.25 7.66
N ALA G 24 4.94 19.45 7.05
CA ALA G 24 5.66 19.93 5.87
C ALA G 24 7.05 20.45 6.22
N GLN G 25 7.18 21.21 7.34
CA GLN G 25 8.46 21.74 7.82
C GLN G 25 9.50 20.63 8.05
N LYS G 26 9.09 19.51 8.69
CA LYS G 26 9.97 18.37 8.94
C LYS G 26 10.22 17.57 7.63
N LEU G 27 9.25 17.61 6.67
CA LEU G 27 9.32 16.95 5.35
C LEU G 27 10.31 17.67 4.45
N PHE G 28 10.29 19.02 4.50
CA PHE G 28 11.20 19.89 3.77
C PHE G 28 12.63 19.66 4.28
N MET G 29 12.78 19.57 5.62
CA MET G 29 14.04 19.32 6.31
C MET G 29 14.59 17.96 5.94
N HIS G 30 13.70 16.96 5.74
CA HIS G 30 14.06 15.61 5.33
C HIS G 30 14.68 15.64 3.91
N ALA G 31 14.00 16.30 2.92
CA ALA G 31 14.45 16.44 1.52
C ALA G 31 15.85 17.09 1.41
N LEU G 32 16.16 18.04 2.32
CA LEU G 32 17.47 18.71 2.39
C LEU G 32 18.51 17.87 3.19
N LYS G 33 18.03 16.99 4.12
CA LYS G 33 18.90 16.08 4.88
C LYS G 33 19.35 14.96 3.93
N MET G 34 18.48 14.61 2.94
CA MET G 34 18.70 13.61 1.91
C MET G 34 19.69 14.13 0.87
N ASP G 35 19.52 15.40 0.47
CA ASP G 35 20.34 16.13 -0.52
C ASP G 35 20.29 17.64 -0.24
N PRO G 36 21.34 18.25 0.38
CA PRO G 36 21.31 19.69 0.63
C PRO G 36 21.57 20.54 -0.63
N ASP G 37 21.87 19.89 -1.77
CA ASP G 37 22.07 20.54 -3.06
C ASP G 37 20.85 20.31 -3.99
N PHE G 38 19.64 20.36 -3.40
CA PHE G 38 18.37 20.17 -4.08
C PHE G 38 17.73 21.53 -4.35
N VAL G 39 18.18 22.19 -5.45
CA VAL G 39 17.77 23.52 -5.94
C VAL G 39 16.26 23.79 -5.83
N ASP G 40 15.42 22.77 -6.13
CA ASP G 40 13.95 22.82 -6.06
C ASP G 40 13.40 22.79 -4.64
N ALA G 41 14.06 22.06 -3.72
CA ALA G 41 13.67 22.02 -2.31
C ALA G 41 13.98 23.36 -1.63
N LEU G 42 15.22 23.87 -1.85
CA LEU G 42 15.73 25.12 -1.31
C LEU G 42 14.79 26.30 -1.61
N THR G 43 14.37 26.45 -2.91
CA THR G 43 13.44 27.53 -3.32
C THR G 43 12.05 27.32 -2.76
N GLU G 44 11.63 26.06 -2.64
CA GLU G 44 10.31 25.72 -2.12
C GLU G 44 10.26 26.02 -0.62
N PHE G 45 11.30 25.59 0.10
CA PHE G 45 11.41 25.82 1.55
C PHE G 45 11.57 27.33 1.84
N GLY G 46 12.27 28.03 0.94
CA GLY G 46 12.47 29.47 1.01
C GLY G 46 11.14 30.20 0.88
N ILE G 47 10.30 29.81 -0.10
CA ILE G 47 8.97 30.42 -0.31
C ILE G 47 8.04 30.11 0.84
N PHE G 48 8.19 28.90 1.44
CA PHE G 48 7.44 28.39 2.60
C PHE G 48 7.77 29.18 3.88
N SER G 49 9.06 29.42 4.15
CA SER G 49 9.58 30.12 5.33
C SER G 49 9.20 31.59 5.36
N GLU G 50 9.14 32.22 4.16
CA GLU G 50 8.73 33.61 3.96
C GLU G 50 7.28 33.85 4.43
N GLU G 51 6.44 32.80 4.43
CA GLU G 51 5.06 32.85 4.88
C GLU G 51 4.98 32.98 6.41
N ASP G 52 5.90 32.32 7.14
CA ASP G 52 5.96 32.36 8.62
C ASP G 52 6.69 33.65 9.16
N LYS G 53 6.92 34.63 8.25
CA LYS G 53 7.58 35.94 8.42
C LYS G 53 9.11 35.88 8.53
N ASP G 54 9.74 34.71 8.21
CA ASP G 54 11.21 34.55 8.26
C ASP G 54 11.89 34.83 6.90
N ILE G 55 12.02 36.11 6.54
CA ILE G 55 12.65 36.50 5.29
C ILE G 55 14.17 36.13 5.27
N ILE G 56 14.88 36.36 6.40
CA ILE G 56 16.31 36.05 6.55
C ILE G 56 16.66 34.62 6.13
N GLN G 57 15.95 33.60 6.69
CA GLN G 57 16.14 32.18 6.35
C GLN G 57 15.82 31.93 4.87
N ALA G 58 14.71 32.54 4.35
CA ALA G 58 14.29 32.42 2.97
C ALA G 58 15.44 32.83 2.02
N ASP G 59 16.01 34.02 2.25
CA ASP G 59 17.09 34.57 1.46
C ASP G 59 18.29 33.64 1.47
N TYR G 60 18.63 33.05 2.64
CA TYR G 60 19.73 32.08 2.81
C TYR G 60 19.56 30.93 1.82
N LEU G 61 18.32 30.36 1.77
CA LEU G 61 17.88 29.27 0.88
C LEU G 61 17.97 29.70 -0.59
N TYR G 62 17.37 30.86 -0.98
CA TYR G 62 17.46 31.32 -2.37
C TYR G 62 18.92 31.47 -2.81
N THR G 63 19.78 32.03 -1.91
CA THR G 63 21.21 32.24 -2.09
C THR G 63 21.89 30.88 -2.26
N ARG G 64 21.64 29.91 -1.33
CA ARG G 64 22.21 28.56 -1.42
C ARG G 64 21.85 27.93 -2.74
N ALA G 65 20.58 28.08 -3.17
CA ALA G 65 20.09 27.57 -4.44
C ALA G 65 20.88 28.17 -5.63
N LEU G 66 21.11 29.50 -5.64
CA LEU G 66 21.84 30.18 -6.73
C LEU G 66 23.31 29.83 -6.89
N THR G 67 24.03 29.51 -5.79
CA THR G 67 25.44 29.12 -5.85
C THR G 67 25.56 27.78 -6.58
N ILE G 68 24.57 26.89 -6.38
CA ILE G 68 24.48 25.57 -7.00
C ILE G 68 24.12 25.79 -8.48
N SER G 69 22.97 26.43 -8.77
CA SER G 69 22.43 26.70 -10.10
C SER G 69 22.20 28.23 -10.33
N PRO G 70 23.18 28.94 -10.95
CA PRO G 70 23.06 30.42 -11.13
C PRO G 70 21.93 30.97 -11.98
N TYR G 71 21.40 30.17 -12.93
CA TYR G 71 20.32 30.69 -13.79
C TYR G 71 18.93 30.14 -13.49
N HIS G 72 18.76 29.51 -12.31
CA HIS G 72 17.46 29.01 -11.85
C HIS G 72 16.55 30.26 -11.69
N GLU G 73 15.54 30.37 -12.58
CA GLU G 73 14.63 31.52 -12.67
C GLU G 73 13.86 31.79 -11.39
N LYS G 74 13.25 30.73 -10.77
CA LYS G 74 12.48 30.89 -9.53
C LYS G 74 13.33 31.45 -8.38
N ALA G 75 14.60 30.94 -8.23
CA ALA G 75 15.55 31.41 -7.22
C ALA G 75 15.99 32.84 -7.52
N LEU G 76 16.18 33.21 -8.81
CA LEU G 76 16.61 34.55 -9.21
C LEU G 76 15.59 35.64 -8.91
N VAL G 77 14.32 35.48 -9.34
CA VAL G 77 13.22 36.46 -9.13
C VAL G 77 12.97 36.70 -7.65
N ASN G 78 13.16 35.65 -6.85
CA ASN G 78 12.99 35.71 -5.41
C ASN G 78 14.17 36.47 -4.76
N ARG G 79 15.42 36.03 -5.07
CA ARG G 79 16.68 36.61 -4.57
C ARG G 79 16.84 38.08 -4.99
N ASP G 80 16.43 38.43 -6.22
CA ASP G 80 16.54 39.82 -6.70
C ASP G 80 15.73 40.82 -5.84
N ARG G 81 14.80 40.30 -5.04
CA ARG G 81 13.90 41.03 -4.16
C ARG G 81 14.40 40.99 -2.70
N THR G 82 14.89 39.81 -2.23
CA THR G 82 15.35 39.62 -0.85
C THR G 82 16.70 40.23 -0.59
N LEU G 83 17.69 40.06 -1.52
CA LEU G 83 19.07 40.60 -1.39
C LEU G 83 19.07 42.03 -0.81
N PRO G 84 18.41 43.05 -1.45
CA PRO G 84 18.46 44.41 -0.87
C PRO G 84 17.69 44.54 0.45
N LEU G 85 16.53 43.88 0.55
CA LEU G 85 15.69 43.89 1.75
C LEU G 85 16.42 43.30 2.99
N VAL G 86 17.09 42.14 2.84
CA VAL G 86 17.84 41.46 3.88
C VAL G 86 19.06 42.29 4.32
N GLU G 87 19.75 43.00 3.35
CA GLU G 87 20.88 43.91 3.59
C GLU G 87 20.43 45.09 4.48
N GLU G 88 19.18 45.60 4.30
CA GLU G 88 18.63 46.70 5.08
C GLU G 88 18.28 46.19 6.43
N ILE G 89 17.66 45.01 6.53
CA ILE G 89 17.30 44.37 7.83
C ILE G 89 18.57 44.23 8.68
N ASP G 90 19.64 43.66 8.09
CA ASP G 90 20.94 43.50 8.77
C ASP G 90 21.47 44.86 9.23
N GLN G 91 21.50 45.89 8.30
CA GLN G 91 21.98 47.25 8.57
C GLN G 91 21.22 47.94 9.68
N ARG G 92 19.93 47.63 9.85
CA ARG G 92 19.07 48.20 10.89
C ARG G 92 19.46 47.63 12.25
N TYR G 93 19.73 46.32 12.34
CA TYR G 93 20.11 45.63 13.57
C TYR G 93 21.41 46.19 14.12
N PHE G 94 22.31 46.57 13.20
CA PHE G 94 23.59 47.14 13.54
C PHE G 94 23.38 48.49 14.15
N SER G 95 22.42 49.28 13.64
CA SER G 95 22.09 50.59 14.20
C SER G 95 21.46 50.47 15.62
N ILE G 96 20.68 49.38 15.86
CA ILE G 96 20.06 49.10 17.16
C ILE G 96 21.18 48.80 18.17
N ILE G 97 22.23 48.05 17.75
CA ILE G 97 23.43 47.71 18.54
C ILE G 97 24.21 48.99 18.85
N ASP G 98 24.40 49.86 17.84
CA ASP G 98 25.09 51.14 17.98
C ASP G 98 24.45 52.04 19.02
N SER G 99 23.11 52.15 19.02
CA SER G 99 22.34 52.94 19.97
C SER G 99 22.53 52.44 21.42
N LYS G 100 22.65 51.10 21.61
CA LYS G 100 22.90 50.46 22.90
C LYS G 100 24.35 50.67 23.37
N VAL G 101 25.33 50.70 22.42
CA VAL G 101 26.74 50.95 22.72
C VAL G 101 26.94 52.43 23.08
N LYS G 102 26.05 53.30 22.58
CA LYS G 102 25.99 54.74 22.88
C LYS G 102 25.49 54.85 24.32
N LYS G 103 24.51 54.01 24.71
CA LYS G 103 23.93 53.96 26.06
C LYS G 103 24.93 53.39 27.08
N VAL G 104 25.73 52.38 26.67
CA VAL G 104 26.78 51.76 27.51
C VAL G 104 28.05 52.67 27.61
N MET G 105 28.24 53.59 26.65
CA MET G 105 29.34 54.56 26.64
C MET G 105 29.18 55.54 27.84
N SER G 106 27.96 55.65 28.41
CA SER G 106 27.67 56.49 29.57
C SER G 106 27.33 55.58 30.78
N SER G 112 29.76 51.61 40.61
CA SER G 112 29.61 50.70 41.76
C SER G 112 28.75 49.50 41.41
N ALA G 113 27.66 49.72 40.65
CA ALA G 113 26.73 48.67 40.20
C ALA G 113 27.23 48.05 38.89
N LEU G 114 27.82 48.89 38.00
CA LEU G 114 28.39 48.47 36.72
C LEU G 114 29.73 47.78 36.95
N ARG G 115 30.50 48.24 37.96
CA ARG G 115 31.80 47.69 38.36
C ARG G 115 31.66 46.25 38.88
N ARG G 116 30.55 45.98 39.60
CA ARG G 116 30.21 44.66 40.15
C ARG G 116 29.80 43.68 39.03
N VAL G 117 29.28 44.22 37.90
CA VAL G 117 28.89 43.45 36.72
C VAL G 117 30.16 43.12 35.93
N MET G 118 31.05 44.11 35.71
CA MET G 118 32.32 43.97 34.98
C MET G 118 33.25 42.90 35.54
N GLU G 119 33.43 42.86 36.88
CA GLU G 119 34.29 41.90 37.56
C GLU G 119 33.75 40.48 37.50
N GLU G 120 32.42 40.30 37.68
CA GLU G 120 31.79 38.98 37.61
C GLU G 120 31.73 38.44 36.16
N THR G 121 31.54 39.34 35.16
CA THR G 121 31.49 38.97 33.73
C THR G 121 32.86 38.54 33.20
N TYR G 122 33.95 38.92 33.92
CA TYR G 122 35.32 38.53 33.59
C TYR G 122 35.44 37.03 33.89
N TYR G 123 35.07 36.62 35.12
CA TYR G 123 35.07 35.23 35.59
C TYR G 123 34.09 34.38 34.78
N HIS G 124 32.96 34.99 34.40
CA HIS G 124 31.90 34.41 33.57
C HIS G 124 32.43 34.11 32.14
N HIS G 125 33.10 35.09 31.48
CA HIS G 125 33.68 34.91 30.13
C HIS G 125 34.59 33.67 30.07
N ILE G 126 35.44 33.48 31.11
CA ILE G 126 36.30 32.31 31.23
C ILE G 126 35.44 31.04 31.32
N TYR G 127 34.43 31.03 32.22
CA TYR G 127 33.54 29.88 32.39
C TYR G 127 33.02 29.34 31.07
N HIS G 128 32.45 30.23 30.26
CA HIS G 128 31.85 29.88 28.97
C HIS G 128 32.83 29.50 27.89
N THR G 129 33.95 30.24 27.75
CA THR G 129 34.97 29.96 26.74
C THR G 129 35.66 28.61 26.94
N VAL G 130 35.78 28.17 28.19
CA VAL G 130 36.39 26.89 28.49
C VAL G 130 35.34 25.77 28.41
N ALA G 131 34.11 26.00 28.97
CA ALA G 131 33.00 25.05 29.00
C ALA G 131 32.54 24.63 27.61
N ILE G 132 32.54 25.61 26.67
CA ILE G 132 32.19 25.41 25.25
C ILE G 132 33.12 24.38 24.56
N GLU G 133 34.31 24.15 25.14
CA GLU G 133 35.30 23.18 24.70
C GLU G 133 35.25 21.87 25.46
N GLY G 134 34.38 21.82 26.50
CA GLY G 134 34.15 20.65 27.33
C GLY G 134 34.68 20.69 28.75
N ASN G 135 34.98 21.89 29.29
CA ASN G 135 35.51 22.01 30.66
C ASN G 135 34.42 21.82 31.72
N THR G 136 34.54 20.75 32.52
CA THR G 136 33.58 20.37 33.57
C THR G 136 33.57 21.32 34.81
N LEU G 137 34.50 22.28 34.87
CA LEU G 137 34.61 23.21 36.00
C LEU G 137 33.41 24.15 36.13
N THR G 138 33.07 24.51 37.38
CA THR G 138 31.96 25.41 37.71
C THR G 138 32.48 26.82 37.84
N LEU G 139 31.57 27.81 37.83
CA LEU G 139 31.92 29.23 37.98
C LEU G 139 32.50 29.51 39.36
N SER G 140 32.03 28.79 40.43
CA SER G 140 32.56 28.94 41.80
C SER G 140 33.99 28.36 41.90
N GLU G 141 34.23 27.23 41.20
CA GLU G 141 35.54 26.59 41.16
C GLU G 141 36.53 27.49 40.40
N ILE G 142 36.08 28.13 39.30
CA ILE G 142 36.89 29.04 38.48
C ILE G 142 37.25 30.26 39.29
N ARG G 143 36.27 30.80 40.04
CA ARG G 143 36.41 31.97 40.90
C ARG G 143 37.41 31.67 42.05
N HIS G 144 37.44 30.39 42.51
CA HIS G 144 38.37 29.92 43.54
C HIS G 144 39.78 29.83 42.99
N ILE G 145 39.98 29.05 41.90
CA ILE G 145 41.25 28.81 41.19
C ILE G 145 41.97 30.14 40.91
N LEU G 146 41.25 31.14 40.39
CA LEU G 146 41.83 32.43 40.05
C LEU G 146 42.14 33.35 41.21
N GLU G 147 41.52 33.11 42.40
CA GLU G 147 41.69 33.92 43.63
C GLU G 147 42.67 33.38 44.65
N THR G 148 42.62 32.08 44.90
CA THR G 148 43.48 31.40 45.86
C THR G 148 44.77 30.88 45.20
N ARG G 149 44.68 30.50 43.91
CA ARG G 149 45.72 29.88 43.08
C ARG G 149 45.94 28.42 43.58
N TYR G 150 45.00 27.95 44.45
CA TYR G 150 44.98 26.59 44.99
C TYR G 150 44.16 25.70 44.09
N ALA G 151 44.52 24.43 44.06
CA ALA G 151 43.85 23.44 43.23
C ALA G 151 42.47 23.06 43.76
N VAL G 152 41.50 22.95 42.85
CA VAL G 152 40.14 22.50 43.15
C VAL G 152 40.19 20.99 43.31
N PRO G 153 39.80 20.48 44.49
CA PRO G 153 39.85 19.03 44.73
C PRO G 153 38.90 18.24 43.85
N GLY G 154 39.39 17.12 43.32
CA GLY G 154 38.59 16.20 42.51
C GLY G 154 38.57 16.45 41.02
N LYS G 155 39.06 17.61 40.56
CA LYS G 155 39.11 17.93 39.12
C LYS G 155 40.52 17.80 38.54
N SER G 156 40.64 17.44 37.24
CA SER G 156 41.94 17.24 36.58
C SER G 156 42.76 18.55 36.47
N LEU G 157 44.12 18.40 36.46
CA LEU G 157 45.06 19.52 36.36
C LEU G 157 44.90 20.27 35.06
N GLU G 158 44.77 19.54 33.93
CA GLU G 158 44.59 20.07 32.58
C GLU G 158 43.45 21.12 32.50
N GLU G 159 42.29 20.80 33.10
CA GLU G 159 41.10 21.64 33.16
C GLU G 159 41.32 22.94 33.93
N GLN G 160 42.14 22.88 34.97
CA GLN G 160 42.38 24.06 35.80
C GLN G 160 43.46 24.93 35.16
N ASN G 161 44.35 24.28 34.39
CA ASN G 161 45.43 24.93 33.65
C ASN G 161 44.86 25.65 32.41
N GLU G 162 43.70 25.18 31.88
CA GLU G 162 42.95 25.83 30.79
C GLU G 162 42.49 27.21 31.32
N VAL G 163 42.02 27.25 32.58
CA VAL G 163 41.52 28.45 33.28
C VAL G 163 42.62 29.51 33.53
N ILE G 164 43.81 29.08 34.06
CA ILE G 164 44.97 29.94 34.34
C ILE G 164 45.42 30.55 33.01
N GLY G 165 45.44 29.70 31.97
CA GLY G 165 45.86 30.05 30.62
C GLY G 165 45.02 31.13 30.05
N MET G 166 43.70 31.03 30.18
CA MET G 166 42.75 32.07 29.71
C MET G 166 43.06 33.42 30.35
N HIS G 167 43.08 33.44 31.69
CA HIS G 167 43.39 34.58 32.53
C HIS G 167 44.71 35.31 32.11
N ALA G 168 45.80 34.54 31.86
CA ALA G 168 47.12 35.04 31.42
C ALA G 168 46.99 35.70 30.04
N ALA G 169 46.13 35.12 29.16
CA ALA G 169 45.87 35.58 27.81
C ALA G 169 45.13 36.88 27.82
N MET G 170 44.05 36.99 28.64
CA MET G 170 43.26 38.22 28.67
C MET G 170 43.91 39.35 29.45
N LYS G 171 44.76 39.00 30.45
CA LYS G 171 45.52 40.02 31.18
C LYS G 171 46.56 40.60 30.24
N TYR G 172 47.10 39.76 29.31
CA TYR G 172 48.06 40.15 28.30
C TYR G 172 47.42 41.09 27.27
N ILE G 173 46.26 40.73 26.72
CA ILE G 173 45.54 41.52 25.71
C ILE G 173 45.20 42.90 26.25
N ASN G 174 44.61 42.94 27.47
CA ASN G 174 44.25 44.18 28.16
C ASN G 174 45.38 45.17 28.54
N THR G 175 46.57 44.65 28.85
CA THR G 175 47.73 45.46 29.21
C THR G 175 48.56 45.88 27.99
N THR G 176 48.89 44.91 27.11
CA THR G 176 49.76 45.13 25.94
C THR G 176 49.07 45.54 24.66
N LEU G 177 48.09 44.73 24.21
CA LEU G 177 47.38 44.78 22.94
C LEU G 177 46.25 45.81 22.73
N VAL G 178 45.21 45.84 23.60
CA VAL G 178 44.01 46.69 23.48
C VAL G 178 44.30 48.13 23.01
N SER G 179 45.01 48.90 23.85
CA SER G 179 45.36 50.32 23.69
C SER G 179 46.49 50.59 22.70
N ARG G 180 47.26 49.55 22.36
CA ARG G 180 48.40 49.65 21.44
C ARG G 180 48.00 50.22 20.09
N ILE G 181 48.81 51.17 19.64
CA ILE G 181 48.63 51.85 18.36
C ILE G 181 49.47 51.09 17.35
N GLY G 182 48.95 50.99 16.14
CA GLY G 182 49.61 50.30 15.03
C GLY G 182 48.84 49.11 14.46
N SER G 183 49.53 48.33 13.63
CA SER G 183 48.99 47.16 12.97
C SER G 183 49.13 45.88 13.81
N VAL G 184 48.10 45.01 13.74
CA VAL G 184 48.06 43.71 14.42
C VAL G 184 48.97 42.77 13.61
N THR G 185 49.91 42.08 14.28
CA THR G 185 50.88 41.20 13.63
C THR G 185 50.70 39.73 13.98
N ILE G 186 51.41 38.87 13.24
CA ILE G 186 51.42 37.42 13.41
C ILE G 186 52.00 37.03 14.78
N SER G 187 52.89 37.91 15.34
CA SER G 187 53.56 37.72 16.61
C SER G 187 52.59 37.89 17.77
N ASP G 188 51.60 38.80 17.58
CA ASP G 188 50.55 39.10 18.55
C ASP G 188 49.66 37.90 18.76
N VAL G 189 49.26 37.24 17.66
CA VAL G 189 48.41 36.03 17.66
C VAL G 189 49.13 34.86 18.32
N LEU G 190 50.41 34.68 18.01
CA LEU G 190 51.26 33.64 18.58
C LEU G 190 51.47 33.87 20.07
N GLU G 191 51.52 35.15 20.49
CA GLU G 191 51.67 35.60 21.87
C GLU G 191 50.42 35.34 22.75
N ILE G 192 49.16 35.49 22.15
CA ILE G 192 47.89 35.20 22.81
C ILE G 192 47.83 33.67 22.99
N HIS G 193 48.14 32.91 21.90
CA HIS G 193 48.16 31.44 21.94
C HIS G 193 49.17 30.90 22.91
N ARG G 194 50.32 31.60 23.04
CA ARG G 194 51.39 31.24 23.96
C ARG G 194 50.84 31.16 25.41
N ARG G 195 49.91 32.05 25.78
CA ARG G 195 49.31 32.06 27.11
C ARG G 195 48.12 31.14 27.20
N VAL G 196 47.23 31.15 26.17
CA VAL G 196 46.02 30.29 26.12
C VAL G 196 46.31 28.83 26.41
N LEU G 197 47.26 28.24 25.67
CA LEU G 197 47.64 26.83 25.69
C LEU G 197 48.93 26.46 26.45
N GLY G 198 49.67 27.45 26.93
CA GLY G 198 50.93 27.33 27.64
C GLY G 198 50.94 26.48 28.89
N TYR G 199 49.85 26.49 29.67
CA TYR G 199 49.82 25.71 30.92
C TYR G 199 49.32 24.29 30.70
N VAL G 200 48.81 24.01 29.50
CA VAL G 200 48.23 22.72 29.15
C VAL G 200 49.17 21.92 28.24
N ASP G 201 49.80 22.59 27.24
CA ASP G 201 50.74 22.01 26.28
C ASP G 201 51.78 23.06 25.94
N PRO G 202 52.84 23.20 26.77
CA PRO G 202 53.87 24.21 26.49
C PRO G 202 54.75 23.99 25.23
N VAL G 203 54.76 22.77 24.75
CA VAL G 203 55.50 22.37 23.58
C VAL G 203 54.79 22.94 22.32
N GLU G 204 53.47 22.83 22.24
CA GLU G 204 52.71 23.30 21.07
C GLU G 204 52.15 24.74 21.23
N ALA G 205 52.11 25.28 22.47
CA ALA G 205 51.66 26.65 22.73
C ALA G 205 52.57 27.67 22.04
N GLY G 206 51.97 28.63 21.39
CA GLY G 206 52.70 29.67 20.66
C GLY G 206 53.32 29.25 19.35
N ARG G 207 52.95 28.07 18.83
CA ARG G 207 53.49 27.60 17.56
C ARG G 207 52.44 27.04 16.61
N PHE G 208 52.74 27.13 15.30
CA PHE G 208 51.85 26.64 14.25
C PHE G 208 51.80 25.13 14.16
N ARG G 209 50.63 24.63 13.78
CA ARG G 209 50.30 23.21 13.56
C ARG G 209 51.32 22.59 12.59
N THR G 210 51.78 21.37 12.95
CA THR G 210 52.77 20.61 12.15
C THR G 210 52.10 19.46 11.41
N THR G 211 50.97 19.01 11.92
CA THR G 211 50.19 17.91 11.36
C THR G 211 48.93 18.44 10.68
N GLN G 212 48.13 17.55 10.04
CA GLN G 212 46.84 17.90 9.41
C GLN G 212 45.72 17.37 10.30
N VAL G 213 44.69 18.20 10.52
CA VAL G 213 43.57 17.88 11.41
C VAL G 213 42.21 17.98 10.73
N LEU G 214 41.16 17.51 11.41
CA LEU G 214 39.77 17.59 11.01
C LEU G 214 38.98 18.29 12.16
N VAL G 215 38.15 19.27 11.78
CA VAL G 215 37.29 20.03 12.70
C VAL G 215 35.87 19.75 12.20
N GLY G 216 35.21 18.74 12.77
CA GLY G 216 33.90 18.34 12.30
C GLY G 216 34.02 17.72 10.90
N HIS G 217 33.58 18.43 9.87
CA HIS G 217 33.70 17.98 8.48
C HIS G 217 34.66 18.88 7.71
N HIS G 218 35.32 19.79 8.44
CA HIS G 218 36.22 20.77 7.88
C HIS G 218 37.68 20.34 7.97
N ILE G 219 38.34 20.38 6.80
CA ILE G 219 39.76 20.06 6.66
C ILE G 219 40.54 21.37 6.43
N PRO G 220 41.24 21.90 7.49
CA PRO G 220 41.88 23.21 7.36
C PRO G 220 43.07 23.21 6.43
N PRO G 221 43.68 24.37 6.09
CA PRO G 221 44.87 24.34 5.21
C PRO G 221 45.98 23.42 5.74
N HIS G 222 46.77 22.83 4.82
CA HIS G 222 47.87 21.95 5.20
C HIS G 222 48.95 22.72 5.98
N PRO G 223 49.59 22.13 7.02
CA PRO G 223 50.60 22.84 7.81
C PRO G 223 51.67 23.61 7.03
N GLN G 224 51.92 23.18 5.79
CA GLN G 224 52.88 23.80 4.88
C GLN G 224 52.39 25.16 4.37
N ASP G 225 51.07 25.34 4.32
CA ASP G 225 50.45 26.56 3.82
C ASP G 225 49.94 27.49 4.92
N VAL G 226 49.94 27.01 6.21
CA VAL G 226 49.44 27.77 7.36
C VAL G 226 50.09 29.14 7.44
N GLU G 227 51.42 29.19 7.36
CA GLU G 227 52.19 30.43 7.44
C GLU G 227 51.77 31.41 6.35
N LYS G 228 51.58 30.94 5.12
CA LYS G 228 51.17 31.85 4.03
C LYS G 228 49.76 32.44 4.25
N GLN G 229 48.80 31.58 4.69
CA GLN G 229 47.41 31.93 4.94
C GLN G 229 47.30 32.84 6.16
N MET G 230 48.25 32.71 7.12
CA MET G 230 48.26 33.56 8.28
C MET G 230 48.80 34.94 7.91
N GLN G 231 49.72 34.98 6.94
CA GLN G 231 50.32 36.20 6.42
C GLN G 231 49.27 37.04 5.72
N GLU G 232 48.39 36.39 4.92
CA GLU G 232 47.27 37.01 4.17
C GLU G 232 46.20 37.55 5.14
N PHE G 233 45.89 36.76 6.19
CA PHE G 233 44.93 37.08 7.25
C PHE G 233 45.38 38.32 8.01
N VAL G 234 46.65 38.35 8.50
CA VAL G 234 47.16 39.54 9.21
C VAL G 234 47.10 40.79 8.32
N GLN G 235 47.44 40.62 7.03
CA GLN G 235 47.40 41.66 6.03
C GLN G 235 45.95 42.18 5.85
N TRP G 236 44.97 41.27 5.89
CA TRP G 236 43.56 41.64 5.78
C TRP G 236 43.09 42.42 7.05
N LEU G 237 43.62 42.07 8.23
CA LEU G 237 43.29 42.76 9.48
C LEU G 237 43.77 44.20 9.44
N ASN G 238 44.95 44.44 8.83
CA ASN G 238 45.56 45.77 8.68
C ASN G 238 45.28 46.39 7.28
N SER G 239 44.24 45.89 6.61
CA SER G 239 43.80 46.42 5.34
C SER G 239 42.62 47.38 5.62
N GLU G 240 42.26 48.20 4.60
CA GLU G 240 41.22 49.22 4.72
C GLU G 240 39.82 48.77 4.32
N GLU G 241 39.71 47.60 3.66
CA GLU G 241 38.43 46.98 3.28
C GLU G 241 37.78 46.44 4.54
N ALA G 242 38.58 45.82 5.40
CA ALA G 242 38.17 45.26 6.69
C ALA G 242 37.92 46.38 7.70
N MET G 243 38.70 47.44 7.60
CA MET G 243 38.67 48.65 8.41
C MET G 243 37.37 49.46 8.11
N ASN G 244 36.81 49.30 6.89
CA ASN G 244 35.56 49.96 6.46
C ASN G 244 34.28 49.24 6.91
N LEU G 245 34.39 47.96 7.33
CA LEU G 245 33.27 47.14 7.82
C LEU G 245 32.83 47.65 9.19
N HIS G 246 31.57 47.35 9.56
CA HIS G 246 31.03 47.68 10.89
C HIS G 246 31.81 46.82 11.90
N PRO G 247 32.15 47.39 13.09
CA PRO G 247 32.94 46.60 14.07
C PRO G 247 32.50 45.15 14.37
N VAL G 248 31.20 44.88 14.50
CA VAL G 248 30.65 43.54 14.74
C VAL G 248 30.93 42.62 13.55
N GLU G 249 30.76 43.11 12.29
CA GLU G 249 31.01 42.32 11.07
C GLU G 249 32.51 42.00 10.93
N PHE G 250 33.40 42.95 11.25
CA PHE G 250 34.85 42.72 11.16
C PHE G 250 35.28 41.67 12.20
N ALA G 251 34.86 41.85 13.47
CA ALA G 251 35.11 40.94 14.59
C ALA G 251 34.62 39.52 14.30
N ALA G 252 33.41 39.35 13.71
CA ALA G 252 32.89 38.01 13.35
C ALA G 252 33.74 37.38 12.21
N LEU G 253 34.07 38.17 11.13
CA LEU G 253 34.90 37.72 10.01
C LEU G 253 36.33 37.34 10.47
N ALA G 254 36.96 38.17 11.31
CA ALA G 254 38.27 37.85 11.86
C ALA G 254 38.21 36.52 12.58
N HIS G 255 37.18 36.30 13.41
CA HIS G 255 36.95 35.06 14.16
C HIS G 255 36.77 33.86 13.22
N TYR G 256 35.91 33.99 12.22
CA TYR G 256 35.68 32.91 11.28
C TYR G 256 36.98 32.56 10.55
N LYS G 257 37.63 33.55 9.90
CA LYS G 257 38.86 33.35 9.16
C LYS G 257 39.93 32.62 9.96
N LEU G 258 40.23 33.03 11.22
CA LEU G 258 41.25 32.34 12.06
C LEU G 258 40.84 30.89 12.24
N VAL G 259 39.63 30.64 12.76
CA VAL G 259 39.03 29.34 13.03
C VAL G 259 39.07 28.44 11.79
N TYR G 260 38.87 29.03 10.61
CA TYR G 260 38.91 28.32 9.34
C TYR G 260 40.32 27.81 9.08
N ILE G 261 41.36 28.68 9.20
CA ILE G 261 42.79 28.36 9.00
C ILE G 261 43.23 27.28 10.00
N HIS G 262 42.67 27.31 11.24
CA HIS G 262 42.99 26.37 12.32
C HIS G 262 44.51 26.22 12.41
N PRO G 263 45.26 27.32 12.70
CA PRO G 263 46.73 27.21 12.70
C PRO G 263 47.35 26.47 13.89
N PHE G 264 46.56 26.05 14.87
CA PHE G 264 47.09 25.43 16.08
C PHE G 264 46.50 24.08 16.33
N ILE G 265 47.25 23.19 16.99
CA ILE G 265 46.74 21.86 17.33
C ILE G 265 45.48 22.01 18.25
N ASP G 266 45.56 22.96 19.21
CA ASP G 266 44.49 23.25 20.18
C ASP G 266 44.40 24.74 20.48
N GLY G 267 43.28 25.16 21.05
CA GLY G 267 43.06 26.55 21.43
C GLY G 267 42.75 27.52 20.31
N ASN G 268 42.23 27.01 19.17
CA ASN G 268 41.85 27.84 18.01
C ASN G 268 40.63 28.70 18.33
N GLY G 269 39.58 28.04 18.81
CA GLY G 269 38.33 28.68 19.19
C GLY G 269 38.52 29.72 20.27
N ARG G 270 39.34 29.41 21.32
CA ARG G 270 39.65 30.29 22.43
C ARG G 270 40.41 31.51 21.95
N THR G 271 41.47 31.34 21.10
CA THR G 271 42.27 32.46 20.57
C THR G 271 41.43 33.35 19.67
N SER G 272 40.49 32.76 18.90
CA SER G 272 39.65 33.49 17.97
C SER G 272 38.70 34.35 18.74
N ARG G 273 38.01 33.75 19.73
CA ARG G 273 37.05 34.43 20.62
C ARG G 273 37.73 35.63 21.31
N LEU G 274 39.04 35.50 21.67
CA LEU G 274 39.82 36.56 22.28
C LEU G 274 40.22 37.60 21.26
N LEU G 275 40.58 37.17 20.03
CA LEU G 275 40.90 38.10 18.93
C LEU G 275 39.64 38.86 18.54
N MET G 276 38.47 38.20 18.60
CA MET G 276 37.19 38.85 18.32
C MET G 276 37.00 40.00 19.31
N ASN G 277 37.15 39.74 20.63
CA ASN G 277 37.01 40.74 21.70
C ASN G 277 38.02 41.86 21.55
N LEU G 278 39.24 41.57 21.01
CA LEU G 278 40.27 42.58 20.76
C LEU G 278 39.74 43.59 19.75
N ILE G 279 39.16 43.10 18.62
CA ILE G 279 38.57 43.90 17.54
C ILE G 279 37.43 44.78 18.09
N LEU G 280 36.52 44.19 18.86
CA LEU G 280 35.37 44.85 19.46
C LEU G 280 35.80 45.99 20.37
N MET G 281 36.59 45.66 21.42
CA MET G 281 37.11 46.61 22.42
C MET G 281 37.93 47.73 21.81
N GLN G 282 38.67 47.46 20.73
CA GLN G 282 39.42 48.50 20.01
C GLN G 282 38.52 49.55 19.39
N ALA G 283 37.26 49.18 19.03
CA ALA G 283 36.29 50.08 18.41
C ALA G 283 35.27 50.56 19.44
N GLY G 284 35.59 50.37 20.71
CA GLY G 284 34.74 50.79 21.81
C GLY G 284 33.47 49.99 22.00
N TYR G 285 33.58 48.67 22.05
CA TYR G 285 32.45 47.79 22.31
C TYR G 285 32.83 46.93 23.52
N PRO G 286 31.88 46.52 24.40
CA PRO G 286 32.27 45.66 25.52
C PRO G 286 32.75 44.27 25.06
N PRO G 287 33.59 43.54 25.82
CA PRO G 287 33.95 42.19 25.36
C PRO G 287 32.70 41.31 25.35
N ILE G 288 32.63 40.35 24.41
CA ILE G 288 31.49 39.48 24.21
C ILE G 288 31.69 38.03 24.63
N THR G 289 30.61 37.39 25.09
CA THR G 289 30.65 36.00 25.57
C THR G 289 29.66 35.08 24.85
N ILE G 290 30.16 34.04 24.16
CA ILE G 290 29.34 32.99 23.52
C ILE G 290 29.15 31.98 24.64
N ARG G 291 27.91 31.71 25.02
CA ARG G 291 27.60 30.80 26.15
C ARG G 291 27.73 29.31 25.82
N LYS G 292 27.94 28.49 26.88
CA LYS G 292 28.06 27.03 26.91
C LYS G 292 26.84 26.41 26.21
N GLU G 293 25.64 26.95 26.53
CA GLU G 293 24.32 26.53 26.00
C GLU G 293 24.18 26.81 24.48
N GLN G 294 24.83 27.91 24.00
CA GLN G 294 24.84 28.33 22.59
C GLN G 294 25.77 27.45 21.68
N ARG G 295 26.57 26.50 22.25
CA ARG G 295 27.50 25.65 21.50
C ARG G 295 26.90 25.08 20.21
N SER G 296 25.82 24.34 20.31
CA SER G 296 25.15 23.73 19.16
C SER G 296 24.83 24.71 18.02
N ASP G 297 24.33 25.94 18.32
CA ASP G 297 24.03 26.96 17.29
C ASP G 297 25.32 27.53 16.70
N TYR G 298 26.35 27.77 17.57
CA TYR G 298 27.68 28.28 17.25
C TYR G 298 28.41 27.38 16.23
N TYR G 299 28.31 26.06 16.39
CA TYR G 299 28.92 25.09 15.47
C TYR G 299 28.07 24.99 14.18
N HIS G 300 26.77 25.26 14.28
CA HIS G 300 25.90 25.20 13.13
C HIS G 300 26.19 26.36 12.18
N VAL G 301 26.34 27.58 12.74
CA VAL G 301 26.60 28.78 11.94
C VAL G 301 28.02 28.78 11.34
N LEU G 302 28.99 28.08 12.01
CA LEU G 302 30.38 27.94 11.56
C LEU G 302 30.41 27.01 10.37
N GLU G 303 29.55 25.94 10.40
CA GLU G 303 29.38 24.97 9.31
C GLU G 303 28.79 25.69 8.08
N ALA G 304 27.73 26.53 8.29
CA ALA G 304 27.05 27.35 7.26
C ALA G 304 28.00 28.32 6.52
N ALA G 305 29.10 28.74 7.18
CA ALA G 305 30.11 29.62 6.60
C ALA G 305 31.07 28.83 5.70
N ASN G 306 31.38 27.57 6.13
CA ASN G 306 32.25 26.68 5.36
C ASN G 306 31.57 26.34 4.06
N GLU G 307 30.23 26.15 4.15
CA GLU G 307 29.35 25.87 3.02
C GLU G 307 29.26 27.03 2.01
N GLY G 308 29.63 28.27 2.40
CA GLY G 308 29.63 29.41 1.51
C GLY G 308 29.00 30.71 1.98
N ASP G 309 28.17 30.68 3.06
CA ASP G 309 27.47 31.88 3.61
C ASP G 309 27.91 32.25 5.04
N VAL G 310 28.71 33.32 5.17
CA VAL G 310 29.19 33.81 6.48
C VAL G 310 28.15 34.68 7.23
N ARG G 311 27.05 35.10 6.53
CA ARG G 311 26.04 35.92 7.13
C ARG G 311 25.38 35.35 8.41
N PRO G 312 24.87 34.09 8.49
CA PRO G 312 24.31 33.60 9.75
C PRO G 312 25.25 33.73 10.96
N PHE G 313 26.58 33.53 10.73
CA PHE G 313 27.57 33.64 11.80
C PHE G 313 27.69 35.08 12.24
N ILE G 314 27.65 36.04 11.28
CA ILE G 314 27.71 37.48 11.57
C ILE G 314 26.51 37.89 12.41
N ARG G 315 25.31 37.35 12.09
CA ARG G 315 24.08 37.62 12.83
C ARG G 315 24.18 37.00 14.23
N PHE G 316 24.78 35.78 14.35
CA PHE G 316 24.96 35.09 15.63
C PHE G 316 25.80 35.94 16.58
N ILE G 317 26.99 36.39 16.09
CA ILE G 317 27.93 37.28 16.80
C ILE G 317 27.23 38.62 17.15
N ALA G 318 26.38 39.14 16.26
CA ALA G 318 25.59 40.34 16.53
C ALA G 318 24.50 40.09 17.63
N LYS G 319 23.86 38.92 17.66
CA LYS G 319 22.86 38.57 18.68
C LYS G 319 23.55 38.52 20.03
N CYS G 320 24.81 37.97 20.06
CA CYS G 320 25.68 37.89 21.25
C CYS G 320 26.03 39.32 21.70
N THR G 321 26.45 40.20 20.75
CA THR G 321 26.79 41.57 21.14
C THR G 321 25.59 42.28 21.77
N GLU G 322 24.35 42.09 21.22
CA GLU G 322 23.13 42.69 21.77
C GLU G 322 22.84 42.12 23.16
N THR G 323 22.86 40.79 23.32
CA THR G 323 22.63 40.18 24.63
C THR G 323 23.66 40.60 25.72
N THR G 324 24.88 40.96 25.31
CA THR G 324 25.92 41.47 26.22
C THR G 324 25.62 42.95 26.56
N LEU G 325 25.16 43.75 25.56
CA LEU G 325 24.80 45.15 25.75
C LEU G 325 23.51 45.29 26.61
N ASP G 326 22.57 44.32 26.51
CA ASP G 326 21.31 44.29 27.26
C ASP G 326 21.53 44.01 28.75
N THR G 327 22.45 43.05 29.03
CA THR G 327 22.83 42.62 30.38
C THR G 327 23.50 43.76 31.16
N LEU G 328 24.27 44.61 30.46
CA LEU G 328 24.93 45.78 31.06
C LEU G 328 23.92 46.88 31.37
N LEU G 329 22.89 47.06 30.53
CA LEU G 329 21.87 48.10 30.70
C LEU G 329 20.75 47.76 31.70
N PHE G 330 20.93 46.66 32.47
CA PHE G 330 20.01 46.26 33.53
C PHE G 330 20.18 47.18 34.75
N ALA G 331 21.39 47.77 34.89
CA ALA G 331 21.77 48.71 35.95
C ALA G 331 21.86 50.15 35.40
N ALA H 5 -76.41 -34.05 -31.52
CA ALA H 5 -75.99 -32.65 -31.58
C ALA H 5 -77.08 -31.76 -32.19
N ARG H 6 -77.43 -31.97 -33.48
CA ARG H 6 -78.50 -31.22 -34.16
C ARG H 6 -79.87 -31.64 -33.60
N ALA H 7 -79.97 -32.87 -33.07
CA ALA H 7 -81.15 -33.45 -32.45
C ALA H 7 -81.58 -32.62 -31.23
N ALA H 8 -80.60 -32.19 -30.41
CA ALA H 8 -80.81 -31.38 -29.21
C ALA H 8 -81.30 -29.97 -29.56
N LEU H 9 -80.71 -29.34 -30.61
CA LEU H 9 -81.08 -27.99 -31.06
C LEU H 9 -82.50 -27.94 -31.59
N ASN H 10 -82.91 -28.96 -32.36
CA ASN H 10 -84.26 -29.02 -32.90
C ASN H 10 -85.29 -29.23 -31.78
N GLN H 11 -84.88 -29.96 -30.71
CA GLN H 11 -85.67 -30.24 -29.50
C GLN H 11 -85.77 -29.01 -28.62
N ALA H 12 -84.64 -28.27 -28.42
CA ALA H 12 -84.55 -27.04 -27.63
C ALA H 12 -85.45 -25.94 -28.21
N LEU H 13 -85.44 -25.79 -29.55
CA LEU H 13 -86.25 -24.81 -30.30
C LEU H 13 -87.74 -25.09 -30.16
N GLU H 14 -88.13 -26.40 -30.14
CA GLU H 14 -89.51 -26.86 -29.99
C GLU H 14 -90.01 -26.59 -28.59
N MET H 15 -89.16 -26.83 -27.57
CA MET H 15 -89.45 -26.60 -26.14
C MET H 15 -89.65 -25.10 -25.90
N LYS H 16 -88.85 -24.24 -26.58
CA LYS H 16 -88.91 -22.76 -26.55
C LYS H 16 -90.25 -22.25 -27.05
N ARG H 17 -90.85 -22.98 -28.03
CA ARG H 17 -92.18 -22.68 -28.60
C ARG H 17 -93.26 -23.00 -27.55
N GLN H 18 -94.15 -22.02 -27.30
CA GLN H 18 -95.28 -22.03 -26.35
C GLN H 18 -94.90 -22.02 -24.87
N ARG H 21 -89.30 -23.30 -20.71
CA ARG H 21 -88.12 -22.44 -20.62
C ARG H 21 -86.86 -23.16 -20.13
N GLU H 22 -86.90 -23.71 -18.89
CA GLU H 22 -85.76 -24.42 -18.29
C GLU H 22 -85.42 -25.75 -18.97
N LYS H 23 -86.41 -26.36 -19.68
CA LYS H 23 -86.23 -27.60 -20.42
C LYS H 23 -85.40 -27.33 -21.68
N ALA H 24 -85.61 -26.13 -22.28
CA ALA H 24 -84.90 -25.65 -23.48
C ALA H 24 -83.50 -25.14 -23.13
N GLN H 25 -83.37 -24.38 -22.02
CA GLN H 25 -82.08 -23.83 -21.56
C GLN H 25 -81.04 -24.95 -21.34
N LYS H 26 -81.46 -26.07 -20.71
CA LYS H 26 -80.58 -27.22 -20.46
C LYS H 26 -80.32 -28.00 -21.76
N LEU H 27 -81.31 -27.96 -22.71
CA LEU H 27 -81.23 -28.60 -24.03
C LEU H 27 -80.25 -27.89 -24.95
N PHE H 28 -80.26 -26.55 -24.90
CA PHE H 28 -79.36 -25.67 -25.63
C PHE H 28 -77.94 -25.90 -25.13
N MET H 29 -77.77 -25.99 -23.78
CA MET H 29 -76.50 -26.23 -23.10
C MET H 29 -75.95 -27.60 -23.48
N HIS H 30 -76.84 -28.59 -23.66
CA HIS H 30 -76.48 -29.95 -24.08
C HIS H 30 -75.87 -29.92 -25.51
N ALA H 31 -76.55 -29.27 -26.50
CA ALA H 31 -76.12 -29.10 -27.89
C ALA H 31 -74.73 -28.45 -28.02
N LEU H 32 -74.40 -27.50 -27.10
CA LEU H 32 -73.10 -26.83 -27.03
C LEU H 32 -72.07 -27.67 -26.24
N LYS H 33 -72.52 -28.55 -25.32
CA LYS H 33 -71.65 -29.45 -24.57
C LYS H 33 -71.20 -30.57 -25.52
N MET H 34 -72.07 -30.91 -26.49
CA MET H 34 -71.86 -31.91 -27.54
C MET H 34 -70.88 -31.38 -28.57
N ASP H 35 -71.06 -30.10 -28.98
CA ASP H 35 -70.25 -29.38 -29.97
C ASP H 35 -70.29 -27.88 -29.68
N PRO H 36 -69.23 -27.28 -29.07
CA PRO H 36 -69.27 -25.83 -28.83
C PRO H 36 -69.03 -24.96 -30.08
N ASP H 37 -68.75 -25.61 -31.23
CA ASP H 37 -68.55 -24.96 -32.51
C ASP H 37 -69.76 -25.19 -33.43
N PHE H 38 -70.97 -25.15 -32.84
CA PHE H 38 -72.25 -25.35 -33.51
C PHE H 38 -72.90 -23.99 -33.79
N VAL H 39 -72.46 -23.32 -34.89
CA VAL H 39 -72.88 -22.00 -35.37
C VAL H 39 -74.39 -21.73 -35.24
N ASP H 40 -75.23 -22.74 -35.54
CA ASP H 40 -76.69 -22.67 -35.47
C ASP H 40 -77.24 -22.70 -34.03
N ALA H 41 -76.56 -23.44 -33.11
CA ALA H 41 -76.96 -23.50 -31.69
C ALA H 41 -76.65 -22.18 -31.03
N LEU H 42 -75.42 -21.64 -31.25
CA LEU H 42 -74.91 -20.38 -30.72
C LEU H 42 -75.82 -19.21 -31.02
N THR H 43 -76.25 -19.05 -32.30
CA THR H 43 -77.18 -17.98 -32.70
C THR H 43 -78.57 -18.21 -32.13
N GLU H 44 -79.01 -19.48 -32.04
CA GLU H 44 -80.34 -19.82 -31.50
C GLU H 44 -80.39 -19.54 -30.00
N PHE H 45 -79.33 -19.96 -29.27
CA PHE H 45 -79.20 -19.73 -27.83
C PHE H 45 -79.05 -18.23 -27.53
N GLY H 46 -78.35 -17.54 -28.43
CA GLY H 46 -78.15 -16.10 -28.38
C GLY H 46 -79.47 -15.36 -28.50
N ILE H 47 -80.32 -15.74 -29.49
CA ILE H 47 -81.65 -15.15 -29.67
C ILE H 47 -82.59 -15.48 -28.49
N PHE H 48 -82.45 -16.70 -27.93
CA PHE H 48 -83.20 -17.18 -26.77
C PHE H 48 -82.86 -16.39 -25.48
N SER H 49 -81.54 -16.15 -25.23
CA SER H 49 -81.03 -15.45 -24.04
C SER H 49 -81.43 -13.99 -24.00
N GLU H 50 -81.51 -13.36 -25.19
CA GLU H 50 -81.90 -11.97 -25.37
C GLU H 50 -83.35 -11.72 -24.90
N GLU H 51 -84.17 -12.79 -24.90
CA GLU H 51 -85.56 -12.75 -24.45
C GLU H 51 -85.63 -12.62 -22.90
N ASP H 52 -84.69 -13.28 -22.17
CA ASP H 52 -84.62 -13.24 -20.70
C ASP H 52 -83.90 -11.95 -20.18
N LYS H 53 -83.70 -10.96 -21.08
CA LYS H 53 -83.03 -9.65 -20.89
C LYS H 53 -81.46 -9.68 -20.80
N ASP H 54 -80.85 -10.84 -21.14
CA ASP H 54 -79.38 -11.00 -21.11
C ASP H 54 -78.75 -10.73 -22.47
N ILE H 55 -78.59 -9.46 -22.81
CA ILE H 55 -77.97 -9.06 -24.07
C ILE H 55 -76.45 -9.42 -24.09
N ILE H 56 -75.75 -9.20 -22.97
CA ILE H 56 -74.32 -9.51 -22.84
C ILE H 56 -73.97 -10.94 -23.26
N GLN H 57 -74.69 -11.95 -22.72
CA GLN H 57 -74.48 -13.37 -23.05
C GLN H 57 -74.80 -13.62 -24.51
N ALA H 58 -75.88 -12.98 -25.03
CA ALA H 58 -76.33 -13.11 -26.41
C ALA H 58 -75.22 -12.68 -27.38
N ASP H 59 -74.66 -11.49 -27.14
CA ASP H 59 -73.56 -10.94 -27.93
C ASP H 59 -72.35 -11.87 -27.92
N TYR H 60 -72.00 -12.47 -26.75
CA TYR H 60 -70.91 -13.44 -26.59
C TYR H 60 -71.08 -14.59 -27.59
N LEU H 61 -72.31 -15.16 -27.64
CA LEU H 61 -72.75 -16.25 -28.53
C LEU H 61 -72.66 -15.81 -29.99
N TYR H 62 -73.26 -14.64 -30.37
CA TYR H 62 -73.19 -14.18 -31.76
C TYR H 62 -71.72 -14.03 -32.21
N THR H 63 -70.87 -13.47 -31.33
CA THR H 63 -69.43 -13.27 -31.51
C THR H 63 -68.72 -14.63 -31.69
N ARG H 64 -69.00 -15.61 -30.77
CA ARG H 64 -68.42 -16.95 -30.86
C ARG H 64 -68.80 -17.57 -32.19
N ALA H 65 -70.07 -17.42 -32.60
CA ALA H 65 -70.56 -17.92 -33.88
C ALA H 65 -69.79 -17.34 -35.08
N LEU H 66 -69.55 -16.00 -35.08
CA LEU H 66 -68.84 -15.31 -36.16
C LEU H 66 -67.36 -15.65 -36.34
N THR H 67 -66.65 -15.98 -35.24
CA THR H 67 -65.24 -16.37 -35.31
C THR H 67 -65.13 -17.72 -36.03
N ILE H 68 -66.12 -18.59 -35.83
CA ILE H 68 -66.20 -19.91 -36.46
C ILE H 68 -66.57 -19.68 -37.93
N SER H 69 -67.72 -19.05 -38.20
CA SER H 69 -68.26 -18.77 -39.54
C SER H 69 -68.49 -17.24 -39.76
N PRO H 70 -67.51 -16.52 -40.39
CA PRO H 70 -67.65 -15.07 -40.57
C PRO H 70 -68.80 -14.52 -41.41
N TYR H 71 -69.32 -15.33 -42.36
CA TYR H 71 -70.40 -14.83 -43.21
C TYR H 71 -71.78 -15.37 -42.92
N HIS H 72 -71.97 -15.98 -41.74
CA HIS H 72 -73.27 -16.48 -41.26
C HIS H 72 -74.15 -15.24 -41.10
N GLU H 73 -75.17 -15.13 -41.97
CA GLU H 73 -76.09 -14.00 -42.06
C GLU H 73 -76.86 -13.73 -40.77
N LYS H 74 -77.45 -14.79 -40.15
CA LYS H 74 -78.22 -14.64 -38.89
C LYS H 74 -77.35 -14.09 -37.74
N ALA H 75 -76.08 -14.59 -37.63
CA ALA H 75 -75.12 -14.11 -36.64
C ALA H 75 -74.68 -12.68 -36.91
N LEU H 76 -74.50 -12.30 -38.21
CA LEU H 76 -74.09 -10.96 -38.62
C LEU H 76 -75.12 -9.88 -38.30
N VAL H 77 -76.39 -10.03 -38.73
CA VAL H 77 -77.49 -9.06 -38.50
C VAL H 77 -77.74 -8.81 -37.00
N ASN H 78 -77.51 -9.85 -36.20
CA ASN H 78 -77.69 -9.80 -34.76
C ASN H 78 -76.51 -9.07 -34.14
N ARG H 79 -75.27 -9.49 -34.48
CA ARG H 79 -74.02 -8.91 -33.98
C ARG H 79 -73.86 -7.44 -34.38
N ASP H 80 -74.26 -7.08 -35.61
CA ASP H 80 -74.16 -5.69 -36.08
C ASP H 80 -74.97 -4.70 -35.21
N ARG H 81 -75.91 -5.23 -34.41
CA ARG H 81 -76.80 -4.50 -33.51
C ARG H 81 -76.30 -4.54 -32.05
N THR H 82 -75.79 -5.73 -31.61
CA THR H 82 -75.32 -5.91 -30.23
C THR H 82 -73.96 -5.30 -29.97
N LEU H 83 -72.98 -5.48 -30.89
CA LEU H 83 -71.61 -4.92 -30.78
C LEU H 83 -71.61 -3.49 -30.20
N PRO H 84 -72.27 -2.47 -30.84
CA PRO H 84 -72.25 -1.12 -30.25
C PRO H 84 -72.99 -1.02 -28.93
N LEU H 85 -74.15 -1.68 -28.83
CA LEU H 85 -74.98 -1.66 -27.63
C LEU H 85 -74.24 -2.22 -26.40
N VAL H 86 -73.58 -3.40 -26.57
CA VAL H 86 -72.81 -4.07 -25.52
C VAL H 86 -71.59 -3.24 -25.07
N GLU H 87 -70.91 -2.54 -26.05
CA GLU H 87 -69.79 -1.62 -25.81
C GLU H 87 -70.22 -0.43 -24.93
N GLU H 88 -71.48 0.08 -25.13
CA GLU H 88 -72.05 1.15 -24.33
C GLU H 88 -72.38 0.65 -22.94
N ILE H 89 -73.00 -0.54 -22.85
CA ILE H 89 -73.33 -1.19 -21.58
C ILE H 89 -72.05 -1.33 -20.72
N ASP H 90 -70.98 -1.87 -21.32
CA ASP H 90 -69.70 -2.02 -20.65
C ASP H 90 -69.15 -0.66 -20.18
N GLN H 91 -69.15 0.35 -21.09
CA GLN H 91 -68.67 1.73 -20.84
C GLN H 91 -69.43 2.41 -19.71
N ARG H 92 -70.74 2.09 -19.56
CA ARG H 92 -71.58 2.65 -18.50
C ARG H 92 -71.20 2.11 -17.13
N TYR H 93 -70.89 0.78 -17.06
CA TYR H 93 -70.49 0.08 -15.82
C TYR H 93 -69.19 0.64 -15.30
N PHE H 94 -68.31 1.01 -16.22
CA PHE H 94 -67.03 1.60 -15.90
C PHE H 94 -67.24 2.96 -15.29
N SER H 95 -68.22 3.74 -15.79
CA SER H 95 -68.54 5.06 -15.21
C SER H 95 -69.15 4.92 -13.79
N ILE H 96 -69.94 3.83 -13.54
CA ILE H 96 -70.55 3.54 -12.23
C ILE H 96 -69.42 3.26 -11.22
N ILE H 97 -68.38 2.48 -11.65
CA ILE H 97 -67.17 2.16 -10.86
C ILE H 97 -66.38 3.44 -10.55
N ASP H 98 -66.21 4.34 -11.56
CA ASP H 98 -65.52 5.62 -11.44
C ASP H 98 -66.15 6.52 -10.39
N SER H 99 -67.50 6.58 -10.38
CA SER H 99 -68.29 7.38 -9.42
C SER H 99 -68.07 6.88 -7.97
N LYS H 100 -67.94 5.54 -7.79
CA LYS H 100 -67.68 4.91 -6.50
C LYS H 100 -66.23 5.12 -6.05
N VAL H 101 -65.26 5.15 -7.00
CA VAL H 101 -63.83 5.41 -6.71
C VAL H 101 -63.64 6.90 -6.35
N LYS H 102 -64.54 7.77 -6.86
CA LYS H 102 -64.61 9.20 -6.55
C LYS H 102 -65.13 9.31 -5.11
N LYS H 103 -66.09 8.43 -4.71
CA LYS H 103 -66.64 8.38 -3.35
C LYS H 103 -65.64 7.82 -2.33
N VAL H 104 -64.82 6.83 -2.75
CA VAL H 104 -63.77 6.23 -1.92
C VAL H 104 -62.51 7.13 -1.81
N MET H 105 -62.32 8.07 -2.77
CA MET H 105 -61.22 9.04 -2.78
C MET H 105 -61.36 9.99 -1.59
N ALA H 113 -62.79 4.14 11.24
CA ALA H 113 -63.71 3.10 10.78
C ALA H 113 -63.22 2.49 9.47
N LEU H 114 -62.65 3.32 8.57
CA LEU H 114 -62.08 2.91 7.28
C LEU H 114 -60.73 2.23 7.50
N ARG H 115 -59.95 2.68 8.51
CA ARG H 115 -58.64 2.14 8.89
C ARG H 115 -58.78 0.71 9.41
N ARG H 116 -59.88 0.42 10.14
CA ARG H 116 -60.21 -0.90 10.68
C ARG H 116 -60.63 -1.88 9.57
N VAL H 117 -61.16 -1.34 8.44
CA VAL H 117 -61.55 -2.11 7.26
C VAL H 117 -60.29 -2.43 6.46
N MET H 118 -59.40 -1.43 6.24
CA MET H 118 -58.14 -1.56 5.48
C MET H 118 -57.20 -2.63 6.04
N GLU H 119 -57.01 -2.66 7.39
CA GLU H 119 -56.15 -3.62 8.05
C GLU H 119 -56.68 -5.05 8.00
N GLU H 120 -58.00 -5.23 8.17
CA GLU H 120 -58.62 -6.55 8.11
C GLU H 120 -58.70 -7.09 6.67
N THR H 121 -58.90 -6.18 5.67
CA THR H 121 -58.95 -6.56 4.24
C THR H 121 -57.58 -6.98 3.70
N TYR H 122 -56.50 -6.60 4.43
CA TYR H 122 -55.13 -6.99 4.08
C TYR H 122 -54.98 -8.49 4.38
N TYR H 123 -55.36 -8.90 5.61
CA TYR H 123 -55.33 -10.29 6.06
C TYR H 123 -56.32 -11.14 5.26
N HIS H 124 -57.46 -10.53 4.89
CA HIS H 124 -58.53 -11.10 4.07
C HIS H 124 -58.01 -11.41 2.64
N HIS H 125 -57.34 -10.44 1.98
CA HIS H 125 -56.77 -10.61 0.62
C HIS H 125 -55.87 -11.83 0.55
N ILE H 126 -55.01 -12.04 1.59
CA ILE H 126 -54.13 -13.21 1.69
C ILE H 126 -54.98 -14.47 1.78
N TYR H 127 -55.97 -14.50 2.70
CA TYR H 127 -56.87 -15.65 2.88
C TYR H 127 -57.39 -16.20 1.55
N HIS H 128 -57.99 -15.30 0.75
CA HIS H 128 -58.59 -15.66 -0.53
C HIS H 128 -57.61 -16.03 -1.62
N THR H 129 -56.50 -15.25 -1.78
CA THR H 129 -55.48 -15.54 -2.80
C THR H 129 -54.78 -16.89 -2.62
N VAL H 130 -54.64 -17.35 -1.36
CA VAL H 130 -54.02 -18.63 -1.05
C VAL H 130 -55.08 -19.77 -1.12
N ALA H 131 -56.30 -19.53 -0.56
CA ALA H 131 -57.40 -20.50 -0.51
C ALA H 131 -57.88 -20.90 -1.92
N ILE H 132 -57.88 -19.91 -2.85
CA ILE H 132 -58.26 -20.13 -4.25
C ILE H 132 -57.32 -21.15 -4.95
N GLU H 133 -56.12 -21.33 -4.40
CA GLU H 133 -55.12 -22.30 -4.85
C GLU H 133 -55.17 -23.62 -4.08
N GLY H 134 -56.00 -23.69 -3.04
CA GLY H 134 -56.21 -24.87 -2.22
C GLY H 134 -55.69 -24.84 -0.79
N ASN H 135 -55.38 -23.65 -0.24
CA ASN H 135 -54.86 -23.53 1.13
C ASN H 135 -55.96 -23.71 2.18
N THR H 136 -55.83 -24.77 3.00
CA THR H 136 -56.79 -25.15 4.03
C THR H 136 -56.78 -24.22 5.27
N LEU H 137 -55.86 -23.26 5.33
CA LEU H 137 -55.75 -22.33 6.45
C LEU H 137 -56.96 -21.39 6.61
N THR H 138 -57.30 -21.05 7.86
CA THR H 138 -58.40 -20.15 8.21
C THR H 138 -57.89 -18.71 8.35
N LEU H 139 -58.81 -17.73 8.35
CA LEU H 139 -58.46 -16.31 8.49
C LEU H 139 -57.87 -16.02 9.87
N SER H 140 -58.33 -16.73 10.93
CA SER H 140 -57.81 -16.58 12.30
C SER H 140 -56.38 -17.16 12.40
N GLU H 141 -56.12 -18.30 11.69
CA GLU H 141 -54.80 -18.94 11.62
C GLU H 141 -53.82 -18.03 10.87
N ILE H 142 -54.28 -17.39 9.77
CA ILE H 142 -53.47 -16.48 8.93
C ILE H 142 -53.11 -15.25 9.75
N ARG H 143 -54.10 -14.71 10.49
CA ARG H 143 -53.95 -13.55 11.37
C ARG H 143 -52.94 -13.86 12.49
N HIS H 144 -52.89 -15.14 12.96
CA HIS H 144 -51.96 -15.61 13.99
C HIS H 144 -50.54 -15.68 13.43
N ILE H 145 -50.34 -16.47 12.34
CA ILE H 145 -49.08 -16.70 11.61
C ILE H 145 -48.37 -15.37 11.33
N LEU H 146 -49.10 -14.39 10.78
CA LEU H 146 -48.52 -13.08 10.46
C LEU H 146 -48.21 -12.15 11.66
N GLU H 147 -48.84 -12.39 12.83
CA GLU H 147 -48.65 -11.57 14.04
C GLU H 147 -47.64 -12.13 15.05
N THR H 148 -47.71 -13.44 15.33
CA THR H 148 -46.83 -14.12 16.28
C THR H 148 -45.56 -14.62 15.62
N ARG H 149 -45.66 -15.00 14.32
CA ARG H 149 -44.62 -15.62 13.50
C ARG H 149 -44.39 -17.06 13.98
N TYR H 150 -45.31 -17.55 14.85
CA TYR H 150 -45.32 -18.91 15.40
C TYR H 150 -46.14 -19.80 14.49
N ALA H 151 -45.80 -21.08 14.47
CA ALA H 151 -46.47 -22.06 13.64
C ALA H 151 -47.83 -22.46 14.18
N VAL H 152 -48.80 -22.57 13.26
CA VAL H 152 -50.16 -23.02 13.57
C VAL H 152 -50.10 -24.54 13.72
N PRO H 153 -50.47 -25.05 14.93
CA PRO H 153 -50.42 -26.50 15.16
C PRO H 153 -51.38 -27.29 14.27
N GLY H 154 -50.89 -28.40 13.73
CA GLY H 154 -51.70 -29.31 12.93
C GLY H 154 -51.71 -29.07 11.43
N LYS H 155 -51.24 -27.89 10.98
CA LYS H 155 -51.19 -27.57 9.55
C LYS H 155 -49.78 -27.71 8.96
N SER H 156 -49.67 -28.06 7.66
CA SER H 156 -48.38 -28.25 6.98
C SER H 156 -47.57 -26.94 6.86
N LEU H 157 -46.23 -27.08 6.85
CA LEU H 157 -45.29 -25.96 6.75
C LEU H 157 -45.44 -25.19 5.45
N GLU H 158 -45.59 -25.93 4.32
CA GLU H 158 -45.78 -25.39 2.97
C GLU H 158 -46.93 -24.38 2.91
N GLU H 159 -48.08 -24.72 3.52
CA GLU H 159 -49.28 -23.87 3.58
C GLU H 159 -49.06 -22.57 4.35
N GLN H 160 -48.23 -22.61 5.38
CA GLN H 160 -47.97 -21.43 6.22
C GLN H 160 -46.90 -20.57 5.58
N ASN H 161 -46.02 -21.21 4.79
CA ASN H 161 -44.96 -20.56 4.04
C ASN H 161 -45.52 -19.84 2.81
N GLU H 162 -46.70 -20.30 2.29
CA GLU H 162 -47.46 -19.66 1.21
C GLU H 162 -47.92 -18.29 1.75
N VAL H 163 -48.37 -18.26 3.02
CA VAL H 163 -48.86 -17.08 3.73
C VAL H 163 -47.77 -16.00 3.96
N ILE H 164 -46.59 -16.42 4.48
CA ILE H 164 -45.43 -15.56 4.73
C ILE H 164 -44.99 -14.95 3.41
N GLY H 165 -44.96 -15.79 2.38
CA GLY H 165 -44.59 -15.45 1.01
C GLY H 165 -45.41 -14.33 0.45
N MET H 166 -46.74 -14.43 0.57
CA MET H 166 -47.68 -13.40 0.13
C MET H 166 -47.37 -12.06 0.78
N HIS H 167 -47.36 -12.04 2.11
CA HIS H 167 -47.03 -10.90 2.95
C HIS H 167 -45.72 -10.15 2.53
N ALA H 168 -44.64 -10.91 2.25
CA ALA H 168 -43.33 -10.42 1.81
C ALA H 168 -43.46 -9.75 0.45
N ALA H 169 -44.33 -10.34 -0.42
CA ALA H 169 -44.60 -9.88 -1.77
C ALA H 169 -45.36 -8.58 -1.76
N MET H 170 -46.44 -8.49 -0.95
CA MET H 170 -47.23 -7.25 -0.89
C MET H 170 -46.58 -6.10 -0.11
N LYS H 171 -45.73 -6.45 0.89
CA LYS H 171 -44.94 -5.45 1.60
C LYS H 171 -43.90 -4.89 0.65
N TYR H 172 -43.41 -5.71 -0.29
CA TYR H 172 -42.44 -5.29 -1.29
C TYR H 172 -43.07 -4.35 -2.30
N ILE H 173 -44.23 -4.74 -2.89
CA ILE H 173 -44.95 -3.92 -3.89
C ILE H 173 -45.28 -2.56 -3.32
N ASN H 174 -45.85 -2.51 -2.10
CA ASN H 174 -46.25 -1.27 -1.41
C ASN H 174 -45.14 -0.29 -1.04
N THR H 175 -43.94 -0.80 -0.74
CA THR H 175 -42.77 0.02 -0.37
C THR H 175 -41.93 0.45 -1.59
N THR H 176 -41.59 -0.52 -2.47
CA THR H 176 -40.74 -0.32 -3.65
C THR H 176 -41.47 0.11 -4.93
N LEU H 177 -42.42 -0.72 -5.39
CA LEU H 177 -43.15 -0.65 -6.65
C LEU H 177 -44.31 0.36 -6.84
N VAL H 178 -45.34 0.39 -5.96
CA VAL H 178 -46.54 1.25 -6.05
C VAL H 178 -46.27 2.70 -6.52
N SER H 179 -45.54 3.46 -5.69
CA SER H 179 -45.20 4.88 -5.86
C SER H 179 -44.07 5.15 -6.84
N ARG H 180 -43.30 4.11 -7.20
CA ARG H 180 -42.19 4.21 -8.14
C ARG H 180 -42.58 4.79 -9.48
N ILE H 181 -41.78 5.73 -9.94
CA ILE H 181 -41.98 6.43 -11.20
C ILE H 181 -41.14 5.67 -12.25
N GLY H 182 -41.68 5.57 -13.45
CA GLY H 182 -41.03 4.88 -14.55
C GLY H 182 -41.79 3.69 -15.11
N SER H 183 -41.10 2.92 -15.96
CA SER H 183 -41.64 1.74 -16.63
C SER H 183 -41.48 0.47 -15.79
N VAL H 184 -42.50 -0.41 -15.84
CA VAL H 184 -42.53 -1.71 -15.17
C VAL H 184 -41.63 -2.65 -15.98
N THR H 185 -40.68 -3.33 -15.33
CA THR H 185 -39.71 -4.21 -15.98
C THR H 185 -39.89 -5.68 -15.63
N ILE H 186 -39.18 -6.54 -16.37
CA ILE H 186 -39.14 -7.99 -16.21
C ILE H 186 -38.55 -8.35 -14.85
N SER H 187 -37.67 -7.49 -14.30
CA SER H 187 -37.00 -7.67 -13.01
C SER H 187 -37.96 -7.51 -11.86
N ASP H 188 -38.95 -6.61 -12.02
CA ASP H 188 -39.99 -6.30 -11.04
C ASP H 188 -40.89 -7.51 -10.84
N VAL H 189 -41.30 -8.18 -11.95
CA VAL H 189 -42.15 -9.38 -11.94
C VAL H 189 -41.42 -10.55 -11.28
N LEU H 190 -40.12 -10.75 -11.59
CA LEU H 190 -39.27 -11.81 -11.04
C LEU H 190 -39.02 -11.57 -9.56
N GLU H 191 -39.02 -10.28 -9.15
CA GLU H 191 -38.86 -9.81 -7.76
C GLU H 191 -40.10 -10.09 -6.90
N ILE H 192 -41.32 -9.95 -7.50
CA ILE H 192 -42.60 -10.26 -6.84
C ILE H 192 -42.65 -11.78 -6.64
N HIS H 193 -42.35 -12.54 -7.70
CA HIS H 193 -42.33 -14.00 -7.68
C HIS H 193 -41.30 -14.55 -6.71
N ARG H 194 -40.16 -13.86 -6.60
CA ARG H 194 -39.07 -14.18 -5.67
C ARG H 194 -39.62 -14.27 -4.23
N ARG H 195 -40.54 -13.36 -3.85
CA ARG H 195 -41.14 -13.38 -2.52
C ARG H 195 -42.34 -14.31 -2.43
N VAL H 196 -43.24 -14.31 -3.44
CA VAL H 196 -44.45 -15.17 -3.48
C VAL H 196 -44.14 -16.65 -3.18
N LEU H 197 -43.21 -17.22 -3.95
CA LEU H 197 -42.80 -18.63 -3.93
C LEU H 197 -41.51 -18.98 -3.18
N GLY H 198 -40.78 -17.97 -2.70
CA GLY H 198 -39.51 -18.09 -2.00
C GLY H 198 -39.46 -18.94 -0.75
N TYR H 199 -40.54 -18.94 0.06
CA TYR H 199 -40.56 -19.74 1.30
C TYR H 199 -41.07 -21.16 1.08
N VAL H 200 -41.61 -21.44 -0.13
CA VAL H 200 -42.18 -22.73 -0.49
C VAL H 200 -41.23 -23.52 -1.39
N ASP H 201 -40.62 -22.86 -2.38
CA ASP H 201 -39.67 -23.43 -3.35
C ASP H 201 -38.63 -22.38 -3.71
N PRO H 202 -37.58 -22.22 -2.88
CA PRO H 202 -36.55 -21.21 -3.17
C PRO H 202 -35.69 -21.45 -4.40
N VAL H 203 -35.71 -22.67 -4.92
CA VAL H 203 -34.96 -23.07 -6.10
C VAL H 203 -35.64 -22.50 -7.35
N GLU H 204 -36.97 -22.62 -7.45
CA GLU H 204 -37.75 -22.12 -8.60
C GLU H 204 -38.30 -20.68 -8.43
N ALA H 205 -38.31 -20.13 -7.20
CA ALA H 205 -38.78 -18.77 -6.92
C ALA H 205 -37.89 -17.75 -7.59
N GLY H 206 -38.50 -16.78 -8.24
CA GLY H 206 -37.78 -15.73 -8.96
C GLY H 206 -37.15 -16.16 -10.27
N ARG H 207 -37.55 -17.33 -10.82
CA ARG H 207 -37.01 -17.80 -12.10
C ARG H 207 -38.06 -18.36 -13.05
N PHE H 208 -37.77 -18.27 -14.36
CA PHE H 208 -38.66 -18.76 -15.41
C PHE H 208 -38.71 -20.28 -15.53
N ARG H 209 -39.90 -20.78 -15.88
CA ARG H 209 -40.21 -22.18 -16.09
C ARG H 209 -39.18 -22.80 -17.06
N THR H 210 -38.71 -24.02 -16.72
CA THR H 210 -37.72 -24.77 -17.51
C THR H 210 -38.38 -25.95 -18.24
N THR H 211 -39.52 -26.42 -17.73
CA THR H 211 -40.31 -27.51 -18.28
C THR H 211 -41.59 -26.97 -18.96
N GLN H 212 -42.41 -27.86 -19.58
CA GLN H 212 -43.68 -27.51 -20.20
C GLN H 212 -44.77 -28.04 -19.30
N VAL H 213 -45.81 -27.23 -19.08
CA VAL H 213 -46.93 -27.56 -18.20
C VAL H 213 -48.30 -27.49 -18.87
N LEU H 214 -49.32 -27.96 -18.17
CA LEU H 214 -50.72 -27.88 -18.57
C LEU H 214 -51.53 -27.18 -17.43
N VAL H 215 -52.37 -26.18 -17.80
CA VAL H 215 -53.23 -25.44 -16.88
C VAL H 215 -54.64 -25.73 -17.37
N GLY H 216 -55.28 -26.72 -16.78
CA GLY H 216 -56.62 -27.14 -17.23
C GLY H 216 -56.51 -27.76 -18.61
N HIS H 217 -56.95 -27.03 -19.65
CA HIS H 217 -56.84 -27.48 -21.05
C HIS H 217 -55.88 -26.57 -21.82
N HIS H 218 -55.22 -25.65 -21.11
CA HIS H 218 -54.32 -24.67 -21.67
C HIS H 218 -52.86 -25.10 -21.60
N ILE H 219 -52.20 -25.05 -22.77
CA ILE H 219 -50.79 -25.37 -22.90
C ILE H 219 -50.04 -24.06 -23.15
N PRO H 220 -49.36 -23.53 -22.08
CA PRO H 220 -48.69 -22.21 -22.21
C PRO H 220 -47.49 -22.22 -23.17
N PRO H 221 -46.89 -21.06 -23.51
CA PRO H 221 -45.71 -21.07 -24.39
C PRO H 221 -44.60 -21.99 -23.89
N HIS H 222 -43.79 -22.56 -24.81
CA HIS H 222 -42.70 -23.45 -24.43
C HIS H 222 -41.62 -22.68 -23.65
N PRO H 223 -40.99 -23.27 -22.58
CA PRO H 223 -39.96 -22.54 -21.81
C PRO H 223 -38.90 -21.78 -22.61
N GLN H 224 -38.65 -22.21 -23.86
CA GLN H 224 -37.70 -21.58 -24.77
C GLN H 224 -38.19 -20.23 -25.27
N ASP H 225 -39.50 -20.04 -25.33
CA ASP H 225 -40.15 -18.84 -25.82
C ASP H 225 -40.67 -17.91 -24.71
N VAL H 226 -40.68 -18.39 -23.44
CA VAL H 226 -41.15 -17.63 -22.26
C VAL H 226 -40.50 -16.25 -22.16
N GLU H 227 -39.16 -16.21 -22.26
CA GLU H 227 -38.39 -14.97 -22.19
C GLU H 227 -38.83 -13.97 -23.26
N LYS H 228 -39.02 -14.42 -24.51
CA LYS H 228 -39.45 -13.52 -25.59
C LYS H 228 -40.86 -12.96 -25.36
N GLN H 229 -41.79 -13.83 -24.93
CA GLN H 229 -43.18 -13.49 -24.65
C GLN H 229 -43.30 -12.57 -23.44
N MET H 230 -42.37 -12.70 -22.49
CA MET H 230 -42.34 -11.85 -21.31
C MET H 230 -41.80 -10.47 -21.67
N GLN H 231 -40.89 -10.42 -22.67
CA GLN H 231 -40.30 -9.18 -23.20
C GLN H 231 -41.36 -8.33 -23.89
N GLU H 232 -42.22 -8.98 -24.70
CA GLU H 232 -43.35 -8.38 -25.43
C GLU H 232 -44.40 -7.86 -24.46
N PHE H 233 -44.73 -8.68 -23.40
CA PHE H 233 -45.67 -8.36 -22.33
C PHE H 233 -45.24 -7.11 -21.56
N VAL H 234 -43.97 -7.05 -21.09
CA VAL H 234 -43.46 -5.88 -20.38
C VAL H 234 -43.53 -4.63 -21.25
N GLN H 235 -43.22 -4.80 -22.56
CA GLN H 235 -43.27 -3.75 -23.57
C GLN H 235 -44.69 -3.24 -23.74
N TRP H 236 -45.68 -4.16 -23.69
CA TRP H 236 -47.09 -3.79 -23.78
C TRP H 236 -47.55 -3.02 -22.52
N LEU H 237 -47.00 -3.35 -21.34
CA LEU H 237 -47.35 -2.66 -20.08
C LEU H 237 -46.87 -1.23 -20.12
N ASN H 238 -45.71 -1.00 -20.75
CA ASN H 238 -45.08 0.32 -20.89
C ASN H 238 -45.37 0.95 -22.26
N SER H 239 -46.42 0.47 -22.94
CA SER H 239 -46.87 1.01 -24.21
C SER H 239 -48.04 1.97 -23.93
N GLU H 240 -48.41 2.79 -24.92
CA GLU H 240 -49.45 3.80 -24.81
C GLU H 240 -50.86 3.33 -25.20
N GLU H 241 -50.96 2.16 -25.85
CA GLU H 241 -52.25 1.54 -26.24
C GLU H 241 -52.92 1.00 -24.97
N ALA H 242 -52.09 0.37 -24.10
CA ALA H 242 -52.50 -0.19 -22.83
C ALA H 242 -52.75 0.92 -21.80
N MET H 243 -51.96 2.00 -21.91
CA MET H 243 -52.00 3.20 -21.09
C MET H 243 -53.30 4.00 -21.39
N ASN H 244 -53.88 3.83 -22.60
CA ASN H 244 -55.12 4.50 -23.02
C ASN H 244 -56.39 3.78 -22.57
N LEU H 245 -56.26 2.48 -22.16
CA LEU H 245 -57.38 1.66 -21.67
C LEU H 245 -57.82 2.17 -20.30
N HIS H 246 -59.08 1.87 -19.91
CA HIS H 246 -59.62 2.19 -18.59
C HIS H 246 -58.82 1.35 -17.57
N PRO H 247 -58.48 1.89 -16.38
CA PRO H 247 -57.69 1.11 -15.40
C PRO H 247 -58.11 -0.35 -15.13
N VAL H 248 -59.42 -0.60 -15.01
CA VAL H 248 -59.98 -1.94 -14.76
C VAL H 248 -59.69 -2.89 -15.94
N GLU H 249 -59.86 -2.40 -17.19
CA GLU H 249 -59.60 -3.17 -18.41
C GLU H 249 -58.10 -3.49 -18.58
N PHE H 250 -57.21 -2.55 -18.25
CA PHE H 250 -55.76 -2.75 -18.33
C PHE H 250 -55.33 -3.79 -17.30
N ALA H 251 -55.76 -3.62 -16.03
CA ALA H 251 -55.49 -4.53 -14.92
C ALA H 251 -55.94 -5.96 -15.21
N ALA H 252 -57.16 -6.16 -15.78
CA ALA H 252 -57.67 -7.49 -16.15
C ALA H 252 -56.85 -8.11 -17.30
N LEU H 253 -56.53 -7.32 -18.37
CA LEU H 253 -55.71 -7.76 -19.50
C LEU H 253 -54.29 -8.13 -19.05
N ALA H 254 -53.66 -7.29 -18.19
CA ALA H 254 -52.33 -7.60 -17.67
C ALA H 254 -52.35 -8.96 -16.94
N HIS H 255 -53.37 -9.17 -16.08
CA HIS H 255 -53.57 -10.41 -15.33
C HIS H 255 -53.77 -11.61 -16.31
N TYR H 256 -54.67 -11.48 -17.31
CA TYR H 256 -54.90 -12.56 -18.24
C TYR H 256 -53.62 -12.90 -18.99
N LYS H 257 -52.99 -11.89 -19.64
CA LYS H 257 -51.75 -12.09 -20.40
C LYS H 257 -50.65 -12.83 -19.60
N LEU H 258 -50.33 -12.41 -18.35
CA LEU H 258 -49.31 -13.08 -17.51
C LEU H 258 -49.70 -14.56 -17.32
N VAL H 259 -50.91 -14.81 -16.78
CA VAL H 259 -51.51 -16.12 -16.51
C VAL H 259 -51.47 -17.03 -17.75
N TYR H 260 -51.67 -16.43 -18.94
CA TYR H 260 -51.64 -17.11 -20.23
C TYR H 260 -50.23 -17.62 -20.51
N ILE H 261 -49.21 -16.73 -20.36
CA ILE H 261 -47.78 -17.05 -20.56
C ILE H 261 -47.32 -18.14 -19.57
N HIS H 262 -47.87 -18.11 -18.32
CA HIS H 262 -47.54 -19.07 -17.26
C HIS H 262 -46.01 -19.23 -17.18
N PRO H 263 -45.26 -18.13 -16.90
CA PRO H 263 -43.79 -18.23 -16.91
C PRO H 263 -43.16 -18.93 -15.72
N PHE H 264 -43.95 -19.35 -14.73
CA PHE H 264 -43.41 -19.97 -13.53
C PHE H 264 -43.99 -21.35 -13.29
N ILE H 265 -43.24 -22.25 -12.64
CA ILE H 265 -43.74 -23.58 -12.27
C ILE H 265 -44.98 -23.45 -11.35
N ASP H 266 -44.89 -22.51 -10.37
CA ASP H 266 -45.95 -22.20 -9.40
C ASP H 266 -46.04 -20.69 -9.10
N GLY H 267 -47.17 -20.28 -8.55
CA GLY H 267 -47.42 -18.91 -8.16
C GLY H 267 -47.74 -17.95 -9.28
N ASN H 268 -48.25 -18.45 -10.41
CA ASN H 268 -48.64 -17.61 -11.56
C ASN H 268 -49.87 -16.77 -11.23
N GLY H 269 -50.93 -17.43 -10.75
CA GLY H 269 -52.17 -16.81 -10.35
C GLY H 269 -51.98 -15.75 -9.28
N ARG H 270 -51.15 -16.08 -8.24
CA ARG H 270 -50.82 -15.18 -7.14
C ARG H 270 -50.04 -13.95 -7.61
N THR H 271 -49.03 -14.13 -8.48
CA THR H 271 -48.23 -13.02 -9.02
C THR H 271 -49.05 -12.14 -9.90
N SER H 272 -49.99 -12.74 -10.69
CA SER H 272 -50.88 -12.00 -11.59
C SER H 272 -51.83 -11.15 -10.79
N ARG H 273 -52.52 -11.75 -9.81
CA ARG H 273 -53.45 -11.07 -8.92
C ARG H 273 -52.79 -9.88 -8.21
N LEU H 274 -51.49 -9.97 -7.91
CA LEU H 274 -50.71 -8.90 -7.26
C LEU H 274 -50.35 -7.86 -8.29
N LEU H 275 -50.00 -8.28 -9.53
CA LEU H 275 -49.66 -7.36 -10.62
C LEU H 275 -50.91 -6.59 -10.99
N MET H 276 -52.08 -7.26 -10.92
CA MET H 276 -53.36 -6.63 -11.18
C MET H 276 -53.57 -5.47 -10.20
N ASN H 277 -53.39 -5.74 -8.88
CA ASN H 277 -53.53 -4.74 -7.82
C ASN H 277 -52.53 -3.59 -7.96
N LEU H 278 -51.31 -3.88 -8.51
CA LEU H 278 -50.28 -2.88 -8.77
C LEU H 278 -50.84 -1.87 -9.76
N ILE H 279 -51.41 -2.36 -10.90
CA ILE H 279 -52.01 -1.57 -11.99
C ILE H 279 -53.14 -0.69 -11.43
N LEU H 280 -54.06 -1.30 -10.65
CA LEU H 280 -55.20 -0.64 -10.03
C LEU H 280 -54.77 0.49 -9.11
N MET H 281 -53.96 0.16 -8.09
CA MET H 281 -53.44 1.10 -7.09
C MET H 281 -52.64 2.24 -7.70
N GLN H 282 -51.90 1.98 -8.81
CA GLN H 282 -51.15 3.03 -9.52
C GLN H 282 -52.07 4.07 -10.17
N ALA H 283 -53.31 3.68 -10.52
CA ALA H 283 -54.30 4.57 -11.10
C ALA H 283 -55.33 5.06 -10.07
N GLY H 284 -55.01 4.86 -8.78
CA GLY H 284 -55.84 5.29 -7.68
C GLY H 284 -57.13 4.50 -7.48
N TYR H 285 -57.01 3.17 -7.43
CA TYR H 285 -58.12 2.27 -7.17
C TYR H 285 -57.73 1.42 -5.96
N PRO H 286 -58.67 1.02 -5.08
CA PRO H 286 -58.28 0.14 -3.95
C PRO H 286 -57.80 -1.24 -4.42
N PRO H 287 -56.95 -1.98 -3.67
CA PRO H 287 -56.58 -3.32 -4.12
C PRO H 287 -57.82 -4.22 -4.13
N ILE H 288 -57.88 -5.16 -5.07
CA ILE H 288 -59.02 -6.05 -5.28
C ILE H 288 -58.81 -7.49 -4.87
N THR H 289 -59.90 -8.13 -4.39
CA THR H 289 -59.86 -9.51 -3.92
C THR H 289 -60.85 -10.44 -4.64
N ILE H 290 -60.33 -11.49 -5.31
CA ILE H 290 -61.15 -12.53 -5.95
C ILE H 290 -61.32 -13.55 -4.82
N ARG H 291 -62.56 -13.83 -4.43
CA ARG H 291 -62.86 -14.73 -3.32
C ARG H 291 -62.70 -16.21 -3.65
N LYS H 292 -62.50 -17.03 -2.60
CA LYS H 292 -62.37 -18.49 -2.58
C LYS H 292 -63.59 -19.12 -3.29
N GLU H 293 -64.80 -18.60 -2.96
CA GLU H 293 -66.11 -19.02 -3.47
C GLU H 293 -66.25 -18.75 -4.98
N GLN H 294 -65.62 -17.66 -5.46
CA GLN H 294 -65.62 -17.23 -6.87
C GLN H 294 -64.71 -18.09 -7.78
N ARG H 295 -63.92 -19.03 -7.21
CA ARG H 295 -62.97 -19.88 -7.97
C ARG H 295 -63.56 -20.45 -9.27
N SER H 296 -64.66 -21.22 -9.17
CA SER H 296 -65.33 -21.82 -10.31
C SER H 296 -65.66 -20.83 -11.46
N ASP H 297 -66.18 -19.62 -11.15
CA ASP H 297 -66.48 -18.58 -12.17
C ASP H 297 -65.20 -18.00 -12.77
N TYR H 298 -64.16 -17.77 -11.91
CA TYR H 298 -62.83 -17.26 -12.23
C TYR H 298 -62.12 -18.13 -13.27
N TYR H 299 -62.19 -19.46 -13.09
CA TYR H 299 -61.58 -20.43 -14.02
C TYR H 299 -62.43 -20.53 -15.30
N HIS H 300 -63.75 -20.27 -15.19
CA HIS H 300 -64.63 -20.32 -16.34
C HIS H 300 -64.35 -19.16 -17.29
N VAL H 301 -64.22 -17.95 -16.75
CA VAL H 301 -63.96 -16.75 -17.54
C VAL H 301 -62.55 -16.74 -18.13
N LEU H 302 -61.58 -17.43 -17.47
CA LEU H 302 -60.19 -17.56 -17.95
C LEU H 302 -60.15 -18.51 -19.12
N GLU H 303 -61.02 -19.54 -19.10
CA GLU H 303 -61.18 -20.52 -20.18
C GLU H 303 -61.78 -19.79 -21.43
N ALA H 304 -62.81 -18.96 -21.20
CA ALA H 304 -63.51 -18.16 -22.22
C ALA H 304 -62.58 -17.21 -22.97
N ALA H 305 -61.48 -16.77 -22.33
CA ALA H 305 -60.49 -15.88 -22.92
C ALA H 305 -59.53 -16.66 -23.79
N ASN H 306 -59.19 -17.89 -23.36
CA ASN H 306 -58.32 -18.79 -24.13
C ASN H 306 -59.02 -19.16 -25.44
N GLU H 307 -60.35 -19.33 -25.36
CA GLU H 307 -61.24 -19.62 -26.48
C GLU H 307 -61.38 -18.43 -27.48
N GLY H 308 -60.98 -17.22 -27.09
CA GLY H 308 -61.00 -16.06 -27.98
C GLY H 308 -61.62 -14.75 -27.49
N ASP H 309 -62.45 -14.79 -26.41
CA ASP H 309 -63.15 -13.62 -25.85
C ASP H 309 -62.71 -13.24 -24.43
N VAL H 310 -61.93 -12.16 -24.30
CA VAL H 310 -61.43 -11.68 -23.01
C VAL H 310 -62.46 -10.82 -22.25
N ARG H 311 -63.55 -10.42 -22.93
CA ARG H 311 -64.57 -9.59 -22.31
C ARG H 311 -65.22 -10.16 -21.03
N PRO H 312 -65.70 -11.45 -20.96
CA PRO H 312 -66.28 -11.94 -19.68
C PRO H 312 -65.32 -11.82 -18.50
N PHE H 313 -63.99 -12.02 -18.74
CA PHE H 313 -63.00 -11.89 -17.67
C PHE H 313 -62.87 -10.42 -17.21
N ILE H 314 -62.94 -9.46 -18.16
CA ILE H 314 -62.88 -8.02 -17.88
C ILE H 314 -64.08 -7.63 -17.03
N ARG H 315 -65.27 -8.19 -17.34
CA ARG H 315 -66.51 -7.92 -16.59
C ARG H 315 -66.42 -8.54 -15.20
N PHE H 316 -65.80 -9.74 -15.10
CA PHE H 316 -65.59 -10.43 -13.81
C PHE H 316 -64.76 -9.56 -12.87
N ILE H 317 -63.57 -9.11 -13.36
CA ILE H 317 -62.64 -8.23 -12.66
C ILE H 317 -63.33 -6.91 -12.29
N ALA H 318 -64.19 -6.39 -13.18
CA ALA H 318 -64.98 -5.18 -12.92
C ALA H 318 -66.07 -5.43 -11.83
N LYS H 319 -66.71 -6.63 -11.80
CA LYS H 319 -67.70 -6.98 -10.75
C LYS H 319 -67.00 -7.05 -9.40
N CYS H 320 -65.73 -7.56 -9.37
CA CYS H 320 -64.85 -7.64 -8.20
C CYS H 320 -64.49 -6.23 -7.76
N THR H 321 -64.13 -5.34 -8.72
CA THR H 321 -63.78 -3.97 -8.33
C THR H 321 -64.95 -3.27 -7.69
N GLU H 322 -66.19 -3.48 -8.22
CA GLU H 322 -67.40 -2.88 -7.66
C GLU H 322 -67.68 -3.44 -6.24
N THR H 323 -67.68 -4.77 -6.10
CA THR H 323 -67.90 -5.39 -4.78
C THR H 323 -66.86 -4.96 -3.72
N THR H 324 -65.63 -4.58 -4.13
CA THR H 324 -64.60 -4.07 -3.23
C THR H 324 -64.90 -2.61 -2.89
N LEU H 325 -65.38 -1.81 -3.88
CA LEU H 325 -65.75 -0.40 -3.68
C LEU H 325 -67.02 -0.27 -2.82
N ASP H 326 -67.95 -1.25 -2.91
CA ASP H 326 -69.21 -1.29 -2.14
C ASP H 326 -68.97 -1.56 -0.66
N THR H 327 -68.06 -2.52 -0.37
CA THR H 327 -67.66 -2.95 0.97
C THR H 327 -66.99 -1.80 1.74
N LEU H 328 -66.23 -0.95 1.04
CA LEU H 328 -65.57 0.22 1.63
C LEU H 328 -66.59 1.32 1.97
N LEU H 329 -67.62 1.50 1.11
CA LEU H 329 -68.64 2.52 1.29
C LEU H 329 -69.74 2.18 2.30
N PHE H 330 -69.55 1.08 3.08
CA PHE H 330 -70.47 0.67 4.14
C PHE H 330 -70.28 1.59 5.36
N ALA H 331 -69.08 2.18 5.49
CA ALA H 331 -68.70 3.12 6.55
C ALA H 331 -68.62 4.55 6.00
#